data_2LD6
#
_entry.id   2LD6
#
_entity_poly.entity_id   1
_entity_poly.type   'polypeptide(L)'
_entity_poly.pdbx_seq_one_letter_code
;MMEEYLGVFVDETKEYLQNLNDTLLELEKNPEDMELINEAFRALHTLKGMAGTMGFSSMAKLCHTLENILDKARNSEIKI
TSDLLDKIFAGVDMITRMVDKIVSEGSDDIGENIDVFSDTIKSFASSGKEKLEHHHHHH
;
_entity_poly.pdbx_strand_id   A
#
# COMPACT_ATOMS: atom_id res chain seq x y z
N MET A 1 29.71 -11.75 6.45
CA MET A 1 28.32 -12.26 6.62
C MET A 1 27.47 -11.93 5.38
N MET A 2 26.59 -12.80 5.00
CA MET A 2 25.75 -12.53 3.79
C MET A 2 24.35 -12.09 4.22
N GLU A 3 24.26 -11.12 5.10
CA GLU A 3 22.93 -10.64 5.56
C GLU A 3 22.61 -9.29 4.95
N GLU A 4 23.53 -8.73 4.22
CA GLU A 4 23.27 -7.40 3.62
C GLU A 4 22.21 -7.51 2.53
N TYR A 5 21.81 -8.69 2.21
CA TYR A 5 20.77 -8.87 1.14
C TYR A 5 19.43 -8.37 1.67
N LEU A 6 19.20 -8.56 2.92
CA LEU A 6 17.92 -8.10 3.54
C LEU A 6 18.10 -6.67 4.05
N GLY A 7 19.31 -6.28 4.34
CA GLY A 7 19.54 -4.90 4.84
C GLY A 7 19.27 -3.91 3.71
N VAL A 8 19.58 -4.28 2.49
CA VAL A 8 19.34 -3.36 1.35
C VAL A 8 17.90 -3.52 0.85
N PHE A 9 17.38 -4.69 0.97
CA PHE A 9 15.98 -4.95 0.52
C PHE A 9 15.03 -3.98 1.22
N VAL A 10 15.28 -3.69 2.47
CA VAL A 10 14.40 -2.76 3.22
C VAL A 10 14.78 -1.30 2.91
N ASP A 11 16.04 -0.99 2.91
CA ASP A 11 16.46 0.41 2.62
C ASP A 11 15.82 0.87 1.31
N GLU A 12 15.47 -0.06 0.49
CA GLU A 12 14.84 0.29 -0.81
C GLU A 12 13.32 0.41 -0.63
N THR A 13 12.75 -0.43 0.19
CA THR A 13 11.27 -0.37 0.42
C THR A 13 10.91 0.94 1.16
N LYS A 14 11.78 1.41 2.01
CA LYS A 14 11.47 2.67 2.75
C LYS A 14 11.66 3.87 1.82
N GLU A 15 12.73 3.91 1.08
CA GLU A 15 12.93 5.05 0.16
C GLU A 15 11.85 5.06 -0.91
N TYR A 16 11.20 3.95 -1.08
CA TYR A 16 10.12 3.85 -2.09
C TYR A 16 8.77 4.20 -1.47
N LEU A 17 8.55 3.83 -0.24
CA LEU A 17 7.25 4.16 0.42
C LEU A 17 7.08 5.67 0.44
N GLN A 18 8.15 6.36 0.71
CA GLN A 18 8.09 7.84 0.70
C GLN A 18 7.88 8.29 -0.73
N ASN A 19 8.66 7.75 -1.59
CA ASN A 19 8.49 8.06 -3.03
C ASN A 19 7.09 7.62 -3.42
N LEU A 20 6.57 6.69 -2.68
CA LEU A 20 5.20 6.19 -2.94
C LEU A 20 4.20 6.99 -2.12
N ASN A 21 4.69 7.76 -1.19
CA ASN A 21 3.79 8.61 -0.39
C ASN A 21 3.75 9.94 -1.10
N ASP A 22 4.83 10.23 -1.77
CA ASP A 22 4.89 11.49 -2.52
C ASP A 22 3.99 11.36 -3.71
N THR A 23 3.89 10.17 -4.19
CA THR A 23 3.01 9.88 -5.34
C THR A 23 1.57 9.79 -4.85
N LEU A 24 1.39 9.19 -3.70
CA LEU A 24 0.03 9.04 -3.14
C LEU A 24 -0.37 10.33 -2.46
N LEU A 25 0.57 11.07 -1.96
CA LEU A 25 0.17 12.35 -1.30
C LEU A 25 0.05 13.44 -2.35
N GLU A 26 0.63 13.20 -3.48
CA GLU A 26 0.48 14.16 -4.59
C GLU A 26 -0.70 13.69 -5.39
N LEU A 27 -0.97 12.42 -5.28
CA LEU A 27 -2.12 11.84 -5.96
C LEU A 27 -3.39 12.42 -5.38
N GLU A 28 -3.36 12.75 -4.12
CA GLU A 28 -4.58 13.35 -3.50
C GLU A 28 -4.82 14.71 -4.14
N LYS A 29 -3.78 15.46 -4.38
CA LYS A 29 -3.95 16.77 -5.05
C LYS A 29 -4.11 16.50 -6.53
N ASN A 30 -3.77 15.31 -6.93
CA ASN A 30 -3.91 14.92 -8.36
C ASN A 30 -4.24 13.45 -8.43
N PRO A 31 -5.47 13.22 -8.13
CA PRO A 31 -6.00 11.85 -8.08
C PRO A 31 -6.52 11.41 -9.46
N GLU A 32 -6.25 12.16 -10.47
CA GLU A 32 -6.74 11.77 -11.83
C GLU A 32 -5.63 12.01 -12.86
N ASP A 33 -4.49 12.44 -12.42
CA ASP A 33 -3.38 12.69 -13.38
C ASP A 33 -3.00 11.39 -14.07
N MET A 34 -3.37 10.30 -13.48
CA MET A 34 -3.05 8.96 -14.06
C MET A 34 -1.54 8.73 -14.00
N GLU A 35 -0.81 9.65 -13.44
CA GLU A 35 0.64 9.45 -13.32
C GLU A 35 0.93 9.05 -11.88
N LEU A 36 0.29 9.71 -10.96
CA LEU A 36 0.48 9.33 -9.54
C LEU A 36 -0.28 8.03 -9.30
N ILE A 37 -1.27 7.76 -10.11
CA ILE A 37 -2.04 6.50 -9.96
C ILE A 37 -1.19 5.35 -10.53
N ASN A 38 -0.42 5.62 -11.55
CA ASN A 38 0.43 4.55 -12.13
C ASN A 38 1.79 4.56 -11.45
N GLU A 39 2.17 5.68 -10.94
CA GLU A 39 3.48 5.77 -10.23
C GLU A 39 3.35 5.04 -8.91
N ALA A 40 2.17 5.04 -8.39
CA ALA A 40 1.89 4.34 -7.11
C ALA A 40 1.46 2.90 -7.40
N PHE A 41 0.49 2.72 -8.26
CA PHE A 41 0.05 1.33 -8.60
C PHE A 41 1.28 0.47 -8.92
N ARG A 42 2.31 1.08 -9.43
CA ARG A 42 3.55 0.30 -9.76
C ARG A 42 4.37 0.08 -8.49
N ALA A 43 4.92 1.14 -7.95
CA ALA A 43 5.73 0.99 -6.71
C ALA A 43 5.03 0.06 -5.72
N LEU A 44 3.74 0.24 -5.53
CA LEU A 44 3.02 -0.66 -4.59
C LEU A 44 3.07 -2.09 -5.12
N HIS A 45 2.99 -2.24 -6.42
CA HIS A 45 3.06 -3.61 -7.00
C HIS A 45 4.48 -4.13 -6.83
N THR A 46 5.43 -3.24 -6.88
CA THR A 46 6.85 -3.66 -6.70
C THR A 46 7.13 -3.78 -5.19
N LEU A 47 6.53 -2.93 -4.41
CA LEU A 47 6.72 -3.00 -2.94
C LEU A 47 6.03 -4.25 -2.40
N LYS A 48 4.91 -4.60 -2.97
CA LYS A 48 4.18 -5.82 -2.50
C LYS A 48 5.04 -7.05 -2.80
N GLY A 49 5.59 -7.12 -3.98
CA GLY A 49 6.43 -8.30 -4.34
C GLY A 49 7.63 -8.37 -3.40
N MET A 50 8.29 -7.26 -3.19
CA MET A 50 9.47 -7.27 -2.27
C MET A 50 9.03 -7.68 -0.86
N ALA A 51 7.76 -7.59 -0.57
CA ALA A 51 7.27 -7.98 0.77
C ALA A 51 6.92 -9.47 0.77
N GLY A 52 6.82 -10.05 -0.39
CA GLY A 52 6.50 -11.51 -0.47
C GLY A 52 7.81 -12.29 -0.46
N THR A 53 8.84 -11.72 -1.02
CA THR A 53 10.16 -12.41 -1.03
C THR A 53 10.83 -12.26 0.33
N MET A 54 10.29 -11.42 1.15
CA MET A 54 10.87 -11.22 2.51
C MET A 54 10.15 -12.09 3.53
N GLY A 55 9.22 -12.89 3.07
CA GLY A 55 8.46 -13.77 4.00
C GLY A 55 7.41 -12.95 4.74
N PHE A 56 7.27 -11.70 4.39
CA PHE A 56 6.25 -10.85 5.08
C PHE A 56 5.08 -10.57 4.15
N SER A 57 4.31 -11.58 3.82
CA SER A 57 3.14 -11.36 2.92
C SER A 57 2.08 -10.54 3.64
N SER A 58 2.07 -10.61 4.93
CA SER A 58 1.08 -9.84 5.73
C SER A 58 1.28 -8.36 5.42
N MET A 59 2.48 -7.98 5.13
CA MET A 59 2.75 -6.57 4.79
C MET A 59 2.71 -6.39 3.27
N ALA A 60 2.85 -7.47 2.54
CA ALA A 60 2.79 -7.38 1.06
C ALA A 60 1.33 -7.26 0.63
N LYS A 61 0.45 -7.90 1.34
CA LYS A 61 -0.99 -7.78 1.00
C LYS A 61 -1.39 -6.33 1.14
N LEU A 62 -0.77 -5.65 2.05
CA LEU A 62 -1.05 -4.20 2.24
C LEU A 62 -0.57 -3.44 1.02
N CYS A 63 0.54 -3.85 0.47
CA CYS A 63 1.07 -3.18 -0.74
C CYS A 63 0.15 -3.48 -1.92
N HIS A 64 -0.42 -4.66 -1.94
CA HIS A 64 -1.34 -5.02 -3.05
C HIS A 64 -2.68 -4.29 -2.86
N THR A 65 -3.12 -4.19 -1.64
CA THR A 65 -4.40 -3.48 -1.37
C THR A 65 -4.34 -2.06 -1.93
N LEU A 66 -3.42 -1.27 -1.47
CA LEU A 66 -3.30 0.13 -1.99
C LEU A 66 -3.27 0.09 -3.51
N GLU A 67 -2.38 -0.70 -4.05
CA GLU A 67 -2.26 -0.81 -5.52
C GLU A 67 -3.58 -1.24 -6.12
N ASN A 68 -4.39 -1.89 -5.35
CA ASN A 68 -5.70 -2.33 -5.88
C ASN A 68 -6.56 -1.11 -6.14
N ILE A 69 -6.54 -0.18 -5.22
CA ILE A 69 -7.34 1.06 -5.41
C ILE A 69 -6.75 1.82 -6.56
N LEU A 70 -5.48 1.74 -6.67
CA LEU A 70 -4.79 2.40 -7.80
C LEU A 70 -5.04 1.56 -9.05
N ASP A 71 -5.50 0.36 -8.85
CA ASP A 71 -5.82 -0.50 -10.00
C ASP A 71 -7.20 -0.11 -10.51
N LYS A 72 -8.17 -0.06 -9.62
CA LYS A 72 -9.51 0.36 -10.07
C LYS A 72 -9.41 1.78 -10.59
N ALA A 73 -8.57 2.55 -9.97
CA ALA A 73 -8.35 3.94 -10.43
C ALA A 73 -7.88 3.89 -11.88
N ARG A 74 -7.07 2.91 -12.18
CA ARG A 74 -6.58 2.76 -13.57
C ARG A 74 -7.56 1.87 -14.34
N ASN A 75 -8.43 1.20 -13.64
CA ASN A 75 -9.43 0.33 -14.31
C ASN A 75 -10.76 1.08 -14.46
N SER A 76 -10.80 2.29 -13.98
CA SER A 76 -12.06 3.10 -14.08
C SER A 76 -13.10 2.57 -13.09
N GLU A 77 -12.66 2.00 -12.00
CA GLU A 77 -13.62 1.47 -11.00
C GLU A 77 -13.70 2.41 -9.80
N ILE A 78 -12.59 2.86 -9.33
CA ILE A 78 -12.60 3.80 -8.17
C ILE A 78 -11.74 5.03 -8.45
N LYS A 79 -11.76 5.96 -7.53
CA LYS A 79 -10.93 7.18 -7.68
C LYS A 79 -10.50 7.65 -6.29
N ILE A 80 -9.45 8.41 -6.19
CA ILE A 80 -9.01 8.86 -4.84
C ILE A 80 -10.02 9.85 -4.28
N THR A 81 -10.89 9.35 -3.46
CA THR A 81 -11.94 10.21 -2.83
C THR A 81 -11.42 10.81 -1.53
N SER A 82 -10.13 10.77 -1.31
CA SER A 82 -9.56 11.29 -0.03
C SER A 82 -9.83 10.28 1.09
N ASP A 83 -10.59 9.26 0.81
CA ASP A 83 -10.90 8.23 1.82
C ASP A 83 -10.25 6.92 1.36
N LEU A 84 -10.38 6.59 0.10
CA LEU A 84 -9.74 5.37 -0.42
C LEU A 84 -8.23 5.54 -0.34
N LEU A 85 -7.80 6.78 -0.39
CA LEU A 85 -6.34 7.05 -0.30
C LEU A 85 -5.94 7.13 1.18
N ASP A 86 -6.81 7.64 2.02
CA ASP A 86 -6.50 7.72 3.47
C ASP A 86 -6.33 6.31 4.03
N LYS A 87 -7.16 5.39 3.63
CA LYS A 87 -6.99 3.99 4.13
C LYS A 87 -5.76 3.42 3.46
N ILE A 88 -5.52 3.81 2.24
CA ILE A 88 -4.31 3.33 1.53
C ILE A 88 -3.10 3.83 2.32
N PHE A 89 -3.01 5.12 2.51
CA PHE A 89 -1.88 5.67 3.30
C PHE A 89 -1.89 5.04 4.68
N ALA A 90 -3.02 4.51 5.06
CA ALA A 90 -3.11 3.84 6.38
C ALA A 90 -2.45 2.47 6.24
N GLY A 91 -2.58 1.88 5.09
CA GLY A 91 -1.94 0.56 4.85
C GLY A 91 -0.44 0.78 4.82
N VAL A 92 -0.02 1.83 4.16
CA VAL A 92 1.43 2.14 4.10
C VAL A 92 1.89 2.55 5.51
N ASP A 93 0.96 2.95 6.33
CA ASP A 93 1.30 3.34 7.73
C ASP A 93 1.65 2.09 8.52
N MET A 94 0.83 1.08 8.42
CA MET A 94 1.13 -0.18 9.14
C MET A 94 2.34 -0.81 8.46
N ILE A 95 2.33 -0.82 7.15
CA ILE A 95 3.50 -1.37 6.42
C ILE A 95 4.77 -0.78 7.01
N THR A 96 4.69 0.47 7.41
CA THR A 96 5.88 1.12 8.04
C THR A 96 6.02 0.59 9.47
N ARG A 97 4.94 0.54 10.19
CA ARG A 97 5.00 0.02 11.59
C ARG A 97 5.58 -1.39 11.57
N MET A 98 5.18 -2.20 10.63
CA MET A 98 5.75 -3.57 10.55
C MET A 98 7.22 -3.46 10.19
N VAL A 99 7.54 -2.52 9.35
CA VAL A 99 8.96 -2.30 8.96
C VAL A 99 9.74 -1.80 10.18
N ASP A 100 9.09 -1.05 11.04
CA ASP A 100 9.78 -0.54 12.25
C ASP A 100 9.99 -1.68 13.24
N LYS A 101 9.08 -2.62 13.26
CA LYS A 101 9.24 -3.77 14.18
C LYS A 101 10.03 -4.85 13.44
N ILE A 102 9.81 -4.97 12.15
CA ILE A 102 10.56 -5.97 11.36
C ILE A 102 12.02 -5.55 11.39
N VAL A 103 12.25 -4.28 11.41
CA VAL A 103 13.64 -3.75 11.48
C VAL A 103 14.12 -3.92 12.91
N SER A 104 13.20 -3.89 13.84
CA SER A 104 13.57 -4.03 15.27
C SER A 104 13.62 -5.51 15.66
N GLU A 105 12.95 -6.32 14.92
CA GLU A 105 12.94 -7.78 15.24
C GLU A 105 12.84 -8.60 13.94
N GLY A 106 12.09 -8.11 12.99
CA GLY A 106 11.95 -8.86 11.70
C GLY A 106 10.57 -9.51 11.65
N SER A 107 9.62 -9.00 12.38
CA SER A 107 8.26 -9.59 12.35
C SER A 107 7.26 -8.59 11.80
N ASP A 108 6.45 -9.00 10.87
CA ASP A 108 5.43 -8.07 10.30
C ASP A 108 4.11 -8.31 11.04
N ASP A 109 4.15 -9.05 12.11
CA ASP A 109 2.91 -9.34 12.88
C ASP A 109 2.56 -8.17 13.80
N ILE A 110 1.85 -7.19 13.30
CA ILE A 110 1.48 -6.02 14.16
C ILE A 110 -0.02 -6.06 14.46
N GLY A 111 -0.57 -7.23 14.65
CA GLY A 111 -2.03 -7.34 14.95
C GLY A 111 -2.82 -6.57 13.88
N GLU A 112 -2.23 -6.33 12.75
CA GLU A 112 -2.95 -5.60 11.67
C GLU A 112 -4.15 -6.41 11.17
N ASN A 113 -4.92 -5.84 10.27
CA ASN A 113 -6.10 -6.56 9.73
C ASN A 113 -6.20 -6.33 8.23
N ILE A 114 -5.48 -7.09 7.45
CA ILE A 114 -5.54 -6.90 5.97
C ILE A 114 -6.92 -7.26 5.44
N ASP A 115 -7.32 -8.49 5.56
CA ASP A 115 -8.66 -8.88 5.06
C ASP A 115 -9.69 -7.83 5.49
N VAL A 116 -9.40 -7.17 6.56
CA VAL A 116 -10.32 -6.12 7.07
C VAL A 116 -9.94 -4.76 6.50
N PHE A 117 -8.70 -4.40 6.63
CA PHE A 117 -8.26 -3.07 6.10
C PHE A 117 -8.47 -3.03 4.59
N SER A 118 -8.54 -4.17 3.96
CA SER A 118 -8.75 -4.21 2.51
C SER A 118 -10.24 -4.26 2.26
N ASP A 119 -10.92 -5.04 3.04
CA ASP A 119 -12.40 -5.14 2.90
C ASP A 119 -13.02 -3.80 3.24
N THR A 120 -12.39 -3.10 4.12
CA THR A 120 -12.89 -1.75 4.50
C THR A 120 -12.75 -0.84 3.30
N ILE A 121 -11.62 -0.89 2.70
CA ILE A 121 -11.33 -0.07 1.50
C ILE A 121 -12.03 -0.67 0.27
N LYS A 122 -12.09 -1.97 0.18
CA LYS A 122 -12.75 -2.62 -0.97
C LYS A 122 -14.24 -2.34 -0.90
N SER A 123 -14.77 -2.24 0.28
CA SER A 123 -16.22 -1.94 0.41
C SER A 123 -16.41 -0.43 0.43
N PHE A 124 -15.34 0.27 0.63
CA PHE A 124 -15.43 1.77 0.64
C PHE A 124 -15.48 2.28 -0.80
N ALA A 125 -15.44 1.39 -1.74
CA ALA A 125 -15.50 1.80 -3.17
C ALA A 125 -16.66 1.12 -3.89
N SER A 126 -16.47 -0.10 -4.32
CA SER A 126 -17.57 -0.81 -5.03
C SER A 126 -18.71 -1.12 -4.06
N SER A 127 -19.80 -0.39 -4.15
CA SER A 127 -20.94 -0.64 -3.23
C SER A 127 -22.20 -0.94 -4.04
N GLY A 128 -23.14 -1.64 -3.45
CA GLY A 128 -24.39 -1.97 -4.20
C GLY A 128 -25.58 -1.93 -3.24
N LYS A 129 -25.74 -0.87 -2.51
CA LYS A 129 -26.88 -0.78 -1.55
C LYS A 129 -28.18 -1.22 -2.26
N GLU A 130 -29.01 -1.96 -1.58
CA GLU A 130 -30.28 -2.42 -2.22
C GLU A 130 -29.97 -3.14 -3.54
N LYS A 131 -29.86 -4.43 -3.50
CA LYS A 131 -29.55 -5.20 -4.75
C LYS A 131 -30.38 -6.49 -4.80
N LEU A 132 -30.98 -6.78 -5.91
CA LEU A 132 -31.79 -8.02 -6.03
C LEU A 132 -32.63 -8.22 -4.76
N GLU A 133 -33.75 -7.54 -4.67
CA GLU A 133 -34.60 -7.68 -3.46
C GLU A 133 -33.79 -7.42 -2.20
N MET A 1 27.26 -14.52 7.10
CA MET A 1 27.02 -13.18 6.49
C MET A 1 25.95 -13.30 5.40
N MET A 2 24.79 -13.80 5.73
CA MET A 2 23.70 -13.94 4.72
C MET A 2 22.49 -13.10 5.13
N GLU A 3 22.72 -11.96 5.72
CA GLU A 3 21.56 -11.10 6.13
C GLU A 3 21.67 -9.72 5.49
N GLU A 4 22.69 -9.49 4.74
CA GLU A 4 22.85 -8.16 4.13
C GLU A 4 21.86 -8.00 2.98
N TYR A 5 21.26 -9.07 2.57
CA TYR A 5 20.27 -8.98 1.45
C TYR A 5 19.00 -8.32 1.96
N LEU A 6 18.81 -8.34 3.24
CA LEU A 6 17.61 -7.71 3.85
C LEU A 6 17.90 -6.24 4.17
N GLY A 7 19.01 -5.98 4.81
CA GLY A 7 19.36 -4.58 5.15
C GLY A 7 19.17 -3.71 3.91
N VAL A 8 19.48 -4.22 2.75
CA VAL A 8 19.31 -3.40 1.51
C VAL A 8 17.90 -3.55 0.95
N PHE A 9 17.31 -4.69 1.16
CA PHE A 9 15.93 -4.91 0.67
C PHE A 9 14.97 -3.95 1.38
N VAL A 10 15.19 -3.74 2.65
CA VAL A 10 14.30 -2.81 3.42
C VAL A 10 14.74 -1.37 3.19
N ASP A 11 16.00 -1.15 2.91
CA ASP A 11 16.49 0.25 2.67
C ASP A 11 15.90 0.78 1.38
N GLU A 12 15.60 -0.10 0.47
CA GLU A 12 15.00 0.33 -0.82
C GLU A 12 13.48 0.33 -0.67
N THR A 13 12.98 -0.44 0.25
CA THR A 13 11.51 -0.49 0.48
C THR A 13 11.05 0.81 1.13
N LYS A 14 11.77 1.30 2.11
CA LYS A 14 11.38 2.57 2.78
C LYS A 14 11.64 3.75 1.85
N GLU A 15 12.74 3.73 1.15
CA GLU A 15 13.04 4.86 0.23
C GLU A 15 12.01 4.89 -0.90
N TYR A 16 11.33 3.80 -1.09
CA TYR A 16 10.30 3.73 -2.16
C TYR A 16 8.94 4.14 -1.61
N LEU A 17 8.63 3.80 -0.38
CA LEU A 17 7.32 4.20 0.20
C LEU A 17 7.22 5.72 0.18
N GLN A 18 8.31 6.36 0.50
CA GLN A 18 8.31 7.85 0.48
C GLN A 18 8.20 8.28 -0.96
N ASN A 19 9.01 7.70 -1.78
CA ASN A 19 8.93 8.00 -3.22
C ASN A 19 7.54 7.61 -3.69
N LEU A 20 6.94 6.72 -2.96
CA LEU A 20 5.56 6.26 -3.29
C LEU A 20 4.57 7.13 -2.53
N ASN A 21 5.03 7.87 -1.57
CA ASN A 21 4.13 8.78 -0.85
C ASN A 21 4.19 10.09 -1.57
N ASP A 22 5.34 10.35 -2.09
CA ASP A 22 5.51 11.59 -2.85
C ASP A 22 4.70 11.48 -4.12
N THR A 23 4.56 10.27 -4.57
CA THR A 23 3.76 9.98 -5.77
C THR A 23 2.28 10.05 -5.42
N LEU A 24 1.93 9.47 -4.30
CA LEU A 24 0.51 9.51 -3.87
C LEU A 24 0.21 10.88 -3.26
N LEU A 25 1.22 11.53 -2.76
CA LEU A 25 1.00 12.89 -2.17
C LEU A 25 0.88 13.89 -3.29
N GLU A 26 1.37 13.53 -4.43
CA GLU A 26 1.23 14.41 -5.61
C GLU A 26 -0.05 13.97 -6.27
N LEU A 27 -0.37 12.74 -6.07
CA LEU A 27 -1.61 12.18 -6.61
C LEU A 27 -2.77 12.90 -5.93
N GLU A 28 -2.58 13.32 -4.71
CA GLU A 28 -3.66 14.07 -4.02
C GLU A 28 -3.77 15.44 -4.67
N LYS A 29 -2.65 16.01 -5.03
CA LYS A 29 -2.68 17.34 -5.70
C LYS A 29 -3.28 17.14 -7.09
N ASN A 30 -3.22 15.94 -7.55
CA ASN A 30 -3.77 15.58 -8.88
C ASN A 30 -4.20 14.13 -8.83
N PRO A 31 -5.31 13.96 -8.19
CA PRO A 31 -5.87 12.62 -7.98
C PRO A 31 -6.68 12.14 -9.19
N GLU A 32 -6.43 12.71 -10.34
CA GLU A 32 -7.16 12.28 -11.56
C GLU A 32 -6.15 11.98 -12.66
N ASP A 33 -4.91 12.28 -12.40
CA ASP A 33 -3.86 12.01 -13.42
C ASP A 33 -3.47 10.53 -13.36
N MET A 34 -3.44 9.88 -14.47
CA MET A 34 -3.08 8.43 -14.47
C MET A 34 -1.58 8.24 -14.19
N GLU A 35 -0.86 9.32 -14.02
CA GLU A 35 0.59 9.17 -13.73
C GLU A 35 0.77 8.90 -12.25
N LEU A 36 0.33 9.81 -11.41
CA LEU A 36 0.47 9.56 -9.96
C LEU A 36 -0.42 8.36 -9.59
N ILE A 37 -1.38 8.06 -10.44
CA ILE A 37 -2.25 6.90 -10.17
C ILE A 37 -1.50 5.62 -10.54
N ASN A 38 -0.69 5.69 -11.57
CA ASN A 38 0.08 4.48 -11.98
C ASN A 38 1.43 4.47 -11.26
N GLU A 39 1.88 5.62 -10.86
CA GLU A 39 3.18 5.69 -10.14
C GLU A 39 3.00 5.14 -8.74
N ALA A 40 1.81 5.20 -8.25
CA ALA A 40 1.51 4.65 -6.90
C ALA A 40 1.20 3.16 -7.04
N PHE A 41 0.31 2.82 -7.93
CA PHE A 41 -0.02 1.38 -8.14
C PHE A 41 1.26 0.62 -8.48
N ARG A 42 2.27 1.33 -8.91
CA ARG A 42 3.56 0.67 -9.27
C ARG A 42 4.37 0.41 -8.00
N ALA A 43 4.82 1.45 -7.36
CA ALA A 43 5.61 1.27 -6.10
C ALA A 43 4.93 0.24 -5.20
N LEU A 44 3.64 0.34 -5.02
CA LEU A 44 2.94 -0.65 -4.15
C LEU A 44 3.01 -2.03 -4.80
N HIS A 45 2.77 -2.10 -6.07
CA HIS A 45 2.86 -3.41 -6.77
C HIS A 45 4.30 -3.88 -6.72
N THR A 46 5.22 -2.95 -6.73
CA THR A 46 6.66 -3.32 -6.66
C THR A 46 7.01 -3.64 -5.20
N LEU A 47 6.53 -2.85 -4.28
CA LEU A 47 6.81 -3.11 -2.84
C LEU A 47 6.04 -4.35 -2.38
N LYS A 48 4.87 -4.55 -2.92
CA LYS A 48 4.05 -5.73 -2.54
C LYS A 48 4.80 -7.01 -2.92
N GLY A 49 5.47 -6.99 -4.05
CA GLY A 49 6.23 -8.20 -4.49
C GLY A 49 7.43 -8.39 -3.57
N MET A 50 8.12 -7.34 -3.24
CA MET A 50 9.31 -7.45 -2.35
C MET A 50 8.86 -7.94 -0.97
N ALA A 51 7.59 -7.85 -0.68
CA ALA A 51 7.08 -8.32 0.64
C ALA A 51 6.68 -9.79 0.57
N GLY A 52 6.41 -10.27 -0.63
CA GLY A 52 6.03 -11.70 -0.78
C GLY A 52 7.29 -12.51 -1.01
N THR A 53 8.34 -11.87 -1.47
CA THR A 53 9.61 -12.58 -1.70
C THR A 53 10.44 -12.59 -0.41
N MET A 54 10.02 -11.82 0.55
CA MET A 54 10.76 -11.78 1.84
C MET A 54 10.03 -12.60 2.91
N GLY A 55 9.01 -13.32 2.50
CA GLY A 55 8.26 -14.15 3.48
C GLY A 55 7.22 -13.28 4.19
N PHE A 56 7.20 -12.01 3.92
CA PHE A 56 6.20 -11.13 4.59
C PHE A 56 5.02 -10.88 3.65
N SER A 57 4.28 -11.91 3.34
CA SER A 57 3.11 -11.73 2.43
C SER A 57 1.98 -10.99 3.15
N SER A 58 1.93 -11.11 4.44
CA SER A 58 0.88 -10.40 5.21
C SER A 58 1.04 -8.92 4.96
N MET A 59 2.26 -8.48 4.86
CA MET A 59 2.51 -7.05 4.59
C MET A 59 2.48 -6.83 3.08
N ALA A 60 2.68 -7.87 2.33
CA ALA A 60 2.64 -7.72 0.85
C ALA A 60 1.19 -7.67 0.40
N LYS A 61 0.33 -8.41 1.05
CA LYS A 61 -1.09 -8.36 0.66
C LYS A 61 -1.64 -7.02 1.11
N LEU A 62 -1.00 -6.44 2.07
CA LEU A 62 -1.43 -5.11 2.57
C LEU A 62 -1.08 -4.05 1.52
N CYS A 63 0.04 -4.21 0.86
CA CYS A 63 0.45 -3.23 -0.18
C CYS A 63 -0.38 -3.45 -1.46
N HIS A 64 -0.69 -4.67 -1.78
CA HIS A 64 -1.50 -4.93 -3.00
C HIS A 64 -2.88 -4.30 -2.83
N THR A 65 -3.35 -4.28 -1.61
CA THR A 65 -4.69 -3.68 -1.35
C THR A 65 -4.65 -2.17 -1.65
N LEU A 66 -3.70 -1.45 -1.08
CA LEU A 66 -3.61 0.01 -1.36
C LEU A 66 -3.46 0.20 -2.87
N GLU A 67 -2.63 -0.58 -3.49
CA GLU A 67 -2.42 -0.47 -4.96
C GLU A 67 -3.68 -0.89 -5.71
N ASN A 68 -4.52 -1.66 -5.09
CA ASN A 68 -5.76 -2.09 -5.77
C ASN A 68 -6.61 -0.86 -6.03
N ILE A 69 -6.70 0.00 -5.07
CA ILE A 69 -7.51 1.23 -5.25
C ILE A 69 -6.86 2.05 -6.33
N LEU A 70 -5.58 2.03 -6.33
CA LEU A 70 -4.83 2.77 -7.37
C LEU A 70 -4.94 1.99 -8.67
N ASP A 71 -5.38 0.77 -8.58
CA ASP A 71 -5.55 -0.02 -9.82
C ASP A 71 -6.91 0.31 -10.42
N LYS A 72 -7.91 0.49 -9.59
CA LYS A 72 -9.24 0.86 -10.12
C LYS A 72 -9.12 2.28 -10.64
N ALA A 73 -8.40 3.05 -9.92
CA ALA A 73 -8.14 4.45 -10.35
C ALA A 73 -7.45 4.39 -11.70
N ARG A 74 -6.71 3.34 -11.91
CA ARG A 74 -6.00 3.16 -13.19
C ARG A 74 -6.91 2.36 -14.13
N ASN A 75 -7.89 1.68 -13.57
CA ASN A 75 -8.82 0.92 -14.43
C ASN A 75 -9.91 1.86 -14.92
N SER A 76 -10.70 2.35 -14.00
CA SER A 76 -11.81 3.32 -14.32
C SER A 76 -12.96 3.15 -13.33
N GLU A 77 -12.70 2.69 -12.13
CA GLU A 77 -13.84 2.50 -11.19
C GLU A 77 -13.77 3.49 -10.02
N ILE A 78 -12.60 3.81 -9.56
CA ILE A 78 -12.50 4.77 -8.42
C ILE A 78 -11.43 5.82 -8.64
N LYS A 79 -11.21 6.66 -7.67
CA LYS A 79 -10.17 7.72 -7.79
C LYS A 79 -9.80 8.24 -6.41
N ILE A 80 -8.74 8.99 -6.31
CA ILE A 80 -8.34 9.53 -4.99
C ILE A 80 -9.34 10.58 -4.54
N THR A 81 -10.26 10.16 -3.75
CA THR A 81 -11.30 11.07 -3.23
C THR A 81 -10.96 11.47 -1.80
N SER A 82 -9.71 11.33 -1.42
CA SER A 82 -9.29 11.66 -0.03
C SER A 82 -9.80 10.58 0.93
N ASP A 83 -10.54 9.64 0.43
CA ASP A 83 -11.04 8.53 1.28
C ASP A 83 -10.32 7.25 0.85
N LEU A 84 -10.20 7.04 -0.43
CA LEU A 84 -9.47 5.84 -0.90
C LEU A 84 -8.03 5.97 -0.43
N LEU A 85 -7.59 7.18 -0.28
CA LEU A 85 -6.21 7.43 0.22
C LEU A 85 -6.20 7.27 1.73
N ASP A 86 -7.18 7.83 2.38
CA ASP A 86 -7.27 7.73 3.86
C ASP A 86 -6.98 6.29 4.30
N LYS A 87 -7.54 5.33 3.63
CA LYS A 87 -7.28 3.92 4.02
C LYS A 87 -5.95 3.46 3.43
N ILE A 88 -5.67 3.81 2.20
CA ILE A 88 -4.38 3.40 1.60
C ILE A 88 -3.25 4.02 2.41
N PHE A 89 -3.37 5.28 2.70
CA PHE A 89 -2.34 5.97 3.51
C PHE A 89 -2.29 5.34 4.90
N ALA A 90 -3.40 4.85 5.34
CA ALA A 90 -3.44 4.18 6.66
C ALA A 90 -2.84 2.79 6.48
N GLY A 91 -2.99 2.25 5.31
CA GLY A 91 -2.41 0.91 5.03
C GLY A 91 -0.89 1.10 4.91
N VAL A 92 -0.47 2.13 4.23
CA VAL A 92 0.98 2.40 4.10
C VAL A 92 1.52 2.78 5.48
N ASP A 93 0.65 3.17 6.37
CA ASP A 93 1.08 3.54 7.74
C ASP A 93 1.33 2.27 8.56
N MET A 94 0.66 1.21 8.22
CA MET A 94 0.86 -0.07 8.96
C MET A 94 2.17 -0.71 8.51
N ILE A 95 2.38 -0.80 7.23
CA ILE A 95 3.64 -1.41 6.74
C ILE A 95 4.82 -0.58 7.26
N THR A 96 4.62 0.69 7.42
CA THR A 96 5.72 1.54 7.97
C THR A 96 5.95 1.13 9.41
N ARG A 97 4.88 0.85 10.12
CA ARG A 97 5.02 0.41 11.53
C ARG A 97 5.40 -1.07 11.57
N MET A 98 4.94 -1.82 10.59
CA MET A 98 5.29 -3.26 10.54
C MET A 98 6.75 -3.39 10.10
N VAL A 99 7.19 -2.48 9.29
CA VAL A 99 8.59 -2.52 8.83
C VAL A 99 9.50 -1.95 9.93
N ASP A 100 9.02 -0.98 10.66
CA ASP A 100 9.86 -0.44 11.77
C ASP A 100 10.04 -1.53 12.81
N LYS A 101 9.08 -2.41 12.90
CA LYS A 101 9.18 -3.53 13.85
C LYS A 101 9.85 -4.72 13.15
N ILE A 102 9.86 -4.72 11.85
CA ILE A 102 10.52 -5.83 11.11
C ILE A 102 12.03 -5.60 11.21
N VAL A 103 12.47 -4.42 10.85
CA VAL A 103 13.90 -4.11 10.96
C VAL A 103 14.28 -4.22 12.44
N SER A 104 13.30 -4.00 13.29
CA SER A 104 13.54 -4.11 14.76
C SER A 104 13.44 -5.56 15.19
N GLU A 105 12.30 -6.15 15.00
CA GLU A 105 12.12 -7.58 15.39
C GLU A 105 12.22 -8.48 14.16
N GLY A 106 11.65 -8.07 13.07
CA GLY A 106 11.71 -8.89 11.83
C GLY A 106 10.33 -9.47 11.52
N SER A 107 9.29 -8.86 12.00
CA SER A 107 7.92 -9.41 11.73
C SER A 107 6.95 -8.30 11.34
N ASP A 108 6.30 -8.45 10.22
CA ASP A 108 5.31 -7.42 9.81
C ASP A 108 4.03 -7.60 10.61
N ASP A 109 4.03 -8.52 11.54
CA ASP A 109 2.80 -8.76 12.36
C ASP A 109 2.68 -7.70 13.46
N ILE A 110 1.77 -6.78 13.32
CA ILE A 110 1.60 -5.74 14.38
C ILE A 110 0.15 -5.70 14.86
N GLY A 111 -0.55 -6.81 14.75
CA GLY A 111 -1.96 -6.84 15.19
C GLY A 111 -2.88 -6.32 14.09
N GLU A 112 -2.31 -5.81 13.03
CA GLU A 112 -3.15 -5.28 11.92
C GLU A 112 -3.79 -6.43 11.13
N ASN A 113 -4.69 -6.12 10.24
CA ASN A 113 -5.35 -7.19 9.43
C ASN A 113 -5.17 -6.93 7.93
N ILE A 114 -5.35 -7.93 7.12
CA ILE A 114 -5.21 -7.74 5.66
C ILE A 114 -6.54 -8.07 4.99
N ASP A 115 -6.88 -9.32 4.87
CA ASP A 115 -8.17 -9.67 4.24
C ASP A 115 -9.27 -8.81 4.87
N VAL A 116 -9.03 -8.38 6.07
CA VAL A 116 -10.01 -7.52 6.77
C VAL A 116 -9.71 -6.06 6.49
N PHE A 117 -8.49 -5.67 6.65
CA PHE A 117 -8.11 -4.25 6.38
C PHE A 117 -8.28 -3.97 4.88
N SER A 118 -8.28 -5.00 4.09
CA SER A 118 -8.46 -4.82 2.63
C SER A 118 -9.94 -4.88 2.34
N ASP A 119 -10.61 -5.80 2.99
CA ASP A 119 -12.07 -5.92 2.79
C ASP A 119 -12.74 -4.66 3.30
N THR A 120 -12.12 -4.03 4.24
CA THR A 120 -12.66 -2.76 4.77
C THR A 120 -12.58 -1.75 3.65
N ILE A 121 -11.41 -1.60 3.12
CA ILE A 121 -11.21 -0.66 1.99
C ILE A 121 -12.01 -1.17 0.79
N LYS A 122 -11.96 -2.45 0.54
CA LYS A 122 -12.74 -3.02 -0.59
C LYS A 122 -14.21 -2.83 -0.30
N SER A 123 -14.58 -2.89 0.95
CA SER A 123 -15.99 -2.68 1.33
C SER A 123 -16.32 -1.20 1.25
N PHE A 124 -15.30 -0.39 1.20
CA PHE A 124 -15.53 1.08 1.10
C PHE A 124 -15.93 1.44 -0.33
N ALA A 125 -15.98 0.46 -1.19
CA ALA A 125 -16.35 0.72 -2.60
C ALA A 125 -17.36 -0.33 -3.07
N SER A 126 -17.92 -1.09 -2.18
CA SER A 126 -18.91 -2.13 -2.58
C SER A 126 -20.12 -1.47 -3.24
N SER A 127 -20.39 -1.81 -4.47
CA SER A 127 -21.56 -1.20 -5.18
C SER A 127 -22.80 -2.09 -5.02
N GLY A 128 -23.79 -1.63 -4.31
CA GLY A 128 -25.02 -2.45 -4.13
C GLY A 128 -26.14 -1.90 -5.01
N LYS A 129 -25.99 -1.99 -6.30
CA LYS A 129 -27.04 -1.47 -7.23
C LYS A 129 -27.51 -0.09 -6.76
N GLU A 130 -26.60 0.75 -6.33
CA GLU A 130 -27.00 2.11 -5.87
C GLU A 130 -25.76 2.96 -5.61
N LYS A 131 -25.35 3.74 -6.58
CA LYS A 131 -24.15 4.61 -6.38
C LYS A 131 -24.58 6.03 -5.99
N LEU A 132 -25.78 6.18 -5.52
CA LEU A 132 -26.26 7.53 -5.10
C LEU A 132 -26.34 8.45 -6.32
N GLU A 133 -26.96 9.59 -6.17
CA GLU A 133 -27.08 10.54 -7.32
C GLU A 133 -27.67 9.83 -8.53
N MET A 1 29.15 -11.91 5.13
CA MET A 1 27.82 -12.29 5.70
C MET A 1 26.80 -12.50 4.58
N MET A 2 25.71 -13.17 4.87
CA MET A 2 24.68 -13.40 3.82
C MET A 2 23.35 -12.78 4.25
N GLU A 3 23.40 -11.62 4.86
CA GLU A 3 22.14 -10.96 5.31
C GLU A 3 22.09 -9.52 4.82
N GLU A 4 23.10 -9.08 4.15
CA GLU A 4 23.11 -7.68 3.69
C GLU A 4 22.18 -7.52 2.49
N TYR A 5 21.64 -8.60 2.00
CA TYR A 5 20.73 -8.51 0.84
C TYR A 5 19.36 -7.98 1.28
N LEU A 6 18.97 -8.36 2.45
CA LEU A 6 17.65 -7.87 2.98
C LEU A 6 17.84 -6.51 3.63
N GLY A 7 19.02 -6.24 4.15
CA GLY A 7 19.26 -4.92 4.79
C GLY A 7 19.12 -3.83 3.73
N VAL A 8 19.53 -4.10 2.52
CA VAL A 8 19.41 -3.08 1.44
C VAL A 8 18.01 -3.11 0.87
N PHE A 9 17.37 -4.24 0.93
CA PHE A 9 15.99 -4.34 0.40
C PHE A 9 15.06 -3.54 1.30
N VAL A 10 15.32 -3.54 2.58
CA VAL A 10 14.48 -2.76 3.52
C VAL A 10 14.74 -1.27 3.31
N ASP A 11 15.98 -0.91 3.06
CA ASP A 11 16.28 0.52 2.81
C ASP A 11 15.68 0.93 1.48
N GLU A 12 15.42 -0.04 0.65
CA GLU A 12 14.80 0.25 -0.68
C GLU A 12 13.28 0.30 -0.53
N THR A 13 12.73 -0.61 0.23
CA THR A 13 11.25 -0.63 0.43
C THR A 13 10.80 0.69 1.07
N LYS A 14 11.60 1.24 1.94
CA LYS A 14 11.22 2.53 2.59
C LYS A 14 11.40 3.68 1.60
N GLU A 15 12.48 3.67 0.85
CA GLU A 15 12.69 4.75 -0.15
C GLU A 15 11.59 4.68 -1.20
N TYR A 16 10.87 3.61 -1.21
CA TYR A 16 9.75 3.45 -2.18
C TYR A 16 8.47 4.00 -1.59
N LEU A 17 8.21 3.74 -0.33
CA LEU A 17 6.97 4.28 0.28
C LEU A 17 7.02 5.81 0.22
N GLN A 18 8.19 6.37 0.39
CA GLN A 18 8.31 7.85 0.31
C GLN A 18 8.15 8.25 -1.15
N ASN A 19 8.82 7.55 -1.99
CA ASN A 19 8.67 7.81 -3.44
C ASN A 19 7.23 7.50 -3.80
N LEU A 20 6.63 6.67 -3.00
CA LEU A 20 5.21 6.30 -3.23
C LEU A 20 4.33 7.25 -2.43
N ASN A 21 4.91 8.02 -1.55
CA ASN A 21 4.12 8.99 -0.78
C ASN A 21 4.19 10.28 -1.57
N ASP A 22 5.26 10.43 -2.27
CA ASP A 22 5.42 11.62 -3.10
C ASP A 22 4.43 11.51 -4.25
N THR A 23 4.22 10.32 -4.65
CA THR A 23 3.25 10.03 -5.72
C THR A 23 1.85 10.05 -5.14
N LEU A 24 1.71 9.56 -3.94
CA LEU A 24 0.38 9.53 -3.29
C LEU A 24 0.07 10.90 -2.73
N LEU A 25 1.08 11.65 -2.38
CA LEU A 25 0.78 13.01 -1.84
C LEU A 25 0.66 13.99 -3.00
N GLU A 26 1.17 13.61 -4.11
CA GLU A 26 1.03 14.45 -5.32
C GLU A 26 -0.21 13.96 -6.01
N LEU A 27 -0.51 12.73 -5.78
CA LEU A 27 -1.72 12.14 -6.36
C LEU A 27 -2.94 12.78 -5.69
N GLU A 28 -2.77 13.25 -4.48
CA GLU A 28 -3.91 13.91 -3.78
C GLU A 28 -4.21 15.22 -4.52
N LYS A 29 -3.19 15.94 -4.92
CA LYS A 29 -3.41 17.21 -5.65
C LYS A 29 -3.84 16.84 -7.07
N ASN A 30 -3.50 15.67 -7.47
CA ASN A 30 -3.88 15.18 -8.82
C ASN A 30 -4.21 13.70 -8.70
N PRO A 31 -5.36 13.49 -8.15
CA PRO A 31 -5.85 12.13 -7.89
C PRO A 31 -6.56 11.57 -9.11
N GLU A 32 -6.41 12.22 -10.24
CA GLU A 32 -7.06 11.72 -11.49
C GLU A 32 -5.98 11.57 -12.55
N ASP A 33 -4.79 11.99 -12.23
CA ASP A 33 -3.66 11.87 -13.19
C ASP A 33 -3.18 10.42 -13.25
N MET A 34 -3.11 9.85 -14.41
CA MET A 34 -2.67 8.43 -14.50
C MET A 34 -1.17 8.31 -14.19
N GLU A 35 -0.50 9.41 -13.98
CA GLU A 35 0.94 9.33 -13.65
C GLU A 35 1.10 8.96 -12.18
N LEU A 36 0.56 9.76 -11.29
CA LEU A 36 0.67 9.40 -9.85
C LEU A 36 -0.15 8.14 -9.61
N ILE A 37 -1.07 7.85 -10.49
CA ILE A 37 -1.89 6.63 -10.31
C ILE A 37 -1.08 5.43 -10.83
N ASN A 38 -0.26 5.63 -11.82
CA ASN A 38 0.56 4.50 -12.33
C ASN A 38 1.89 4.46 -11.59
N GLU A 39 2.28 5.57 -11.06
CA GLU A 39 3.56 5.61 -10.30
C GLU A 39 3.31 5.05 -8.90
N ALA A 40 2.09 5.13 -8.48
CA ALA A 40 1.71 4.60 -7.14
C ALA A 40 1.27 3.15 -7.29
N PHE A 41 0.44 2.85 -8.27
CA PHE A 41 -0.01 1.44 -8.45
C PHE A 41 1.20 0.55 -8.70
N ARG A 42 2.23 1.09 -9.30
CA ARG A 42 3.46 0.29 -9.57
C ARG A 42 4.26 0.11 -8.29
N ALA A 43 4.81 1.17 -7.76
CA ALA A 43 5.61 1.07 -6.51
C ALA A 43 4.95 0.09 -5.54
N LEU A 44 3.68 0.22 -5.32
CA LEU A 44 2.99 -0.72 -4.38
C LEU A 44 3.03 -2.13 -4.95
N HIS A 45 2.90 -2.26 -6.25
CA HIS A 45 2.97 -3.61 -6.87
C HIS A 45 4.39 -4.13 -6.75
N THR A 46 5.35 -3.25 -6.81
CA THR A 46 6.77 -3.67 -6.66
C THR A 46 7.07 -3.85 -5.18
N LEU A 47 6.48 -3.03 -4.35
CA LEU A 47 6.71 -3.14 -2.89
C LEU A 47 5.96 -4.37 -2.35
N LYS A 48 4.84 -4.70 -2.96
CA LYS A 48 4.07 -5.89 -2.51
C LYS A 48 4.88 -7.16 -2.80
N GLY A 49 5.47 -7.24 -3.96
CA GLY A 49 6.26 -8.45 -4.31
C GLY A 49 7.44 -8.59 -3.36
N MET A 50 8.14 -7.52 -3.10
CA MET A 50 9.32 -7.60 -2.18
C MET A 50 8.86 -7.96 -0.76
N ALA A 51 7.64 -7.65 -0.42
CA ALA A 51 7.14 -7.98 0.94
C ALA A 51 6.49 -9.37 0.95
N GLY A 52 6.26 -9.92 -0.20
CA GLY A 52 5.62 -11.26 -0.26
C GLY A 52 6.70 -12.35 -0.19
N THR A 53 7.68 -12.16 0.65
CA THR A 53 8.77 -13.19 0.77
C THR A 53 9.91 -12.61 1.61
N MET A 54 10.06 -11.34 1.58
CA MET A 54 11.13 -10.68 2.37
C MET A 54 10.53 -9.64 3.29
N GLY A 55 9.26 -9.41 3.15
CA GLY A 55 8.58 -8.43 4.02
C GLY A 55 7.33 -9.09 4.59
N PHE A 56 7.19 -10.37 4.34
CA PHE A 56 6.00 -11.11 4.84
C PHE A 56 4.76 -10.70 4.06
N SER A 57 4.06 -11.64 3.49
CA SER A 57 2.85 -11.30 2.71
C SER A 57 1.81 -10.62 3.59
N SER A 58 2.02 -10.63 4.87
CA SER A 58 1.06 -9.96 5.78
C SER A 58 1.10 -8.47 5.52
N MET A 59 2.24 -7.98 5.13
CA MET A 59 2.37 -6.53 4.81
C MET A 59 2.37 -6.35 3.30
N ALA A 60 2.56 -7.41 2.57
CA ALA A 60 2.55 -7.32 1.08
C ALA A 60 1.12 -7.25 0.58
N LYS A 61 0.22 -7.93 1.23
CA LYS A 61 -1.20 -7.86 0.81
C LYS A 61 -1.61 -6.40 0.85
N LEU A 62 -1.16 -5.74 1.86
CA LEU A 62 -1.46 -4.30 2.00
C LEU A 62 -0.88 -3.57 0.80
N CYS A 63 0.28 -3.97 0.37
CA CYS A 63 0.91 -3.32 -0.80
C CYS A 63 0.05 -3.59 -2.03
N HIS A 64 -0.54 -4.75 -2.10
CA HIS A 64 -1.42 -5.07 -3.25
C HIS A 64 -2.75 -4.36 -3.04
N THR A 65 -3.19 -4.31 -1.82
CA THR A 65 -4.48 -3.64 -1.51
C THR A 65 -4.42 -2.17 -1.96
N LEU A 66 -3.56 -1.39 -1.36
CA LEU A 66 -3.44 0.03 -1.75
C LEU A 66 -3.35 0.12 -3.28
N GLU A 67 -2.50 -0.69 -3.85
CA GLU A 67 -2.32 -0.70 -5.32
C GLU A 67 -3.62 -1.13 -6.00
N ASN A 68 -4.41 -1.90 -5.34
CA ASN A 68 -5.68 -2.33 -5.96
C ASN A 68 -6.53 -1.10 -6.21
N ILE A 69 -6.57 -0.23 -5.25
CA ILE A 69 -7.36 1.02 -5.42
C ILE A 69 -6.74 1.80 -6.55
N LEU A 70 -5.46 1.76 -6.60
CA LEU A 70 -4.73 2.45 -7.70
C LEU A 70 -5.04 1.70 -8.99
N ASP A 71 -5.50 0.49 -8.86
CA ASP A 71 -5.87 -0.27 -10.07
C ASP A 71 -7.24 0.21 -10.52
N LYS A 72 -8.20 0.24 -9.64
CA LYS A 72 -9.53 0.75 -10.04
C LYS A 72 -9.38 2.20 -10.44
N ALA A 73 -8.40 2.84 -9.89
CA ALA A 73 -8.14 4.27 -10.23
C ALA A 73 -7.76 4.35 -11.70
N ARG A 74 -6.99 3.39 -12.15
CA ARG A 74 -6.58 3.39 -13.59
C ARG A 74 -7.59 2.58 -14.39
N ASN A 75 -8.43 1.82 -13.72
CA ASN A 75 -9.46 1.02 -14.44
C ASN A 75 -10.80 1.77 -14.45
N SER A 76 -10.83 2.93 -13.83
CA SER A 76 -12.09 3.74 -13.79
C SER A 76 -13.07 3.13 -12.79
N GLU A 77 -12.59 2.64 -11.68
CA GLU A 77 -13.51 2.05 -10.68
C GLU A 77 -13.47 2.89 -9.40
N ILE A 78 -12.32 3.33 -9.01
CA ILE A 78 -12.23 4.18 -7.78
C ILE A 78 -11.42 5.45 -8.08
N LYS A 79 -11.37 6.35 -7.14
CA LYS A 79 -10.60 7.60 -7.33
C LYS A 79 -10.16 8.14 -5.96
N ILE A 80 -9.00 8.72 -5.87
CA ILE A 80 -8.56 9.24 -4.54
C ILE A 80 -9.51 10.30 -4.04
N THR A 81 -10.41 9.88 -3.23
CA THR A 81 -11.40 10.80 -2.63
C THR A 81 -10.89 11.25 -1.27
N SER A 82 -9.59 11.31 -1.12
CA SER A 82 -9.01 11.68 0.21
C SER A 82 -9.23 10.53 1.18
N ASP A 83 -10.45 10.12 1.37
CA ASP A 83 -10.74 8.99 2.29
C ASP A 83 -10.18 7.68 1.70
N LEU A 84 -10.25 7.51 0.41
CA LEU A 84 -9.69 6.27 -0.19
C LEU A 84 -8.21 6.24 0.13
N LEU A 85 -7.64 7.41 0.27
CA LEU A 85 -6.20 7.49 0.61
C LEU A 85 -6.06 7.27 2.12
N ASP A 86 -6.89 7.93 2.88
CA ASP A 86 -6.82 7.76 4.36
C ASP A 86 -6.71 6.27 4.73
N LYS A 87 -7.33 5.42 3.95
CA LYS A 87 -7.23 3.96 4.24
C LYS A 87 -5.97 3.42 3.60
N ILE A 88 -5.75 3.68 2.34
CA ILE A 88 -4.50 3.20 1.69
C ILE A 88 -3.32 3.74 2.49
N PHE A 89 -3.37 5.00 2.80
CA PHE A 89 -2.27 5.64 3.60
C PHE A 89 -2.23 5.00 4.98
N ALA A 90 -3.34 4.49 5.41
CA ALA A 90 -3.38 3.82 6.73
C ALA A 90 -2.72 2.45 6.58
N GLY A 91 -2.77 1.93 5.39
CA GLY A 91 -2.12 0.62 5.12
C GLY A 91 -0.61 0.85 5.12
N VAL A 92 -0.17 1.88 4.45
CA VAL A 92 1.28 2.19 4.43
C VAL A 92 1.71 2.60 5.83
N ASP A 93 0.77 3.01 6.64
CA ASP A 93 1.10 3.41 8.03
C ASP A 93 1.43 2.16 8.84
N MET A 94 0.65 1.12 8.69
CA MET A 94 0.97 -0.13 9.42
C MET A 94 2.18 -0.75 8.74
N ILE A 95 2.15 -0.79 7.43
CA ILE A 95 3.31 -1.33 6.68
C ILE A 95 4.60 -0.75 7.27
N THR A 96 4.58 0.52 7.59
CA THR A 96 5.79 1.14 8.20
C THR A 96 5.94 0.63 9.63
N ARG A 97 4.85 0.60 10.36
CA ARG A 97 4.92 0.11 11.76
C ARG A 97 5.55 -1.29 11.78
N MET A 98 5.01 -2.21 11.04
CA MET A 98 5.62 -3.57 11.03
C MET A 98 7.03 -3.45 10.47
N VAL A 99 7.24 -2.50 9.60
CA VAL A 99 8.60 -2.29 9.05
C VAL A 99 9.51 -1.76 10.16
N ASP A 100 8.98 -0.93 11.03
CA ASP A 100 9.80 -0.39 12.14
C ASP A 100 10.09 -1.52 13.13
N LYS A 101 9.17 -2.43 13.28
CA LYS A 101 9.40 -3.57 14.19
C LYS A 101 10.19 -4.61 13.42
N ILE A 102 9.88 -4.77 12.16
CA ILE A 102 10.62 -5.75 11.32
C ILE A 102 12.07 -5.32 11.31
N VAL A 103 12.27 -4.04 11.39
CA VAL A 103 13.65 -3.50 11.43
C VAL A 103 14.22 -3.68 12.84
N SER A 104 13.36 -3.60 13.82
CA SER A 104 13.82 -3.78 15.23
C SER A 104 13.90 -5.26 15.58
N GLU A 105 13.23 -6.08 14.85
CA GLU A 105 13.25 -7.54 15.15
C GLU A 105 13.07 -8.35 13.85
N GLY A 106 12.27 -7.86 12.95
CA GLY A 106 12.05 -8.61 11.67
C GLY A 106 10.65 -9.23 11.70
N SER A 107 9.78 -8.72 12.53
CA SER A 107 8.40 -9.28 12.60
C SER A 107 7.46 -8.36 11.85
N ASP A 108 6.73 -8.89 10.92
CA ASP A 108 5.77 -8.04 10.15
C ASP A 108 4.37 -8.26 10.73
N ASP A 109 4.30 -8.87 11.88
CA ASP A 109 2.97 -9.14 12.50
C ASP A 109 2.71 -8.15 13.65
N ILE A 110 1.96 -7.11 13.41
CA ILE A 110 1.67 -6.13 14.49
C ILE A 110 0.21 -6.25 14.94
N GLY A 111 -0.40 -7.37 14.69
CA GLY A 111 -1.81 -7.58 15.12
C GLY A 111 -2.76 -6.77 14.23
N GLU A 112 -2.24 -6.08 13.26
CA GLU A 112 -3.13 -5.27 12.37
C GLU A 112 -3.98 -6.19 11.48
N ASN A 113 -5.11 -5.72 11.05
CA ASN A 113 -6.00 -6.56 10.20
C ASN A 113 -5.66 -6.37 8.71
N ILE A 114 -5.62 -7.43 7.95
CA ILE A 114 -5.29 -7.29 6.51
C ILE A 114 -6.53 -7.61 5.67
N ASP A 115 -6.84 -8.87 5.48
CA ASP A 115 -8.05 -9.21 4.67
C ASP A 115 -9.20 -8.32 5.11
N VAL A 116 -9.13 -7.90 6.33
CA VAL A 116 -10.18 -7.01 6.87
C VAL A 116 -9.86 -5.58 6.47
N PHE A 117 -8.66 -5.16 6.73
CA PHE A 117 -8.25 -3.78 6.36
C PHE A 117 -8.33 -3.63 4.84
N SER A 118 -8.26 -4.74 4.13
CA SER A 118 -8.35 -4.68 2.66
C SER A 118 -9.80 -4.82 2.28
N ASP A 119 -10.48 -5.72 2.93
CA ASP A 119 -11.92 -5.92 2.65
C ASP A 119 -12.66 -4.67 3.06
N THR A 120 -12.13 -3.99 4.02
CA THR A 120 -12.73 -2.72 4.49
C THR A 120 -12.58 -1.70 3.38
N ILE A 121 -11.42 -1.65 2.82
CA ILE A 121 -11.14 -0.72 1.70
C ILE A 121 -11.80 -1.27 0.43
N LYS A 122 -11.72 -2.56 0.23
CA LYS A 122 -12.35 -3.17 -0.97
C LYS A 122 -13.85 -2.90 -0.91
N SER A 123 -14.40 -2.91 0.26
CA SER A 123 -15.85 -2.64 0.40
C SER A 123 -16.09 -1.14 0.36
N PHE A 124 -15.05 -0.40 0.57
CA PHE A 124 -15.17 1.09 0.55
C PHE A 124 -15.31 1.57 -0.89
N ALA A 125 -15.24 0.66 -1.82
CA ALA A 125 -15.36 1.05 -3.25
C ALA A 125 -16.48 0.25 -3.92
N SER A 126 -16.92 -0.82 -3.31
CA SER A 126 -18.01 -1.63 -3.92
C SER A 126 -19.33 -1.39 -3.19
N SER A 127 -19.40 -1.74 -1.93
CA SER A 127 -20.66 -1.52 -1.17
C SER A 127 -21.20 -0.11 -1.40
N GLY A 128 -22.15 0.03 -2.30
CA GLY A 128 -22.71 1.38 -2.58
C GLY A 128 -23.63 1.31 -3.79
N LYS A 129 -23.64 2.32 -4.62
CA LYS A 129 -24.52 2.30 -5.81
C LYS A 129 -25.97 2.12 -5.39
N GLU A 130 -26.88 2.06 -6.34
CA GLU A 130 -28.31 1.87 -5.98
C GLU A 130 -28.55 0.43 -5.51
N LYS A 131 -28.58 0.22 -4.23
CA LYS A 131 -28.82 -1.17 -3.71
C LYS A 131 -29.60 -1.11 -2.40
N LEU A 132 -29.97 -2.25 -1.87
CA LEU A 132 -30.74 -2.28 -0.59
C LEU A 132 -29.86 -1.82 0.57
N GLU A 133 -30.22 -0.74 1.22
CA GLU A 133 -29.39 -0.26 2.36
C GLU A 133 -30.27 0.49 3.37
N MET A 1 27.43 -11.86 6.90
CA MET A 1 28.06 -12.42 5.66
C MET A 1 26.98 -12.65 4.59
N MET A 2 25.81 -13.06 5.00
CA MET A 2 24.72 -13.31 4.01
C MET A 2 23.43 -12.65 4.47
N GLU A 3 23.51 -11.44 4.97
CA GLU A 3 22.28 -10.73 5.44
C GLU A 3 22.05 -9.47 4.64
N GLU A 4 22.93 -9.18 3.73
CA GLU A 4 22.77 -7.94 2.94
C GLU A 4 21.55 -8.03 2.03
N TYR A 5 20.94 -9.18 1.97
CA TYR A 5 19.74 -9.33 1.10
C TYR A 5 18.62 -8.45 1.63
N LEU A 6 18.45 -8.45 2.91
CA LEU A 6 17.39 -7.64 3.54
C LEU A 6 17.92 -6.23 3.79
N GLY A 7 19.21 -6.08 3.90
CA GLY A 7 19.80 -4.73 4.14
C GLY A 7 19.45 -3.81 2.98
N VAL A 8 19.63 -4.24 1.76
CA VAL A 8 19.30 -3.36 0.60
C VAL A 8 17.83 -3.50 0.25
N PHE A 9 17.23 -4.59 0.62
CA PHE A 9 15.79 -4.79 0.33
C PHE A 9 14.95 -3.94 1.29
N VAL A 10 15.51 -3.61 2.43
CA VAL A 10 14.76 -2.79 3.42
C VAL A 10 15.03 -1.30 3.15
N ASP A 11 16.21 -0.97 2.72
CA ASP A 11 16.51 0.46 2.44
C ASP A 11 15.75 0.92 1.20
N GLU A 12 15.36 -0.02 0.39
CA GLU A 12 14.60 0.31 -0.84
C GLU A 12 13.10 0.28 -0.55
N THR A 13 12.65 -0.67 0.24
CA THR A 13 11.20 -0.76 0.56
C THR A 13 10.72 0.53 1.24
N LYS A 14 11.57 1.13 2.03
CA LYS A 14 11.15 2.39 2.73
C LYS A 14 11.36 3.60 1.81
N GLU A 15 12.47 3.66 1.11
CA GLU A 15 12.71 4.81 0.22
C GLU A 15 11.66 4.81 -0.90
N TYR A 16 10.97 3.72 -1.04
CA TYR A 16 9.92 3.63 -2.09
C TYR A 16 8.57 4.08 -1.52
N LEU A 17 8.28 3.73 -0.30
CA LEU A 17 6.98 4.18 0.29
C LEU A 17 6.96 5.70 0.33
N GLN A 18 8.08 6.29 0.64
CA GLN A 18 8.17 7.77 0.66
C GLN A 18 8.08 8.25 -0.78
N ASN A 19 8.83 7.66 -1.62
CA ASN A 19 8.75 8.02 -3.05
C ASN A 19 7.34 7.68 -3.52
N LEU A 20 6.73 6.79 -2.81
CA LEU A 20 5.34 6.38 -3.13
C LEU A 20 4.38 7.26 -2.35
N ASN A 21 4.89 8.00 -1.41
CA ASN A 21 4.03 8.92 -0.65
C ASN A 21 4.12 10.23 -1.36
N ASP A 22 5.24 10.46 -1.96
CA ASP A 22 5.40 11.70 -2.73
C ASP A 22 4.45 11.63 -3.90
N THR A 23 4.31 10.43 -4.39
CA THR A 23 3.38 10.18 -5.51
C THR A 23 1.96 10.24 -4.98
N LEU A 24 1.74 9.65 -3.83
CA LEU A 24 0.39 9.69 -3.21
C LEU A 24 0.12 11.10 -2.73
N LEU A 25 1.16 11.81 -2.41
CA LEU A 25 0.96 13.22 -1.95
C LEU A 25 0.83 14.14 -3.14
N GLU A 26 1.23 13.67 -4.28
CA GLU A 26 1.06 14.47 -5.50
C GLU A 26 -0.23 13.98 -6.12
N LEU A 27 -0.53 12.75 -5.85
CA LEU A 27 -1.76 12.17 -6.36
C LEU A 27 -2.95 12.72 -5.57
N GLU A 28 -2.70 13.16 -4.37
CA GLU A 28 -3.81 13.75 -3.57
C GLU A 28 -4.11 15.13 -4.15
N LYS A 29 -3.09 15.84 -4.49
CA LYS A 29 -3.28 17.18 -5.11
C LYS A 29 -3.73 16.94 -6.55
N ASN A 30 -3.54 15.73 -6.99
CA ASN A 30 -3.94 15.34 -8.36
C ASN A 30 -4.34 13.88 -8.34
N PRO A 31 -5.50 13.68 -7.80
CA PRO A 31 -6.05 12.34 -7.62
C PRO A 31 -6.78 11.86 -8.87
N GLU A 32 -6.51 12.46 -10.00
CA GLU A 32 -7.17 12.04 -11.26
C GLU A 32 -6.12 11.86 -12.34
N ASP A 33 -4.88 12.10 -12.00
CA ASP A 33 -3.79 11.95 -12.98
C ASP A 33 -3.36 10.48 -13.05
N MET A 34 -3.47 9.87 -14.19
CA MET A 34 -3.08 8.43 -14.30
C MET A 34 -1.57 8.26 -14.12
N GLU A 35 -0.84 9.33 -13.99
CA GLU A 35 0.63 9.20 -13.81
C GLU A 35 0.93 8.86 -12.36
N LEU A 36 0.38 9.59 -11.42
CA LEU A 36 0.63 9.25 -10.01
C LEU A 36 -0.16 7.99 -9.68
N ILE A 37 -1.19 7.73 -10.44
CA ILE A 37 -1.99 6.50 -10.21
C ILE A 37 -1.23 5.30 -10.78
N ASN A 38 -0.50 5.50 -11.84
CA ASN A 38 0.26 4.36 -12.42
C ASN A 38 1.66 4.33 -11.82
N GLU A 39 2.11 5.43 -11.30
CA GLU A 39 3.46 5.47 -10.67
C GLU A 39 3.34 4.88 -9.27
N ALA A 40 2.17 4.93 -8.74
CA ALA A 40 1.93 4.37 -7.39
C ALA A 40 1.53 2.89 -7.53
N PHE A 41 0.61 2.58 -8.40
CA PHE A 41 0.21 1.17 -8.58
C PHE A 41 1.48 0.31 -8.75
N ARG A 42 2.41 0.77 -9.54
CA ARG A 42 3.68 0.00 -9.73
C ARG A 42 4.44 -0.08 -8.41
N ALA A 43 4.85 1.04 -7.88
CA ALA A 43 5.60 1.02 -6.58
C ALA A 43 4.97 0.03 -5.62
N LEU A 44 3.70 0.17 -5.35
CA LEU A 44 3.03 -0.78 -4.41
C LEU A 44 3.04 -2.18 -5.03
N HIS A 45 2.91 -2.27 -6.32
CA HIS A 45 2.93 -3.60 -6.98
C HIS A 45 4.34 -4.17 -6.87
N THR A 46 5.32 -3.32 -6.94
CA THR A 46 6.73 -3.79 -6.81
C THR A 46 7.06 -3.94 -5.32
N LEU A 47 6.43 -3.16 -4.49
CA LEU A 47 6.68 -3.25 -3.03
C LEU A 47 5.98 -4.48 -2.46
N LYS A 48 4.79 -4.78 -2.90
CA LYS A 48 4.07 -5.97 -2.38
C LYS A 48 4.74 -7.24 -2.93
N GLY A 49 5.37 -7.14 -4.08
CA GLY A 49 6.04 -8.33 -4.65
C GLY A 49 7.35 -8.62 -3.90
N MET A 50 8.08 -7.60 -3.54
CA MET A 50 9.35 -7.82 -2.80
C MET A 50 9.07 -8.17 -1.33
N ALA A 51 7.86 -7.94 -0.89
CA ALA A 51 7.52 -8.27 0.52
C ALA A 51 7.11 -9.74 0.61
N GLY A 52 6.63 -10.28 -0.48
CA GLY A 52 6.23 -11.70 -0.48
C GLY A 52 7.49 -12.56 -0.59
N THR A 53 8.52 -12.01 -1.18
CA THR A 53 9.79 -12.78 -1.31
C THR A 53 10.50 -12.81 0.04
N MET A 54 10.12 -11.95 0.91
CA MET A 54 10.75 -11.93 2.27
C MET A 54 9.92 -12.74 3.25
N GLY A 55 8.86 -13.33 2.77
CA GLY A 55 7.99 -14.14 3.67
C GLY A 55 7.05 -13.20 4.41
N PHE A 56 7.11 -11.92 4.13
CA PHE A 56 6.21 -10.95 4.83
C PHE A 56 5.02 -10.62 3.94
N SER A 57 4.29 -11.61 3.49
CA SER A 57 3.11 -11.33 2.62
C SER A 57 2.08 -10.52 3.40
N SER A 58 2.11 -10.66 4.69
CA SER A 58 1.16 -9.89 5.54
C SER A 58 1.38 -8.41 5.29
N MET A 59 2.61 -8.04 5.03
CA MET A 59 2.91 -6.62 4.75
C MET A 59 2.89 -6.41 3.23
N ALA A 60 3.03 -7.47 2.49
CA ALA A 60 3.01 -7.37 1.01
C ALA A 60 1.56 -7.27 0.55
N LYS A 61 0.65 -7.91 1.23
CA LYS A 61 -0.77 -7.83 0.83
C LYS A 61 -1.22 -6.39 1.08
N LEU A 62 -0.58 -5.74 2.00
CA LEU A 62 -0.92 -4.33 2.28
C LEU A 62 -0.50 -3.48 1.09
N CYS A 63 0.65 -3.76 0.56
CA CYS A 63 1.13 -2.99 -0.63
C CYS A 63 0.30 -3.36 -1.83
N HIS A 64 -0.24 -4.54 -1.85
CA HIS A 64 -1.10 -4.97 -2.98
C HIS A 64 -2.51 -4.42 -2.78
N THR A 65 -2.81 -4.05 -1.57
CA THR A 65 -4.15 -3.49 -1.27
C THR A 65 -4.23 -2.03 -1.72
N LEU A 66 -3.28 -1.23 -1.31
CA LEU A 66 -3.30 0.20 -1.74
C LEU A 66 -3.23 0.26 -3.26
N GLU A 67 -2.40 -0.56 -3.85
CA GLU A 67 -2.25 -0.58 -5.33
C GLU A 67 -3.57 -0.98 -5.99
N ASN A 68 -4.33 -1.79 -5.33
CA ASN A 68 -5.61 -2.21 -5.94
C ASN A 68 -6.45 -0.96 -6.19
N ILE A 69 -6.48 -0.08 -5.24
CA ILE A 69 -7.26 1.18 -5.41
C ILE A 69 -6.64 1.96 -6.53
N LEU A 70 -5.37 1.87 -6.61
CA LEU A 70 -4.64 2.57 -7.70
C LEU A 70 -4.87 1.82 -8.99
N ASP A 71 -5.32 0.61 -8.89
CA ASP A 71 -5.59 -0.17 -10.13
C ASP A 71 -7.03 0.11 -10.57
N LYS A 72 -7.94 0.18 -9.64
CA LYS A 72 -9.33 0.51 -10.04
C LYS A 72 -9.35 2.02 -10.27
N ALA A 73 -8.49 2.72 -9.59
CA ALA A 73 -8.38 4.18 -9.79
C ALA A 73 -8.04 4.45 -11.24
N ARG A 74 -7.19 3.63 -11.81
CA ARG A 74 -6.81 3.82 -13.23
C ARG A 74 -7.78 3.02 -14.11
N ASN A 75 -8.48 2.09 -13.52
CA ASN A 75 -9.46 1.29 -14.30
C ASN A 75 -10.82 2.01 -14.31
N SER A 76 -10.89 3.15 -13.67
CA SER A 76 -12.16 3.93 -13.63
C SER A 76 -13.16 3.30 -12.64
N GLU A 77 -12.69 2.62 -11.63
CA GLU A 77 -13.64 2.02 -10.64
C GLU A 77 -13.66 2.88 -9.39
N ILE A 78 -12.56 3.49 -9.08
CA ILE A 78 -12.49 4.35 -7.88
C ILE A 78 -11.48 5.48 -8.07
N LYS A 79 -11.06 6.10 -7.01
CA LYS A 79 -10.06 7.21 -7.12
C LYS A 79 -9.61 7.67 -5.74
N ILE A 80 -8.92 8.76 -5.70
CA ILE A 80 -8.45 9.29 -4.40
C ILE A 80 -9.40 10.37 -3.90
N THR A 81 -10.39 9.94 -3.21
CA THR A 81 -11.41 10.87 -2.66
C THR A 81 -11.05 11.27 -1.23
N SER A 82 -9.79 11.15 -0.88
CA SER A 82 -9.36 11.48 0.51
C SER A 82 -9.81 10.38 1.48
N ASP A 83 -10.58 9.44 0.99
CA ASP A 83 -11.05 8.32 1.84
C ASP A 83 -10.33 7.06 1.39
N LEU A 84 -10.27 6.84 0.10
CA LEU A 84 -9.54 5.65 -0.40
C LEU A 84 -8.09 5.80 0.05
N LEU A 85 -7.64 7.02 0.14
CA LEU A 85 -6.26 7.29 0.62
C LEU A 85 -6.22 7.03 2.12
N ASP A 86 -7.13 7.63 2.83
CA ASP A 86 -7.17 7.43 4.31
C ASP A 86 -6.91 5.97 4.66
N LYS A 87 -7.45 5.07 3.88
CA LYS A 87 -7.21 3.62 4.16
C LYS A 87 -5.88 3.20 3.56
N ILE A 88 -5.60 3.62 2.36
CA ILE A 88 -4.30 3.25 1.74
C ILE A 88 -3.18 3.85 2.60
N PHE A 89 -3.32 5.10 2.94
CA PHE A 89 -2.30 5.76 3.80
C PHE A 89 -2.33 5.13 5.19
N ALA A 90 -3.43 4.53 5.52
CA ALA A 90 -3.54 3.86 6.83
C ALA A 90 -2.86 2.50 6.72
N GLY A 91 -2.87 1.95 5.53
CA GLY A 91 -2.19 0.67 5.30
C GLY A 91 -0.68 0.94 5.30
N VAL A 92 -0.29 2.02 4.69
CA VAL A 92 1.16 2.38 4.66
C VAL A 92 1.58 2.84 6.06
N ASP A 93 0.63 3.16 6.90
CA ASP A 93 0.96 3.60 8.29
C ASP A 93 1.31 2.39 9.14
N MET A 94 0.49 1.38 9.12
CA MET A 94 0.82 0.16 9.91
C MET A 94 1.91 -0.58 9.16
N ILE A 95 1.94 -0.42 7.86
CA ILE A 95 3.00 -1.08 7.05
C ILE A 95 4.35 -0.55 7.54
N THR A 96 4.42 0.72 7.83
CA THR A 96 5.68 1.29 8.34
C THR A 96 5.90 0.79 9.77
N ARG A 97 4.86 0.79 10.56
CA ARG A 97 5.00 0.30 11.97
C ARG A 97 5.44 -1.18 11.97
N MET A 98 4.80 -2.02 11.20
CA MET A 98 5.22 -3.45 11.16
C MET A 98 6.59 -3.53 10.50
N VAL A 99 6.94 -2.53 9.74
CA VAL A 99 8.26 -2.51 9.08
C VAL A 99 9.30 -1.97 10.06
N ASP A 100 8.90 -1.08 10.93
CA ASP A 100 9.85 -0.53 11.93
C ASP A 100 10.15 -1.59 12.98
N LYS A 101 9.15 -2.34 13.36
CA LYS A 101 9.39 -3.41 14.36
C LYS A 101 10.06 -4.58 13.63
N ILE A 102 9.75 -4.74 12.38
CA ILE A 102 10.36 -5.83 11.59
C ILE A 102 11.84 -5.54 11.50
N VAL A 103 12.17 -4.29 11.43
CA VAL A 103 13.60 -3.88 11.37
C VAL A 103 14.15 -3.92 12.80
N SER A 104 13.29 -3.76 13.76
CA SER A 104 13.72 -3.77 15.19
C SER A 104 13.70 -5.19 15.75
N GLU A 105 12.89 -6.02 15.16
CA GLU A 105 12.77 -7.43 15.66
C GLU A 105 12.64 -8.38 14.47
N GLY A 106 11.94 -7.98 13.44
CA GLY A 106 11.77 -8.89 12.27
C GLY A 106 10.35 -9.45 12.28
N SER A 107 9.44 -8.79 12.93
CA SER A 107 8.04 -9.29 12.97
C SER A 107 7.10 -8.27 12.36
N ASP A 108 6.33 -8.68 11.39
CA ASP A 108 5.37 -7.75 10.76
C ASP A 108 4.03 -7.87 11.48
N ASP A 109 4.01 -8.56 12.59
CA ASP A 109 2.73 -8.73 13.33
C ASP A 109 2.47 -7.54 14.27
N ILE A 110 1.88 -6.49 13.76
CA ILE A 110 1.57 -5.31 14.63
C ILE A 110 0.08 -5.29 14.95
N GLY A 111 -0.58 -6.40 14.79
CA GLY A 111 -2.05 -6.46 15.07
C GLY A 111 -2.81 -5.94 13.85
N GLU A 112 -2.11 -5.53 12.83
CA GLU A 112 -2.80 -5.01 11.62
C GLU A 112 -3.92 -5.95 11.16
N ASN A 113 -4.74 -5.49 10.26
CA ASN A 113 -5.88 -6.32 9.76
C ASN A 113 -5.95 -6.23 8.24
N ILE A 114 -5.27 -7.11 7.54
CA ILE A 114 -5.30 -7.05 6.04
C ILE A 114 -6.67 -7.46 5.51
N ASP A 115 -7.03 -8.72 5.66
CA ASP A 115 -8.36 -9.16 5.15
C ASP A 115 -9.41 -8.10 5.49
N VAL A 116 -9.17 -7.39 6.54
CA VAL A 116 -10.12 -6.33 6.97
C VAL A 116 -9.77 -4.98 6.35
N PHE A 117 -8.54 -4.57 6.49
CA PHE A 117 -8.15 -3.25 5.90
C PHE A 117 -8.36 -3.25 4.40
N SER A 118 -8.36 -4.41 3.80
CA SER A 118 -8.57 -4.48 2.35
C SER A 118 -10.05 -4.65 2.09
N ASP A 119 -10.68 -5.44 2.89
CA ASP A 119 -12.15 -5.66 2.73
C ASP A 119 -12.88 -4.37 3.08
N THR A 120 -12.33 -3.64 3.99
CA THR A 120 -12.94 -2.35 4.38
C THR A 120 -12.83 -1.41 3.19
N ILE A 121 -11.67 -1.38 2.63
CA ILE A 121 -11.42 -0.52 1.44
C ILE A 121 -12.12 -1.15 0.23
N LYS A 122 -12.02 -2.43 0.07
CA LYS A 122 -12.69 -3.08 -1.08
C LYS A 122 -14.20 -2.93 -0.92
N SER A 123 -14.65 -2.94 0.31
CA SER A 123 -16.09 -2.76 0.57
C SER A 123 -16.44 -1.29 0.39
N PHE A 124 -15.44 -0.46 0.32
CA PHE A 124 -15.69 1.00 0.12
C PHE A 124 -16.15 1.26 -1.31
N ALA A 125 -16.20 0.23 -2.11
CA ALA A 125 -16.64 0.41 -3.52
C ALA A 125 -17.81 -0.54 -3.83
N SER A 126 -18.93 -0.01 -4.21
CA SER A 126 -20.10 -0.87 -4.52
C SER A 126 -21.14 -0.10 -5.34
N SER A 127 -21.53 1.05 -4.89
CA SER A 127 -22.54 1.85 -5.64
C SER A 127 -22.53 3.31 -5.17
N GLY A 128 -21.96 4.20 -5.94
CA GLY A 128 -21.93 5.63 -5.53
C GLY A 128 -22.30 6.51 -6.73
N LYS A 129 -22.49 7.78 -6.49
CA LYS A 129 -22.86 8.70 -7.61
C LYS A 129 -21.67 9.58 -8.00
N GLU A 130 -20.51 9.00 -8.12
CA GLU A 130 -19.31 9.83 -8.50
C GLU A 130 -19.15 11.00 -7.52
N LYS A 131 -19.66 10.85 -6.33
CA LYS A 131 -19.54 11.95 -5.33
C LYS A 131 -19.95 13.28 -5.96
N LEU A 132 -19.75 14.37 -5.28
CA LEU A 132 -20.14 15.69 -5.85
C LEU A 132 -19.28 16.80 -5.25
N GLU A 133 -19.33 17.98 -5.83
CA GLU A 133 -18.51 19.10 -5.29
C GLU A 133 -19.19 20.45 -5.58
N MET A 1 25.87 -17.25 5.16
CA MET A 1 24.69 -16.37 5.41
C MET A 1 25.14 -14.99 5.88
N MET A 2 25.00 -14.00 5.04
CA MET A 2 25.42 -12.62 5.44
C MET A 2 24.20 -11.80 5.88
N GLU A 3 24.34 -10.50 5.92
CA GLU A 3 23.18 -9.65 6.35
C GLU A 3 22.96 -8.52 5.35
N GLU A 4 23.82 -8.39 4.40
CA GLU A 4 23.66 -7.28 3.43
C GLU A 4 22.49 -7.56 2.49
N TYR A 5 21.90 -8.70 2.61
CA TYR A 5 20.74 -9.03 1.72
C TYR A 5 19.53 -8.19 2.11
N LEU A 6 19.29 -8.08 3.37
CA LEU A 6 18.13 -7.26 3.85
C LEU A 6 18.57 -5.81 4.01
N GLY A 7 19.85 -5.57 4.11
CA GLY A 7 20.34 -4.17 4.26
C GLY A 7 19.95 -3.37 3.02
N VAL A 8 20.11 -3.94 1.86
CA VAL A 8 19.74 -3.20 0.62
C VAL A 8 18.28 -3.44 0.27
N PHE A 9 17.76 -4.54 0.68
CA PHE A 9 16.33 -4.85 0.41
C PHE A 9 15.44 -4.01 1.34
N VAL A 10 15.93 -3.68 2.50
CA VAL A 10 15.13 -2.87 3.44
C VAL A 10 15.38 -1.37 3.19
N ASP A 11 16.51 -1.04 2.62
CA ASP A 11 16.80 0.39 2.35
C ASP A 11 16.06 0.83 1.10
N GLU A 12 15.73 -0.10 0.27
CA GLU A 12 14.98 0.21 -0.98
C GLU A 12 13.47 0.11 -0.73
N THR A 13 13.07 -0.77 0.15
CA THR A 13 11.61 -0.92 0.43
C THR A 13 11.09 0.35 1.11
N LYS A 14 11.89 0.96 1.95
CA LYS A 14 11.44 2.21 2.63
C LYS A 14 11.64 3.40 1.69
N GLU A 15 12.72 3.41 0.94
CA GLU A 15 12.95 4.54 0.01
C GLU A 15 11.86 4.54 -1.05
N TYR A 16 11.16 3.46 -1.17
CA TYR A 16 10.07 3.36 -2.17
C TYR A 16 8.75 3.81 -1.55
N LEU A 17 8.51 3.47 -0.31
CA LEU A 17 7.25 3.93 0.33
C LEU A 17 7.19 5.44 0.29
N GLN A 18 8.30 6.08 0.54
CA GLN A 18 8.33 7.56 0.47
C GLN A 18 8.15 7.95 -0.98
N ASN A 19 8.86 7.30 -1.83
CA ASN A 19 8.71 7.57 -3.28
C ASN A 19 7.28 7.24 -3.63
N LEU A 20 6.69 6.39 -2.84
CA LEU A 20 5.28 5.99 -3.06
C LEU A 20 4.37 6.91 -2.26
N ASN A 21 4.93 7.65 -1.36
CA ASN A 21 4.12 8.60 -0.59
C ASN A 21 4.20 9.90 -1.33
N ASP A 22 5.31 10.11 -1.96
CA ASP A 22 5.46 11.35 -2.74
C ASP A 22 4.56 11.24 -3.94
N THR A 23 4.36 10.05 -4.38
CA THR A 23 3.45 9.78 -5.52
C THR A 23 2.02 9.85 -5.03
N LEU A 24 1.78 9.30 -3.88
CA LEU A 24 0.41 9.32 -3.30
C LEU A 24 0.16 10.70 -2.73
N LEU A 25 1.20 11.39 -2.36
CA LEU A 25 1.01 12.76 -1.79
C LEU A 25 0.80 13.76 -2.91
N GLU A 26 1.20 13.39 -4.07
CA GLU A 26 0.97 14.27 -5.22
C GLU A 26 -0.35 13.82 -5.81
N LEU A 27 -0.65 12.59 -5.56
CA LEU A 27 -1.91 12.02 -6.03
C LEU A 27 -3.05 12.71 -5.29
N GLU A 28 -2.83 13.10 -4.06
CA GLU A 28 -3.90 13.82 -3.31
C GLU A 28 -4.08 15.19 -3.96
N LYS A 29 -2.99 15.79 -4.35
CA LYS A 29 -3.09 17.12 -5.03
C LYS A 29 -3.68 16.90 -6.42
N ASN A 30 -3.58 15.69 -6.87
CA ASN A 30 -4.12 15.33 -8.21
C ASN A 30 -4.52 13.88 -8.19
N PRO A 31 -5.64 13.67 -7.57
CA PRO A 31 -6.19 12.31 -7.40
C PRO A 31 -7.01 11.89 -8.62
N GLU A 32 -6.71 12.43 -9.77
CA GLU A 32 -7.46 12.05 -10.99
C GLU A 32 -6.47 11.87 -12.14
N ASP A 33 -5.20 11.98 -11.85
CA ASP A 33 -4.17 11.81 -12.90
C ASP A 33 -3.67 10.36 -12.92
N MET A 34 -3.69 9.73 -14.06
CA MET A 34 -3.23 8.32 -14.12
C MET A 34 -1.72 8.23 -13.90
N GLU A 35 -1.05 9.33 -13.73
CA GLU A 35 0.41 9.27 -13.49
C GLU A 35 0.66 8.89 -12.04
N LEU A 36 0.19 9.68 -11.12
CA LEU A 36 0.40 9.33 -9.69
C LEU A 36 -0.37 8.04 -9.40
N ILE A 37 -1.30 7.69 -10.24
CA ILE A 37 -2.06 6.45 -10.02
C ILE A 37 -1.24 5.27 -10.55
N ASN A 38 -0.47 5.48 -11.59
CA ASN A 38 0.38 4.38 -12.11
C ASN A 38 1.74 4.41 -11.42
N GLU A 39 2.10 5.55 -10.92
CA GLU A 39 3.40 5.67 -10.21
C GLU A 39 3.26 5.05 -8.83
N ALA A 40 2.07 5.06 -8.33
CA ALA A 40 1.80 4.46 -7.00
C ALA A 40 1.43 2.99 -7.18
N PHE A 41 0.55 2.69 -8.10
CA PHE A 41 0.17 1.26 -8.32
C PHE A 41 1.44 0.43 -8.53
N ARG A 42 2.35 0.91 -9.35
CA ARG A 42 3.62 0.15 -9.59
C ARG A 42 4.46 0.08 -8.31
N ALA A 43 4.67 1.19 -7.64
CA ALA A 43 5.49 1.17 -6.39
C ALA A 43 4.94 0.11 -5.43
N LEU A 44 3.69 0.22 -5.07
CA LEU A 44 3.10 -0.80 -4.15
C LEU A 44 3.19 -2.18 -4.79
N HIS A 45 2.93 -2.25 -6.08
CA HIS A 45 3.02 -3.55 -6.78
C HIS A 45 4.46 -4.04 -6.71
N THR A 46 5.39 -3.11 -6.74
CA THR A 46 6.82 -3.48 -6.65
C THR A 46 7.18 -3.75 -5.18
N LEU A 47 6.73 -2.89 -4.30
CA LEU A 47 7.01 -3.08 -2.86
C LEU A 47 6.25 -4.31 -2.35
N LYS A 48 5.05 -4.51 -2.81
CA LYS A 48 4.26 -5.69 -2.37
C LYS A 48 5.02 -6.97 -2.73
N GLY A 49 5.61 -7.01 -3.89
CA GLY A 49 6.37 -8.24 -4.30
C GLY A 49 7.58 -8.43 -3.40
N MET A 50 8.40 -7.42 -3.27
CA MET A 50 9.60 -7.55 -2.41
C MET A 50 9.22 -7.91 -0.97
N ALA A 51 8.04 -7.53 -0.55
CA ALA A 51 7.63 -7.86 0.85
C ALA A 51 6.93 -9.22 0.89
N GLY A 52 6.72 -9.82 -0.25
CA GLY A 52 6.04 -11.14 -0.27
C GLY A 52 7.05 -12.27 -0.07
N THR A 53 8.04 -12.05 0.76
CA THR A 53 9.05 -13.12 1.00
C THR A 53 10.10 -12.61 1.99
N MET A 54 10.50 -11.41 1.80
CA MET A 54 11.51 -10.81 2.71
C MET A 54 10.85 -9.73 3.55
N GLY A 55 9.66 -9.36 3.18
CA GLY A 55 8.92 -8.33 3.95
C GLY A 55 7.66 -8.98 4.50
N PHE A 56 7.55 -10.27 4.30
CA PHE A 56 6.34 -11.01 4.78
C PHE A 56 5.15 -10.70 3.89
N SER A 57 4.65 -11.69 3.19
CA SER A 57 3.48 -11.44 2.30
C SER A 57 2.31 -10.93 3.11
N SER A 58 2.39 -11.07 4.41
CA SER A 58 1.28 -10.57 5.25
C SER A 58 1.19 -9.07 5.09
N MET A 59 2.33 -8.42 5.03
CA MET A 59 2.33 -6.96 4.84
C MET A 59 2.33 -6.62 3.35
N ALA A 60 2.66 -7.59 2.53
CA ALA A 60 2.67 -7.32 1.06
C ALA A 60 1.24 -7.31 0.53
N LYS A 61 0.41 -8.18 1.04
CA LYS A 61 -1.00 -8.19 0.59
C LYS A 61 -1.58 -6.82 0.86
N LEU A 62 -1.15 -6.25 1.94
CA LEU A 62 -1.61 -4.89 2.30
C LEU A 62 -1.12 -3.90 1.24
N CYS A 63 0.06 -4.14 0.71
CA CYS A 63 0.59 -3.23 -0.34
C CYS A 63 -0.19 -3.44 -1.63
N HIS A 64 -0.49 -4.67 -1.96
CA HIS A 64 -1.26 -4.92 -3.20
C HIS A 64 -2.66 -4.34 -3.05
N THR A 65 -3.14 -4.25 -1.83
CA THR A 65 -4.49 -3.69 -1.59
C THR A 65 -4.46 -2.18 -1.88
N LEU A 66 -3.50 -1.47 -1.37
CA LEU A 66 -3.43 0.00 -1.66
C LEU A 66 -3.33 0.18 -3.17
N GLU A 67 -2.49 -0.60 -3.80
CA GLU A 67 -2.33 -0.51 -5.28
C GLU A 67 -3.59 -0.96 -6.00
N ASN A 68 -4.39 -1.75 -5.36
CA ASN A 68 -5.64 -2.18 -6.03
C ASN A 68 -6.47 -0.95 -6.32
N ILE A 69 -6.59 -0.11 -5.34
CA ILE A 69 -7.36 1.14 -5.51
C ILE A 69 -6.73 1.93 -6.64
N LEU A 70 -5.45 1.91 -6.66
CA LEU A 70 -4.73 2.61 -7.76
C LEU A 70 -4.99 1.86 -9.04
N ASP A 71 -5.46 0.64 -8.90
CA ASP A 71 -5.78 -0.14 -10.10
C ASP A 71 -7.14 0.31 -10.62
N LYS A 72 -8.15 0.28 -9.79
CA LYS A 72 -9.46 0.77 -10.25
C LYS A 72 -9.32 2.24 -10.62
N ALA A 73 -8.49 2.93 -9.90
CA ALA A 73 -8.24 4.35 -10.20
C ALA A 73 -7.74 4.42 -11.63
N ARG A 74 -7.02 3.40 -12.03
CA ARG A 74 -6.51 3.35 -13.43
C ARG A 74 -7.55 2.62 -14.29
N ASN A 75 -8.39 1.84 -13.66
CA ASN A 75 -9.45 1.12 -14.42
C ASN A 75 -10.70 2.00 -14.52
N SER A 76 -10.69 3.13 -13.85
CA SER A 76 -11.86 4.07 -13.90
C SER A 76 -13.00 3.60 -12.99
N GLU A 77 -12.70 2.91 -11.92
CA GLU A 77 -13.80 2.47 -11.02
C GLU A 77 -13.78 3.30 -9.74
N ILE A 78 -12.62 3.70 -9.32
CA ILE A 78 -12.51 4.54 -8.09
C ILE A 78 -11.40 5.57 -8.25
N LYS A 79 -10.98 6.16 -7.17
CA LYS A 79 -9.88 7.17 -7.24
C LYS A 79 -9.47 7.60 -5.83
N ILE A 80 -8.81 8.71 -5.72
CA ILE A 80 -8.38 9.19 -4.39
C ILE A 80 -9.28 10.32 -3.94
N THR A 81 -10.35 9.97 -3.33
CA THR A 81 -11.33 10.99 -2.85
C THR A 81 -10.89 11.55 -1.50
N SER A 82 -9.63 11.45 -1.17
CA SER A 82 -9.14 11.96 0.16
C SER A 82 -9.59 11.00 1.27
N ASP A 83 -10.40 10.04 0.94
CA ASP A 83 -10.86 9.05 1.95
C ASP A 83 -10.35 7.68 1.55
N LEU A 84 -10.52 7.33 0.30
CA LEU A 84 -10.01 6.02 -0.16
C LEU A 84 -8.50 6.02 -0.02
N LEU A 85 -7.91 7.18 -0.23
CA LEU A 85 -6.43 7.28 -0.08
C LEU A 85 -6.09 7.41 1.41
N ASP A 86 -6.92 8.09 2.16
CA ASP A 86 -6.66 8.24 3.62
C ASP A 86 -6.66 6.87 4.29
N LYS A 87 -7.34 5.92 3.71
CA LYS A 87 -7.35 4.54 4.29
C LYS A 87 -6.15 3.80 3.74
N ILE A 88 -5.94 3.90 2.47
CA ILE A 88 -4.77 3.24 1.86
C ILE A 88 -3.51 3.88 2.46
N PHE A 89 -3.57 5.15 2.74
CA PHE A 89 -2.40 5.84 3.35
C PHE A 89 -2.28 5.42 4.81
N ALA A 90 -3.36 4.99 5.38
CA ALA A 90 -3.33 4.51 6.78
C ALA A 90 -2.73 3.12 6.74
N GLY A 91 -3.05 2.38 5.71
CA GLY A 91 -2.47 1.02 5.55
C GLY A 91 -0.97 1.20 5.31
N VAL A 92 -0.62 2.15 4.48
CA VAL A 92 0.82 2.42 4.23
C VAL A 92 1.45 2.84 5.56
N ASP A 93 0.64 3.34 6.45
CA ASP A 93 1.14 3.77 7.78
C ASP A 93 1.30 2.53 8.66
N MET A 94 0.59 1.50 8.34
CA MET A 94 0.72 0.24 9.14
C MET A 94 1.96 -0.51 8.67
N ILE A 95 2.09 -0.74 7.39
CA ILE A 95 3.30 -1.43 6.89
C ILE A 95 4.53 -0.70 7.40
N THR A 96 4.47 0.60 7.48
CA THR A 96 5.62 1.37 8.00
C THR A 96 5.81 0.94 9.45
N ARG A 97 4.73 0.81 10.17
CA ARG A 97 4.82 0.34 11.58
C ARG A 97 5.16 -1.15 11.59
N MET A 98 4.68 -1.89 10.61
CA MET A 98 4.99 -3.33 10.54
C MET A 98 6.44 -3.49 10.15
N VAL A 99 6.91 -2.59 9.33
CA VAL A 99 8.33 -2.65 8.90
C VAL A 99 9.22 -2.06 10.00
N ASP A 100 8.75 -1.04 10.67
CA ASP A 100 9.57 -0.44 11.76
C ASP A 100 9.74 -1.50 12.84
N LYS A 101 8.74 -2.31 13.02
CA LYS A 101 8.83 -3.40 14.02
C LYS A 101 9.67 -4.53 13.40
N ILE A 102 9.79 -4.52 12.10
CA ILE A 102 10.61 -5.56 11.42
C ILE A 102 12.08 -5.23 11.69
N VAL A 103 12.45 -4.00 11.45
CA VAL A 103 13.85 -3.59 11.72
C VAL A 103 14.09 -3.77 13.23
N SER A 104 13.04 -3.62 13.99
CA SER A 104 13.15 -3.80 15.47
C SER A 104 13.10 -5.28 15.83
N GLU A 105 12.08 -5.94 15.43
CA GLU A 105 11.94 -7.39 15.74
C GLU A 105 12.14 -8.23 14.47
N GLY A 106 11.62 -7.75 13.37
CA GLY A 106 11.76 -8.50 12.09
C GLY A 106 10.42 -9.12 11.69
N SER A 107 9.34 -8.56 12.16
CA SER A 107 8.00 -9.12 11.80
C SER A 107 7.07 -8.05 11.22
N ASP A 108 6.56 -8.29 10.05
CA ASP A 108 5.63 -7.31 9.43
C ASP A 108 4.22 -7.52 10.00
N ASP A 109 4.09 -8.43 10.93
CA ASP A 109 2.74 -8.69 11.52
C ASP A 109 2.53 -7.87 12.79
N ILE A 110 1.63 -6.92 12.75
CA ILE A 110 1.35 -6.10 13.96
C ILE A 110 -0.11 -6.25 14.36
N GLY A 111 -0.66 -7.42 14.20
CA GLY A 111 -2.10 -7.63 14.55
C GLY A 111 -2.97 -7.12 13.40
N GLU A 112 -2.35 -6.54 12.40
CA GLU A 112 -3.13 -6.01 11.25
C GLU A 112 -4.25 -6.98 10.83
N ASN A 113 -5.13 -6.51 9.99
CA ASN A 113 -6.25 -7.38 9.51
C ASN A 113 -6.38 -7.23 8.00
N ILE A 114 -5.47 -7.80 7.26
CA ILE A 114 -5.51 -7.67 5.77
C ILE A 114 -6.87 -8.05 5.21
N ASP A 115 -7.24 -9.30 5.28
CA ASP A 115 -8.57 -9.70 4.72
C ASP A 115 -9.62 -8.67 5.11
N VAL A 116 -9.40 -8.03 6.21
CA VAL A 116 -10.36 -6.99 6.69
C VAL A 116 -9.97 -5.61 6.17
N PHE A 117 -8.75 -5.24 6.38
CA PHE A 117 -8.28 -3.90 5.91
C PHE A 117 -8.42 -3.79 4.39
N SER A 118 -8.47 -4.91 3.72
CA SER A 118 -8.63 -4.88 2.25
C SER A 118 -10.10 -4.88 1.94
N ASP A 119 -10.84 -5.65 2.68
CA ASP A 119 -12.31 -5.71 2.48
C ASP A 119 -12.92 -4.42 3.00
N THR A 120 -12.35 -3.92 4.05
CA THR A 120 -12.82 -2.64 4.62
C THR A 120 -12.66 -1.57 3.56
N ILE A 121 -11.55 -1.62 2.89
CA ILE A 121 -11.27 -0.67 1.80
C ILE A 121 -12.04 -1.09 0.54
N LYS A 122 -12.02 -2.36 0.22
CA LYS A 122 -12.76 -2.84 -0.97
C LYS A 122 -14.25 -2.62 -0.76
N SER A 123 -14.68 -2.71 0.46
CA SER A 123 -16.11 -2.48 0.75
C SER A 123 -16.35 -0.99 0.97
N PHE A 124 -15.30 -0.25 1.05
CA PHE A 124 -15.44 1.22 1.24
C PHE A 124 -15.91 1.85 -0.06
N ALA A 125 -16.01 1.07 -1.09
CA ALA A 125 -16.47 1.61 -2.40
C ALA A 125 -16.58 0.49 -3.44
N SER A 126 -17.12 -0.63 -3.04
CA SER A 126 -17.25 -1.77 -4.01
C SER A 126 -18.13 -1.34 -5.20
N SER A 127 -18.28 -2.19 -6.16
CA SER A 127 -19.13 -1.84 -7.34
C SER A 127 -20.48 -2.56 -7.27
N GLY A 128 -21.31 -2.21 -6.32
CA GLY A 128 -22.63 -2.87 -6.20
C GLY A 128 -23.74 -1.81 -6.16
N LYS A 129 -23.38 -0.56 -6.30
CA LYS A 129 -24.42 0.51 -6.27
C LYS A 129 -24.13 1.58 -7.32
N GLU A 130 -23.53 1.20 -8.42
CA GLU A 130 -23.22 2.20 -9.48
C GLU A 130 -24.52 2.82 -10.00
N LYS A 131 -24.42 3.94 -10.68
CA LYS A 131 -25.65 4.60 -11.21
C LYS A 131 -26.18 3.84 -12.43
N LEU A 132 -26.56 2.60 -12.24
CA LEU A 132 -27.09 1.80 -13.39
C LEU A 132 -28.50 2.29 -13.78
N GLU A 133 -29.04 3.20 -13.02
CA GLU A 133 -30.39 3.73 -13.34
C GLU A 133 -30.38 4.45 -14.70
N MET A 1 24.23 -17.35 8.11
CA MET A 1 24.05 -17.46 6.63
C MET A 1 24.05 -16.06 6.00
N MET A 2 22.93 -15.38 6.02
CA MET A 2 22.88 -14.02 5.42
C MET A 2 21.97 -13.12 6.25
N GLU A 3 22.09 -11.82 6.11
CA GLU A 3 21.23 -10.91 6.90
C GLU A 3 21.30 -9.49 6.34
N GLU A 4 22.44 -9.11 5.89
CA GLU A 4 22.61 -7.74 5.35
C GLU A 4 21.82 -7.56 4.06
N TYR A 5 21.34 -8.64 3.50
CA TYR A 5 20.54 -8.54 2.25
C TYR A 5 19.15 -8.02 2.57
N LEU A 6 18.76 -8.13 3.80
CA LEU A 6 17.42 -7.62 4.22
C LEU A 6 17.56 -6.17 4.67
N GLY A 7 18.53 -5.89 5.49
CA GLY A 7 18.72 -4.50 5.96
C GLY A 7 18.64 -3.55 4.76
N VAL A 8 19.22 -3.92 3.66
CA VAL A 8 19.16 -3.05 2.46
C VAL A 8 17.82 -3.21 1.76
N PHE A 9 17.30 -4.40 1.79
CA PHE A 9 15.97 -4.65 1.15
C PHE A 9 14.90 -3.86 1.90
N VAL A 10 15.01 -3.79 3.19
CA VAL A 10 14.00 -3.01 3.99
C VAL A 10 14.26 -1.51 3.82
N ASP A 11 15.50 -1.12 3.69
CA ASP A 11 15.80 0.34 3.51
C ASP A 11 15.34 0.77 2.12
N GLU A 12 15.20 -0.18 1.25
CA GLU A 12 14.75 0.15 -0.14
C GLU A 12 13.22 0.14 -0.17
N THR A 13 12.60 -0.74 0.57
CA THR A 13 11.12 -0.80 0.59
C THR A 13 10.56 0.51 1.17
N LYS A 14 11.22 1.05 2.16
CA LYS A 14 10.73 2.32 2.76
C LYS A 14 10.98 3.46 1.78
N GLU A 15 12.15 3.52 1.21
CA GLU A 15 12.44 4.59 0.23
C GLU A 15 11.44 4.49 -0.92
N TYR A 16 10.81 3.37 -1.04
CA TYR A 16 9.80 3.18 -2.12
C TYR A 16 8.43 3.63 -1.60
N LEU A 17 8.27 3.67 -0.29
CA LEU A 17 6.99 4.13 0.29
C LEU A 17 7.03 5.65 0.27
N GLN A 18 8.21 6.17 0.48
CA GLN A 18 8.41 7.64 0.44
C GLN A 18 8.22 8.05 -1.01
N ASN A 19 8.86 7.32 -1.86
CA ASN A 19 8.76 7.59 -3.30
C ASN A 19 7.32 7.34 -3.71
N LEU A 20 6.66 6.50 -2.97
CA LEU A 20 5.24 6.20 -3.24
C LEU A 20 4.38 7.18 -2.45
N ASN A 21 5.00 7.96 -1.61
CA ASN A 21 4.25 8.96 -0.85
C ASN A 21 4.31 10.24 -1.64
N ASP A 22 5.39 10.38 -2.35
CA ASP A 22 5.55 11.57 -3.19
C ASP A 22 4.60 11.43 -4.35
N THR A 23 4.41 10.22 -4.74
CA THR A 23 3.47 9.90 -5.84
C THR A 23 2.05 9.91 -5.29
N LEU A 24 1.91 9.44 -4.08
CA LEU A 24 0.56 9.40 -3.44
C LEU A 24 0.22 10.76 -2.89
N LEU A 25 1.20 11.53 -2.52
CA LEU A 25 0.86 12.88 -1.98
C LEU A 25 0.68 13.84 -3.14
N GLU A 26 1.20 13.49 -4.26
CA GLU A 26 1.00 14.32 -5.46
C GLU A 26 -0.22 13.78 -6.15
N LEU A 27 -0.56 12.57 -5.81
CA LEU A 27 -1.74 11.94 -6.40
C LEU A 27 -2.98 12.60 -5.80
N GLU A 28 -2.88 13.05 -4.57
CA GLU A 28 -4.06 13.71 -3.94
C GLU A 28 -4.32 15.03 -4.65
N LYS A 29 -3.28 15.73 -5.02
CA LYS A 29 -3.48 17.01 -5.75
C LYS A 29 -3.81 16.69 -7.19
N ASN A 30 -3.46 15.51 -7.60
CA ASN A 30 -3.76 15.06 -8.99
C ASN A 30 -3.99 13.56 -8.96
N PRO A 31 -5.16 13.24 -8.52
CA PRO A 31 -5.57 11.85 -8.39
C PRO A 31 -6.20 11.32 -9.68
N GLU A 32 -6.06 12.04 -10.75
CA GLU A 32 -6.64 11.60 -12.04
C GLU A 32 -5.65 11.87 -13.17
N ASP A 33 -4.47 12.30 -12.84
CA ASP A 33 -3.46 12.57 -13.89
C ASP A 33 -3.01 11.26 -14.53
N MET A 34 -3.43 10.17 -13.97
CA MET A 34 -3.04 8.82 -14.50
C MET A 34 -1.52 8.68 -14.46
N GLU A 35 -0.86 9.58 -13.79
CA GLU A 35 0.62 9.47 -13.67
C GLU A 35 0.90 9.14 -12.21
N LEU A 36 0.19 9.78 -11.33
CA LEU A 36 0.37 9.48 -9.89
C LEU A 36 -0.38 8.19 -9.60
N ILE A 37 -1.35 7.89 -10.42
CA ILE A 37 -2.11 6.63 -10.23
C ILE A 37 -1.29 5.47 -10.75
N ASN A 38 -0.49 5.71 -11.77
CA ASN A 38 0.36 4.61 -12.31
C ASN A 38 1.70 4.60 -11.62
N GLU A 39 2.12 5.73 -11.15
CA GLU A 39 3.43 5.78 -10.43
C GLU A 39 3.23 5.19 -9.04
N ALA A 40 2.02 5.24 -8.58
CA ALA A 40 1.69 4.68 -7.24
C ALA A 40 1.26 3.21 -7.41
N PHE A 41 0.35 2.95 -8.31
CA PHE A 41 -0.10 1.54 -8.51
C PHE A 41 1.11 0.66 -8.84
N ARG A 42 2.16 1.25 -9.36
CA ARG A 42 3.38 0.46 -9.70
C ARG A 42 4.25 0.30 -8.44
N ALA A 43 4.79 1.37 -7.94
CA ALA A 43 5.64 1.28 -6.71
C ALA A 43 5.03 0.31 -5.73
N LEU A 44 3.74 0.32 -5.57
CA LEU A 44 3.09 -0.63 -4.64
C LEU A 44 3.19 -2.04 -5.23
N HIS A 45 2.93 -2.17 -6.50
CA HIS A 45 3.04 -3.50 -7.15
C HIS A 45 4.51 -3.93 -7.10
N THR A 46 5.38 -2.97 -7.23
CA THR A 46 6.83 -3.28 -7.15
C THR A 46 7.15 -3.69 -5.71
N LEU A 47 6.63 -2.95 -4.77
CA LEU A 47 6.86 -3.28 -3.34
C LEU A 47 6.08 -4.56 -2.99
N LYS A 48 4.95 -4.76 -3.61
CA LYS A 48 4.16 -5.99 -3.34
C LYS A 48 5.01 -7.23 -3.62
N GLY A 49 5.78 -7.18 -4.68
CA GLY A 49 6.65 -8.34 -5.01
C GLY A 49 7.78 -8.43 -3.98
N MET A 50 8.49 -7.36 -3.77
CA MET A 50 9.60 -7.39 -2.78
C MET A 50 9.04 -7.82 -1.41
N ALA A 51 7.76 -7.73 -1.23
CA ALA A 51 7.15 -8.16 0.07
C ALA A 51 6.85 -9.65 0.00
N GLY A 52 6.73 -10.18 -1.18
CA GLY A 52 6.45 -11.64 -1.34
C GLY A 52 7.78 -12.36 -1.39
N THR A 53 8.81 -11.69 -1.85
CA THR A 53 10.15 -12.33 -1.92
C THR A 53 10.84 -12.22 -0.56
N MET A 54 10.29 -11.44 0.31
CA MET A 54 10.88 -11.27 1.67
C MET A 54 10.13 -12.14 2.68
N GLY A 55 9.24 -12.96 2.21
CA GLY A 55 8.47 -13.84 3.14
C GLY A 55 7.45 -12.99 3.91
N PHE A 56 7.32 -11.74 3.57
CA PHE A 56 6.34 -10.87 4.28
C PHE A 56 5.11 -10.61 3.41
N SER A 57 4.42 -11.65 3.01
CA SER A 57 3.23 -11.43 2.15
C SER A 57 2.16 -10.68 2.93
N SER A 58 2.24 -10.72 4.23
CA SER A 58 1.25 -10.00 5.07
C SER A 58 1.39 -8.52 4.77
N MET A 59 2.59 -8.07 4.57
CA MET A 59 2.82 -6.64 4.23
C MET A 59 2.72 -6.48 2.72
N ALA A 60 2.87 -7.55 1.99
CA ALA A 60 2.75 -7.47 0.51
C ALA A 60 1.29 -7.37 0.11
N LYS A 61 0.43 -8.02 0.86
CA LYS A 61 -1.02 -7.93 0.52
C LYS A 61 -1.42 -6.47 0.61
N LEU A 62 -0.81 -5.76 1.52
CA LEU A 62 -1.09 -4.31 1.65
C LEU A 62 -0.60 -3.61 0.39
N CYS A 63 0.52 -4.03 -0.11
CA CYS A 63 1.06 -3.42 -1.36
C CYS A 63 0.14 -3.79 -2.52
N HIS A 64 -0.49 -4.93 -2.42
CA HIS A 64 -1.42 -5.35 -3.49
C HIS A 64 -2.79 -4.71 -3.24
N THR A 65 -3.07 -4.42 -1.99
CA THR A 65 -4.36 -3.78 -1.63
C THR A 65 -4.32 -2.30 -2.00
N LEU A 66 -3.40 -1.56 -1.43
CA LEU A 66 -3.29 -0.12 -1.75
C LEU A 66 -3.25 0.05 -3.26
N GLU A 67 -2.42 -0.72 -3.91
CA GLU A 67 -2.31 -0.65 -5.38
C GLU A 67 -3.61 -1.09 -6.03
N ASN A 68 -4.39 -1.89 -5.36
CA ASN A 68 -5.67 -2.30 -5.95
C ASN A 68 -6.54 -1.08 -6.10
N ILE A 69 -6.58 -0.27 -5.07
CA ILE A 69 -7.39 0.97 -5.15
C ILE A 69 -6.81 1.82 -6.26
N LEU A 70 -5.52 1.80 -6.33
CA LEU A 70 -4.83 2.55 -7.41
C LEU A 70 -5.17 1.90 -8.73
N ASP A 71 -5.62 0.68 -8.68
CA ASP A 71 -6.03 -0.02 -9.93
C ASP A 71 -7.42 0.49 -10.29
N LYS A 72 -8.35 0.43 -9.38
CA LYS A 72 -9.69 0.98 -9.68
C LYS A 72 -9.54 2.45 -10.02
N ALA A 73 -8.53 3.05 -9.48
CA ALA A 73 -8.25 4.49 -9.76
C ALA A 73 -7.84 4.62 -11.22
N ARG A 74 -7.22 3.60 -11.73
CA ARG A 74 -6.80 3.62 -13.17
C ARG A 74 -7.96 3.09 -14.01
N ASN A 75 -8.83 2.34 -13.39
CA ASN A 75 -10.00 1.79 -14.13
C ASN A 75 -11.22 2.67 -13.86
N SER A 76 -11.07 3.68 -13.05
CA SER A 76 -12.21 4.58 -12.73
C SER A 76 -13.21 3.85 -11.84
N GLU A 77 -12.73 3.17 -10.84
CA GLU A 77 -13.65 2.43 -9.94
C GLU A 77 -13.62 3.01 -8.54
N ILE A 78 -12.49 3.49 -8.11
CA ILE A 78 -12.43 4.09 -6.74
C ILE A 78 -12.05 5.56 -6.79
N LYS A 79 -11.05 5.88 -7.54
CA LYS A 79 -10.59 7.28 -7.64
C LYS A 79 -10.19 7.79 -6.24
N ILE A 80 -9.13 8.53 -6.14
CA ILE A 80 -8.73 9.04 -4.80
C ILE A 80 -9.74 10.07 -4.31
N THR A 81 -10.65 9.62 -3.51
CA THR A 81 -11.70 10.51 -2.96
C THR A 81 -11.25 11.11 -1.63
N SER A 82 -9.96 11.10 -1.37
CA SER A 82 -9.44 11.63 -0.07
C SER A 82 -9.70 10.62 1.05
N ASP A 83 -10.48 9.61 0.77
CA ASP A 83 -10.76 8.57 1.79
C ASP A 83 -10.14 7.27 1.33
N LEU A 84 -10.35 6.91 0.08
CA LEU A 84 -9.75 5.66 -0.43
C LEU A 84 -8.23 5.80 -0.32
N LEU A 85 -7.76 7.01 -0.37
CA LEU A 85 -6.30 7.24 -0.25
C LEU A 85 -5.93 7.28 1.25
N ASP A 86 -6.77 7.86 2.04
CA ASP A 86 -6.49 7.93 3.51
C ASP A 86 -6.37 6.51 4.07
N LYS A 87 -7.04 5.58 3.46
CA LYS A 87 -6.94 4.17 3.94
C LYS A 87 -5.67 3.57 3.36
N ILE A 88 -5.45 3.73 2.09
CA ILE A 88 -4.20 3.20 1.50
C ILE A 88 -3.04 3.79 2.32
N PHE A 89 -3.07 5.07 2.52
CA PHE A 89 -2.01 5.73 3.33
C PHE A 89 -2.02 5.12 4.72
N ALA A 90 -3.15 4.61 5.10
CA ALA A 90 -3.26 3.96 6.44
C ALA A 90 -2.63 2.58 6.33
N GLY A 91 -2.67 2.02 5.14
CA GLY A 91 -2.04 0.69 4.93
C GLY A 91 -0.53 0.90 4.92
N VAL A 92 -0.10 1.96 4.27
CA VAL A 92 1.35 2.27 4.26
C VAL A 92 1.77 2.64 5.68
N ASP A 93 0.82 3.06 6.48
CA ASP A 93 1.11 3.41 7.89
C ASP A 93 1.42 2.13 8.66
N MET A 94 0.65 1.10 8.41
CA MET A 94 0.92 -0.19 9.09
C MET A 94 2.16 -0.81 8.45
N ILE A 95 2.24 -0.72 7.15
CA ILE A 95 3.42 -1.27 6.43
C ILE A 95 4.68 -0.65 7.05
N THR A 96 4.63 0.62 7.34
CA THR A 96 5.81 1.29 7.96
C THR A 96 5.92 0.86 9.43
N ARG A 97 4.81 0.74 10.09
CA ARG A 97 4.85 0.30 11.52
C ARG A 97 5.40 -1.12 11.61
N MET A 98 5.03 -1.97 10.68
CA MET A 98 5.56 -3.35 10.70
C MET A 98 7.04 -3.29 10.38
N VAL A 99 7.41 -2.41 9.50
CA VAL A 99 8.84 -2.25 9.13
C VAL A 99 9.60 -1.68 10.32
N ASP A 100 8.97 -0.84 11.10
CA ASP A 100 9.67 -0.27 12.29
C ASP A 100 9.86 -1.35 13.34
N LYS A 101 8.96 -2.29 13.41
CA LYS A 101 9.11 -3.38 14.39
C LYS A 101 9.88 -4.53 13.71
N ILE A 102 9.62 -4.72 12.44
CA ILE A 102 10.33 -5.78 11.69
C ILE A 102 11.81 -5.41 11.70
N VAL A 103 12.08 -4.15 11.61
CA VAL A 103 13.48 -3.68 11.64
C VAL A 103 13.99 -3.81 13.07
N SER A 104 13.11 -3.63 14.01
CA SER A 104 13.51 -3.74 15.45
C SER A 104 13.55 -5.22 15.88
N GLU A 105 12.78 -6.03 15.25
CA GLU A 105 12.75 -7.48 15.62
C GLU A 105 12.60 -8.34 14.37
N GLY A 106 11.86 -7.88 13.40
CA GLY A 106 11.66 -8.69 12.16
C GLY A 106 10.25 -9.27 12.16
N SER A 107 9.34 -8.70 12.90
CA SER A 107 7.95 -9.21 12.95
C SER A 107 7.02 -8.22 12.28
N ASP A 108 6.18 -8.67 11.41
CA ASP A 108 5.22 -7.75 10.75
C ASP A 108 3.86 -7.91 11.42
N ASP A 109 3.83 -8.56 12.55
CA ASP A 109 2.54 -8.77 13.26
C ASP A 109 2.17 -7.55 14.12
N ILE A 110 1.66 -6.51 13.50
CA ILE A 110 1.25 -5.31 14.30
C ILE A 110 -0.27 -5.27 14.40
N GLY A 111 -0.92 -6.39 14.25
CA GLY A 111 -2.41 -6.41 14.30
C GLY A 111 -2.95 -5.76 13.01
N GLU A 112 -2.09 -5.57 12.05
CA GLU A 112 -2.52 -4.94 10.76
C GLU A 112 -3.90 -5.45 10.31
N ASN A 113 -4.04 -6.74 10.16
CA ASN A 113 -5.36 -7.29 9.71
C ASN A 113 -5.59 -6.95 8.23
N ILE A 114 -4.99 -7.69 7.34
CA ILE A 114 -5.18 -7.40 5.89
C ILE A 114 -6.57 -7.82 5.43
N ASP A 115 -6.88 -9.09 5.54
CA ASP A 115 -8.23 -9.56 5.13
C ASP A 115 -9.27 -8.55 5.60
N VAL A 116 -8.98 -7.95 6.69
CA VAL A 116 -9.89 -6.92 7.27
C VAL A 116 -9.53 -5.55 6.74
N PHE A 117 -8.30 -5.19 6.85
CA PHE A 117 -7.85 -3.86 6.34
C PHE A 117 -8.14 -3.76 4.85
N SER A 118 -8.29 -4.86 4.19
CA SER A 118 -8.59 -4.84 2.75
C SER A 118 -10.09 -4.82 2.58
N ASP A 119 -10.76 -5.63 3.35
CA ASP A 119 -12.24 -5.66 3.27
C ASP A 119 -12.78 -4.35 3.81
N THR A 120 -12.02 -3.72 4.64
CA THR A 120 -12.43 -2.40 5.19
C THR A 120 -12.34 -1.39 4.07
N ILE A 121 -11.29 -1.49 3.32
CA ILE A 121 -11.06 -0.57 2.17
C ILE A 121 -11.86 -1.05 0.96
N LYS A 122 -11.88 -2.33 0.71
CA LYS A 122 -12.64 -2.87 -0.45
C LYS A 122 -14.12 -2.65 -0.22
N SER A 123 -14.53 -2.70 1.02
CA SER A 123 -15.96 -2.48 1.33
C SER A 123 -16.20 -0.99 1.54
N PHE A 124 -15.13 -0.25 1.65
CA PHE A 124 -15.27 1.22 1.83
C PHE A 124 -15.68 1.86 0.50
N ALA A 125 -15.77 1.05 -0.52
CA ALA A 125 -16.17 1.59 -1.85
C ALA A 125 -16.01 0.51 -2.92
N SER A 126 -16.99 -0.35 -3.07
CA SER A 126 -16.89 -1.43 -4.09
C SER A 126 -18.20 -2.23 -4.14
N SER A 127 -19.17 -1.74 -4.87
CA SER A 127 -20.47 -2.47 -4.96
C SER A 127 -20.93 -2.54 -6.42
N GLY A 128 -20.04 -2.34 -7.35
CA GLY A 128 -20.44 -2.39 -8.79
C GLY A 128 -21.64 -1.46 -9.03
N LYS A 129 -21.39 -0.21 -9.25
CA LYS A 129 -22.52 0.74 -9.48
C LYS A 129 -23.38 0.87 -8.23
N GLU A 130 -24.52 1.48 -8.33
CA GLU A 130 -25.40 1.64 -7.14
C GLU A 130 -26.16 0.32 -6.87
N LYS A 131 -25.80 -0.36 -5.82
CA LYS A 131 -26.50 -1.64 -5.50
C LYS A 131 -26.09 -2.14 -4.11
N LEU A 132 -27.03 -2.33 -3.24
CA LEU A 132 -26.70 -2.82 -1.87
C LEU A 132 -26.61 -4.36 -1.86
N GLU A 133 -25.64 -4.89 -1.18
CA GLU A 133 -25.49 -6.38 -1.14
C GLU A 133 -25.97 -6.91 0.21
N MET A 1 26.56 -13.19 7.54
CA MET A 1 26.40 -13.59 6.11
C MET A 1 24.95 -14.01 5.84
N MET A 2 24.57 -14.10 4.60
CA MET A 2 23.17 -14.51 4.28
C MET A 2 22.17 -13.58 4.97
N GLU A 3 22.22 -12.30 4.67
CA GLU A 3 21.28 -11.35 5.31
C GLU A 3 21.31 -10.01 4.58
N GLU A 4 22.46 -9.62 4.15
CA GLU A 4 22.59 -8.33 3.42
C GLU A 4 21.44 -8.17 2.44
N TYR A 5 21.07 -9.24 1.84
CA TYR A 5 19.95 -9.21 0.85
C TYR A 5 18.78 -8.42 1.42
N LEU A 6 18.55 -8.56 2.69
CA LEU A 6 17.44 -7.81 3.34
C LEU A 6 17.89 -6.38 3.65
N GLY A 7 19.15 -6.18 3.86
CA GLY A 7 19.65 -4.81 4.16
C GLY A 7 19.17 -3.84 3.08
N VAL A 8 19.38 -4.17 1.84
CA VAL A 8 18.94 -3.26 0.75
C VAL A 8 17.44 -3.44 0.50
N PHE A 9 16.95 -4.60 0.78
CA PHE A 9 15.50 -4.87 0.58
C PHE A 9 14.68 -4.02 1.55
N VAL A 10 15.23 -3.75 2.71
CA VAL A 10 14.49 -2.92 3.71
C VAL A 10 14.81 -1.44 3.50
N ASP A 11 16.03 -1.12 3.18
CA ASP A 11 16.37 0.32 2.96
C ASP A 11 15.63 0.82 1.72
N GLU A 12 15.22 -0.09 0.90
CA GLU A 12 14.47 0.29 -0.33
C GLU A 12 12.97 0.33 -0.02
N THR A 13 12.45 -0.73 0.53
CA THR A 13 11.00 -0.75 0.87
C THR A 13 10.61 0.52 1.63
N LYS A 14 11.54 1.09 2.36
CA LYS A 14 11.23 2.34 3.10
C LYS A 14 11.33 3.53 2.16
N GLU A 15 12.43 3.68 1.49
CA GLU A 15 12.56 4.82 0.54
C GLU A 15 11.52 4.68 -0.56
N TYR A 16 10.90 3.54 -0.66
CA TYR A 16 9.86 3.34 -1.69
C TYR A 16 8.49 3.71 -1.14
N LEU A 17 8.31 3.61 0.14
CA LEU A 17 6.98 4.00 0.72
C LEU A 17 6.98 5.52 0.80
N GLN A 18 8.12 6.09 1.04
CA GLN A 18 8.24 7.56 1.07
C GLN A 18 8.11 8.06 -0.33
N ASN A 19 8.85 7.44 -1.19
CA ASN A 19 8.79 7.82 -2.63
C ASN A 19 7.40 7.51 -3.14
N LEU A 20 6.77 6.56 -2.52
CA LEU A 20 5.38 6.20 -2.92
C LEU A 20 4.41 7.04 -2.11
N ASN A 21 4.91 7.78 -1.17
CA ASN A 21 4.04 8.66 -0.38
C ASN A 21 4.07 9.99 -1.07
N ASP A 22 5.20 10.31 -1.59
CA ASP A 22 5.34 11.58 -2.32
C ASP A 22 4.48 11.47 -3.55
N THR A 23 4.40 10.28 -4.05
CA THR A 23 3.55 9.99 -5.22
C THR A 23 2.09 10.05 -4.80
N LEU A 24 1.79 9.44 -3.68
CA LEU A 24 0.41 9.44 -3.16
C LEU A 24 0.09 10.85 -2.63
N LEU A 25 1.10 11.53 -2.17
CA LEU A 25 0.86 12.91 -1.66
C LEU A 25 0.71 13.87 -2.81
N GLU A 26 1.12 13.44 -3.96
CA GLU A 26 0.95 14.27 -5.17
C GLU A 26 -0.34 13.82 -5.79
N LEU A 27 -0.63 12.57 -5.59
CA LEU A 27 -1.87 12.01 -6.12
C LEU A 27 -3.05 12.54 -5.32
N GLU A 28 -2.82 12.85 -4.08
CA GLU A 28 -3.92 13.40 -3.25
C GLU A 28 -4.22 14.82 -3.70
N LYS A 29 -3.20 15.56 -4.02
CA LYS A 29 -3.43 16.94 -4.52
C LYS A 29 -3.85 16.83 -5.98
N ASN A 30 -3.64 15.67 -6.53
CA ASN A 30 -4.02 15.41 -7.95
C ASN A 30 -4.30 13.93 -8.09
N PRO A 31 -5.46 13.59 -7.63
CA PRO A 31 -5.91 12.20 -7.63
C PRO A 31 -6.56 11.82 -8.95
N GLU A 32 -6.31 12.58 -9.98
CA GLU A 32 -6.94 12.26 -11.30
C GLU A 32 -5.93 12.51 -12.42
N ASP A 33 -4.72 12.84 -12.06
CA ASP A 33 -3.68 13.09 -13.11
C ASP A 33 -3.44 11.82 -13.91
N MET A 34 -3.87 10.72 -13.39
CA MET A 34 -3.68 9.41 -14.07
C MET A 34 -2.20 9.15 -14.27
N GLU A 35 -1.36 9.92 -13.66
CA GLU A 35 0.08 9.68 -13.77
C GLU A 35 0.58 9.18 -12.42
N LEU A 36 0.00 9.70 -11.37
CA LEU A 36 0.38 9.20 -10.02
C LEU A 36 -0.35 7.88 -9.81
N ILE A 37 -1.46 7.72 -10.46
CA ILE A 37 -2.21 6.45 -10.32
C ILE A 37 -1.44 5.35 -11.04
N ASN A 38 -0.67 5.69 -12.03
CA ASN A 38 0.10 4.65 -12.76
C ASN A 38 1.46 4.44 -12.12
N GLU A 39 2.11 5.50 -11.73
CA GLU A 39 3.43 5.34 -11.08
C GLU A 39 3.24 4.78 -9.68
N ALA A 40 2.05 4.88 -9.18
CA ALA A 40 1.74 4.35 -7.84
C ALA A 40 1.27 2.89 -7.96
N PHE A 41 0.35 2.62 -8.86
CA PHE A 41 -0.12 1.22 -9.02
C PHE A 41 1.08 0.29 -9.20
N ARG A 42 2.11 0.76 -9.85
CA ARG A 42 3.32 -0.08 -10.06
C ARG A 42 4.14 -0.20 -8.77
N ALA A 43 4.66 0.90 -8.30
CA ALA A 43 5.47 0.86 -7.04
C ALA A 43 4.82 -0.06 -6.01
N LEU A 44 3.54 0.07 -5.80
CA LEU A 44 2.86 -0.81 -4.81
C LEU A 44 2.98 -2.27 -5.26
N HIS A 45 2.83 -2.51 -6.53
CA HIS A 45 2.95 -3.90 -7.04
C HIS A 45 4.39 -4.37 -6.86
N THR A 46 5.32 -3.45 -6.97
CA THR A 46 6.75 -3.81 -6.80
C THR A 46 7.06 -3.82 -5.30
N LEU A 47 6.36 -3.02 -4.55
CA LEU A 47 6.58 -2.97 -3.07
C LEU A 47 5.91 -4.17 -2.40
N LYS A 48 4.71 -4.50 -2.82
CA LYS A 48 4.02 -5.67 -2.21
C LYS A 48 4.66 -6.98 -2.69
N GLY A 49 5.35 -6.93 -3.79
CA GLY A 49 6.01 -8.17 -4.32
C GLY A 49 7.38 -8.32 -3.67
N MET A 50 7.97 -7.23 -3.26
CA MET A 50 9.32 -7.32 -2.61
C MET A 50 9.20 -7.86 -1.19
N ALA A 51 8.09 -7.59 -0.54
CA ALA A 51 7.90 -8.09 0.84
C ALA A 51 7.23 -9.47 0.82
N GLY A 52 6.56 -9.80 -0.25
CA GLY A 52 5.89 -11.12 -0.33
C GLY A 52 6.94 -12.19 -0.65
N THR A 53 7.94 -11.83 -1.41
CA THR A 53 9.00 -12.81 -1.76
C THR A 53 9.95 -12.97 -0.57
N MET A 54 9.91 -12.05 0.33
CA MET A 54 10.79 -12.12 1.53
C MET A 54 10.08 -12.85 2.66
N GLY A 55 8.92 -13.37 2.39
CA GLY A 55 8.17 -14.11 3.44
C GLY A 55 7.25 -13.12 4.19
N PHE A 56 7.44 -11.85 3.99
CA PHE A 56 6.58 -10.85 4.68
C PHE A 56 5.45 -10.38 3.75
N SER A 57 4.81 -11.29 3.07
CA SER A 57 3.71 -10.89 2.16
C SER A 57 2.58 -10.26 2.96
N SER A 58 2.55 -10.50 4.22
CA SER A 58 1.50 -9.89 5.07
C SER A 58 1.68 -8.38 5.02
N MET A 59 2.91 -7.97 5.05
CA MET A 59 3.21 -6.52 4.96
C MET A 59 3.00 -6.07 3.52
N ALA A 60 3.30 -6.95 2.59
CA ALA A 60 3.11 -6.58 1.15
C ALA A 60 1.62 -6.66 0.83
N LYS A 61 0.89 -7.43 1.58
CA LYS A 61 -0.56 -7.52 1.35
C LYS A 61 -1.12 -6.12 1.41
N LEU A 62 -0.68 -5.39 2.39
CA LEU A 62 -1.14 -4.00 2.51
C LEU A 62 -0.66 -3.23 1.28
N CYS A 63 0.52 -3.54 0.81
CA CYS A 63 1.04 -2.84 -0.40
C CYS A 63 0.22 -3.25 -1.61
N HIS A 64 -0.30 -4.44 -1.62
CA HIS A 64 -1.12 -4.90 -2.77
C HIS A 64 -2.52 -4.28 -2.65
N THR A 65 -2.96 -4.05 -1.44
CA THR A 65 -4.29 -3.43 -1.24
C THR A 65 -4.27 -2.00 -1.80
N LEU A 66 -3.40 -1.17 -1.28
CA LEU A 66 -3.31 0.21 -1.79
C LEU A 66 -3.26 0.19 -3.32
N GLU A 67 -2.46 -0.70 -3.85
CA GLU A 67 -2.32 -0.81 -5.33
C GLU A 67 -3.66 -1.21 -5.95
N ASN A 68 -4.43 -1.98 -5.26
CA ASN A 68 -5.74 -2.38 -5.82
C ASN A 68 -6.59 -1.15 -6.06
N ILE A 69 -6.56 -0.23 -5.14
CA ILE A 69 -7.36 1.00 -5.33
C ILE A 69 -6.73 1.78 -6.47
N LEU A 70 -5.46 1.64 -6.56
CA LEU A 70 -4.74 2.31 -7.68
C LEU A 70 -5.06 1.56 -8.96
N ASP A 71 -5.52 0.35 -8.83
CA ASP A 71 -5.90 -0.41 -10.04
C ASP A 71 -7.26 0.08 -10.51
N LYS A 72 -8.21 0.16 -9.61
CA LYS A 72 -9.54 0.67 -10.02
C LYS A 72 -9.38 2.12 -10.44
N ALA A 73 -8.45 2.79 -9.82
CA ALA A 73 -8.19 4.21 -10.17
C ALA A 73 -7.78 4.26 -11.64
N ARG A 74 -6.98 3.32 -12.06
CA ARG A 74 -6.56 3.30 -13.48
C ARG A 74 -7.55 2.46 -14.28
N ASN A 75 -8.41 1.75 -13.60
CA ASN A 75 -9.43 0.91 -14.31
C ASN A 75 -10.75 1.66 -14.38
N SER A 76 -10.79 2.87 -13.87
CA SER A 76 -12.04 3.67 -13.90
C SER A 76 -13.06 3.11 -12.90
N GLU A 77 -12.60 2.58 -11.80
CA GLU A 77 -13.56 2.02 -10.81
C GLU A 77 -13.57 2.90 -9.55
N ILE A 78 -12.42 3.30 -9.10
CA ILE A 78 -12.37 4.17 -7.89
C ILE A 78 -11.50 5.40 -8.15
N LYS A 79 -11.46 6.30 -7.22
CA LYS A 79 -10.62 7.51 -7.35
C LYS A 79 -10.23 8.00 -5.97
N ILE A 80 -9.10 8.63 -5.82
CA ILE A 80 -8.69 9.10 -4.47
C ILE A 80 -9.63 10.19 -4.00
N THR A 81 -10.59 9.80 -3.23
CA THR A 81 -11.59 10.76 -2.67
C THR A 81 -11.08 11.38 -1.38
N SER A 82 -9.79 11.31 -1.15
CA SER A 82 -9.20 11.85 0.13
C SER A 82 -9.47 10.88 1.28
N ASP A 83 -10.32 9.92 1.06
CA ASP A 83 -10.63 8.92 2.11
C ASP A 83 -10.13 7.56 1.65
N LEU A 84 -10.41 7.22 0.41
CA LEU A 84 -9.92 5.92 -0.11
C LEU A 84 -8.40 5.97 -0.14
N LEU A 85 -7.86 7.15 -0.26
CA LEU A 85 -6.38 7.30 -0.24
C LEU A 85 -5.92 7.32 1.21
N ASP A 86 -6.70 7.91 2.07
CA ASP A 86 -6.33 7.95 3.51
C ASP A 86 -6.23 6.52 4.04
N LYS A 87 -7.10 5.65 3.60
CA LYS A 87 -7.03 4.24 4.05
C LYS A 87 -5.81 3.60 3.40
N ILE A 88 -5.58 3.92 2.16
CA ILE A 88 -4.38 3.39 1.46
C ILE A 88 -3.16 3.88 2.23
N PHE A 89 -3.12 5.16 2.48
CA PHE A 89 -1.97 5.73 3.25
C PHE A 89 -1.98 5.16 4.66
N ALA A 90 -3.09 4.62 5.07
CA ALA A 90 -3.18 4.00 6.41
C ALA A 90 -2.53 2.63 6.33
N GLY A 91 -2.66 2.01 5.18
CA GLY A 91 -2.03 0.68 4.99
C GLY A 91 -0.52 0.89 4.98
N VAL A 92 -0.08 1.91 4.29
CA VAL A 92 1.38 2.22 4.26
C VAL A 92 1.81 2.61 5.68
N ASP A 93 0.88 3.10 6.45
CA ASP A 93 1.19 3.50 7.85
C ASP A 93 1.44 2.25 8.68
N MET A 94 0.66 1.23 8.48
CA MET A 94 0.88 -0.03 9.24
C MET A 94 2.09 -0.73 8.62
N ILE A 95 2.28 -0.53 7.34
CA ILE A 95 3.44 -1.14 6.65
C ILE A 95 4.71 -0.54 7.25
N THR A 96 4.68 0.73 7.58
CA THR A 96 5.87 1.36 8.20
C THR A 96 6.03 0.78 9.59
N ARG A 97 4.98 0.75 10.35
CA ARG A 97 5.06 0.17 11.71
C ARG A 97 5.58 -1.26 11.62
N MET A 98 5.24 -1.96 10.56
CA MET A 98 5.74 -3.35 10.40
C MET A 98 7.23 -3.29 10.12
N VAL A 99 7.65 -2.30 9.37
CA VAL A 99 9.09 -2.15 9.05
C VAL A 99 9.83 -1.65 10.29
N ASP A 100 9.19 -0.83 11.09
CA ASP A 100 9.88 -0.34 12.33
C ASP A 100 10.02 -1.49 13.30
N LYS A 101 9.11 -2.43 13.28
CA LYS A 101 9.22 -3.59 14.18
C LYS A 101 10.01 -4.66 13.45
N ILE A 102 9.81 -4.76 12.16
CA ILE A 102 10.57 -5.77 11.38
C ILE A 102 12.04 -5.39 11.49
N VAL A 103 12.28 -4.12 11.61
CA VAL A 103 13.68 -3.64 11.77
C VAL A 103 14.08 -3.86 13.23
N SER A 104 13.14 -3.79 14.11
CA SER A 104 13.41 -4.00 15.55
C SER A 104 13.42 -5.49 15.89
N GLU A 105 12.73 -6.26 15.12
CA GLU A 105 12.65 -7.72 15.39
C GLU A 105 12.64 -8.51 14.08
N GLY A 106 12.02 -7.99 13.06
CA GLY A 106 11.97 -8.72 11.76
C GLY A 106 10.60 -9.35 11.58
N SER A 107 9.60 -8.85 12.28
CA SER A 107 8.23 -9.43 12.13
C SER A 107 7.27 -8.36 11.66
N ASP A 108 6.54 -8.64 10.62
CA ASP A 108 5.55 -7.63 10.14
C ASP A 108 4.21 -7.92 10.83
N ASP A 109 4.23 -8.77 11.83
CA ASP A 109 2.96 -9.11 12.54
C ASP A 109 2.56 -7.99 13.50
N ILE A 110 2.09 -6.87 12.99
CA ILE A 110 1.67 -5.77 13.90
C ILE A 110 0.18 -5.91 14.23
N GLY A 111 -0.32 -7.11 14.25
CA GLY A 111 -1.77 -7.31 14.55
C GLY A 111 -2.59 -6.67 13.45
N GLU A 112 -1.98 -6.39 12.32
CA GLU A 112 -2.72 -5.76 11.19
C GLU A 112 -3.91 -6.63 10.76
N ASN A 113 -4.69 -6.14 9.84
CA ASN A 113 -5.86 -6.92 9.34
C ASN A 113 -5.97 -6.76 7.82
N ILE A 114 -5.39 -7.66 7.09
CA ILE A 114 -5.44 -7.54 5.60
C ILE A 114 -6.84 -7.88 5.07
N ASP A 115 -7.24 -9.12 5.15
CA ASP A 115 -8.60 -9.48 4.65
C ASP A 115 -9.59 -8.42 5.11
N VAL A 116 -9.28 -7.79 6.19
CA VAL A 116 -10.17 -6.74 6.73
C VAL A 116 -9.81 -5.36 6.18
N PHE A 117 -8.58 -4.99 6.33
CA PHE A 117 -8.15 -3.66 5.82
C PHE A 117 -8.32 -3.59 4.30
N SER A 118 -8.33 -4.73 3.65
CA SER A 118 -8.51 -4.74 2.20
C SER A 118 -9.98 -4.85 1.89
N ASP A 119 -10.69 -5.60 2.70
CA ASP A 119 -12.14 -5.75 2.49
C ASP A 119 -12.84 -4.49 2.97
N THR A 120 -12.28 -3.88 3.95
CA THR A 120 -12.84 -2.61 4.48
C THR A 120 -12.69 -1.55 3.41
N ILE A 121 -11.57 -1.57 2.77
CA ILE A 121 -11.28 -0.60 1.69
C ILE A 121 -11.93 -1.07 0.39
N LYS A 122 -11.93 -2.36 0.14
CA LYS A 122 -12.57 -2.86 -1.11
C LYS A 122 -14.07 -2.66 -1.01
N SER A 123 -14.60 -2.78 0.18
CA SER A 123 -16.05 -2.57 0.37
C SER A 123 -16.32 -1.08 0.55
N PHE A 124 -15.28 -0.34 0.77
CA PHE A 124 -15.45 1.13 0.95
C PHE A 124 -15.83 1.77 -0.39
N ALA A 125 -15.82 0.99 -1.43
CA ALA A 125 -16.18 1.53 -2.77
C ALA A 125 -15.22 2.66 -3.15
N SER A 126 -15.45 3.83 -2.62
CA SER A 126 -14.55 4.98 -2.93
C SER A 126 -14.84 6.14 -1.98
N SER A 127 -16.07 6.56 -1.91
CA SER A 127 -16.42 7.69 -0.99
C SER A 127 -16.88 7.13 0.35
N GLY A 128 -16.87 7.94 1.38
CA GLY A 128 -17.31 7.45 2.72
C GLY A 128 -18.39 8.36 3.28
N LYS A 129 -19.17 7.88 4.21
CA LYS A 129 -20.25 8.73 4.80
C LYS A 129 -20.63 8.21 6.19
N GLU A 130 -19.66 8.04 7.06
CA GLU A 130 -19.96 7.53 8.42
C GLU A 130 -20.78 6.24 8.35
N LYS A 131 -20.14 5.12 8.36
CA LYS A 131 -20.88 3.82 8.29
C LYS A 131 -21.88 3.72 9.44
N LEU A 132 -22.45 2.56 9.66
CA LEU A 132 -23.43 2.41 10.77
C LEU A 132 -23.04 1.23 11.66
N GLU A 133 -23.15 1.38 12.95
CA GLU A 133 -22.79 0.26 13.87
C GLU A 133 -23.97 -0.07 14.79
N MET A 1 26.08 -14.59 5.50
CA MET A 1 24.84 -15.28 5.97
C MET A 1 23.67 -14.96 5.04
N MET A 2 22.47 -15.26 5.45
CA MET A 2 21.29 -14.97 4.58
C MET A 2 20.41 -13.90 5.22
N GLU A 3 20.97 -12.78 5.56
CA GLU A 3 20.16 -11.69 6.19
C GLU A 3 20.31 -10.39 5.42
N GLU A 4 21.20 -10.36 4.49
CA GLU A 4 21.39 -9.11 3.71
C GLU A 4 20.25 -8.92 2.70
N TYR A 5 19.42 -9.92 2.57
CA TYR A 5 18.30 -9.82 1.61
C TYR A 5 17.19 -8.97 2.20
N LEU A 6 17.11 -8.96 3.50
CA LEU A 6 16.06 -8.15 4.18
C LEU A 6 16.62 -6.76 4.48
N GLY A 7 17.91 -6.65 4.62
CA GLY A 7 18.53 -5.32 4.91
C GLY A 7 18.25 -4.38 3.74
N VAL A 8 18.45 -4.84 2.54
CA VAL A 8 18.19 -3.96 1.36
C VAL A 8 16.71 -3.97 1.00
N PHE A 9 16.06 -5.05 1.27
CA PHE A 9 14.61 -5.15 0.96
C PHE A 9 13.84 -4.09 1.76
N VAL A 10 14.14 -3.95 3.02
CA VAL A 10 13.43 -2.93 3.85
C VAL A 10 13.93 -1.54 3.47
N ASP A 11 15.17 -1.40 3.10
CA ASP A 11 15.68 -0.06 2.72
C ASP A 11 15.03 0.39 1.42
N GLU A 12 14.55 -0.55 0.67
CA GLU A 12 13.88 -0.21 -0.62
C GLU A 12 12.38 -0.01 -0.37
N THR A 13 11.78 -0.89 0.38
CA THR A 13 10.32 -0.74 0.67
C THR A 13 10.06 0.61 1.34
N LYS A 14 11.01 1.10 2.09
CA LYS A 14 10.83 2.42 2.75
C LYS A 14 11.01 3.53 1.72
N GLU A 15 12.05 3.45 0.93
CA GLU A 15 12.27 4.49 -0.10
C GLU A 15 11.12 4.48 -1.09
N TYR A 16 10.33 3.44 -1.06
CA TYR A 16 9.18 3.33 -1.99
C TYR A 16 7.92 3.94 -1.35
N LEU A 17 7.69 3.66 -0.09
CA LEU A 17 6.48 4.23 0.57
C LEU A 17 6.58 5.76 0.57
N GLN A 18 7.77 6.28 0.69
CA GLN A 18 7.95 7.74 0.67
C GLN A 18 7.82 8.18 -0.78
N ASN A 19 8.48 7.48 -1.63
CA ASN A 19 8.37 7.79 -3.08
C ASN A 19 6.92 7.56 -3.46
N LEU A 20 6.27 6.74 -2.68
CA LEU A 20 4.83 6.45 -2.92
C LEU A 20 3.98 7.42 -2.12
N ASN A 21 4.59 8.14 -1.22
CA ASN A 21 3.84 9.13 -0.44
C ASN A 21 3.97 10.42 -1.18
N ASP A 22 5.09 10.59 -1.80
CA ASP A 22 5.29 11.81 -2.59
C ASP A 22 4.36 11.72 -3.78
N THR A 23 4.14 10.53 -4.21
CA THR A 23 3.21 10.27 -5.32
C THR A 23 1.79 10.34 -4.79
N LEU A 24 1.59 9.80 -3.62
CA LEU A 24 0.24 9.85 -3.00
C LEU A 24 -0.02 11.27 -2.53
N LEU A 25 1.02 11.99 -2.26
CA LEU A 25 0.82 13.40 -1.81
C LEU A 25 0.62 14.31 -2.99
N GLU A 26 1.05 13.88 -4.13
CA GLU A 26 0.82 14.66 -5.36
C GLU A 26 -0.44 14.10 -5.96
N LEU A 27 -0.69 12.88 -5.64
CA LEU A 27 -1.90 12.22 -6.14
C LEU A 27 -3.10 12.80 -5.41
N GLU A 28 -2.92 13.27 -4.20
CA GLU A 28 -4.07 13.86 -3.48
C GLU A 28 -4.39 15.21 -4.09
N LYS A 29 -3.40 15.95 -4.47
CA LYS A 29 -3.65 17.26 -5.12
C LYS A 29 -4.14 16.96 -6.53
N ASN A 30 -3.90 15.77 -6.95
CA ASN A 30 -4.34 15.33 -8.31
C ASN A 30 -4.54 13.83 -8.29
N PRO A 31 -5.67 13.49 -7.73
CA PRO A 31 -6.04 12.09 -7.56
C PRO A 31 -6.71 11.53 -8.83
N GLU A 32 -6.51 12.16 -9.95
CA GLU A 32 -7.13 11.66 -11.21
C GLU A 32 -6.19 11.93 -12.39
N ASP A 33 -4.96 12.25 -12.11
CA ASP A 33 -3.99 12.51 -13.21
C ASP A 33 -3.66 11.21 -13.92
N MET A 34 -3.94 10.11 -13.27
CA MET A 34 -3.65 8.78 -13.86
C MET A 34 -2.14 8.60 -14.04
N GLU A 35 -1.37 9.53 -13.55
CA GLU A 35 0.10 9.38 -13.64
C GLU A 35 0.59 9.02 -12.25
N LEU A 36 0.06 9.67 -11.26
CA LEU A 36 0.44 9.34 -9.87
C LEU A 36 -0.23 8.02 -9.52
N ILE A 37 -1.29 7.69 -10.21
CA ILE A 37 -1.98 6.40 -9.96
C ILE A 37 -1.14 5.26 -10.55
N ASN A 38 -0.47 5.52 -11.63
CA ASN A 38 0.39 4.45 -12.24
C ASN A 38 1.76 4.49 -11.59
N GLU A 39 2.13 5.62 -11.08
CA GLU A 39 3.44 5.74 -10.40
C GLU A 39 3.33 5.07 -9.04
N ALA A 40 2.14 5.05 -8.53
CA ALA A 40 1.88 4.40 -7.21
C ALA A 40 1.51 2.93 -7.45
N PHE A 41 0.58 2.69 -8.34
CA PHE A 41 0.19 1.28 -8.63
C PHE A 41 1.46 0.45 -8.85
N ARG A 42 2.43 1.00 -9.51
CA ARG A 42 3.71 0.27 -9.76
C ARG A 42 4.52 0.18 -8.46
N ALA A 43 4.97 1.30 -7.97
CA ALA A 43 5.78 1.31 -6.72
C ALA A 43 5.26 0.28 -5.71
N LEU A 44 3.98 0.21 -5.52
CA LEU A 44 3.43 -0.77 -4.54
C LEU A 44 3.53 -2.18 -5.11
N HIS A 45 3.10 -2.37 -6.33
CA HIS A 45 3.21 -3.72 -6.93
C HIS A 45 4.68 -4.10 -6.99
N THR A 46 5.53 -3.12 -7.09
CA THR A 46 7.00 -3.39 -7.13
C THR A 46 7.51 -3.70 -5.71
N LEU A 47 7.16 -2.88 -4.75
CA LEU A 47 7.64 -3.14 -3.37
C LEU A 47 6.79 -4.25 -2.73
N LYS A 48 5.52 -4.30 -3.05
CA LYS A 48 4.66 -5.37 -2.48
C LYS A 48 5.31 -6.73 -2.74
N GLY A 49 5.75 -6.96 -3.96
CA GLY A 49 6.41 -8.26 -4.28
C GLY A 49 7.65 -8.41 -3.40
N MET A 50 8.49 -7.41 -3.37
CA MET A 50 9.72 -7.51 -2.53
C MET A 50 9.34 -7.98 -1.12
N ALA A 51 8.11 -7.78 -0.74
CA ALA A 51 7.66 -8.23 0.61
C ALA A 51 7.13 -9.66 0.53
N GLY A 52 6.68 -10.06 -0.63
CA GLY A 52 6.16 -11.44 -0.79
C GLY A 52 7.32 -12.34 -1.19
N THR A 53 8.32 -11.75 -1.82
CA THR A 53 9.50 -12.53 -2.23
C THR A 53 10.44 -12.71 -1.04
N MET A 54 10.17 -12.03 0.03
CA MET A 54 11.03 -12.13 1.24
C MET A 54 10.29 -12.90 2.34
N GLY A 55 9.16 -13.45 2.02
CA GLY A 55 8.40 -14.23 3.05
C GLY A 55 7.43 -13.29 3.78
N PHE A 56 7.59 -12.01 3.62
CA PHE A 56 6.67 -11.05 4.30
C PHE A 56 5.47 -10.75 3.40
N SER A 57 4.88 -11.76 2.84
CA SER A 57 3.72 -11.53 1.94
C SER A 57 2.58 -10.91 2.74
N SER A 58 2.60 -11.10 4.02
CA SER A 58 1.55 -10.51 4.88
C SER A 58 1.65 -9.00 4.76
N MET A 59 2.85 -8.50 4.74
CA MET A 59 3.05 -7.05 4.60
C MET A 59 2.97 -6.68 3.11
N ALA A 60 3.17 -7.63 2.25
CA ALA A 60 3.08 -7.35 0.79
C ALA A 60 1.62 -7.23 0.39
N LYS A 61 0.77 -8.04 0.97
CA LYS A 61 -0.66 -7.95 0.64
C LYS A 61 -1.16 -6.58 1.06
N LEU A 62 -0.51 -6.01 2.03
CA LEU A 62 -0.91 -4.66 2.49
C LEU A 62 -0.51 -3.65 1.42
N CYS A 63 0.61 -3.87 0.78
CA CYS A 63 1.06 -2.93 -0.29
C CYS A 63 0.23 -3.16 -1.56
N HIS A 64 -0.08 -4.39 -1.87
CA HIS A 64 -0.91 -4.65 -3.08
C HIS A 64 -2.29 -4.04 -2.89
N THR A 65 -2.72 -3.96 -1.65
CA THR A 65 -4.05 -3.37 -1.36
C THR A 65 -4.03 -1.87 -1.71
N LEU A 66 -3.13 -1.12 -1.12
CA LEU A 66 -3.06 0.33 -1.47
C LEU A 66 -2.98 0.43 -2.99
N GLU A 67 -2.31 -0.52 -3.58
CA GLU A 67 -2.17 -0.54 -5.07
C GLU A 67 -3.49 -0.97 -5.69
N ASN A 68 -4.12 -1.95 -5.14
CA ASN A 68 -5.42 -2.40 -5.71
C ASN A 68 -6.28 -1.16 -5.97
N ILE A 69 -6.37 -0.30 -5.01
CA ILE A 69 -7.19 0.94 -5.20
C ILE A 69 -6.61 1.66 -6.38
N LEU A 70 -5.33 1.73 -6.41
CA LEU A 70 -4.65 2.40 -7.55
C LEU A 70 -5.00 1.61 -8.79
N ASP A 71 -5.37 0.38 -8.61
CA ASP A 71 -5.79 -0.44 -9.76
C ASP A 71 -7.20 -0.03 -10.14
N LYS A 72 -8.10 0.06 -9.17
CA LYS A 72 -9.46 0.50 -9.53
C LYS A 72 -9.38 1.94 -10.02
N ALA A 73 -8.43 2.64 -9.50
CA ALA A 73 -8.21 4.04 -9.92
C ALA A 73 -7.94 4.05 -11.42
N ARG A 74 -7.18 3.09 -11.87
CA ARG A 74 -6.90 3.02 -13.33
C ARG A 74 -7.96 2.13 -13.98
N ASN A 75 -8.72 1.41 -13.19
CA ASN A 75 -9.78 0.55 -13.76
C ASN A 75 -11.12 1.31 -13.75
N SER A 76 -11.11 2.52 -13.24
CA SER A 76 -12.36 3.34 -13.19
C SER A 76 -13.29 2.83 -12.10
N GLU A 77 -12.75 2.33 -11.01
CA GLU A 77 -13.63 1.84 -9.92
C GLU A 77 -13.46 2.72 -8.68
N ILE A 78 -12.27 3.15 -8.43
CA ILE A 78 -12.05 4.05 -7.24
C ILE A 78 -11.11 5.20 -7.61
N LYS A 79 -10.68 5.94 -6.63
CA LYS A 79 -9.74 7.07 -6.88
C LYS A 79 -9.09 7.50 -5.56
N ILE A 80 -8.64 8.71 -5.48
CA ILE A 80 -7.99 9.18 -4.23
C ILE A 80 -8.69 10.40 -3.67
N THR A 81 -9.86 10.19 -3.18
CA THR A 81 -10.65 11.30 -2.58
C THR A 81 -10.20 11.55 -1.15
N SER A 82 -8.91 11.56 -0.91
CA SER A 82 -8.42 11.78 0.48
C SER A 82 -8.80 10.57 1.33
N ASP A 83 -10.06 10.26 1.42
CA ASP A 83 -10.50 9.09 2.22
C ASP A 83 -9.97 7.79 1.61
N LEU A 84 -10.19 7.56 0.35
CA LEU A 84 -9.67 6.32 -0.27
C LEU A 84 -8.18 6.31 -0.12
N LEU A 85 -7.57 7.43 -0.34
CA LEU A 85 -6.10 7.52 -0.18
C LEU A 85 -5.76 7.41 1.30
N ASP A 86 -6.63 7.90 2.16
CA ASP A 86 -6.37 7.81 3.62
C ASP A 86 -6.24 6.35 4.03
N LYS A 87 -7.08 5.49 3.49
CA LYS A 87 -6.99 4.05 3.82
C LYS A 87 -5.73 3.50 3.17
N ILE A 88 -5.52 3.87 1.94
CA ILE A 88 -4.27 3.43 1.24
C ILE A 88 -3.08 3.97 2.02
N PHE A 89 -3.19 5.19 2.47
CA PHE A 89 -2.09 5.81 3.26
C PHE A 89 -2.03 5.19 4.65
N ALA A 90 -3.10 4.56 5.05
CA ALA A 90 -3.14 3.89 6.36
C ALA A 90 -2.40 2.56 6.21
N GLY A 91 -2.51 1.96 5.06
CA GLY A 91 -1.81 0.69 4.81
C GLY A 91 -0.31 1.01 4.74
N VAL A 92 0.02 2.09 4.09
CA VAL A 92 1.44 2.50 4.01
C VAL A 92 1.91 2.86 5.41
N ASP A 93 0.98 3.20 6.27
CA ASP A 93 1.33 3.55 7.67
C ASP A 93 1.55 2.28 8.47
N MET A 94 0.89 1.22 8.10
CA MET A 94 1.08 -0.07 8.83
C MET A 94 2.39 -0.72 8.37
N ILE A 95 2.66 -0.73 7.10
CA ILE A 95 3.93 -1.31 6.62
C ILE A 95 5.08 -0.55 7.26
N THR A 96 4.94 0.73 7.44
CA THR A 96 6.01 1.52 8.10
C THR A 96 6.16 0.97 9.50
N ARG A 97 5.05 0.73 10.16
CA ARG A 97 5.12 0.16 11.53
C ARG A 97 5.55 -1.31 11.45
N MET A 98 5.09 -2.01 10.44
CA MET A 98 5.49 -3.43 10.28
C MET A 98 6.97 -3.47 9.97
N VAL A 99 7.43 -2.48 9.24
CA VAL A 99 8.86 -2.42 8.89
C VAL A 99 9.65 -1.74 10.01
N ASP A 100 9.13 -0.69 10.59
CA ASP A 100 9.86 -0.03 11.70
C ASP A 100 10.04 -1.05 12.81
N LYS A 101 9.13 -1.97 12.91
CA LYS A 101 9.24 -3.02 13.95
C LYS A 101 10.02 -4.21 13.37
N ILE A 102 10.02 -4.35 12.06
CA ILE A 102 10.77 -5.49 11.45
C ILE A 102 12.26 -5.15 11.57
N VAL A 103 12.63 -3.97 11.16
CA VAL A 103 14.03 -3.56 11.28
C VAL A 103 14.39 -3.58 12.76
N SER A 104 13.41 -3.32 13.59
CA SER A 104 13.64 -3.33 15.07
C SER A 104 13.60 -4.75 15.60
N GLU A 105 12.51 -5.41 15.39
CA GLU A 105 12.38 -6.82 15.90
C GLU A 105 12.53 -7.81 14.73
N GLY A 106 11.99 -7.47 13.59
CA GLY A 106 12.09 -8.39 12.42
C GLY A 106 10.74 -9.09 12.22
N SER A 107 9.68 -8.49 12.69
CA SER A 107 8.33 -9.14 12.53
C SER A 107 7.33 -8.18 11.90
N ASP A 108 6.72 -8.57 10.83
CA ASP A 108 5.70 -7.70 10.19
C ASP A 108 4.36 -7.95 10.88
N ASP A 109 4.37 -8.65 11.99
CA ASP A 109 3.10 -8.95 12.70
C ASP A 109 2.78 -7.87 13.74
N ILE A 110 2.33 -6.73 13.30
CA ILE A 110 1.99 -5.64 14.27
C ILE A 110 0.48 -5.65 14.54
N GLY A 111 -0.13 -6.80 14.55
CA GLY A 111 -1.60 -6.86 14.81
C GLY A 111 -2.33 -6.40 13.55
N GLU A 112 -1.60 -6.09 12.50
CA GLU A 112 -2.25 -5.63 11.24
C GLU A 112 -3.47 -6.48 10.90
N ASN A 113 -4.22 -6.08 9.91
CA ASN A 113 -5.42 -6.85 9.50
C ASN A 113 -5.62 -6.72 7.98
N ILE A 114 -4.83 -7.41 7.22
CA ILE A 114 -4.96 -7.32 5.73
C ILE A 114 -6.36 -7.68 5.28
N ASP A 115 -6.75 -8.92 5.43
CA ASP A 115 -8.12 -9.32 4.99
C ASP A 115 -9.13 -8.26 5.45
N VAL A 116 -8.80 -7.58 6.49
CA VAL A 116 -9.71 -6.52 7.01
C VAL A 116 -9.39 -5.18 6.37
N PHE A 117 -8.16 -4.78 6.44
CA PHE A 117 -7.77 -3.48 5.83
C PHE A 117 -8.00 -3.52 4.33
N SER A 118 -8.06 -4.70 3.77
CA SER A 118 -8.32 -4.82 2.32
C SER A 118 -9.81 -4.90 2.12
N ASP A 119 -10.45 -5.63 2.97
CA ASP A 119 -11.93 -5.76 2.89
C ASP A 119 -12.55 -4.43 3.23
N THR A 120 -11.91 -3.72 4.10
CA THR A 120 -12.41 -2.38 4.49
C THR A 120 -12.31 -1.48 3.27
N ILE A 121 -11.23 -1.59 2.59
CA ILE A 121 -11.01 -0.79 1.36
C ILE A 121 -11.80 -1.40 0.20
N LYS A 122 -11.75 -2.70 0.07
CA LYS A 122 -12.49 -3.37 -1.03
C LYS A 122 -13.99 -3.20 -0.79
N SER A 123 -14.38 -3.15 0.45
CA SER A 123 -15.82 -2.95 0.76
C SER A 123 -16.12 -1.46 0.79
N PHE A 124 -15.09 -0.67 0.79
CA PHE A 124 -15.28 0.81 0.79
C PHE A 124 -15.77 1.25 -0.60
N ALA A 125 -15.87 0.32 -1.50
CA ALA A 125 -16.33 0.66 -2.87
C ALA A 125 -17.63 -0.08 -3.19
N SER A 126 -17.95 -0.24 -4.44
CA SER A 126 -19.20 -0.96 -4.81
C SER A 126 -18.96 -2.47 -4.80
N SER A 127 -18.55 -3.02 -5.92
CA SER A 127 -18.31 -4.49 -5.97
C SER A 127 -17.23 -4.81 -7.01
N GLY A 128 -17.05 -6.07 -7.32
CA GLY A 128 -16.02 -6.46 -8.32
C GLY A 128 -15.84 -7.97 -8.31
N LYS A 129 -16.21 -8.63 -9.37
CA LYS A 129 -16.06 -10.11 -9.41
C LYS A 129 -16.60 -10.73 -8.11
N GLU A 130 -15.94 -11.71 -7.58
CA GLU A 130 -16.42 -12.34 -6.32
C GLU A 130 -16.65 -11.27 -5.25
N LYS A 131 -17.46 -11.54 -4.27
CA LYS A 131 -17.72 -10.53 -3.21
C LYS A 131 -17.93 -11.22 -1.85
N LEU A 132 -18.76 -10.65 -1.02
CA LEU A 132 -19.01 -11.28 0.32
C LEU A 132 -19.74 -12.60 0.14
N GLU A 133 -19.05 -13.71 0.30
CA GLU A 133 -19.72 -15.03 0.14
C GLU A 133 -20.80 -15.21 1.20
N MET A 1 27.05 -11.80 0.64
CA MET A 1 28.10 -12.43 1.50
C MET A 1 27.63 -12.50 2.95
N MET A 2 26.63 -11.74 3.30
CA MET A 2 26.13 -11.76 4.70
C MET A 2 24.67 -11.30 4.76
N GLU A 3 24.25 -10.76 5.87
CA GLU A 3 22.84 -10.29 5.99
C GLU A 3 22.67 -8.94 5.30
N GLU A 4 23.70 -8.43 4.72
CA GLU A 4 23.57 -7.11 4.07
C GLU A 4 22.66 -7.19 2.86
N TYR A 5 22.25 -8.38 2.49
CA TYR A 5 21.35 -8.54 1.33
C TYR A 5 19.99 -7.94 1.64
N LEU A 6 19.51 -8.19 2.81
CA LEU A 6 18.19 -7.62 3.21
C LEU A 6 18.38 -6.16 3.62
N GLY A 7 19.56 -5.82 4.08
CA GLY A 7 19.82 -4.40 4.48
C GLY A 7 19.49 -3.49 3.30
N VAL A 8 19.81 -3.91 2.11
CA VAL A 8 19.52 -3.07 0.92
C VAL A 8 18.06 -3.24 0.51
N PHE A 9 17.54 -4.40 0.73
CA PHE A 9 16.11 -4.64 0.39
C PHE A 9 15.21 -3.79 1.29
N VAL A 10 15.63 -3.58 2.51
CA VAL A 10 14.81 -2.76 3.45
C VAL A 10 15.11 -1.27 3.23
N ASP A 11 16.33 -0.95 2.89
CA ASP A 11 16.67 0.48 2.65
C ASP A 11 15.93 0.97 1.41
N GLU A 12 15.52 0.05 0.59
CA GLU A 12 14.76 0.43 -0.63
C GLU A 12 13.26 0.44 -0.34
N THR A 13 12.76 -0.57 0.31
CA THR A 13 11.31 -0.60 0.62
C THR A 13 10.91 0.67 1.40
N LYS A 14 11.82 1.23 2.14
CA LYS A 14 11.51 2.47 2.90
C LYS A 14 11.66 3.68 2.00
N GLU A 15 12.76 3.79 1.30
CA GLU A 15 12.95 4.94 0.39
C GLU A 15 11.90 4.88 -0.73
N TYR A 16 11.25 3.76 -0.85
CA TYR A 16 10.21 3.59 -1.89
C TYR A 16 8.83 3.98 -1.33
N LEU A 17 8.52 3.55 -0.13
CA LEU A 17 7.20 3.92 0.46
C LEU A 17 7.09 5.44 0.55
N GLN A 18 8.19 6.09 0.82
CA GLN A 18 8.18 7.58 0.89
C GLN A 18 8.08 8.10 -0.53
N ASN A 19 8.87 7.53 -1.39
CA ASN A 19 8.80 7.92 -2.82
C ASN A 19 7.41 7.55 -3.30
N LEU A 20 6.81 6.61 -2.62
CA LEU A 20 5.43 6.19 -2.96
C LEU A 20 4.44 7.03 -2.17
N ASN A 21 4.93 7.79 -1.23
CA ASN A 21 4.04 8.66 -0.46
C ASN A 21 4.05 9.99 -1.15
N ASP A 22 5.18 10.29 -1.72
CA ASP A 22 5.28 11.55 -2.46
C ASP A 22 4.42 11.42 -3.70
N THR A 23 4.34 10.23 -4.18
CA THR A 23 3.50 9.93 -5.36
C THR A 23 2.03 9.94 -4.93
N LEU A 24 1.77 9.36 -3.79
CA LEU A 24 0.37 9.33 -3.29
C LEU A 24 0.04 10.70 -2.71
N LEU A 25 1.03 11.40 -2.24
CA LEU A 25 0.78 12.75 -1.66
C LEU A 25 0.60 13.75 -2.78
N GLU A 26 1.06 13.41 -3.93
CA GLU A 26 0.87 14.28 -5.09
C GLU A 26 -0.39 13.79 -5.75
N LEU A 27 -0.70 12.56 -5.50
CA LEU A 27 -1.91 11.97 -6.06
C LEU A 27 -3.12 12.57 -5.34
N GLU A 28 -2.97 12.96 -4.10
CA GLU A 28 -4.11 13.58 -3.38
C GLU A 28 -4.38 14.93 -4.02
N LYS A 29 -3.34 15.65 -4.34
CA LYS A 29 -3.52 16.97 -5.00
C LYS A 29 -3.95 16.73 -6.45
N ASN A 30 -3.64 15.56 -6.92
CA ASN A 30 -4.01 15.16 -8.31
C ASN A 30 -4.41 13.70 -8.26
N PRO A 31 -5.58 13.51 -7.73
CA PRO A 31 -6.12 12.16 -7.53
C PRO A 31 -6.84 11.66 -8.78
N GLU A 32 -6.62 12.29 -9.91
CA GLU A 32 -7.28 11.84 -11.16
C GLU A 32 -6.21 11.67 -12.24
N ASP A 33 -4.99 12.02 -11.91
CA ASP A 33 -3.90 11.88 -12.90
C ASP A 33 -3.43 10.43 -12.94
N MET A 34 -3.46 9.80 -14.09
CA MET A 34 -3.03 8.38 -14.17
C MET A 34 -1.53 8.26 -13.93
N GLU A 35 -0.84 9.36 -13.77
CA GLU A 35 0.63 9.27 -13.50
C GLU A 35 0.85 8.90 -12.04
N LEU A 36 0.35 9.69 -11.14
CA LEU A 36 0.51 9.33 -9.70
C LEU A 36 -0.24 8.04 -9.45
N ILE A 37 -1.24 7.78 -10.24
CA ILE A 37 -2.02 6.53 -10.07
C ILE A 37 -1.20 5.36 -10.61
N ASN A 38 -0.42 5.60 -11.64
CA ASN A 38 0.42 4.51 -12.21
C ASN A 38 1.78 4.49 -11.52
N GLU A 39 2.19 5.61 -11.03
CA GLU A 39 3.51 5.67 -10.33
C GLU A 39 3.38 4.98 -8.98
N ALA A 40 2.20 5.01 -8.45
CA ALA A 40 1.94 4.34 -7.15
C ALA A 40 1.51 2.89 -7.39
N PHE A 41 0.61 2.67 -8.32
CA PHE A 41 0.19 1.27 -8.60
C PHE A 41 1.45 0.40 -8.74
N ARG A 42 2.38 0.84 -9.55
CA ARG A 42 3.64 0.06 -9.73
C ARG A 42 4.38 -0.05 -8.40
N ALA A 43 4.85 1.06 -7.89
CA ALA A 43 5.58 1.02 -6.59
C ALA A 43 4.90 0.06 -5.62
N LEU A 44 3.62 0.19 -5.44
CA LEU A 44 2.90 -0.73 -4.52
C LEU A 44 2.96 -2.15 -5.08
N HIS A 45 2.86 -2.28 -6.38
CA HIS A 45 2.93 -3.62 -7.00
C HIS A 45 4.36 -4.15 -6.85
N THR A 46 5.32 -3.25 -6.89
CA THR A 46 6.73 -3.67 -6.71
C THR A 46 7.01 -3.84 -5.22
N LEU A 47 6.42 -3.00 -4.41
CA LEU A 47 6.61 -3.11 -2.93
C LEU A 47 5.80 -4.29 -2.41
N LYS A 48 4.64 -4.52 -2.98
CA LYS A 48 3.80 -5.66 -2.53
C LYS A 48 4.53 -6.96 -2.81
N GLY A 49 5.27 -7.02 -3.87
CA GLY A 49 6.03 -8.26 -4.20
C GLY A 49 7.18 -8.41 -3.21
N MET A 50 7.85 -7.32 -2.90
CA MET A 50 8.98 -7.39 -1.93
C MET A 50 8.45 -7.77 -0.55
N ALA A 51 7.22 -7.41 -0.27
CA ALA A 51 6.63 -7.75 1.06
C ALA A 51 5.98 -9.14 1.00
N GLY A 52 5.90 -9.70 -0.18
CA GLY A 52 5.29 -11.05 -0.32
C GLY A 52 6.30 -12.10 0.16
N THR A 53 7.55 -11.72 0.23
CA THR A 53 8.59 -12.69 0.70
C THR A 53 9.36 -12.10 1.85
N MET A 54 9.58 -10.83 1.82
CA MET A 54 10.31 -10.16 2.92
C MET A 54 9.32 -9.38 3.78
N GLY A 55 8.16 -9.16 3.26
CA GLY A 55 7.11 -8.44 4.03
C GLY A 55 6.25 -9.48 4.72
N PHE A 56 6.55 -10.74 4.48
CA PHE A 56 5.77 -11.83 5.13
C PHE A 56 4.40 -11.98 4.50
N SER A 57 4.10 -11.18 3.52
CA SER A 57 2.76 -11.23 2.86
C SER A 57 1.72 -10.62 3.78
N SER A 58 2.08 -10.34 4.99
CA SER A 58 1.13 -9.70 5.93
C SER A 58 1.14 -8.22 5.59
N MET A 59 2.27 -7.76 5.12
CA MET A 59 2.37 -6.34 4.72
C MET A 59 2.38 -6.24 3.19
N ALA A 60 2.47 -7.36 2.52
CA ALA A 60 2.47 -7.33 1.04
C ALA A 60 1.04 -7.37 0.53
N LYS A 61 0.17 -8.06 1.21
CA LYS A 61 -1.25 -8.07 0.76
C LYS A 61 -1.80 -6.68 0.97
N LEU A 62 -1.32 -6.05 1.99
CA LEU A 62 -1.73 -4.67 2.29
C LEU A 62 -1.25 -3.76 1.15
N CYS A 63 -0.07 -4.02 0.65
CA CYS A 63 0.46 -3.20 -0.47
C CYS A 63 -0.35 -3.49 -1.73
N HIS A 64 -0.82 -4.70 -1.86
CA HIS A 64 -1.65 -5.05 -3.05
C HIS A 64 -2.97 -4.30 -2.94
N THR A 65 -3.48 -4.18 -1.75
CA THR A 65 -4.76 -3.46 -1.54
C THR A 65 -4.62 -2.00 -2.00
N LEU A 66 -3.65 -1.29 -1.49
CA LEU A 66 -3.46 0.11 -1.93
C LEU A 66 -3.39 0.16 -3.45
N GLU A 67 -2.57 -0.69 -4.00
CA GLU A 67 -2.43 -0.75 -5.48
C GLU A 67 -3.75 -1.14 -6.12
N ASN A 68 -4.59 -1.85 -5.41
CA ASN A 68 -5.89 -2.23 -6.00
C ASN A 68 -6.68 -0.97 -6.27
N ILE A 69 -6.62 -0.04 -5.35
CA ILE A 69 -7.34 1.24 -5.57
C ILE A 69 -6.71 1.92 -6.75
N LEU A 70 -5.46 1.74 -6.85
CA LEU A 70 -4.72 2.32 -8.02
C LEU A 70 -5.07 1.52 -9.25
N ASP A 71 -5.55 0.33 -9.05
CA ASP A 71 -5.94 -0.49 -10.23
C ASP A 71 -7.35 -0.09 -10.63
N LYS A 72 -8.23 0.06 -9.69
CA LYS A 72 -9.61 0.50 -10.06
C LYS A 72 -9.50 1.97 -10.42
N ALA A 73 -8.56 2.65 -9.81
CA ALA A 73 -8.33 4.07 -10.14
C ALA A 73 -7.91 4.13 -11.61
N ARG A 74 -7.23 3.11 -12.05
CA ARG A 74 -6.79 3.05 -13.47
C ARG A 74 -7.90 2.41 -14.31
N ASN A 75 -8.76 1.67 -13.66
CA ASN A 75 -9.88 1.01 -14.40
C ASN A 75 -11.13 1.87 -14.34
N SER A 76 -11.03 3.02 -13.75
CA SER A 76 -12.22 3.93 -13.64
C SER A 76 -13.25 3.33 -12.67
N GLU A 77 -12.81 2.73 -11.61
CA GLU A 77 -13.78 2.16 -10.63
C GLU A 77 -13.73 2.95 -9.34
N ILE A 78 -12.62 3.58 -9.10
CA ILE A 78 -12.48 4.37 -7.85
C ILE A 78 -11.58 5.58 -8.10
N LYS A 79 -11.60 6.52 -7.20
CA LYS A 79 -10.73 7.72 -7.34
C LYS A 79 -10.24 8.18 -5.97
N ILE A 80 -9.02 8.66 -5.88
CA ILE A 80 -8.52 9.13 -4.57
C ILE A 80 -9.44 10.23 -4.08
N THR A 81 -10.38 9.86 -3.28
CA THR A 81 -11.38 10.83 -2.75
C THR A 81 -11.05 11.19 -1.30
N SER A 82 -9.80 11.13 -0.92
CA SER A 82 -9.43 11.45 0.49
C SER A 82 -9.87 10.31 1.41
N ASP A 83 -10.56 9.34 0.88
CA ASP A 83 -11.00 8.18 1.70
C ASP A 83 -10.30 6.94 1.19
N LEU A 84 -10.34 6.69 -0.09
CA LEU A 84 -9.63 5.50 -0.63
C LEU A 84 -8.13 5.71 -0.45
N LEU A 85 -7.71 6.93 -0.40
CA LEU A 85 -6.26 7.21 -0.20
C LEU A 85 -5.96 7.29 1.30
N ASP A 86 -6.91 7.74 2.07
CA ASP A 86 -6.70 7.82 3.55
C ASP A 86 -6.46 6.42 4.09
N LYS A 87 -7.19 5.45 3.61
CA LYS A 87 -6.97 4.05 4.09
C LYS A 87 -5.68 3.54 3.46
N ILE A 88 -5.45 3.87 2.23
CA ILE A 88 -4.20 3.43 1.56
C ILE A 88 -3.03 4.01 2.36
N PHE A 89 -3.03 5.30 2.57
CA PHE A 89 -1.94 5.93 3.35
C PHE A 89 -1.96 5.38 4.77
N ALA A 90 -3.08 4.85 5.17
CA ALA A 90 -3.18 4.25 6.51
C ALA A 90 -2.55 2.86 6.45
N GLY A 91 -2.61 2.26 5.29
CA GLY A 91 -1.99 0.93 5.12
C GLY A 91 -0.47 1.14 5.11
N VAL A 92 -0.03 2.15 4.41
CA VAL A 92 1.42 2.46 4.37
C VAL A 92 1.85 2.84 5.79
N ASP A 93 0.91 3.28 6.58
CA ASP A 93 1.22 3.66 7.98
C ASP A 93 1.50 2.40 8.78
N MET A 94 0.70 1.38 8.59
CA MET A 94 0.94 0.11 9.32
C MET A 94 2.12 -0.59 8.66
N ILE A 95 2.19 -0.48 7.36
CA ILE A 95 3.33 -1.09 6.62
C ILE A 95 4.64 -0.56 7.20
N THR A 96 4.71 0.74 7.39
CA THR A 96 5.94 1.33 7.97
C THR A 96 6.07 0.88 9.42
N ARG A 97 4.97 0.80 10.11
CA ARG A 97 5.02 0.34 11.53
C ARG A 97 5.37 -1.15 11.58
N MET A 98 4.83 -1.91 10.66
CA MET A 98 5.15 -3.36 10.64
C MET A 98 6.58 -3.53 10.15
N VAL A 99 7.07 -2.57 9.43
CA VAL A 99 8.46 -2.63 8.94
C VAL A 99 9.41 -2.15 10.04
N ASP A 100 9.01 -1.15 10.78
CA ASP A 100 9.88 -0.67 11.88
C ASP A 100 10.04 -1.81 12.87
N LYS A 101 8.99 -2.56 13.05
CA LYS A 101 9.05 -3.72 13.97
C LYS A 101 9.82 -4.84 13.26
N ILE A 102 9.92 -4.75 11.96
CA ILE A 102 10.69 -5.78 11.20
C ILE A 102 12.17 -5.51 11.42
N VAL A 103 12.58 -4.30 11.18
CA VAL A 103 14.00 -3.93 11.42
C VAL A 103 14.27 -4.14 12.91
N SER A 104 13.23 -4.09 13.70
CA SER A 104 13.39 -4.29 15.17
C SER A 104 13.31 -5.78 15.51
N GLU A 105 12.23 -6.38 15.15
CA GLU A 105 12.04 -7.83 15.43
C GLU A 105 12.19 -8.66 14.15
N GLY A 106 11.64 -8.18 13.07
CA GLY A 106 11.73 -8.92 11.78
C GLY A 106 10.36 -9.49 11.42
N SER A 107 9.31 -8.86 11.86
CA SER A 107 7.94 -9.38 11.54
C SER A 107 7.03 -8.27 11.00
N ASP A 108 6.53 -8.45 9.82
CA ASP A 108 5.62 -7.41 9.25
C ASP A 108 4.22 -7.61 9.80
N ASP A 109 4.06 -8.53 10.74
CA ASP A 109 2.71 -8.77 11.31
C ASP A 109 2.60 -8.10 12.69
N ILE A 110 1.93 -6.98 12.76
CA ILE A 110 1.79 -6.29 14.07
C ILE A 110 0.38 -6.52 14.64
N GLY A 111 -0.25 -7.58 14.25
CA GLY A 111 -1.63 -7.86 14.78
C GLY A 111 -2.65 -7.04 14.00
N GLU A 112 -2.21 -6.20 13.10
CA GLU A 112 -3.17 -5.38 12.32
C GLU A 112 -4.08 -6.28 11.48
N ASN A 113 -4.72 -5.74 10.47
CA ASN A 113 -5.63 -6.57 9.63
C ASN A 113 -5.33 -6.37 8.15
N ILE A 114 -5.39 -7.43 7.39
CA ILE A 114 -5.13 -7.31 5.93
C ILE A 114 -6.43 -7.62 5.17
N ASP A 115 -6.78 -8.87 5.06
CA ASP A 115 -8.04 -9.22 4.35
C ASP A 115 -9.17 -8.37 4.90
N VAL A 116 -9.00 -7.90 6.10
CA VAL A 116 -10.04 -7.06 6.74
C VAL A 116 -9.76 -5.59 6.43
N PHE A 117 -8.53 -5.21 6.51
CA PHE A 117 -8.17 -3.79 6.21
C PHE A 117 -8.19 -3.59 4.68
N SER A 118 -8.13 -4.68 3.95
CA SER A 118 -8.17 -4.60 2.49
C SER A 118 -9.62 -4.71 2.06
N ASP A 119 -10.36 -5.50 2.79
CA ASP A 119 -11.81 -5.67 2.48
C ASP A 119 -12.54 -4.43 2.95
N THR A 120 -12.04 -3.83 3.98
CA THR A 120 -12.64 -2.58 4.49
C THR A 120 -12.48 -1.52 3.41
N ILE A 121 -11.31 -1.46 2.89
CA ILE A 121 -11.02 -0.49 1.80
C ILE A 121 -11.75 -0.95 0.54
N LYS A 122 -11.75 -2.23 0.27
CA LYS A 122 -12.45 -2.76 -0.91
C LYS A 122 -13.94 -2.53 -0.74
N SER A 123 -14.40 -2.61 0.47
CA SER A 123 -15.84 -2.37 0.73
C SER A 123 -16.09 -0.87 0.81
N PHE A 124 -15.05 -0.13 1.01
CA PHE A 124 -15.19 1.35 1.08
C PHE A 124 -15.30 1.92 -0.33
N ALA A 125 -15.25 1.06 -1.30
CA ALA A 125 -15.35 1.52 -2.72
C ALA A 125 -16.70 1.12 -3.32
N SER A 126 -17.26 1.95 -4.15
CA SER A 126 -18.57 1.62 -4.76
C SER A 126 -18.54 1.92 -6.26
N SER A 127 -19.62 2.40 -6.81
CA SER A 127 -19.64 2.71 -8.27
C SER A 127 -20.33 4.06 -8.52
N GLY A 128 -21.40 4.33 -7.82
CA GLY A 128 -22.11 5.62 -8.02
C GLY A 128 -22.16 6.39 -6.69
N LYS A 129 -22.50 7.66 -6.74
CA LYS A 129 -22.56 8.46 -5.48
C LYS A 129 -24.01 8.53 -4.97
N GLU A 130 -24.19 8.39 -3.69
CA GLU A 130 -25.58 8.45 -3.14
C GLU A 130 -26.45 7.35 -3.76
N LYS A 131 -27.46 6.92 -3.05
CA LYS A 131 -28.35 5.85 -3.61
C LYS A 131 -27.51 4.72 -4.21
N LEU A 132 -27.27 3.67 -3.46
CA LEU A 132 -26.46 2.54 -3.98
C LEU A 132 -26.87 1.24 -3.29
N GLU A 133 -26.47 0.12 -3.82
CA GLU A 133 -26.83 -1.18 -3.19
C GLU A 133 -25.61 -2.09 -3.08
N MET A 1 23.77 -15.17 8.60
CA MET A 1 23.25 -16.20 7.65
C MET A 1 22.56 -15.52 6.45
N MET A 2 23.29 -14.76 5.70
CA MET A 2 22.68 -14.06 4.53
C MET A 2 21.46 -13.26 4.96
N GLU A 3 21.58 -12.50 6.03
CA GLU A 3 20.42 -11.68 6.50
C GLU A 3 20.54 -10.26 6.01
N GLU A 4 21.64 -9.93 5.40
CA GLU A 4 21.81 -8.54 4.93
C GLU A 4 20.86 -8.26 3.76
N TYR A 5 20.19 -9.26 3.29
CA TYR A 5 19.24 -9.06 2.16
C TYR A 5 17.92 -8.50 2.69
N LEU A 6 17.67 -8.70 3.94
CA LEU A 6 16.41 -8.19 4.55
C LEU A 6 16.65 -6.77 5.10
N GLY A 7 17.84 -6.51 5.56
CA GLY A 7 18.15 -5.16 6.09
C GLY A 7 18.15 -4.15 4.94
N VAL A 8 18.65 -4.55 3.81
CA VAL A 8 18.67 -3.64 2.63
C VAL A 8 17.33 -3.70 1.90
N PHE A 9 16.63 -4.76 2.09
CA PHE A 9 15.29 -4.90 1.44
C PHE A 9 14.35 -3.82 1.99
N VAL A 10 14.46 -3.54 3.26
CA VAL A 10 13.57 -2.49 3.86
C VAL A 10 14.11 -1.10 3.53
N ASP A 11 15.41 -0.92 3.58
CA ASP A 11 15.99 0.41 3.26
C ASP A 11 15.54 0.84 1.87
N GLU A 12 15.23 -0.11 1.06
CA GLU A 12 14.76 0.20 -0.32
C GLU A 12 13.24 0.39 -0.30
N THR A 13 12.56 -0.43 0.45
CA THR A 13 11.08 -0.31 0.54
C THR A 13 10.72 1.04 1.18
N LYS A 14 11.56 1.52 2.06
CA LYS A 14 11.28 2.84 2.70
C LYS A 14 11.54 3.96 1.71
N GLU A 15 12.66 3.91 1.04
CA GLU A 15 12.97 4.98 0.05
C GLU A 15 11.90 4.98 -1.04
N TYR A 16 11.16 3.92 -1.12
CA TYR A 16 10.09 3.82 -2.14
C TYR A 16 8.77 4.35 -1.56
N LEU A 17 8.50 4.09 -0.31
CA LEU A 17 7.24 4.60 0.30
C LEU A 17 7.25 6.12 0.23
N GLN A 18 8.38 6.70 0.46
CA GLN A 18 8.49 8.18 0.39
C GLN A 18 8.33 8.57 -1.06
N ASN A 19 9.03 7.89 -1.90
CA ASN A 19 8.89 8.15 -3.35
C ASN A 19 7.45 7.84 -3.71
N LEU A 20 6.85 7.00 -2.92
CA LEU A 20 5.43 6.63 -3.15
C LEU A 20 4.53 7.58 -2.36
N ASN A 21 5.11 8.34 -1.48
CA ASN A 21 4.31 9.32 -0.72
C ASN A 21 4.38 10.59 -1.50
N ASP A 22 5.49 10.79 -2.12
CA ASP A 22 5.65 11.99 -2.95
C ASP A 22 4.68 11.85 -4.11
N THR A 23 4.49 10.64 -4.51
CA THR A 23 3.53 10.33 -5.58
C THR A 23 2.12 10.48 -5.03
N LEU A 24 1.90 9.93 -3.86
CA LEU A 24 0.57 10.02 -3.23
C LEU A 24 0.34 11.46 -2.79
N LEU A 25 1.41 12.18 -2.52
CA LEU A 25 1.24 13.60 -2.10
C LEU A 25 1.06 14.48 -3.33
N GLU A 26 1.45 13.97 -4.46
CA GLU A 26 1.24 14.72 -5.72
C GLU A 26 -0.06 14.22 -6.28
N LEU A 27 -0.35 13.00 -5.95
CA LEU A 27 -1.60 12.39 -6.39
C LEU A 27 -2.75 12.98 -5.57
N GLU A 28 -2.45 13.38 -4.37
CA GLU A 28 -3.50 13.99 -3.51
C GLU A 28 -3.83 15.37 -4.07
N LYS A 29 -2.83 16.08 -4.52
CA LYS A 29 -3.10 17.42 -5.12
C LYS A 29 -3.71 17.20 -6.50
N ASN A 30 -3.46 16.05 -7.03
CA ASN A 30 -4.03 15.67 -8.36
C ASN A 30 -4.46 14.23 -8.27
N PRO A 31 -5.55 14.07 -7.59
CA PRO A 31 -6.11 12.74 -7.32
C PRO A 31 -7.05 12.31 -8.45
N GLU A 32 -6.78 12.73 -9.66
CA GLU A 32 -7.64 12.33 -10.80
C GLU A 32 -6.74 12.08 -12.01
N ASP A 33 -5.45 12.06 -11.80
CA ASP A 33 -4.51 11.82 -12.91
C ASP A 33 -4.08 10.36 -12.90
N MET A 34 -4.19 9.67 -14.00
CA MET A 34 -3.78 8.23 -14.02
C MET A 34 -2.25 8.12 -14.03
N GLU A 35 -1.56 9.22 -13.96
CA GLU A 35 -0.08 9.15 -13.94
C GLU A 35 0.38 8.80 -12.53
N LEU A 36 0.04 9.61 -11.55
CA LEU A 36 0.45 9.28 -10.17
C LEU A 36 -0.26 7.99 -9.77
N ILE A 37 -1.38 7.71 -10.38
CA ILE A 37 -2.11 6.47 -10.07
C ILE A 37 -1.39 5.29 -10.71
N ASN A 38 -0.69 5.53 -11.80
CA ASN A 38 0.03 4.42 -12.46
C ASN A 38 1.44 4.32 -11.90
N GLU A 39 2.03 5.42 -11.56
CA GLU A 39 3.39 5.37 -10.97
C GLU A 39 3.29 4.84 -9.55
N ALA A 40 2.10 4.89 -9.02
CA ALA A 40 1.86 4.35 -7.66
C ALA A 40 1.46 2.88 -7.77
N PHE A 41 0.45 2.58 -8.54
CA PHE A 41 0.04 1.17 -8.72
C PHE A 41 1.28 0.30 -8.95
N ARG A 42 2.21 0.79 -9.72
CA ARG A 42 3.45 0.00 -9.98
C ARG A 42 4.32 -0.04 -8.72
N ALA A 43 4.50 1.08 -8.08
CA ALA A 43 5.32 1.10 -6.84
C ALA A 43 4.78 0.06 -5.86
N LEU A 44 3.50 0.08 -5.61
CA LEU A 44 2.93 -0.93 -4.68
C LEU A 44 3.05 -2.31 -5.31
N HIS A 45 2.93 -2.39 -6.61
CA HIS A 45 3.06 -3.70 -7.30
C HIS A 45 4.51 -4.16 -7.19
N THR A 46 5.43 -3.23 -7.22
CA THR A 46 6.87 -3.61 -7.10
C THR A 46 7.17 -3.84 -5.61
N LEU A 47 6.56 -3.07 -4.75
CA LEU A 47 6.78 -3.24 -3.30
C LEU A 47 6.06 -4.51 -2.83
N LYS A 48 4.87 -4.74 -3.29
CA LYS A 48 4.13 -5.96 -2.89
C LYS A 48 4.88 -7.20 -3.39
N GLY A 49 5.62 -7.06 -4.46
CA GLY A 49 6.38 -8.22 -4.99
C GLY A 49 7.66 -8.39 -4.18
N MET A 50 8.32 -7.31 -3.85
CA MET A 50 9.57 -7.41 -3.05
C MET A 50 9.32 -8.23 -1.79
N ALA A 51 8.11 -8.22 -1.30
CA ALA A 51 7.80 -9.01 -0.07
C ALA A 51 7.35 -10.41 -0.46
N GLY A 52 6.83 -10.57 -1.64
CA GLY A 52 6.40 -11.92 -2.09
C GLY A 52 7.64 -12.79 -2.26
N THR A 53 8.73 -12.18 -2.61
CA THR A 53 9.99 -12.94 -2.78
C THR A 53 10.71 -13.04 -1.43
N MET A 54 10.33 -12.21 -0.51
CA MET A 54 10.96 -12.21 0.83
C MET A 54 10.17 -13.12 1.78
N GLY A 55 9.19 -13.81 1.26
CA GLY A 55 8.39 -14.72 2.11
C GLY A 55 7.46 -13.91 3.02
N PHE A 56 7.45 -12.62 2.88
CA PHE A 56 6.56 -11.78 3.74
C PHE A 56 5.40 -11.24 2.91
N SER A 57 4.63 -12.11 2.31
CA SER A 57 3.49 -11.63 1.48
C SER A 57 2.47 -10.92 2.36
N SER A 58 2.61 -11.04 3.64
CA SER A 58 1.66 -10.35 4.55
C SER A 58 1.90 -8.85 4.42
N MET A 59 3.15 -8.48 4.34
CA MET A 59 3.48 -7.04 4.18
C MET A 59 3.22 -6.64 2.73
N ALA A 60 3.30 -7.59 1.83
CA ALA A 60 3.04 -7.28 0.41
C ALA A 60 1.55 -7.36 0.13
N LYS A 61 0.86 -8.17 0.87
CA LYS A 61 -0.60 -8.27 0.66
C LYS A 61 -1.21 -6.95 1.07
N LEU A 62 -0.53 -6.25 1.93
CA LEU A 62 -1.00 -4.92 2.37
C LEU A 62 -0.63 -3.93 1.26
N CYS A 63 0.48 -4.14 0.63
CA CYS A 63 0.91 -3.26 -0.48
C CYS A 63 0.00 -3.49 -1.69
N HIS A 64 -0.43 -4.71 -1.89
CA HIS A 64 -1.34 -5.00 -3.03
C HIS A 64 -2.67 -4.30 -2.74
N THR A 65 -3.02 -4.22 -1.50
CA THR A 65 -4.28 -3.54 -1.11
C THR A 65 -4.28 -2.11 -1.66
N LEU A 66 -3.36 -1.31 -1.21
CA LEU A 66 -3.29 0.09 -1.71
C LEU A 66 -3.24 0.05 -3.24
N GLU A 67 -2.49 -0.87 -3.76
CA GLU A 67 -2.36 -0.99 -5.24
C GLU A 67 -3.69 -1.38 -5.86
N ASN A 68 -4.54 -2.00 -5.11
CA ASN A 68 -5.85 -2.40 -5.66
C ASN A 68 -6.70 -1.16 -5.87
N ILE A 69 -6.63 -0.24 -4.96
CA ILE A 69 -7.42 1.01 -5.12
C ILE A 69 -6.79 1.81 -6.23
N LEU A 70 -5.52 1.77 -6.24
CA LEU A 70 -4.76 2.46 -7.29
C LEU A 70 -5.00 1.72 -8.60
N ASP A 71 -5.51 0.53 -8.51
CA ASP A 71 -5.81 -0.22 -9.75
C ASP A 71 -7.18 0.22 -10.26
N LYS A 72 -8.18 0.25 -9.40
CA LYS A 72 -9.51 0.71 -9.87
C LYS A 72 -9.40 2.20 -10.19
N ALA A 73 -8.46 2.84 -9.57
CA ALA A 73 -8.23 4.29 -9.86
C ALA A 73 -7.74 4.44 -11.29
N ARG A 74 -6.88 3.54 -11.72
CA ARG A 74 -6.37 3.62 -13.11
C ARG A 74 -7.31 2.86 -14.05
N ASN A 75 -8.13 2.00 -13.49
CA ASN A 75 -9.08 1.22 -14.32
C ASN A 75 -10.31 2.08 -14.64
N SER A 76 -10.30 3.32 -14.20
CA SER A 76 -11.44 4.24 -14.47
C SER A 76 -12.63 3.90 -13.56
N GLU A 77 -12.40 3.26 -12.44
CA GLU A 77 -13.54 2.95 -11.54
C GLU A 77 -13.54 3.94 -10.39
N ILE A 78 -12.40 4.44 -10.07
CA ILE A 78 -12.30 5.42 -8.94
C ILE A 78 -11.08 6.33 -9.10
N LYS A 79 -10.67 6.90 -8.00
CA LYS A 79 -9.49 7.80 -7.98
C LYS A 79 -9.15 8.10 -6.52
N ILE A 80 -8.44 9.15 -6.27
CA ILE A 80 -8.11 9.46 -4.87
C ILE A 80 -9.13 10.42 -4.29
N THR A 81 -10.09 9.87 -3.66
CA THR A 81 -11.16 10.67 -3.02
C THR A 81 -10.74 10.96 -1.58
N SER A 82 -9.46 10.98 -1.32
CA SER A 82 -8.99 11.21 0.08
C SER A 82 -9.35 9.98 0.90
N ASP A 83 -10.61 9.61 0.93
CA ASP A 83 -11.03 8.40 1.68
C ASP A 83 -10.27 7.18 1.17
N LEU A 84 -10.10 7.06 -0.12
CA LEU A 84 -9.34 5.88 -0.64
C LEU A 84 -7.92 5.99 -0.12
N LEU A 85 -7.46 7.20 -0.01
CA LEU A 85 -6.09 7.42 0.53
C LEU A 85 -6.13 7.24 2.04
N ASP A 86 -7.16 7.72 2.66
CA ASP A 86 -7.27 7.59 4.14
C ASP A 86 -7.01 6.15 4.57
N LYS A 87 -7.52 5.20 3.83
CA LYS A 87 -7.29 3.77 4.20
C LYS A 87 -5.96 3.31 3.61
N ILE A 88 -5.66 3.72 2.41
CA ILE A 88 -4.35 3.33 1.81
C ILE A 88 -3.25 3.97 2.66
N PHE A 89 -3.36 5.23 2.91
CA PHE A 89 -2.37 5.93 3.76
C PHE A 89 -2.29 5.21 5.09
N ALA A 90 -3.38 4.66 5.49
CA ALA A 90 -3.39 3.89 6.77
C ALA A 90 -2.68 2.58 6.50
N GLY A 91 -2.82 2.08 5.30
CA GLY A 91 -2.13 0.83 4.93
C GLY A 91 -0.64 1.15 4.82
N VAL A 92 -0.32 2.28 4.25
CA VAL A 92 1.10 2.68 4.14
C VAL A 92 1.62 2.98 5.56
N ASP A 93 0.72 3.23 6.47
CA ASP A 93 1.13 3.51 7.86
C ASP A 93 1.37 2.19 8.61
N MET A 94 0.73 1.15 8.17
CA MET A 94 0.92 -0.18 8.83
C MET A 94 2.24 -0.79 8.35
N ILE A 95 2.39 -0.96 7.07
CA ILE A 95 3.66 -1.52 6.57
C ILE A 95 4.83 -0.73 7.15
N THR A 96 4.68 0.56 7.25
CA THR A 96 5.77 1.39 7.83
C THR A 96 5.91 1.04 9.32
N ARG A 97 4.82 0.72 9.96
CA ARG A 97 4.88 0.36 11.41
C ARG A 97 5.49 -1.03 11.56
N MET A 98 5.01 -2.00 10.83
CA MET A 98 5.60 -3.35 10.94
C MET A 98 7.02 -3.29 10.42
N VAL A 99 7.26 -2.42 9.48
CA VAL A 99 8.64 -2.29 8.93
C VAL A 99 9.54 -1.74 10.04
N ASP A 100 9.01 -0.92 10.91
CA ASP A 100 9.83 -0.37 12.02
C ASP A 100 10.07 -1.45 13.07
N LYS A 101 9.12 -2.33 13.25
CA LYS A 101 9.31 -3.42 14.24
C LYS A 101 10.03 -4.57 13.52
N ILE A 102 9.71 -4.74 12.27
CA ILE A 102 10.38 -5.81 11.48
C ILE A 102 11.87 -5.46 11.41
N VAL A 103 12.15 -4.20 11.34
CA VAL A 103 13.56 -3.74 11.32
C VAL A 103 14.13 -3.89 12.72
N SER A 104 13.30 -3.73 13.71
CA SER A 104 13.75 -3.86 15.12
C SER A 104 13.79 -5.32 15.55
N GLU A 105 12.99 -6.13 14.91
CA GLU A 105 12.95 -7.57 15.27
C GLU A 105 12.72 -8.42 14.01
N GLY A 106 11.94 -7.92 13.09
CA GLY A 106 11.68 -8.71 11.85
C GLY A 106 10.28 -9.33 11.93
N SER A 107 9.42 -8.76 12.72
CA SER A 107 8.04 -9.33 12.83
C SER A 107 7.03 -8.35 12.26
N ASP A 108 6.21 -8.80 11.37
CA ASP A 108 5.17 -7.91 10.79
C ASP A 108 3.89 -8.07 11.60
N ASP A 109 3.99 -8.72 12.74
CA ASP A 109 2.78 -8.92 13.59
C ASP A 109 2.27 -7.59 14.17
N ILE A 110 1.98 -6.64 13.33
CA ILE A 110 1.49 -5.33 13.84
C ILE A 110 -0.05 -5.32 13.81
N GLY A 111 -0.67 -6.46 13.83
CA GLY A 111 -2.16 -6.48 13.78
C GLY A 111 -2.60 -5.89 12.43
N GLU A 112 -1.68 -5.85 11.49
CA GLU A 112 -2.00 -5.28 10.14
C GLU A 112 -3.41 -5.69 9.68
N ASN A 113 -3.83 -6.90 9.96
CA ASN A 113 -5.19 -7.32 9.51
C ASN A 113 -5.41 -6.90 8.05
N ILE A 114 -4.65 -7.46 7.15
CA ILE A 114 -4.81 -7.10 5.70
C ILE A 114 -6.19 -7.51 5.19
N ASP A 115 -6.44 -8.79 5.08
CA ASP A 115 -7.77 -9.25 4.58
C ASP A 115 -8.86 -8.36 5.17
N VAL A 116 -8.61 -7.90 6.35
CA VAL A 116 -9.57 -7.01 7.04
C VAL A 116 -9.38 -5.56 6.57
N PHE A 117 -8.19 -5.08 6.71
CA PHE A 117 -7.92 -3.68 6.26
C PHE A 117 -8.21 -3.56 4.77
N SER A 118 -8.26 -4.67 4.09
CA SER A 118 -8.56 -4.65 2.65
C SER A 118 -10.06 -4.80 2.48
N ASP A 119 -10.61 -5.73 3.18
CA ASP A 119 -12.08 -5.94 3.12
C ASP A 119 -12.78 -4.68 3.56
N THR A 120 -12.09 -3.91 4.35
CA THR A 120 -12.65 -2.61 4.81
C THR A 120 -12.65 -1.67 3.61
N ILE A 121 -11.51 -1.53 3.02
CA ILE A 121 -11.37 -0.67 1.83
C ILE A 121 -12.19 -1.27 0.68
N LYS A 122 -12.19 -2.57 0.57
CA LYS A 122 -12.98 -3.23 -0.50
C LYS A 122 -14.47 -2.97 -0.25
N SER A 123 -14.84 -2.90 0.99
CA SER A 123 -16.26 -2.62 1.32
C SER A 123 -16.48 -1.12 1.34
N PHE A 124 -15.41 -0.38 1.34
CA PHE A 124 -15.55 1.10 1.34
C PHE A 124 -15.95 1.59 -0.05
N ALA A 125 -16.06 0.68 -0.96
CA ALA A 125 -16.45 1.07 -2.36
C ALA A 125 -17.54 0.13 -2.88
N SER A 126 -17.17 -1.02 -3.37
CA SER A 126 -18.20 -1.97 -3.89
C SER A 126 -17.58 -3.35 -4.09
N SER A 127 -18.26 -4.21 -4.81
CA SER A 127 -17.72 -5.58 -5.04
C SER A 127 -17.67 -6.36 -3.72
N GLY A 128 -16.87 -5.91 -2.78
CA GLY A 128 -16.77 -6.62 -1.48
C GLY A 128 -18.02 -6.32 -0.64
N LYS A 129 -18.75 -7.34 -0.26
CA LYS A 129 -19.97 -7.12 0.56
C LYS A 129 -19.97 -8.07 1.76
N GLU A 130 -19.31 -7.69 2.82
CA GLU A 130 -19.27 -8.57 4.03
C GLU A 130 -20.31 -8.11 5.05
N LYS A 131 -20.40 -8.78 6.17
CA LYS A 131 -21.39 -8.38 7.20
C LYS A 131 -20.92 -8.83 8.59
N LEU A 132 -20.26 -7.95 9.31
CA LEU A 132 -19.78 -8.32 10.67
C LEU A 132 -20.65 -7.69 11.74
N GLU A 133 -21.60 -8.43 12.25
CA GLU A 133 -22.50 -7.87 13.31
C GLU A 133 -21.73 -7.72 14.62
N MET A 1 23.78 -18.01 0.55
CA MET A 1 22.60 -17.68 1.39
C MET A 1 22.95 -16.59 2.41
N MET A 2 22.93 -15.35 2.00
CA MET A 2 23.26 -14.25 2.94
C MET A 2 21.99 -13.53 3.39
N GLU A 3 22.07 -12.73 4.42
CA GLU A 3 20.87 -11.99 4.91
C GLU A 3 20.98 -10.51 4.60
N GLU A 4 22.14 -10.09 4.21
CA GLU A 4 22.32 -8.65 3.91
C GLU A 4 21.46 -8.24 2.72
N TYR A 5 20.93 -9.20 2.03
CA TYR A 5 20.07 -8.88 0.85
C TYR A 5 18.73 -8.33 1.33
N LEU A 6 18.26 -8.85 2.42
CA LEU A 6 16.96 -8.36 2.97
C LEU A 6 17.16 -7.03 3.69
N GLY A 7 18.33 -6.82 4.23
CA GLY A 7 18.59 -5.54 4.94
C GLY A 7 18.48 -4.39 3.96
N VAL A 8 18.95 -4.57 2.75
CA VAL A 8 18.87 -3.47 1.74
C VAL A 8 17.48 -3.43 1.12
N PHE A 9 16.84 -4.56 1.04
CA PHE A 9 15.48 -4.59 0.46
C PHE A 9 14.54 -3.74 1.31
N VAL A 10 14.76 -3.71 2.59
CA VAL A 10 13.91 -2.90 3.49
C VAL A 10 14.27 -1.42 3.35
N ASP A 11 15.55 -1.11 3.36
CA ASP A 11 15.95 0.31 3.20
C ASP A 11 15.46 0.83 1.86
N GLU A 12 15.17 -0.06 0.96
CA GLU A 12 14.66 0.35 -0.37
C GLU A 12 13.14 0.51 -0.30
N THR A 13 12.48 -0.34 0.44
CA THR A 13 10.99 -0.23 0.57
C THR A 13 10.64 1.08 1.27
N LYS A 14 11.42 1.47 2.25
CA LYS A 14 11.13 2.74 2.96
C LYS A 14 11.38 3.92 2.01
N GLU A 15 12.47 3.87 1.30
CA GLU A 15 12.77 4.96 0.33
C GLU A 15 11.68 4.98 -0.74
N TYR A 16 11.01 3.89 -0.87
CA TYR A 16 9.92 3.78 -1.89
C TYR A 16 8.59 4.24 -1.29
N LEU A 17 8.39 4.02 -0.02
CA LEU A 17 7.11 4.47 0.61
C LEU A 17 7.05 5.99 0.54
N GLN A 18 8.17 6.61 0.77
CA GLN A 18 8.22 8.09 0.70
C GLN A 18 8.08 8.48 -0.76
N ASN A 19 8.83 7.84 -1.59
CA ASN A 19 8.72 8.09 -3.04
C ASN A 19 7.32 7.71 -3.44
N LEU A 20 6.73 6.83 -2.68
CA LEU A 20 5.34 6.39 -2.96
C LEU A 20 4.37 7.28 -2.19
N ASN A 21 4.88 8.06 -1.28
CA ASN A 21 4.01 8.99 -0.54
C ASN A 21 4.04 10.28 -1.29
N ASP A 22 5.16 10.54 -1.87
CA ASP A 22 5.29 11.77 -2.65
C ASP A 22 4.40 11.61 -3.87
N THR A 23 4.29 10.41 -4.31
CA THR A 23 3.42 10.08 -5.46
C THR A 23 1.97 10.10 -5.00
N LEU A 24 1.74 9.55 -3.83
CA LEU A 24 0.37 9.52 -3.27
C LEU A 24 0.02 10.91 -2.76
N LEU A 25 1.03 11.66 -2.38
CA LEU A 25 0.75 13.03 -1.87
C LEU A 25 0.53 13.98 -3.03
N GLU A 26 0.96 13.59 -4.18
CA GLU A 26 0.71 14.41 -5.37
C GLU A 26 -0.55 13.86 -5.98
N LEU A 27 -0.74 12.60 -5.76
CA LEU A 27 -1.93 11.92 -6.26
C LEU A 27 -3.17 12.46 -5.54
N GLU A 28 -3.01 12.81 -4.28
CA GLU A 28 -4.16 13.34 -3.53
C GLU A 28 -4.52 14.71 -4.09
N LYS A 29 -3.53 15.49 -4.41
CA LYS A 29 -3.80 16.82 -4.99
C LYS A 29 -4.22 16.60 -6.44
N ASN A 30 -3.94 15.44 -6.93
CA ASN A 30 -4.31 15.09 -8.33
C ASN A 30 -4.59 13.62 -8.41
N PRO A 31 -5.74 13.30 -7.91
CA PRO A 31 -6.20 11.91 -7.86
C PRO A 31 -6.91 11.52 -9.16
N GLU A 32 -6.62 12.22 -10.23
CA GLU A 32 -7.29 11.89 -11.52
C GLU A 32 -6.32 12.15 -12.67
N ASP A 33 -5.07 12.38 -12.37
CA ASP A 33 -4.08 12.64 -13.45
C ASP A 33 -3.69 11.34 -14.14
N MET A 34 -4.01 10.24 -13.52
CA MET A 34 -3.67 8.91 -14.08
C MET A 34 -2.15 8.76 -14.20
N GLU A 35 -1.43 9.69 -13.64
CA GLU A 35 0.05 9.59 -13.69
C GLU A 35 0.52 9.28 -12.28
N LEU A 36 -0.10 9.89 -11.33
CA LEU A 36 0.26 9.59 -9.92
C LEU A 36 -0.42 8.27 -9.55
N ILE A 37 -1.44 7.91 -10.29
CA ILE A 37 -2.12 6.62 -10.02
C ILE A 37 -1.29 5.47 -10.61
N ASN A 38 -0.52 5.75 -11.63
CA ASN A 38 0.31 4.67 -12.22
C ASN A 38 1.68 4.63 -11.54
N GLU A 39 2.04 5.70 -10.90
CA GLU A 39 3.35 5.72 -10.18
C GLU A 39 3.17 5.02 -8.85
N ALA A 40 1.97 5.03 -8.36
CA ALA A 40 1.67 4.36 -7.07
C ALA A 40 1.24 2.92 -7.34
N PHE A 41 0.41 2.70 -8.32
CA PHE A 41 -0.02 1.30 -8.64
C PHE A 41 1.21 0.41 -8.81
N ARG A 42 2.21 0.88 -9.50
CA ARG A 42 3.44 0.05 -9.70
C ARG A 42 4.23 -0.02 -8.40
N ALA A 43 4.64 1.10 -7.87
CA ALA A 43 5.42 1.10 -6.60
C ALA A 43 4.83 0.09 -5.62
N LEU A 44 3.56 0.19 -5.35
CA LEU A 44 2.93 -0.77 -4.40
C LEU A 44 3.03 -2.19 -4.98
N HIS A 45 2.93 -2.32 -6.26
CA HIS A 45 3.05 -3.67 -6.88
C HIS A 45 4.52 -4.10 -6.78
N THR A 46 5.41 -3.15 -6.90
CA THR A 46 6.85 -3.46 -6.78
C THR A 46 7.17 -3.65 -5.29
N LEU A 47 6.51 -2.89 -4.46
CA LEU A 47 6.73 -3.02 -3.00
C LEU A 47 6.06 -4.30 -2.50
N LYS A 48 4.96 -4.66 -3.10
CA LYS A 48 4.25 -5.91 -2.68
C LYS A 48 5.14 -7.12 -2.98
N GLY A 49 5.84 -7.09 -4.07
CA GLY A 49 6.73 -8.23 -4.43
C GLY A 49 7.90 -8.29 -3.45
N MET A 50 8.59 -7.19 -3.25
CA MET A 50 9.73 -7.19 -2.30
C MET A 50 9.26 -7.58 -0.91
N ALA A 51 7.99 -7.44 -0.64
CA ALA A 51 7.46 -7.81 0.71
C ALA A 51 7.03 -9.28 0.70
N GLY A 52 6.90 -9.85 -0.46
CA GLY A 52 6.49 -11.28 -0.54
C GLY A 52 7.76 -12.13 -0.45
N THR A 53 8.78 -11.71 -1.14
CA THR A 53 10.07 -12.47 -1.09
C THR A 53 10.70 -12.32 0.29
N MET A 54 10.19 -11.42 1.07
CA MET A 54 10.74 -11.21 2.44
C MET A 54 9.95 -12.03 3.45
N GLY A 55 9.00 -12.78 2.99
CA GLY A 55 8.18 -13.61 3.92
C GLY A 55 7.16 -12.73 4.63
N PHE A 56 7.11 -11.47 4.28
CA PHE A 56 6.13 -10.55 4.94
C PHE A 56 4.93 -10.30 4.03
N SER A 57 4.21 -11.34 3.69
CA SER A 57 3.02 -11.15 2.79
C SER A 57 1.94 -10.37 3.54
N SER A 58 1.94 -10.45 4.82
CA SER A 58 0.94 -9.71 5.62
C SER A 58 1.10 -8.23 5.34
N MET A 59 2.31 -7.83 5.04
CA MET A 59 2.57 -6.41 4.73
C MET A 59 2.57 -6.24 3.21
N ALA A 60 2.80 -7.29 2.48
CA ALA A 60 2.79 -7.20 0.99
C ALA A 60 1.35 -7.21 0.50
N LYS A 61 0.48 -7.87 1.20
CA LYS A 61 -0.95 -7.88 0.75
C LYS A 61 -1.40 -6.44 0.70
N LEU A 62 -0.98 -5.67 1.66
CA LEU A 62 -1.34 -4.24 1.68
C LEU A 62 -0.75 -3.59 0.44
N CYS A 63 0.45 -3.95 0.10
CA CYS A 63 1.07 -3.39 -1.11
C CYS A 63 0.23 -3.77 -2.32
N HIS A 64 -0.37 -4.92 -2.26
CA HIS A 64 -1.23 -5.37 -3.38
C HIS A 64 -2.62 -4.74 -3.21
N THR A 65 -3.08 -4.66 -2.00
CA THR A 65 -4.42 -4.06 -1.73
C THR A 65 -4.36 -2.56 -2.07
N LEU A 66 -3.44 -1.85 -1.48
CA LEU A 66 -3.31 -0.42 -1.76
C LEU A 66 -3.25 -0.21 -3.27
N GLU A 67 -2.41 -0.96 -3.93
CA GLU A 67 -2.28 -0.85 -5.41
C GLU A 67 -3.57 -1.26 -6.09
N ASN A 68 -4.34 -2.10 -5.48
CA ASN A 68 -5.61 -2.50 -6.12
C ASN A 68 -6.45 -1.26 -6.29
N ILE A 69 -6.54 -0.45 -5.27
CA ILE A 69 -7.33 0.79 -5.39
C ILE A 69 -6.76 1.60 -6.52
N LEU A 70 -5.49 1.50 -6.67
CA LEU A 70 -4.80 2.22 -7.78
C LEU A 70 -5.20 1.57 -9.08
N ASP A 71 -5.57 0.34 -9.02
CA ASP A 71 -6.00 -0.36 -10.26
C ASP A 71 -7.42 0.08 -10.60
N LYS A 72 -8.24 0.25 -9.59
CA LYS A 72 -9.62 0.74 -9.86
C LYS A 72 -9.51 2.19 -10.26
N ALA A 73 -8.59 2.86 -9.64
CA ALA A 73 -8.33 4.28 -9.94
C ALA A 73 -7.92 4.40 -11.40
N ARG A 74 -7.24 3.39 -11.88
CA ARG A 74 -6.80 3.39 -13.30
C ARG A 74 -7.90 2.72 -14.13
N ASN A 75 -8.77 1.99 -13.49
CA ASN A 75 -9.87 1.31 -14.21
C ASN A 75 -11.16 2.13 -14.05
N SER A 76 -11.10 3.21 -13.31
CA SER A 76 -12.30 4.06 -13.09
C SER A 76 -13.28 3.40 -12.11
N GLU A 77 -12.81 2.50 -11.27
CA GLU A 77 -13.75 1.85 -10.32
C GLU A 77 -13.73 2.61 -8.99
N ILE A 78 -12.62 3.24 -8.70
CA ILE A 78 -12.53 4.02 -7.43
C ILE A 78 -11.79 5.33 -7.69
N LYS A 79 -11.73 6.18 -6.72
CA LYS A 79 -11.00 7.46 -6.92
C LYS A 79 -10.13 7.75 -5.68
N ILE A 80 -9.31 8.76 -5.76
CA ILE A 80 -8.44 9.09 -4.60
C ILE A 80 -8.83 10.47 -4.08
N THR A 81 -9.84 10.48 -3.29
CA THR A 81 -10.37 11.75 -2.71
C THR A 81 -9.71 12.06 -1.37
N SER A 82 -8.49 11.64 -1.18
CA SER A 82 -7.80 11.86 0.13
C SER A 82 -8.36 10.89 1.17
N ASP A 83 -9.40 10.17 0.82
CA ASP A 83 -9.99 9.19 1.75
C ASP A 83 -9.63 7.79 1.26
N LEU A 84 -9.88 7.50 0.01
CA LEU A 84 -9.49 6.16 -0.51
C LEU A 84 -8.00 6.02 -0.39
N LEU A 85 -7.29 7.10 -0.52
CA LEU A 85 -5.82 7.06 -0.38
C LEU A 85 -5.49 7.07 1.12
N ASP A 86 -6.31 7.73 1.90
CA ASP A 86 -6.06 7.76 3.36
C ASP A 86 -6.07 6.34 3.92
N LYS A 87 -6.87 5.48 3.36
CA LYS A 87 -6.89 4.08 3.83
C LYS A 87 -5.67 3.37 3.25
N ILE A 88 -5.46 3.53 1.98
CA ILE A 88 -4.26 2.91 1.37
C ILE A 88 -3.04 3.46 2.13
N PHE A 89 -3.01 4.75 2.32
CA PHE A 89 -1.89 5.37 3.07
C PHE A 89 -1.88 4.84 4.50
N ALA A 90 -3.00 4.34 4.93
CA ALA A 90 -3.09 3.76 6.29
C ALA A 90 -2.42 2.39 6.24
N GLY A 91 -2.55 1.72 5.13
CA GLY A 91 -1.90 0.41 4.96
C GLY A 91 -0.39 0.64 4.96
N VAL A 92 0.04 1.66 4.27
CA VAL A 92 1.49 1.99 4.25
C VAL A 92 1.91 2.41 5.66
N ASP A 93 0.97 2.91 6.41
CA ASP A 93 1.27 3.33 7.81
C ASP A 93 1.56 2.09 8.64
N MET A 94 0.79 1.05 8.45
CA MET A 94 1.04 -0.20 9.20
C MET A 94 2.27 -0.88 8.59
N ILE A 95 2.40 -0.77 7.29
CA ILE A 95 3.58 -1.36 6.62
C ILE A 95 4.84 -0.75 7.21
N THR A 96 4.79 0.51 7.55
CA THR A 96 5.98 1.16 8.17
C THR A 96 6.11 0.67 9.61
N ARG A 97 5.04 0.72 10.36
CA ARG A 97 5.10 0.24 11.76
C ARG A 97 5.66 -1.19 11.77
N MET A 98 5.23 -2.01 10.84
CA MET A 98 5.75 -3.39 10.78
C MET A 98 7.21 -3.32 10.41
N VAL A 99 7.56 -2.38 9.58
CA VAL A 99 8.97 -2.21 9.16
C VAL A 99 9.79 -1.69 10.34
N ASP A 100 9.23 -0.83 11.14
CA ASP A 100 10.00 -0.31 12.31
C ASP A 100 10.19 -1.44 13.32
N LYS A 101 9.27 -2.36 13.36
CA LYS A 101 9.40 -3.50 14.30
C LYS A 101 10.14 -4.62 13.56
N ILE A 102 9.86 -4.78 12.29
CA ILE A 102 10.55 -5.82 11.50
C ILE A 102 12.02 -5.45 11.47
N VAL A 103 12.28 -4.18 11.41
CA VAL A 103 13.68 -3.70 11.41
C VAL A 103 14.24 -3.88 12.82
N SER A 104 13.39 -3.80 13.80
CA SER A 104 13.82 -3.97 15.21
C SER A 104 13.91 -5.45 15.57
N GLU A 105 13.06 -6.23 15.00
CA GLU A 105 13.06 -7.70 15.30
C GLU A 105 12.88 -8.49 14.01
N GLY A 106 12.11 -8.00 13.09
CA GLY A 106 11.90 -8.73 11.81
C GLY A 106 10.49 -9.34 11.81
N SER A 107 9.60 -8.80 12.61
CA SER A 107 8.21 -9.34 12.64
C SER A 107 7.24 -8.31 12.09
N ASP A 108 6.39 -8.70 11.19
CA ASP A 108 5.39 -7.75 10.64
C ASP A 108 4.09 -7.91 11.43
N ASP A 109 4.14 -8.63 12.52
CA ASP A 109 2.90 -8.84 13.33
C ASP A 109 2.58 -7.62 14.20
N ILE A 110 1.97 -6.61 13.64
CA ILE A 110 1.62 -5.41 14.47
C ILE A 110 0.13 -5.43 14.80
N GLY A 111 -0.48 -6.58 14.76
CA GLY A 111 -1.93 -6.68 15.06
C GLY A 111 -2.74 -6.19 13.86
N GLU A 112 -2.07 -5.94 12.76
CA GLU A 112 -2.78 -5.45 11.54
C GLU A 112 -3.89 -6.43 11.13
N ASN A 113 -4.75 -6.00 10.24
CA ASN A 113 -5.86 -6.88 9.76
C ASN A 113 -6.03 -6.70 8.25
N ILE A 114 -5.24 -7.38 7.48
CA ILE A 114 -5.35 -7.24 6.00
C ILE A 114 -6.76 -7.59 5.51
N ASP A 115 -7.16 -8.83 5.62
CA ASP A 115 -8.52 -9.20 5.15
C ASP A 115 -9.53 -8.14 5.60
N VAL A 116 -9.22 -7.49 6.67
CA VAL A 116 -10.12 -6.43 7.20
C VAL A 116 -9.75 -5.07 6.62
N PHE A 117 -8.52 -4.71 6.73
CA PHE A 117 -8.07 -3.40 6.20
C PHE A 117 -8.31 -3.35 4.68
N SER A 118 -8.34 -4.49 4.05
CA SER A 118 -8.59 -4.53 2.60
C SER A 118 -10.08 -4.65 2.37
N ASP A 119 -10.72 -5.42 3.18
CA ASP A 119 -12.20 -5.59 3.03
C ASP A 119 -12.87 -4.28 3.36
N THR A 120 -12.31 -3.57 4.27
CA THR A 120 -12.85 -2.25 4.66
C THR A 120 -12.72 -1.33 3.46
N ILE A 121 -11.57 -1.37 2.87
CA ILE A 121 -11.31 -0.53 1.66
C ILE A 121 -12.06 -1.14 0.47
N LYS A 122 -12.03 -2.44 0.35
CA LYS A 122 -12.75 -3.10 -0.78
C LYS A 122 -14.24 -2.88 -0.58
N SER A 123 -14.66 -2.85 0.65
CA SER A 123 -16.09 -2.61 0.93
C SER A 123 -16.37 -1.12 0.84
N PHE A 124 -15.33 -0.33 0.78
CA PHE A 124 -15.50 1.14 0.67
C PHE A 124 -15.94 1.51 -0.74
N ALA A 125 -16.07 0.53 -1.59
CA ALA A 125 -16.50 0.79 -2.99
C ALA A 125 -17.83 0.09 -3.28
N SER A 126 -18.57 -0.26 -2.26
CA SER A 126 -19.87 -0.95 -2.48
C SER A 126 -20.96 -0.30 -1.64
N SER A 127 -20.64 0.11 -0.43
CA SER A 127 -21.67 0.76 0.44
C SER A 127 -21.62 2.28 0.28
N GLY A 128 -22.72 2.94 0.52
CA GLY A 128 -22.73 4.43 0.40
C GLY A 128 -22.03 5.05 1.60
N LYS A 129 -22.73 5.16 2.71
CA LYS A 129 -22.10 5.77 3.91
C LYS A 129 -21.78 7.23 3.66
N GLU A 130 -20.64 7.70 4.12
CA GLU A 130 -20.27 9.13 3.90
C GLU A 130 -21.46 10.04 4.23
N LYS A 131 -21.46 11.24 3.72
CA LYS A 131 -22.59 12.17 4.00
C LYS A 131 -22.95 12.97 2.73
N LEU A 132 -24.16 13.45 2.65
CA LEU A 132 -24.57 14.22 1.45
C LEU A 132 -24.65 15.71 1.79
N GLU A 133 -23.93 16.53 1.08
CA GLU A 133 -23.97 18.00 1.36
C GLU A 133 -23.97 18.79 0.05
N MET A 1 26.85 -13.90 7.56
CA MET A 1 27.86 -13.25 6.70
C MET A 1 27.28 -11.99 6.06
N MET A 2 27.60 -10.84 6.58
CA MET A 2 27.06 -9.57 6.01
C MET A 2 25.54 -9.55 6.13
N GLU A 3 25.01 -8.67 6.93
CA GLU A 3 23.52 -8.59 7.10
C GLU A 3 22.96 -7.48 6.23
N GLU A 4 23.80 -6.77 5.57
CA GLU A 4 23.29 -5.64 4.74
C GLU A 4 22.49 -6.17 3.55
N TYR A 5 22.48 -7.45 3.36
CA TYR A 5 21.69 -8.03 2.24
C TYR A 5 20.25 -7.58 2.35
N LEU A 6 19.69 -7.75 3.50
CA LEU A 6 18.28 -7.32 3.72
C LEU A 6 18.26 -5.83 4.06
N GLY A 7 19.32 -5.33 4.63
CA GLY A 7 19.36 -3.88 4.98
C GLY A 7 19.12 -3.06 3.72
N VAL A 8 19.69 -3.46 2.62
CA VAL A 8 19.48 -2.70 1.35
C VAL A 8 18.09 -2.99 0.81
N PHE A 9 17.73 -4.23 0.79
CA PHE A 9 16.37 -4.61 0.30
C PHE A 9 15.33 -3.83 1.10
N VAL A 10 15.59 -3.63 2.36
CA VAL A 10 14.62 -2.87 3.22
C VAL A 10 14.82 -1.37 3.00
N ASP A 11 16.05 -0.93 2.93
CA ASP A 11 16.29 0.52 2.71
C ASP A 11 15.60 0.97 1.43
N GLU A 12 15.28 0.03 0.59
CA GLU A 12 14.59 0.36 -0.69
C GLU A 12 13.08 0.35 -0.47
N THR A 13 12.58 -0.57 0.31
CA THR A 13 11.11 -0.63 0.55
C THR A 13 10.63 0.64 1.27
N LYS A 14 11.45 1.20 2.11
CA LYS A 14 11.04 2.44 2.83
C LYS A 14 11.22 3.66 1.92
N GLU A 15 12.32 3.73 1.22
CA GLU A 15 12.54 4.88 0.31
C GLU A 15 11.42 4.91 -0.73
N TYR A 16 10.83 3.78 -0.95
CA TYR A 16 9.73 3.67 -1.93
C TYR A 16 8.40 4.08 -1.29
N LEU A 17 8.21 3.80 -0.03
CA LEU A 17 6.93 4.20 0.62
C LEU A 17 6.83 5.71 0.60
N GLN A 18 7.93 6.36 0.84
CA GLN A 18 7.92 7.85 0.80
C GLN A 18 7.75 8.26 -0.65
N ASN A 19 8.53 7.67 -1.49
CA ASN A 19 8.41 7.96 -2.93
C ASN A 19 7.00 7.54 -3.34
N LEU A 20 6.43 6.65 -2.56
CA LEU A 20 5.05 6.19 -2.84
C LEU A 20 4.07 7.06 -2.08
N ASN A 21 4.55 7.83 -1.14
CA ASN A 21 3.67 8.75 -0.41
C ASN A 21 3.72 10.05 -1.15
N ASP A 22 4.84 10.29 -1.75
CA ASP A 22 5.01 11.52 -2.53
C ASP A 22 4.12 11.39 -3.75
N THR A 23 3.97 10.18 -4.18
CA THR A 23 3.09 9.89 -5.34
C THR A 23 1.65 9.99 -4.87
N LEU A 24 1.36 9.45 -3.72
CA LEU A 24 -0.01 9.52 -3.17
C LEU A 24 -0.26 10.94 -2.69
N LEU A 25 0.78 11.63 -2.32
CA LEU A 25 0.61 13.03 -1.85
C LEU A 25 0.53 13.97 -3.03
N GLU A 26 1.04 13.54 -4.12
CA GLU A 26 0.96 14.35 -5.35
C GLU A 26 -0.29 13.88 -6.05
N LEU A 27 -0.67 12.67 -5.76
CA LEU A 27 -1.88 12.11 -6.34
C LEU A 27 -3.08 12.75 -5.66
N GLU A 28 -2.92 13.19 -4.44
CA GLU A 28 -4.05 13.86 -3.73
C GLU A 28 -4.28 15.21 -4.41
N LYS A 29 -3.21 15.89 -4.77
CA LYS A 29 -3.37 17.20 -5.45
C LYS A 29 -3.84 16.94 -6.87
N ASN A 30 -3.57 15.75 -7.32
CA ASN A 30 -4.00 15.34 -8.70
C ASN A 30 -4.37 13.88 -8.63
N PRO A 31 -5.51 13.68 -8.07
CA PRO A 31 -6.05 12.32 -7.86
C PRO A 31 -6.78 11.81 -9.10
N GLU A 32 -6.49 12.37 -10.24
CA GLU A 32 -7.15 11.91 -11.48
C GLU A 32 -6.08 11.71 -12.56
N ASP A 33 -4.85 11.95 -12.20
CA ASP A 33 -3.75 11.77 -13.19
C ASP A 33 -3.29 10.31 -13.18
N MET A 34 -3.20 9.70 -14.33
CA MET A 34 -2.77 8.29 -14.38
C MET A 34 -1.27 8.16 -14.13
N GLU A 35 -0.59 9.25 -13.89
CA GLU A 35 0.87 9.16 -13.62
C GLU A 35 1.07 8.79 -12.15
N LEU A 36 0.56 9.58 -11.25
CA LEU A 36 0.71 9.24 -9.81
C LEU A 36 -0.08 7.96 -9.55
N ILE A 37 -1.06 7.71 -10.37
CA ILE A 37 -1.86 6.47 -10.20
C ILE A 37 -1.04 5.28 -10.71
N ASN A 38 -0.24 5.49 -11.73
CA ASN A 38 0.59 4.37 -12.25
C ASN A 38 1.95 4.36 -11.54
N GLU A 39 2.34 5.47 -11.02
CA GLU A 39 3.64 5.53 -10.30
C GLU A 39 3.48 4.80 -8.97
N ALA A 40 2.26 4.71 -8.52
CA ALA A 40 1.98 3.98 -7.26
C ALA A 40 1.70 2.52 -7.57
N PHE A 41 0.73 2.25 -8.41
CA PHE A 41 0.44 0.83 -8.77
C PHE A 41 1.73 0.11 -9.14
N ARG A 42 2.67 0.82 -9.73
CA ARG A 42 3.96 0.19 -10.11
C ARG A 42 4.87 0.07 -8.89
N ALA A 43 4.84 1.04 -8.03
CA ALA A 43 5.69 0.99 -6.80
C ALA A 43 5.11 -0.03 -5.83
N LEU A 44 3.81 -0.10 -5.73
CA LEU A 44 3.21 -1.09 -4.80
C LEU A 44 3.34 -2.49 -5.39
N HIS A 45 2.96 -2.67 -6.63
CA HIS A 45 3.09 -4.02 -7.23
C HIS A 45 4.52 -4.51 -7.05
N THR A 46 5.46 -3.61 -7.09
CA THR A 46 6.87 -4.02 -6.89
C THR A 46 7.10 -4.28 -5.39
N LEU A 47 6.59 -3.40 -4.57
CA LEU A 47 6.73 -3.55 -3.10
C LEU A 47 5.87 -4.72 -2.61
N LYS A 48 4.81 -5.01 -3.31
CA LYS A 48 3.92 -6.13 -2.93
C LYS A 48 4.64 -7.45 -3.20
N GLY A 49 5.43 -7.50 -4.23
CA GLY A 49 6.17 -8.76 -4.56
C GLY A 49 7.29 -8.99 -3.56
N MET A 50 8.30 -8.14 -3.57
CA MET A 50 9.43 -8.32 -2.62
C MET A 50 8.93 -8.43 -1.18
N ALA A 51 7.70 -8.04 -0.93
CA ALA A 51 7.16 -8.14 0.46
C ALA A 51 6.49 -9.49 0.65
N GLY A 52 6.08 -10.12 -0.42
CA GLY A 52 5.41 -11.44 -0.30
C GLY A 52 6.45 -12.56 -0.24
N THR A 53 7.52 -12.34 0.48
CA THR A 53 8.59 -13.39 0.58
C THR A 53 9.81 -12.78 1.25
N MET A 54 9.99 -11.52 1.05
CA MET A 54 11.14 -10.81 1.67
C MET A 54 10.62 -9.77 2.65
N GLY A 55 9.36 -9.50 2.58
CA GLY A 55 8.74 -8.52 3.49
C GLY A 55 7.48 -9.14 4.07
N PHE A 56 7.36 -10.44 3.94
CA PHE A 56 6.16 -11.16 4.47
C PHE A 56 4.90 -10.68 3.73
N SER A 57 4.21 -11.59 3.10
CA SER A 57 2.99 -11.20 2.34
C SER A 57 2.01 -10.47 3.24
N SER A 58 2.18 -10.61 4.52
CA SER A 58 1.25 -9.92 5.46
C SER A 58 1.34 -8.43 5.20
N MET A 59 2.53 -7.95 4.93
CA MET A 59 2.69 -6.50 4.63
C MET A 59 2.62 -6.31 3.12
N ALA A 60 2.76 -7.37 2.38
CA ALA A 60 2.67 -7.26 0.90
C ALA A 60 1.22 -7.30 0.46
N LYS A 61 0.38 -8.02 1.16
CA LYS A 61 -1.05 -8.03 0.77
C LYS A 61 -1.58 -6.63 0.99
N LEU A 62 -1.02 -5.96 1.95
CA LEU A 62 -1.42 -4.57 2.24
C LEU A 62 -0.95 -3.68 1.10
N CYS A 63 0.20 -3.98 0.54
CA CYS A 63 0.71 -3.18 -0.60
C CYS A 63 -0.13 -3.44 -1.84
N HIS A 64 -0.66 -4.63 -1.95
CA HIS A 64 -1.51 -4.95 -3.13
C HIS A 64 -2.84 -4.21 -2.96
N THR A 65 -3.25 -4.03 -1.74
CA THR A 65 -4.52 -3.32 -1.47
C THR A 65 -4.42 -1.86 -1.93
N LEU A 66 -3.43 -1.15 -1.44
CA LEU A 66 -3.28 0.28 -1.87
C LEU A 66 -3.16 0.31 -3.39
N GLU A 67 -2.52 -0.69 -3.94
CA GLU A 67 -2.36 -0.75 -5.43
C GLU A 67 -3.71 -1.05 -6.07
N ASN A 68 -4.43 -1.98 -5.49
CA ASN A 68 -5.77 -2.31 -6.04
C ASN A 68 -6.57 -1.04 -6.25
N ILE A 69 -6.48 -0.13 -5.32
CA ILE A 69 -7.21 1.15 -5.46
C ILE A 69 -6.58 1.90 -6.60
N LEU A 70 -5.31 1.79 -6.66
CA LEU A 70 -4.56 2.44 -7.75
C LEU A 70 -4.81 1.66 -9.03
N ASP A 71 -5.37 0.49 -8.88
CA ASP A 71 -5.70 -0.31 -10.08
C ASP A 71 -7.07 0.11 -10.55
N LYS A 72 -8.01 0.21 -9.65
CA LYS A 72 -9.36 0.69 -10.08
C LYS A 72 -9.23 2.18 -10.36
N ALA A 73 -8.31 2.80 -9.71
CA ALA A 73 -8.05 4.24 -9.94
C ALA A 73 -7.64 4.42 -11.40
N ARG A 74 -6.89 3.49 -11.91
CA ARG A 74 -6.47 3.57 -13.32
C ARG A 74 -7.51 2.86 -14.18
N ASN A 75 -8.35 2.07 -13.56
CA ASN A 75 -9.40 1.35 -14.35
C ASN A 75 -10.68 2.18 -14.36
N SER A 76 -10.66 3.34 -13.76
CA SER A 76 -11.87 4.21 -13.73
C SER A 76 -12.92 3.62 -12.79
N GLU A 77 -12.51 3.02 -11.70
CA GLU A 77 -13.51 2.44 -10.77
C GLU A 77 -13.50 3.23 -9.47
N ILE A 78 -12.38 3.80 -9.14
CA ILE A 78 -12.30 4.58 -7.87
C ILE A 78 -11.41 5.79 -8.05
N LYS A 79 -11.73 6.88 -7.40
CA LYS A 79 -10.88 8.09 -7.54
C LYS A 79 -10.36 8.51 -6.16
N ILE A 80 -9.14 8.96 -6.10
CA ILE A 80 -8.59 9.38 -4.77
C ILE A 80 -9.43 10.49 -4.18
N THR A 81 -10.32 10.11 -3.34
CA THR A 81 -11.20 11.10 -2.67
C THR A 81 -10.63 11.43 -1.30
N SER A 82 -9.32 11.37 -1.17
CA SER A 82 -8.70 11.64 0.16
C SER A 82 -9.03 10.45 1.08
N ASP A 83 -10.30 10.16 1.24
CA ASP A 83 -10.71 9.02 2.09
C ASP A 83 -10.17 7.71 1.51
N LEU A 84 -10.24 7.54 0.21
CA LEU A 84 -9.70 6.28 -0.38
C LEU A 84 -8.23 6.22 -0.03
N LEU A 85 -7.62 7.36 0.04
CA LEU A 85 -6.19 7.43 0.40
C LEU A 85 -6.05 7.29 1.91
N ASP A 86 -6.85 8.00 2.64
CA ASP A 86 -6.79 7.92 4.13
C ASP A 86 -6.75 6.46 4.59
N LYS A 87 -7.34 5.58 3.82
CA LYS A 87 -7.30 4.14 4.20
C LYS A 87 -6.07 3.50 3.56
N ILE A 88 -5.86 3.78 2.31
CA ILE A 88 -4.66 3.22 1.63
C ILE A 88 -3.41 3.78 2.32
N PHE A 89 -3.56 4.91 2.96
CA PHE A 89 -2.41 5.53 3.68
C PHE A 89 -2.33 4.94 5.08
N ALA A 90 -3.44 4.52 5.58
CA ALA A 90 -3.47 3.88 6.92
C ALA A 90 -2.83 2.52 6.77
N GLY A 91 -2.91 1.96 5.59
CA GLY A 91 -2.28 0.65 5.34
C GLY A 91 -0.78 0.87 5.33
N VAL A 92 -0.34 1.86 4.60
CA VAL A 92 1.12 2.17 4.57
C VAL A 92 1.55 2.51 5.99
N ASP A 93 0.63 2.94 6.80
CA ASP A 93 0.96 3.27 8.21
C ASP A 93 1.37 1.99 8.92
N MET A 94 0.64 0.92 8.68
CA MET A 94 1.00 -0.37 9.32
C MET A 94 2.23 -0.93 8.61
N ILE A 95 2.24 -0.86 7.31
CA ILE A 95 3.41 -1.37 6.54
C ILE A 95 4.68 -0.69 7.09
N THR A 96 4.57 0.56 7.44
CA THR A 96 5.75 1.27 8.01
C THR A 96 6.02 0.76 9.42
N ARG A 97 4.98 0.62 10.21
CA ARG A 97 5.16 0.12 11.59
C ARG A 97 5.52 -1.38 11.54
N MET A 98 5.09 -2.07 10.53
CA MET A 98 5.42 -3.52 10.42
C MET A 98 6.89 -3.64 10.03
N VAL A 99 7.38 -2.68 9.30
CA VAL A 99 8.79 -2.72 8.87
C VAL A 99 9.67 -2.07 9.94
N ASP A 100 9.18 -1.07 10.62
CA ASP A 100 10.01 -0.44 11.68
C ASP A 100 10.21 -1.45 12.80
N LYS A 101 9.26 -2.30 12.99
CA LYS A 101 9.38 -3.34 14.03
C LYS A 101 10.09 -4.55 13.41
N ILE A 102 10.08 -4.64 12.11
CA ILE A 102 10.77 -5.79 11.45
C ILE A 102 12.27 -5.51 11.52
N VAL A 103 12.68 -4.35 11.09
CA VAL A 103 14.11 -4.00 11.19
C VAL A 103 14.48 -4.05 12.67
N SER A 104 13.51 -3.80 13.51
CA SER A 104 13.74 -3.84 14.99
C SER A 104 13.70 -5.29 15.47
N GLU A 105 12.59 -5.92 15.31
CA GLU A 105 12.44 -7.33 15.76
C GLU A 105 12.54 -8.27 14.56
N GLY A 106 11.94 -7.90 13.47
CA GLY A 106 11.98 -8.75 12.25
C GLY A 106 10.63 -9.41 12.03
N SER A 107 9.57 -8.79 12.52
CA SER A 107 8.22 -9.40 12.34
C SER A 107 7.20 -8.36 11.85
N ASP A 108 6.51 -8.68 10.81
CA ASP A 108 5.48 -7.74 10.31
C ASP A 108 4.18 -7.98 11.09
N ASP A 109 4.26 -8.76 12.14
CA ASP A 109 3.04 -9.05 12.94
C ASP A 109 2.78 -7.94 13.98
N ILE A 110 2.07 -6.91 13.59
CA ILE A 110 1.77 -5.81 14.56
C ILE A 110 0.26 -5.76 14.82
N GLY A 111 -0.39 -6.89 14.77
CA GLY A 111 -1.87 -6.90 15.00
C GLY A 111 -2.57 -6.31 13.78
N GLU A 112 -1.82 -6.03 12.74
CA GLU A 112 -2.42 -5.45 11.51
C GLU A 112 -3.68 -6.20 11.10
N ASN A 113 -4.34 -5.75 10.06
CA ASN A 113 -5.58 -6.43 9.60
C ASN A 113 -5.73 -6.24 8.08
N ILE A 114 -4.94 -6.90 7.30
CA ILE A 114 -5.03 -6.75 5.83
C ILE A 114 -6.37 -7.29 5.33
N ASP A 115 -6.64 -8.55 5.52
CA ASP A 115 -7.94 -9.11 5.05
C ASP A 115 -9.06 -8.16 5.43
N VAL A 116 -8.86 -7.44 6.48
CA VAL A 116 -9.88 -6.46 6.95
C VAL A 116 -9.63 -5.09 6.32
N PHE A 117 -8.45 -4.61 6.47
CA PHE A 117 -8.10 -3.28 5.89
C PHE A 117 -8.23 -3.33 4.37
N SER A 118 -8.27 -4.50 3.81
CA SER A 118 -8.41 -4.64 2.35
C SER A 118 -9.87 -4.75 2.02
N ASP A 119 -10.60 -5.44 2.84
CA ASP A 119 -12.06 -5.58 2.61
C ASP A 119 -12.75 -4.33 3.11
N THR A 120 -12.15 -3.69 4.06
CA THR A 120 -12.71 -2.42 4.59
C THR A 120 -12.59 -1.38 3.50
N ILE A 121 -11.45 -1.35 2.89
CA ILE A 121 -11.19 -0.40 1.78
C ILE A 121 -11.97 -0.84 0.55
N LYS A 122 -11.95 -2.12 0.26
CA LYS A 122 -12.70 -2.63 -0.90
C LYS A 122 -14.19 -2.39 -0.68
N SER A 123 -14.60 -2.48 0.55
CA SER A 123 -16.02 -2.24 0.87
C SER A 123 -16.27 -0.73 0.94
N PHE A 124 -15.22 0.02 0.95
CA PHE A 124 -15.38 1.50 1.00
C PHE A 124 -15.76 2.03 -0.37
N ALA A 125 -15.88 1.16 -1.32
CA ALA A 125 -16.23 1.60 -2.70
C ALA A 125 -17.01 0.49 -3.42
N SER A 126 -18.04 0.85 -4.14
CA SER A 126 -18.84 -0.18 -4.87
C SER A 126 -19.42 0.42 -6.15
N SER A 127 -20.55 -0.06 -6.58
CA SER A 127 -21.18 0.49 -7.82
C SER A 127 -22.49 1.20 -7.49
N GLY A 128 -22.56 1.83 -6.35
CA GLY A 128 -23.82 2.54 -5.97
C GLY A 128 -23.69 3.03 -4.53
N LYS A 129 -24.37 4.11 -4.20
CA LYS A 129 -24.29 4.65 -2.81
C LYS A 129 -24.89 3.64 -1.84
N GLU A 130 -24.40 3.60 -0.62
CA GLU A 130 -24.96 2.65 0.38
C GLU A 130 -24.33 2.88 1.75
N LYS A 131 -24.56 1.99 2.68
CA LYS A 131 -23.96 2.17 4.04
C LYS A 131 -24.60 3.37 4.74
N LEU A 132 -25.91 3.42 4.79
CA LEU A 132 -26.59 4.57 5.46
C LEU A 132 -27.58 4.06 6.50
N GLU A 133 -27.14 3.88 7.71
CA GLU A 133 -28.08 3.40 8.78
C GLU A 133 -28.04 4.35 9.98
N MET A 1 20.45 -18.08 2.86
CA MET A 1 21.26 -17.46 1.77
C MET A 1 21.69 -16.05 2.17
N MET A 2 22.49 -15.93 3.20
CA MET A 2 22.94 -14.57 3.63
C MET A 2 21.76 -13.74 4.11
N GLU A 3 22.00 -12.77 4.94
CA GLU A 3 20.89 -11.91 5.43
C GLU A 3 21.07 -10.48 4.97
N GLU A 4 22.21 -10.18 4.43
CA GLU A 4 22.45 -8.79 3.98
C GLU A 4 21.54 -8.46 2.79
N TYR A 5 20.88 -9.44 2.27
CA TYR A 5 19.97 -9.19 1.12
C TYR A 5 18.69 -8.52 1.60
N LEU A 6 18.35 -8.76 2.82
CA LEU A 6 17.12 -8.13 3.39
C LEU A 6 17.49 -6.77 4.00
N GLY A 7 18.72 -6.60 4.39
CA GLY A 7 19.14 -5.31 4.98
C GLY A 7 19.04 -4.21 3.91
N VAL A 8 19.46 -4.50 2.71
CA VAL A 8 19.37 -3.47 1.64
C VAL A 8 17.99 -3.47 1.01
N PHE A 9 17.32 -4.57 1.10
CA PHE A 9 15.94 -4.65 0.53
C PHE A 9 15.01 -3.81 1.40
N VAL A 10 15.40 -3.54 2.61
CA VAL A 10 14.55 -2.72 3.51
C VAL A 10 14.88 -1.23 3.32
N ASP A 11 16.14 -0.90 3.26
CA ASP A 11 16.51 0.53 3.06
C ASP A 11 15.91 1.02 1.76
N GLU A 12 15.60 0.11 0.88
CA GLU A 12 14.99 0.49 -0.42
C GLU A 12 13.47 0.54 -0.30
N THR A 13 12.90 -0.31 0.53
CA THR A 13 11.42 -0.30 0.69
C THR A 13 10.99 0.96 1.44
N LYS A 14 11.84 1.51 2.26
CA LYS A 14 11.49 2.75 3.00
C LYS A 14 11.67 3.97 2.09
N GLU A 15 12.78 4.07 1.44
CA GLU A 15 12.97 5.24 0.52
C GLU A 15 11.95 5.15 -0.60
N TYR A 16 11.33 4.02 -0.74
CA TYR A 16 10.30 3.84 -1.80
C TYR A 16 8.93 4.19 -1.26
N LEU A 17 8.65 3.84 -0.02
CA LEU A 17 7.31 4.18 0.55
C LEU A 17 7.17 5.70 0.58
N GLN A 18 8.25 6.39 0.81
CA GLN A 18 8.21 7.88 0.82
C GLN A 18 8.11 8.34 -0.62
N ASN A 19 8.90 7.75 -1.45
CA ASN A 19 8.83 8.08 -2.89
C ASN A 19 7.45 7.64 -3.36
N LEU A 20 6.88 6.72 -2.65
CA LEU A 20 5.52 6.23 -2.97
C LEU A 20 4.49 7.07 -2.22
N ASN A 21 4.95 7.88 -1.31
CA ASN A 21 4.02 8.76 -0.58
C ASN A 21 4.02 10.05 -1.34
N ASP A 22 5.14 10.36 -1.90
CA ASP A 22 5.24 11.59 -2.69
C ASP A 22 4.36 11.40 -3.92
N THR A 23 4.30 10.19 -4.36
CA THR A 23 3.46 9.84 -5.52
C THR A 23 2.00 9.91 -5.10
N LEU A 24 1.70 9.34 -3.97
CA LEU A 24 0.31 9.37 -3.46
C LEU A 24 0.01 10.77 -2.97
N LEU A 25 1.01 11.49 -2.54
CA LEU A 25 0.77 12.87 -2.06
C LEU A 25 0.68 13.82 -3.22
N GLU A 26 1.14 13.40 -4.35
CA GLU A 26 1.01 14.24 -5.55
C GLU A 26 -0.26 13.78 -6.22
N LEU A 27 -0.57 12.54 -5.99
CA LEU A 27 -1.78 11.95 -6.55
C LEU A 27 -3.00 12.56 -5.86
N GLU A 28 -2.84 13.01 -4.65
CA GLU A 28 -3.98 13.64 -3.94
C GLU A 28 -4.23 15.01 -4.58
N LYS A 29 -3.18 15.72 -4.87
CA LYS A 29 -3.37 17.04 -5.55
C LYS A 29 -3.69 16.75 -7.00
N ASN A 30 -3.43 15.55 -7.39
CA ASN A 30 -3.72 15.12 -8.80
C ASN A 30 -4.10 13.66 -8.78
N PRO A 31 -5.30 13.46 -8.33
CA PRO A 31 -5.85 12.10 -8.20
C PRO A 31 -6.50 11.63 -9.50
N GLU A 32 -6.29 12.33 -10.58
CA GLU A 32 -6.89 11.91 -11.87
C GLU A 32 -5.89 12.14 -13.01
N ASP A 33 -4.71 12.55 -12.68
CA ASP A 33 -3.69 12.79 -13.74
C ASP A 33 -3.40 11.48 -14.47
N MET A 34 -3.77 10.40 -13.86
CA MET A 34 -3.53 9.06 -14.47
C MET A 34 -2.03 8.78 -14.56
N GLU A 35 -1.22 9.67 -14.05
CA GLU A 35 0.23 9.44 -14.07
C GLU A 35 0.64 9.04 -12.66
N LEU A 36 0.08 9.70 -11.69
CA LEU A 36 0.39 9.33 -10.29
C LEU A 36 -0.37 8.06 -9.97
N ILE A 37 -1.45 7.81 -10.67
CA ILE A 37 -2.22 6.57 -10.42
C ILE A 37 -1.47 5.39 -11.03
N ASN A 38 -0.73 5.64 -12.09
CA ASN A 38 0.03 4.52 -12.72
C ASN A 38 1.42 4.42 -12.10
N GLU A 39 1.96 5.52 -11.71
CA GLU A 39 3.31 5.48 -11.06
C GLU A 39 3.14 5.01 -9.62
N ALA A 40 1.93 5.06 -9.14
CA ALA A 40 1.64 4.60 -7.76
C ALA A 40 1.29 3.11 -7.80
N PHE A 41 0.43 2.71 -8.70
CA PHE A 41 0.08 1.27 -8.79
C PHE A 41 1.37 0.46 -8.92
N ARG A 42 2.37 1.01 -9.54
CA ARG A 42 3.67 0.28 -9.69
C ARG A 42 4.41 0.25 -8.36
N ALA A 43 4.78 1.40 -7.85
CA ALA A 43 5.51 1.44 -6.55
C ALA A 43 4.89 0.44 -5.55
N LEU A 44 3.61 0.54 -5.31
CA LEU A 44 2.97 -0.40 -4.36
C LEU A 44 3.03 -1.82 -4.92
N HIS A 45 2.86 -1.96 -6.20
CA HIS A 45 2.93 -3.32 -6.81
C HIS A 45 4.38 -3.81 -6.72
N THR A 46 5.32 -2.91 -6.82
CA THR A 46 6.74 -3.30 -6.71
C THR A 46 7.08 -3.49 -5.23
N LEU A 47 6.51 -2.67 -4.39
CA LEU A 47 6.76 -2.79 -2.93
C LEU A 47 6.00 -4.00 -2.38
N LYS A 48 4.78 -4.19 -2.85
CA LYS A 48 3.99 -5.36 -2.39
C LYS A 48 4.74 -6.65 -2.71
N GLY A 49 5.46 -6.65 -3.80
CA GLY A 49 6.23 -7.87 -4.18
C GLY A 49 7.46 -7.98 -3.28
N MET A 50 8.07 -6.86 -2.96
CA MET A 50 9.28 -6.90 -2.09
C MET A 50 8.87 -7.36 -0.68
N ALA A 51 7.59 -7.31 -0.39
CA ALA A 51 7.11 -7.74 0.95
C ALA A 51 6.76 -9.23 0.90
N GLY A 52 6.44 -9.73 -0.26
CA GLY A 52 6.11 -11.17 -0.39
C GLY A 52 7.41 -11.92 -0.64
N THR A 53 8.37 -11.24 -1.19
CA THR A 53 9.68 -11.88 -1.45
C THR A 53 10.54 -11.82 -0.18
N MET A 54 10.10 -11.07 0.78
CA MET A 54 10.86 -10.96 2.06
C MET A 54 10.29 -11.94 3.08
N GLY A 55 9.34 -12.73 2.68
CA GLY A 55 8.74 -13.72 3.62
C GLY A 55 7.58 -13.06 4.37
N PHE A 56 7.35 -11.79 4.14
CA PHE A 56 6.24 -11.11 4.85
C PHE A 56 5.12 -10.75 3.87
N SER A 57 4.56 -11.74 3.20
CA SER A 57 3.47 -11.44 2.23
C SER A 57 2.26 -10.86 2.96
N SER A 58 2.25 -10.99 4.25
CA SER A 58 1.12 -10.44 5.04
C SER A 58 1.14 -8.93 4.90
N MET A 59 2.31 -8.36 4.90
CA MET A 59 2.43 -6.90 4.73
C MET A 59 2.38 -6.58 3.24
N ALA A 60 2.63 -7.56 2.42
CA ALA A 60 2.58 -7.33 0.94
C ALA A 60 1.12 -7.28 0.52
N LYS A 61 0.29 -8.10 1.11
CA LYS A 61 -1.16 -8.06 0.75
C LYS A 61 -1.70 -6.69 1.12
N LEU A 62 -1.10 -6.09 2.10
CA LEU A 62 -1.53 -4.74 2.52
C LEU A 62 -1.16 -3.74 1.43
N CYS A 63 -0.03 -3.95 0.80
CA CYS A 63 0.39 -3.03 -0.29
C CYS A 63 -0.39 -3.32 -1.56
N HIS A 64 -0.72 -4.57 -1.78
CA HIS A 64 -1.51 -4.92 -3.00
C HIS A 64 -2.87 -4.25 -2.92
N THR A 65 -3.35 -4.06 -1.72
CA THR A 65 -4.66 -3.40 -1.53
C THR A 65 -4.56 -1.90 -1.88
N LEU A 66 -3.61 -1.20 -1.32
CA LEU A 66 -3.46 0.25 -1.66
C LEU A 66 -3.34 0.36 -3.18
N GLU A 67 -2.46 -0.42 -3.74
CA GLU A 67 -2.28 -0.40 -5.21
C GLU A 67 -3.59 -0.77 -5.88
N ASN A 68 -4.29 -1.70 -5.33
CA ASN A 68 -5.57 -2.07 -5.93
C ASN A 68 -6.38 -0.79 -6.16
N ILE A 69 -6.50 0.03 -5.15
CA ILE A 69 -7.26 1.31 -5.34
C ILE A 69 -6.64 2.06 -6.50
N LEU A 70 -5.42 1.75 -6.80
CA LEU A 70 -4.75 2.40 -7.95
C LEU A 70 -5.12 1.59 -9.17
N ASP A 71 -5.37 0.34 -8.95
CA ASP A 71 -5.80 -0.52 -10.05
C ASP A 71 -7.28 -0.24 -10.30
N LYS A 72 -8.04 0.03 -9.26
CA LYS A 72 -9.45 0.33 -9.47
C LYS A 72 -9.49 1.64 -10.23
N ALA A 73 -8.63 2.53 -9.85
CA ALA A 73 -8.52 3.84 -10.52
C ALA A 73 -8.12 3.63 -11.99
N ARG A 74 -7.28 2.67 -12.24
CA ARG A 74 -6.85 2.42 -13.64
C ARG A 74 -7.87 1.55 -14.35
N ASN A 75 -8.75 0.92 -13.62
CA ASN A 75 -9.78 0.06 -14.26
C ASN A 75 -11.06 0.85 -14.50
N SER A 76 -11.01 2.15 -14.32
CA SER A 76 -12.22 2.98 -14.52
C SER A 76 -13.25 2.63 -13.45
N GLU A 77 -12.80 2.23 -12.29
CA GLU A 77 -13.74 1.87 -11.20
C GLU A 77 -13.80 2.96 -10.15
N ILE A 78 -12.67 3.38 -9.69
CA ILE A 78 -12.65 4.46 -8.65
C ILE A 78 -11.53 5.48 -8.91
N LYS A 79 -11.17 6.20 -7.89
CA LYS A 79 -10.10 7.21 -8.03
C LYS A 79 -9.79 7.78 -6.64
N ILE A 80 -8.72 8.52 -6.49
CA ILE A 80 -8.40 9.06 -5.15
C ILE A 80 -9.43 10.09 -4.71
N THR A 81 -10.33 9.65 -3.91
CA THR A 81 -11.40 10.56 -3.39
C THR A 81 -10.90 11.21 -2.10
N SER A 82 -9.63 11.07 -1.80
CA SER A 82 -9.08 11.62 -0.52
C SER A 82 -9.46 10.69 0.64
N ASP A 83 -10.31 9.73 0.38
CA ASP A 83 -10.72 8.77 1.42
C ASP A 83 -10.10 7.42 1.07
N LEU A 84 -10.15 7.06 -0.19
CA LEU A 84 -9.52 5.77 -0.58
C LEU A 84 -8.06 5.87 -0.19
N LEU A 85 -7.55 7.08 -0.20
CA LEU A 85 -6.14 7.32 0.21
C LEU A 85 -6.05 7.15 1.72
N ASP A 86 -6.90 7.85 2.43
CA ASP A 86 -6.90 7.76 3.91
C ASP A 86 -6.65 6.32 4.36
N LYS A 87 -7.37 5.38 3.80
CA LYS A 87 -7.15 3.96 4.19
C LYS A 87 -5.89 3.46 3.50
N ILE A 88 -5.65 3.91 2.31
CA ILE A 88 -4.41 3.48 1.60
C ILE A 88 -3.20 3.98 2.38
N PHE A 89 -3.20 5.23 2.74
CA PHE A 89 -2.09 5.80 3.52
C PHE A 89 -2.05 5.18 4.91
N ALA A 90 -3.18 4.71 5.35
CA ALA A 90 -3.24 4.05 6.68
C ALA A 90 -2.60 2.67 6.52
N GLY A 91 -2.75 2.10 5.37
CA GLY A 91 -2.13 0.78 5.11
C GLY A 91 -0.63 1.00 5.03
N VAL A 92 -0.21 2.05 4.37
CA VAL A 92 1.24 2.35 4.29
C VAL A 92 1.73 2.68 5.70
N ASP A 93 0.83 3.07 6.56
CA ASP A 93 1.21 3.40 7.96
C ASP A 93 1.38 2.10 8.74
N MET A 94 0.79 1.03 8.29
CA MET A 94 0.95 -0.25 9.00
C MET A 94 2.23 -0.93 8.54
N ILE A 95 2.49 -0.96 7.25
CA ILE A 95 3.74 -1.57 6.75
C ILE A 95 4.92 -0.81 7.35
N THR A 96 4.80 0.47 7.52
CA THR A 96 5.90 1.25 8.13
C THR A 96 6.07 0.74 9.55
N ARG A 97 4.98 0.50 10.23
CA ARG A 97 5.07 -0.03 11.61
C ARG A 97 5.54 -1.48 11.56
N MET A 98 5.06 -2.24 10.62
CA MET A 98 5.50 -3.65 10.49
C MET A 98 6.97 -3.64 10.09
N VAL A 99 7.35 -2.67 9.31
CA VAL A 99 8.78 -2.57 8.89
C VAL A 99 9.64 -2.20 10.09
N ASP A 100 9.14 -1.36 10.96
CA ASP A 100 9.94 -0.98 12.15
C ASP A 100 10.09 -2.18 13.06
N LYS A 101 9.11 -3.05 13.06
CA LYS A 101 9.19 -4.27 13.90
C LYS A 101 9.86 -5.36 13.06
N ILE A 102 9.58 -5.37 11.79
CA ILE A 102 10.20 -6.39 10.89
C ILE A 102 11.69 -6.10 10.87
N VAL A 103 12.03 -4.86 10.95
CA VAL A 103 13.47 -4.47 10.97
C VAL A 103 14.02 -4.77 12.36
N SER A 104 13.18 -4.71 13.35
CA SER A 104 13.63 -5.00 14.74
C SER A 104 13.57 -6.50 15.02
N GLU A 105 12.63 -7.17 14.44
CA GLU A 105 12.49 -8.63 14.67
C GLU A 105 12.29 -9.36 13.34
N GLY A 106 11.61 -8.76 12.41
CA GLY A 106 11.37 -9.43 11.11
C GLY A 106 9.93 -9.95 11.07
N SER A 107 9.06 -9.38 11.85
CA SER A 107 7.64 -9.83 11.86
C SER A 107 6.75 -8.75 11.30
N ASP A 108 5.93 -9.08 10.35
CA ASP A 108 5.00 -8.08 9.77
C ASP A 108 3.65 -8.20 10.47
N ASP A 109 3.59 -8.97 11.52
CA ASP A 109 2.30 -9.15 12.24
C ASP A 109 2.14 -8.09 13.34
N ILE A 110 1.67 -6.93 13.00
CA ILE A 110 1.49 -5.87 14.04
C ILE A 110 0.06 -5.92 14.61
N GLY A 111 -0.55 -7.07 14.56
CA GLY A 111 -1.94 -7.21 15.10
C GLY A 111 -2.95 -6.66 14.10
N GLU A 112 -2.50 -6.17 12.97
CA GLU A 112 -3.46 -5.63 11.97
C GLU A 112 -4.02 -6.75 11.08
N ASN A 113 -5.06 -6.47 10.34
CA ASN A 113 -5.66 -7.51 9.45
C ASN A 113 -5.77 -6.99 8.02
N ILE A 114 -5.08 -7.61 7.10
CA ILE A 114 -5.15 -7.17 5.69
C ILE A 114 -6.46 -7.62 5.05
N ASP A 115 -6.71 -8.89 5.00
CA ASP A 115 -7.99 -9.36 4.40
C ASP A 115 -9.13 -8.52 4.96
N VAL A 116 -8.92 -8.02 6.14
CA VAL A 116 -9.95 -7.15 6.78
C VAL A 116 -9.67 -5.70 6.43
N PHE A 117 -8.49 -5.25 6.72
CA PHE A 117 -8.14 -3.83 6.41
C PHE A 117 -8.26 -3.59 4.92
N SER A 118 -8.24 -4.64 4.14
CA SER A 118 -8.38 -4.49 2.68
C SER A 118 -9.84 -4.58 2.34
N ASP A 119 -10.52 -5.50 2.96
CA ASP A 119 -11.98 -5.64 2.72
C ASP A 119 -12.66 -4.39 3.20
N THR A 120 -12.06 -3.75 4.16
CA THR A 120 -12.61 -2.49 4.68
C THR A 120 -12.50 -1.46 3.57
N ILE A 121 -11.33 -1.38 3.02
CA ILE A 121 -11.08 -0.44 1.89
C ILE A 121 -11.84 -0.94 0.66
N LYS A 122 -11.76 -2.21 0.41
CA LYS A 122 -12.48 -2.79 -0.75
C LYS A 122 -13.98 -2.61 -0.55
N SER A 123 -14.41 -2.68 0.67
CA SER A 123 -15.86 -2.48 0.97
C SER A 123 -16.14 -0.99 1.09
N PHE A 124 -15.11 -0.22 1.22
CA PHE A 124 -15.29 1.25 1.32
C PHE A 124 -15.65 1.80 -0.05
N ALA A 125 -15.66 0.96 -1.04
CA ALA A 125 -16.00 1.41 -2.42
C ALA A 125 -17.37 0.86 -2.83
N SER A 126 -18.26 0.67 -1.90
CA SER A 126 -19.61 0.12 -2.26
C SER A 126 -20.63 0.55 -1.20
N SER A 127 -20.40 0.21 0.04
CA SER A 127 -21.36 0.59 1.11
C SER A 127 -20.99 1.95 1.70
N GLY A 128 -21.96 2.73 2.08
CA GLY A 128 -21.65 4.06 2.66
C GLY A 128 -22.85 5.00 2.46
N LYS A 129 -22.75 6.22 2.90
CA LYS A 129 -23.87 7.19 2.72
C LYS A 129 -23.36 8.62 2.75
N GLU A 130 -24.00 9.51 2.05
CA GLU A 130 -23.55 10.93 2.06
C GLU A 130 -22.18 11.05 1.37
N LYS A 131 -22.17 11.40 0.11
CA LYS A 131 -20.87 11.54 -0.60
C LYS A 131 -20.49 13.01 -0.73
N LEU A 132 -19.81 13.55 0.25
CA LEU A 132 -19.41 14.99 0.18
C LEU A 132 -20.64 15.86 -0.08
N GLU A 133 -21.19 16.45 0.95
CA GLU A 133 -22.39 17.31 0.75
C GLU A 133 -22.04 18.78 1.05
N MET A 1 22.56 -17.26 4.03
CA MET A 1 24.01 -17.16 3.68
C MET A 1 24.52 -15.75 3.96
N MET A 2 23.64 -14.79 4.06
CA MET A 2 24.08 -13.40 4.33
C MET A 2 22.89 -12.56 4.80
N GLU A 3 23.09 -11.77 5.83
CA GLU A 3 21.98 -10.92 6.34
C GLU A 3 21.93 -9.60 5.59
N GLU A 4 22.85 -9.38 4.71
CA GLU A 4 22.86 -8.10 3.99
C GLU A 4 21.83 -8.11 2.85
N TYR A 5 21.21 -9.23 2.64
CA TYR A 5 20.20 -9.32 1.56
C TYR A 5 18.91 -8.64 2.00
N LEU A 6 18.63 -8.70 3.26
CA LEU A 6 17.40 -8.05 3.79
C LEU A 6 17.73 -6.62 4.22
N GLY A 7 18.96 -6.37 4.58
CA GLY A 7 19.34 -4.99 4.99
C GLY A 7 19.22 -4.05 3.80
N VAL A 8 19.49 -4.54 2.62
CA VAL A 8 19.38 -3.66 1.42
C VAL A 8 17.96 -3.68 0.88
N PHE A 9 17.32 -4.80 1.02
CA PHE A 9 15.91 -4.90 0.54
C PHE A 9 15.03 -4.02 1.43
N VAL A 10 15.44 -3.82 2.66
CA VAL A 10 14.65 -2.96 3.58
C VAL A 10 15.00 -1.49 3.32
N ASP A 11 16.23 -1.23 2.96
CA ASP A 11 16.63 0.17 2.68
C ASP A 11 15.95 0.62 1.38
N GLU A 12 15.57 -0.32 0.58
CA GLU A 12 14.89 0.02 -0.70
C GLU A 12 13.37 0.11 -0.49
N THR A 13 12.84 -0.69 0.40
CA THR A 13 11.37 -0.65 0.66
C THR A 13 11.00 0.66 1.37
N LYS A 14 11.91 1.20 2.15
CA LYS A 14 11.61 2.47 2.86
C LYS A 14 11.79 3.66 1.91
N GLU A 15 12.88 3.71 1.20
CA GLU A 15 13.08 4.83 0.24
C GLU A 15 12.02 4.75 -0.87
N TYR A 16 11.33 3.65 -0.93
CA TYR A 16 10.27 3.48 -1.95
C TYR A 16 8.93 3.97 -1.40
N LEU A 17 8.62 3.61 -0.19
CA LEU A 17 7.33 4.08 0.40
C LEU A 17 7.30 5.59 0.41
N GLN A 18 8.43 6.20 0.66
CA GLN A 18 8.49 7.68 0.66
C GLN A 18 8.36 8.13 -0.78
N ASN A 19 9.13 7.52 -1.63
CA ASN A 19 9.03 7.85 -3.07
C ASN A 19 7.62 7.52 -3.51
N LEU A 20 7.02 6.59 -2.82
CA LEU A 20 5.63 6.20 -3.13
C LEU A 20 4.67 7.03 -2.29
N ASN A 21 5.18 7.75 -1.34
CA ASN A 21 4.29 8.60 -0.54
C ASN A 21 4.32 9.94 -1.19
N ASP A 22 5.43 10.27 -1.75
CA ASP A 22 5.52 11.55 -2.45
C ASP A 22 4.65 11.47 -3.67
N THR A 23 4.58 10.30 -4.21
CA THR A 23 3.72 10.06 -5.39
C THR A 23 2.27 10.03 -4.96
N LEU A 24 2.01 9.40 -3.85
CA LEU A 24 0.61 9.34 -3.35
C LEU A 24 0.28 10.66 -2.65
N LEU A 25 1.28 11.35 -2.18
CA LEU A 25 1.01 12.65 -1.50
C LEU A 25 0.76 13.71 -2.54
N GLU A 26 1.12 13.44 -3.73
CA GLU A 26 0.83 14.39 -4.82
C GLU A 26 -0.48 13.92 -5.40
N LEU A 27 -0.67 12.65 -5.31
CA LEU A 27 -1.92 12.04 -5.80
C LEU A 27 -3.08 12.53 -4.95
N GLU A 28 -2.83 12.85 -3.71
CA GLU A 28 -3.92 13.35 -2.85
C GLU A 28 -4.31 14.73 -3.31
N LYS A 29 -3.33 15.52 -3.65
CA LYS A 29 -3.64 16.88 -4.17
C LYS A 29 -4.22 16.70 -5.56
N ASN A 30 -3.97 15.56 -6.12
CA ASN A 30 -4.51 15.23 -7.47
C ASN A 30 -4.84 13.76 -7.53
N PRO A 31 -5.93 13.47 -6.88
CA PRO A 31 -6.41 12.10 -6.76
C PRO A 31 -7.32 11.72 -7.94
N GLU A 32 -7.16 12.39 -9.05
CA GLU A 32 -8.00 12.08 -10.24
C GLU A 32 -7.08 11.93 -11.45
N ASP A 33 -5.81 12.12 -11.25
CA ASP A 33 -4.85 11.99 -12.36
C ASP A 33 -4.38 10.53 -12.46
N MET A 34 -3.95 10.11 -13.62
CA MET A 34 -3.49 8.71 -13.77
C MET A 34 -1.98 8.62 -13.63
N GLU A 35 -1.31 9.73 -13.53
CA GLU A 35 0.17 9.68 -13.36
C GLU A 35 0.52 9.39 -11.90
N LEU A 36 -0.08 10.10 -10.99
CA LEU A 36 0.20 9.82 -9.56
C LEU A 36 -0.55 8.55 -9.18
N ILE A 37 -1.56 8.22 -9.93
CA ILE A 37 -2.33 6.98 -9.66
C ILE A 37 -1.57 5.79 -10.23
N ASN A 38 -0.83 6.01 -11.30
CA ASN A 38 -0.04 4.89 -11.89
C ASN A 38 1.34 4.84 -11.27
N GLU A 39 1.77 5.91 -10.69
CA GLU A 39 3.11 5.93 -10.05
C GLU A 39 2.99 5.30 -8.66
N ALA A 40 1.82 5.38 -8.12
CA ALA A 40 1.56 4.78 -6.78
C ALA A 40 1.17 3.31 -6.98
N PHE A 41 0.29 3.06 -7.92
CA PHE A 41 -0.12 1.65 -8.18
C PHE A 41 1.13 0.82 -8.48
N ARG A 42 2.12 1.44 -9.06
CA ARG A 42 3.38 0.70 -9.38
C ARG A 42 4.17 0.41 -8.11
N ALA A 43 4.74 1.41 -7.50
CA ALA A 43 5.53 1.21 -6.25
C ALA A 43 4.86 0.16 -5.35
N LEU A 44 3.56 0.24 -5.20
CA LEU A 44 2.87 -0.76 -4.33
C LEU A 44 2.98 -2.14 -4.96
N HIS A 45 2.82 -2.24 -6.25
CA HIS A 45 2.95 -3.56 -6.92
C HIS A 45 4.41 -4.01 -6.82
N THR A 46 5.31 -3.07 -6.86
CA THR A 46 6.76 -3.41 -6.75
C THR A 46 7.11 -3.63 -5.27
N LEU A 47 6.46 -2.91 -4.40
CA LEU A 47 6.74 -3.08 -2.94
C LEU A 47 6.00 -4.32 -2.42
N LYS A 48 4.85 -4.60 -2.97
CA LYS A 48 4.08 -5.81 -2.53
C LYS A 48 4.86 -7.06 -2.90
N GLY A 49 5.52 -7.05 -4.03
CA GLY A 49 6.30 -8.25 -4.46
C GLY A 49 7.45 -8.48 -3.48
N MET A 50 8.28 -7.49 -3.29
CA MET A 50 9.43 -7.65 -2.35
C MET A 50 8.92 -7.94 -0.94
N ALA A 51 7.64 -7.76 -0.72
CA ALA A 51 7.08 -8.04 0.64
C ALA A 51 6.67 -9.49 0.73
N GLY A 52 6.45 -10.12 -0.40
CA GLY A 52 6.07 -11.56 -0.39
C GLY A 52 7.35 -12.38 -0.49
N THR A 53 8.34 -11.83 -1.13
CA THR A 53 9.63 -12.55 -1.26
C THR A 53 10.48 -12.35 0.00
N MET A 54 10.05 -11.47 0.85
CA MET A 54 10.81 -11.22 2.11
C MET A 54 10.14 -11.96 3.27
N GLY A 55 9.15 -12.75 2.98
CA GLY A 55 8.45 -13.50 4.06
C GLY A 55 7.45 -12.58 4.76
N PHE A 56 7.38 -11.34 4.35
CA PHE A 56 6.42 -10.40 5.00
C PHE A 56 5.15 -10.27 4.14
N SER A 57 4.50 -11.37 3.87
CA SER A 57 3.26 -11.30 3.04
C SER A 57 2.18 -10.53 3.80
N SER A 58 2.29 -10.50 5.08
CA SER A 58 1.28 -9.76 5.89
C SER A 58 1.34 -8.28 5.50
N MET A 59 2.47 -7.87 4.99
CA MET A 59 2.62 -6.47 4.55
C MET A 59 2.57 -6.40 3.03
N ALA A 60 2.78 -7.50 2.37
CA ALA A 60 2.73 -7.50 0.89
C ALA A 60 1.27 -7.46 0.44
N LYS A 61 0.41 -8.13 1.15
CA LYS A 61 -1.04 -8.08 0.80
C LYS A 61 -1.52 -6.67 1.06
N LEU A 62 -0.94 -6.08 2.05
CA LEU A 62 -1.28 -4.70 2.41
C LEU A 62 -0.86 -3.77 1.27
N CYS A 63 0.26 -4.06 0.66
CA CYS A 63 0.74 -3.23 -0.47
C CYS A 63 -0.12 -3.51 -1.71
N HIS A 64 -0.57 -4.73 -1.85
CA HIS A 64 -1.43 -5.09 -3.01
C HIS A 64 -2.82 -4.50 -2.81
N THR A 65 -3.18 -4.27 -1.58
CA THR A 65 -4.51 -3.70 -1.28
C THR A 65 -4.57 -2.23 -1.73
N LEU A 66 -3.65 -1.43 -1.25
CA LEU A 66 -3.65 0.01 -1.67
C LEU A 66 -3.54 0.07 -3.20
N GLU A 67 -2.62 -0.67 -3.74
CA GLU A 67 -2.42 -0.70 -5.21
C GLU A 67 -3.71 -1.16 -5.90
N ASN A 68 -4.51 -1.90 -5.22
CA ASN A 68 -5.77 -2.37 -5.83
C ASN A 68 -6.66 -1.16 -6.11
N ILE A 69 -6.74 -0.26 -5.18
CA ILE A 69 -7.57 0.96 -5.38
C ILE A 69 -6.91 1.80 -6.44
N LEU A 70 -5.63 1.75 -6.45
CA LEU A 70 -4.87 2.49 -7.48
C LEU A 70 -4.99 1.71 -8.77
N ASP A 71 -5.46 0.49 -8.68
CA ASP A 71 -5.66 -0.30 -9.91
C ASP A 71 -7.02 0.07 -10.49
N LYS A 72 -8.06 -0.05 -9.72
CA LYS A 72 -9.37 0.36 -10.24
C LYS A 72 -9.33 1.84 -10.55
N ALA A 73 -8.54 2.55 -9.82
CA ALA A 73 -8.39 4.00 -10.06
C ALA A 73 -7.72 4.21 -11.40
N ARG A 74 -6.88 3.29 -11.78
CA ARG A 74 -6.20 3.41 -13.09
C ARG A 74 -7.03 2.68 -14.15
N ASN A 75 -7.88 1.78 -13.72
CA ASN A 75 -8.72 1.03 -14.68
C ASN A 75 -9.95 1.88 -15.02
N SER A 76 -10.77 2.16 -14.02
CA SER A 76 -11.99 2.99 -14.23
C SER A 76 -13.10 2.60 -13.23
N GLU A 77 -12.78 1.95 -12.14
CA GLU A 77 -13.86 1.57 -11.20
C GLU A 77 -13.87 2.49 -9.99
N ILE A 78 -12.76 3.09 -9.68
CA ILE A 78 -12.72 3.99 -8.50
C ILE A 78 -11.58 5.02 -8.62
N LYS A 79 -11.06 5.45 -7.51
CA LYS A 79 -9.95 6.44 -7.52
C LYS A 79 -9.43 6.61 -6.09
N ILE A 80 -8.94 7.77 -5.75
CA ILE A 80 -8.45 8.00 -4.37
C ILE A 80 -9.07 9.28 -3.84
N THR A 81 -10.37 9.28 -3.75
CA THR A 81 -11.10 10.48 -3.26
C THR A 81 -10.72 10.82 -1.82
N SER A 82 -9.47 11.02 -1.54
CA SER A 82 -9.06 11.33 -0.14
C SER A 82 -9.32 10.11 0.74
N ASP A 83 -10.54 9.67 0.80
CA ASP A 83 -10.89 8.48 1.62
C ASP A 83 -10.25 7.23 1.02
N LEU A 84 -10.48 6.96 -0.22
CA LEU A 84 -9.87 5.76 -0.84
C LEU A 84 -8.37 5.91 -0.71
N LEU A 85 -7.86 7.04 -1.11
CA LEU A 85 -6.41 7.25 -0.97
C LEU A 85 -6.06 7.25 0.53
N ASP A 86 -6.99 7.62 1.37
CA ASP A 86 -6.72 7.64 2.84
C ASP A 86 -6.48 6.22 3.35
N LYS A 87 -7.25 5.27 2.87
CA LYS A 87 -7.05 3.88 3.32
C LYS A 87 -5.79 3.35 2.68
N ILE A 88 -5.52 3.77 1.48
CA ILE A 88 -4.27 3.34 0.81
C ILE A 88 -3.08 3.89 1.59
N PHE A 89 -3.15 5.14 1.94
CA PHE A 89 -2.05 5.75 2.73
C PHE A 89 -2.04 5.18 4.14
N ALA A 90 -3.15 4.61 4.54
CA ALA A 90 -3.22 4.00 5.89
C ALA A 90 -2.58 2.62 5.82
N GLY A 91 -2.61 2.01 4.66
CA GLY A 91 -1.97 0.69 4.51
C GLY A 91 -0.45 0.90 4.49
N VAL A 92 -0.01 1.91 3.79
CA VAL A 92 1.45 2.21 3.75
C VAL A 92 1.87 2.68 5.14
N ASP A 93 0.94 3.16 5.91
CA ASP A 93 1.25 3.62 7.29
C ASP A 93 1.58 2.40 8.15
N MET A 94 0.83 1.35 7.99
CA MET A 94 1.11 0.12 8.78
C MET A 94 2.32 -0.57 8.16
N ILE A 95 2.39 -0.58 6.86
CA ILE A 95 3.56 -1.19 6.16
C ILE A 95 4.84 -0.58 6.73
N THR A 96 4.84 0.72 6.91
CA THR A 96 6.05 1.39 7.49
C THR A 96 6.15 1.06 8.97
N ARG A 97 5.04 1.00 9.65
CA ARG A 97 5.07 0.68 11.11
C ARG A 97 5.54 -0.76 11.31
N MET A 98 5.14 -1.66 10.43
CA MET A 98 5.59 -3.06 10.57
C MET A 98 7.09 -3.11 10.27
N VAL A 99 7.51 -2.30 9.34
CA VAL A 99 8.95 -2.26 8.97
C VAL A 99 9.75 -1.61 10.10
N ASP A 100 9.15 -0.69 10.81
CA ASP A 100 9.88 -0.04 11.93
C ASP A 100 10.09 -1.03 13.06
N LYS A 101 9.15 -1.93 13.24
CA LYS A 101 9.32 -2.95 14.30
C LYS A 101 10.03 -4.14 13.69
N ILE A 102 9.71 -4.46 12.46
CA ILE A 102 10.40 -5.58 11.79
C ILE A 102 11.88 -5.28 11.82
N VAL A 103 12.18 -4.02 11.73
CA VAL A 103 13.60 -3.58 11.78
C VAL A 103 14.05 -3.61 13.24
N SER A 104 13.14 -3.32 14.13
CA SER A 104 13.47 -3.34 15.59
C SER A 104 13.42 -4.75 16.15
N GLU A 105 12.84 -5.65 15.42
CA GLU A 105 12.75 -7.05 15.91
C GLU A 105 12.57 -8.02 14.74
N GLY A 106 11.85 -7.61 13.72
CA GLY A 106 11.64 -8.51 12.55
C GLY A 106 10.20 -9.01 12.54
N SER A 107 9.32 -8.33 13.22
CA SER A 107 7.90 -8.78 13.23
C SER A 107 7.04 -7.81 12.44
N ASP A 108 6.24 -8.32 11.54
CA ASP A 108 5.35 -7.43 10.76
C ASP A 108 3.97 -7.46 11.40
N ASP A 109 3.89 -7.99 12.60
CA ASP A 109 2.57 -8.08 13.28
C ASP A 109 2.35 -6.87 14.20
N ILE A 110 1.71 -5.84 13.71
CA ILE A 110 1.45 -4.64 14.56
C ILE A 110 -0.04 -4.54 14.87
N GLY A 111 -0.70 -5.67 14.96
CA GLY A 111 -2.16 -5.65 15.26
C GLY A 111 -2.94 -5.27 14.00
N GLU A 112 -2.25 -5.16 12.89
CA GLU A 112 -2.95 -4.78 11.61
C GLU A 112 -3.95 -5.86 11.20
N ASN A 113 -4.81 -5.54 10.27
CA ASN A 113 -5.83 -6.52 9.78
C ASN A 113 -5.93 -6.43 8.26
N ILE A 114 -5.23 -7.26 7.55
CA ILE A 114 -5.28 -7.17 6.06
C ILE A 114 -6.63 -7.63 5.52
N ASP A 115 -6.96 -8.88 5.64
CA ASP A 115 -8.27 -9.36 5.12
C ASP A 115 -9.35 -8.36 5.52
N VAL A 116 -9.14 -7.68 6.59
CA VAL A 116 -10.12 -6.67 7.08
C VAL A 116 -9.81 -5.29 6.50
N PHE A 117 -8.60 -4.86 6.67
CA PHE A 117 -8.21 -3.51 6.15
C PHE A 117 -8.45 -3.45 4.65
N SER A 118 -8.48 -4.58 4.01
CA SER A 118 -8.73 -4.61 2.56
C SER A 118 -10.23 -4.75 2.33
N ASP A 119 -10.82 -5.63 3.05
CA ASP A 119 -12.28 -5.84 2.93
C ASP A 119 -13.00 -4.57 3.34
N THR A 120 -12.36 -3.82 4.17
CA THR A 120 -12.95 -2.53 4.61
C THR A 120 -12.90 -1.57 3.43
N ILE A 121 -11.74 -1.47 2.86
CA ILE A 121 -11.55 -0.59 1.68
C ILE A 121 -12.28 -1.21 0.48
N LYS A 122 -12.24 -2.51 0.36
CA LYS A 122 -12.94 -3.16 -0.78
C LYS A 122 -14.44 -3.03 -0.56
N SER A 123 -14.85 -3.04 0.67
CA SER A 123 -16.29 -2.87 0.98
C SER A 123 -16.62 -1.39 0.97
N PHE A 124 -15.62 -0.56 0.96
CA PHE A 124 -15.85 0.90 0.95
C PHE A 124 -16.26 1.34 -0.46
N ALA A 125 -16.33 0.40 -1.36
CA ALA A 125 -16.73 0.73 -2.77
C ALA A 125 -17.71 -0.31 -3.30
N SER A 126 -17.43 -1.56 -3.08
CA SER A 126 -18.35 -2.62 -3.58
C SER A 126 -19.38 -2.99 -2.51
N SER A 127 -20.10 -2.01 -2.01
CA SER A 127 -21.12 -2.31 -0.96
C SER A 127 -21.87 -1.03 -0.58
N GLY A 128 -23.01 -0.80 -1.18
CA GLY A 128 -23.79 0.43 -0.85
C GLY A 128 -25.10 0.42 -1.65
N LYS A 129 -25.82 1.51 -1.62
CA LYS A 129 -27.11 1.57 -2.37
C LYS A 129 -27.67 2.99 -2.33
N GLU A 130 -28.51 3.34 -3.27
CA GLU A 130 -29.10 4.71 -3.29
C GLU A 130 -27.98 5.75 -3.31
N LYS A 131 -28.30 6.98 -3.59
CA LYS A 131 -27.26 8.04 -3.63
C LYS A 131 -26.26 7.77 -4.76
N LEU A 132 -26.57 6.85 -5.62
CA LEU A 132 -25.65 6.53 -6.75
C LEU A 132 -24.22 6.32 -6.22
N GLU A 133 -23.83 5.10 -6.01
CA GLU A 133 -22.46 4.84 -5.49
C GLU A 133 -21.42 5.57 -6.35
N MET A 1 23.16 -11.62 11.69
CA MET A 1 24.26 -11.14 10.79
C MET A 1 23.68 -10.25 9.69
N MET A 2 22.90 -9.26 10.03
CA MET A 2 22.31 -8.37 8.99
C MET A 2 23.36 -8.03 7.95
N GLU A 3 23.21 -8.50 6.74
CA GLU A 3 24.20 -8.19 5.68
C GLU A 3 23.70 -7.11 4.75
N GLU A 4 24.19 -7.12 3.54
CA GLU A 4 23.73 -6.10 2.56
C GLU A 4 22.54 -6.57 1.75
N TYR A 5 22.49 -7.83 1.46
CA TYR A 5 21.35 -8.37 0.65
C TYR A 5 20.05 -7.75 1.15
N LEU A 6 19.84 -7.76 2.42
CA LEU A 6 18.61 -7.17 2.98
C LEU A 6 18.85 -5.70 3.31
N GLY A 7 20.07 -5.32 3.58
CA GLY A 7 20.36 -3.89 3.89
C GLY A 7 19.96 -3.02 2.69
N VAL A 8 20.20 -3.49 1.50
CA VAL A 8 19.84 -2.69 0.30
C VAL A 8 18.41 -2.98 -0.12
N PHE A 9 17.99 -4.19 0.07
CA PHE A 9 16.60 -4.57 -0.29
C PHE A 9 15.63 -3.87 0.66
N VAL A 10 16.05 -3.64 1.88
CA VAL A 10 15.18 -2.95 2.86
C VAL A 10 15.33 -1.44 2.70
N ASP A 11 16.51 -0.99 2.37
CA ASP A 11 16.72 0.47 2.18
C ASP A 11 15.95 0.94 0.95
N GLU A 12 15.57 0.01 0.12
CA GLU A 12 14.80 0.37 -1.11
C GLU A 12 13.31 0.39 -0.76
N THR A 13 12.86 -0.58 -0.02
CA THR A 13 11.42 -0.62 0.37
C THR A 13 11.02 0.70 1.01
N LYS A 14 11.77 1.14 1.99
CA LYS A 14 11.43 2.44 2.65
C LYS A 14 11.71 3.60 1.70
N GLU A 15 12.77 3.52 0.94
CA GLU A 15 13.06 4.62 -0.02
C GLU A 15 11.96 4.69 -1.06
N TYR A 16 11.26 3.62 -1.24
CA TYR A 16 10.14 3.57 -2.21
C TYR A 16 8.85 4.02 -1.52
N LEU A 17 8.73 3.80 -0.24
CA LEU A 17 7.50 4.26 0.47
C LEU A 17 7.45 5.77 0.41
N GLN A 18 8.58 6.39 0.58
CA GLN A 18 8.63 7.88 0.50
C GLN A 18 8.37 8.26 -0.93
N ASN A 19 9.07 7.63 -1.81
CA ASN A 19 8.84 7.88 -3.24
C ASN A 19 7.40 7.50 -3.54
N LEU A 20 6.87 6.64 -2.72
CA LEU A 20 5.45 6.22 -2.88
C LEU A 20 4.56 7.13 -2.05
N ASN A 21 5.15 7.92 -1.20
CA ASN A 21 4.36 8.88 -0.40
C ASN A 21 4.35 10.16 -1.19
N ASP A 22 5.41 10.37 -1.91
CA ASP A 22 5.50 11.56 -2.74
C ASP A 22 4.56 11.37 -3.92
N THR A 23 4.37 10.15 -4.26
CA THR A 23 3.45 9.79 -5.35
C THR A 23 2.03 9.79 -4.82
N LEU A 24 1.87 9.30 -3.62
CA LEU A 24 0.53 9.24 -3.00
C LEU A 24 0.19 10.60 -2.40
N LEU A 25 1.17 11.35 -2.00
CA LEU A 25 0.83 12.69 -1.45
C LEU A 25 0.70 13.69 -2.58
N GLU A 26 1.23 13.35 -3.70
CA GLU A 26 1.07 14.21 -4.89
C GLU A 26 -0.15 13.71 -5.60
N LEU A 27 -0.43 12.46 -5.39
CA LEU A 27 -1.61 11.85 -6.01
C LEU A 27 -2.84 12.54 -5.46
N GLU A 28 -2.79 12.97 -4.22
CA GLU A 28 -3.96 13.66 -3.64
C GLU A 28 -4.17 14.98 -4.37
N LYS A 29 -3.10 15.66 -4.67
CA LYS A 29 -3.22 16.94 -5.43
C LYS A 29 -3.42 16.58 -6.89
N ASN A 30 -3.16 15.35 -7.21
CA ASN A 30 -3.34 14.88 -8.61
C ASN A 30 -3.77 13.43 -8.57
N PRO A 31 -5.01 13.29 -8.23
CA PRO A 31 -5.62 11.98 -8.07
C PRO A 31 -6.18 11.46 -9.41
N GLU A 32 -5.84 12.08 -10.49
CA GLU A 32 -6.35 11.62 -11.81
C GLU A 32 -5.31 11.87 -12.90
N ASP A 33 -4.10 12.20 -12.51
CA ASP A 33 -3.04 12.45 -13.52
C ASP A 33 -2.63 11.14 -14.19
N MET A 34 -3.06 10.05 -13.62
CA MET A 34 -2.71 8.70 -14.17
C MET A 34 -1.21 8.47 -14.07
N GLU A 35 -0.52 9.36 -13.43
CA GLU A 35 0.94 9.16 -13.25
C GLU A 35 1.16 8.81 -11.79
N LEU A 36 0.47 9.48 -10.92
CA LEU A 36 0.60 9.13 -9.48
C LEU A 36 -0.24 7.88 -9.24
N ILE A 37 -1.21 7.66 -10.09
CA ILE A 37 -2.05 6.45 -9.95
C ILE A 37 -1.25 5.25 -10.45
N ASN A 38 -0.42 5.47 -11.45
CA ASN A 38 0.40 4.35 -11.99
C ASN A 38 1.73 4.31 -11.25
N GLU A 39 2.23 5.46 -10.88
CA GLU A 39 3.53 5.49 -10.14
C GLU A 39 3.34 4.82 -8.79
N ALA A 40 2.12 4.78 -8.36
CA ALA A 40 1.80 4.13 -7.06
C ALA A 40 1.46 2.65 -7.30
N PHE A 41 0.49 2.37 -8.13
CA PHE A 41 0.14 0.95 -8.40
C PHE A 41 1.42 0.13 -8.60
N ARG A 42 2.45 0.75 -9.11
CA ARG A 42 3.74 0.03 -9.33
C ARG A 42 4.50 -0.09 -8.01
N ALA A 43 4.90 1.03 -7.45
CA ALA A 43 5.64 0.98 -6.16
C ALA A 43 4.97 -0.01 -5.21
N LEU A 44 3.69 0.11 -5.01
CA LEU A 44 2.99 -0.83 -4.10
C LEU A 44 3.06 -2.24 -4.68
N HIS A 45 2.88 -2.37 -5.97
CA HIS A 45 2.98 -3.71 -6.61
C HIS A 45 4.42 -4.20 -6.46
N THR A 46 5.35 -3.30 -6.52
CA THR A 46 6.78 -3.68 -6.36
C THR A 46 7.04 -3.94 -4.88
N LEU A 47 6.54 -3.10 -4.02
CA LEU A 47 6.74 -3.29 -2.56
C LEU A 47 5.93 -4.49 -2.09
N LYS A 48 4.73 -4.65 -2.59
CA LYS A 48 3.90 -5.81 -2.18
C LYS A 48 4.65 -7.11 -2.46
N GLY A 49 5.40 -7.15 -3.53
CA GLY A 49 6.17 -8.39 -3.87
C GLY A 49 7.36 -8.52 -2.92
N MET A 50 8.20 -7.52 -2.86
CA MET A 50 9.39 -7.58 -1.96
C MET A 50 8.94 -7.95 -0.54
N ALA A 51 7.77 -7.52 -0.16
CA ALA A 51 7.28 -7.84 1.22
C ALA A 51 6.49 -9.14 1.21
N GLY A 52 6.25 -9.69 0.05
CA GLY A 52 5.49 -10.96 -0.02
C GLY A 52 6.44 -12.16 0.09
N THR A 53 7.51 -12.00 0.83
CA THR A 53 8.46 -13.13 0.99
C THR A 53 9.59 -12.71 1.95
N MET A 54 9.94 -11.47 1.88
CA MET A 54 11.00 -10.94 2.77
C MET A 54 10.37 -9.94 3.74
N GLY A 55 9.18 -9.55 3.44
CA GLY A 55 8.46 -8.59 4.32
C GLY A 55 7.17 -9.25 4.77
N PHE A 56 6.99 -10.49 4.42
CA PHE A 56 5.75 -11.22 4.81
C PHE A 56 4.55 -10.66 4.04
N SER A 57 3.92 -11.46 3.24
CA SER A 57 2.75 -10.96 2.45
C SER A 57 1.70 -10.39 3.39
N SER A 58 1.78 -10.74 4.64
CA SER A 58 0.80 -10.21 5.62
C SER A 58 0.86 -8.69 5.60
N MET A 59 1.97 -8.16 5.15
CA MET A 59 2.11 -6.69 5.07
C MET A 59 2.13 -6.27 3.60
N ALA A 60 2.51 -7.18 2.74
CA ALA A 60 2.56 -6.86 1.29
C ALA A 60 1.15 -6.98 0.70
N LYS A 61 0.34 -7.86 1.23
CA LYS A 61 -1.04 -7.97 0.69
C LYS A 61 -1.71 -6.63 0.91
N LEU A 62 -1.42 -6.02 2.02
CA LEU A 62 -1.98 -4.69 2.31
C LEU A 62 -1.44 -3.72 1.25
N CYS A 63 -0.21 -3.89 0.87
CA CYS A 63 0.36 -3.00 -0.18
C CYS A 63 -0.42 -3.23 -1.48
N HIS A 64 -0.78 -4.47 -1.72
CA HIS A 64 -1.57 -4.78 -2.93
C HIS A 64 -2.92 -4.10 -2.81
N THR A 65 -3.46 -4.10 -1.63
CA THR A 65 -4.78 -3.45 -1.40
C THR A 65 -4.72 -1.99 -1.87
N LEU A 66 -3.75 -1.24 -1.38
CA LEU A 66 -3.61 0.17 -1.80
C LEU A 66 -3.50 0.22 -3.32
N GLU A 67 -2.59 -0.54 -3.86
CA GLU A 67 -2.40 -0.57 -5.33
C GLU A 67 -3.69 -1.01 -5.99
N ASN A 68 -4.55 -1.66 -5.26
CA ASN A 68 -5.83 -2.09 -5.85
C ASN A 68 -6.66 -0.85 -6.13
N ILE A 69 -6.71 0.05 -5.19
CA ILE A 69 -7.49 1.30 -5.39
C ILE A 69 -6.85 2.06 -6.53
N LEU A 70 -5.58 2.01 -6.55
CA LEU A 70 -4.83 2.68 -7.65
C LEU A 70 -4.97 1.85 -8.90
N ASP A 71 -5.49 0.66 -8.76
CA ASP A 71 -5.71 -0.20 -9.95
C ASP A 71 -7.07 0.15 -10.53
N LYS A 72 -8.06 0.36 -9.68
CA LYS A 72 -9.38 0.76 -10.20
C LYS A 72 -9.26 2.19 -10.68
N ALA A 73 -8.44 2.92 -9.99
CA ALA A 73 -8.18 4.33 -10.37
C ALA A 73 -7.64 4.34 -11.79
N ARG A 74 -6.79 3.40 -12.10
CA ARG A 74 -6.25 3.34 -13.48
C ARG A 74 -7.16 2.46 -14.34
N ASN A 75 -8.05 1.73 -13.71
CA ASN A 75 -8.99 0.87 -14.49
C ASN A 75 -10.31 1.61 -14.69
N SER A 76 -10.40 2.82 -14.19
CA SER A 76 -11.64 3.64 -14.35
C SER A 76 -12.73 3.14 -13.39
N GLU A 77 -12.37 2.47 -12.33
CA GLU A 77 -13.42 2.00 -11.40
C GLU A 77 -13.53 2.96 -10.22
N ILE A 78 -12.43 3.53 -9.82
CA ILE A 78 -12.46 4.50 -8.69
C ILE A 78 -11.33 5.52 -8.84
N LYS A 79 -10.87 6.06 -7.74
CA LYS A 79 -9.76 7.05 -7.77
C LYS A 79 -9.45 7.49 -6.36
N ILE A 80 -8.83 8.61 -6.19
CA ILE A 80 -8.51 9.10 -4.83
C ILE A 80 -9.60 10.03 -4.34
N THR A 81 -10.58 9.45 -3.74
CA THR A 81 -11.74 10.24 -3.21
C THR A 81 -11.42 10.81 -1.83
N SER A 82 -10.17 10.86 -1.46
CA SER A 82 -9.79 11.37 -0.10
C SER A 82 -10.07 10.28 0.95
N ASP A 83 -10.76 9.25 0.56
CA ASP A 83 -11.06 8.14 1.51
C ASP A 83 -10.35 6.88 1.01
N LEU A 84 -10.40 6.64 -0.26
CA LEU A 84 -9.70 5.45 -0.82
C LEU A 84 -8.21 5.65 -0.61
N LEU A 85 -7.79 6.89 -0.56
CA LEU A 85 -6.36 7.17 -0.33
C LEU A 85 -6.11 7.21 1.19
N ASP A 86 -7.05 7.72 1.93
CA ASP A 86 -6.89 7.78 3.42
C ASP A 86 -6.71 6.36 3.96
N LYS A 87 -7.56 5.45 3.54
CA LYS A 87 -7.39 4.04 4.01
C LYS A 87 -6.12 3.48 3.39
N ILE A 88 -5.79 3.95 2.22
CA ILE A 88 -4.54 3.47 1.56
C ILE A 88 -3.36 4.00 2.38
N PHE A 89 -3.38 5.27 2.69
CA PHE A 89 -2.28 5.86 3.51
C PHE A 89 -2.31 5.25 4.89
N ALA A 90 -3.43 4.70 5.27
CA ALA A 90 -3.53 4.05 6.60
C ALA A 90 -2.88 2.68 6.50
N GLY A 91 -2.95 2.09 5.34
CA GLY A 91 -2.32 0.76 5.15
C GLY A 91 -0.81 0.99 5.11
N VAL A 92 -0.38 2.01 4.41
CA VAL A 92 1.07 2.32 4.36
C VAL A 92 1.52 2.73 5.76
N ASP A 93 0.60 3.14 6.59
CA ASP A 93 0.94 3.54 7.97
C ASP A 93 1.20 2.29 8.81
N MET A 94 0.41 1.28 8.63
CA MET A 94 0.63 0.02 9.38
C MET A 94 1.78 -0.75 8.74
N ILE A 95 1.87 -0.65 7.44
CA ILE A 95 2.97 -1.33 6.72
C ILE A 95 4.31 -0.74 7.19
N THR A 96 4.33 0.54 7.46
CA THR A 96 5.58 1.17 7.96
C THR A 96 5.82 0.71 9.39
N ARG A 97 4.79 0.73 10.21
CA ARG A 97 4.95 0.28 11.61
C ARG A 97 5.41 -1.18 11.60
N MET A 98 4.99 -1.93 10.61
CA MET A 98 5.43 -3.34 10.53
C MET A 98 6.90 -3.37 10.16
N VAL A 99 7.31 -2.46 9.31
CA VAL A 99 8.73 -2.37 8.91
C VAL A 99 9.57 -1.93 10.11
N ASP A 100 9.00 -1.13 10.97
CA ASP A 100 9.76 -0.68 12.17
C ASP A 100 9.98 -1.87 13.10
N LYS A 101 9.02 -2.74 13.19
CA LYS A 101 9.18 -3.93 14.05
C LYS A 101 9.90 -5.00 13.23
N ILE A 102 9.60 -5.06 11.96
CA ILE A 102 10.29 -6.05 11.09
C ILE A 102 11.76 -5.69 11.11
N VAL A 103 12.03 -4.42 11.12
CA VAL A 103 13.43 -3.95 11.17
C VAL A 103 13.98 -4.23 12.56
N SER A 104 13.12 -4.20 13.55
CA SER A 104 13.56 -4.46 14.95
C SER A 104 13.62 -5.96 15.22
N GLU A 105 12.75 -6.69 14.61
CA GLU A 105 12.72 -8.17 14.82
C GLU A 105 12.60 -8.90 13.47
N GLY A 106 11.85 -8.35 12.55
CA GLY A 106 11.70 -9.02 11.24
C GLY A 106 10.28 -9.60 11.11
N SER A 107 9.35 -9.11 11.89
CA SER A 107 7.96 -9.65 11.78
C SER A 107 6.98 -8.53 11.51
N ASP A 108 6.17 -8.69 10.51
CA ASP A 108 5.16 -7.63 10.19
C ASP A 108 3.87 -7.95 10.95
N ASP A 109 3.94 -8.88 11.86
CA ASP A 109 2.71 -9.26 12.63
C ASP A 109 2.31 -8.16 13.63
N ILE A 110 1.86 -7.04 13.16
CA ILE A 110 1.44 -5.95 14.10
C ILE A 110 -0.07 -6.03 14.35
N GLY A 111 -0.64 -7.20 14.23
CA GLY A 111 -2.11 -7.34 14.43
C GLY A 111 -2.84 -6.71 13.25
N GLU A 112 -2.11 -6.38 12.21
CA GLU A 112 -2.75 -5.76 11.02
C GLU A 112 -3.94 -6.61 10.53
N ASN A 113 -4.98 -5.97 10.07
CA ASN A 113 -6.15 -6.72 9.56
C ASN A 113 -6.23 -6.55 8.04
N ILE A 114 -5.39 -7.24 7.32
CA ILE A 114 -5.40 -7.09 5.82
C ILE A 114 -6.73 -7.54 5.23
N ASP A 115 -7.00 -8.82 5.28
CA ASP A 115 -8.30 -9.30 4.70
C ASP A 115 -9.42 -8.37 5.11
N VAL A 116 -9.26 -7.72 6.22
CA VAL A 116 -10.29 -6.79 6.72
C VAL A 116 -10.05 -5.37 6.20
N PHE A 117 -8.87 -4.88 6.38
CA PHE A 117 -8.55 -3.51 5.90
C PHE A 117 -8.53 -3.49 4.37
N SER A 118 -8.47 -4.64 3.76
CA SER A 118 -8.47 -4.71 2.30
C SER A 118 -9.90 -4.86 1.86
N ASP A 119 -10.66 -5.57 2.63
CA ASP A 119 -12.10 -5.76 2.32
C ASP A 119 -12.87 -4.56 2.82
N THR A 120 -12.37 -3.97 3.86
CA THR A 120 -13.02 -2.76 4.41
C THR A 120 -12.86 -1.65 3.39
N ILE A 121 -11.72 -1.60 2.80
CA ILE A 121 -11.44 -0.58 1.75
C ILE A 121 -12.18 -1.00 0.48
N LYS A 122 -12.14 -2.27 0.16
CA LYS A 122 -12.84 -2.76 -1.04
C LYS A 122 -14.33 -2.50 -0.87
N SER A 123 -14.82 -2.61 0.32
CA SER A 123 -16.26 -2.36 0.56
C SER A 123 -16.50 -0.86 0.70
N PHE A 124 -15.44 -0.13 0.88
CA PHE A 124 -15.57 1.35 1.02
C PHE A 124 -15.75 1.97 -0.36
N ALA A 125 -15.80 1.17 -1.38
CA ALA A 125 -15.97 1.70 -2.75
C ALA A 125 -17.37 1.37 -3.28
N SER A 126 -17.91 0.26 -2.89
CA SER A 126 -19.26 -0.13 -3.37
C SER A 126 -20.23 1.05 -3.24
N SER A 127 -20.56 1.68 -4.34
CA SER A 127 -21.49 2.84 -4.29
C SER A 127 -22.92 2.38 -4.63
N GLY A 128 -23.83 2.51 -3.72
CA GLY A 128 -25.23 2.08 -3.99
C GLY A 128 -26.17 3.28 -3.95
N LYS A 129 -26.80 3.51 -2.82
CA LYS A 129 -27.74 4.67 -2.73
C LYS A 129 -27.29 5.63 -1.62
N GLU A 130 -27.74 6.85 -1.66
CA GLU A 130 -27.33 7.83 -0.62
C GLU A 130 -27.77 7.35 0.77
N LYS A 131 -26.86 7.30 1.69
CA LYS A 131 -27.19 6.84 3.08
C LYS A 131 -28.24 5.73 3.06
N LEU A 132 -28.16 4.85 2.09
CA LEU A 132 -29.15 3.73 2.02
C LEU A 132 -30.55 4.29 1.75
N GLU A 133 -31.54 3.44 1.74
CA GLU A 133 -32.94 3.92 1.47
C GLU A 133 -33.56 4.45 2.76
N MET A 1 26.35 -17.23 4.33
CA MET A 1 26.27 -16.17 5.37
C MET A 1 26.13 -14.79 4.72
N MET A 2 24.93 -14.37 4.46
CA MET A 2 24.73 -13.04 3.83
C MET A 2 23.33 -12.50 4.17
N GLU A 3 23.25 -11.65 5.16
CA GLU A 3 21.92 -11.08 5.54
C GLU A 3 21.80 -9.65 5.04
N GLU A 4 22.82 -9.13 4.46
CA GLU A 4 22.75 -7.74 3.98
C GLU A 4 21.78 -7.62 2.81
N TYR A 5 21.26 -8.72 2.34
CA TYR A 5 20.30 -8.69 1.22
C TYR A 5 18.95 -8.17 1.70
N LEU A 6 18.64 -8.45 2.93
CA LEU A 6 17.35 -7.98 3.50
C LEU A 6 17.54 -6.60 4.15
N GLY A 7 18.73 -6.31 4.60
CA GLY A 7 18.99 -4.99 5.23
C GLY A 7 18.79 -3.89 4.17
N VAL A 8 19.21 -4.14 2.96
CA VAL A 8 19.05 -3.11 1.90
C VAL A 8 17.65 -3.20 1.30
N PHE A 9 17.11 -4.37 1.25
CA PHE A 9 15.74 -4.54 0.71
C PHE A 9 14.77 -3.71 1.54
N VAL A 10 15.11 -3.45 2.77
CA VAL A 10 14.22 -2.63 3.63
C VAL A 10 14.49 -1.14 3.39
N ASP A 11 15.73 -0.73 3.41
CA ASP A 11 16.05 0.70 3.15
C ASP A 11 15.43 1.13 1.83
N GLU A 12 15.15 0.17 0.99
CA GLU A 12 14.53 0.49 -0.32
C GLU A 12 13.02 0.61 -0.15
N THR A 13 12.43 -0.25 0.64
CA THR A 13 10.95 -0.17 0.86
C THR A 13 10.60 1.13 1.59
N LYS A 14 11.45 1.57 2.48
CA LYS A 14 11.17 2.83 3.22
C LYS A 14 11.34 4.01 2.27
N GLU A 15 12.32 3.97 1.41
CA GLU A 15 12.51 5.09 0.45
C GLU A 15 11.47 5.00 -0.66
N TYR A 16 10.81 3.89 -0.76
CA TYR A 16 9.77 3.72 -1.81
C TYR A 16 8.41 4.15 -1.28
N LEU A 17 8.06 3.75 -0.08
CA LEU A 17 6.73 4.15 0.47
C LEU A 17 6.68 5.68 0.56
N GLN A 18 7.79 6.30 0.84
CA GLN A 18 7.81 7.79 0.90
C GLN A 18 7.78 8.30 -0.52
N ASN A 19 8.53 7.68 -1.36
CA ASN A 19 8.51 8.07 -2.79
C ASN A 19 7.13 7.72 -3.31
N LEU A 20 6.48 6.82 -2.63
CA LEU A 20 5.11 6.43 -3.00
C LEU A 20 4.12 7.32 -2.26
N ASN A 21 4.62 8.08 -1.31
CA ASN A 21 3.75 9.01 -0.57
C ASN A 21 3.82 10.32 -1.30
N ASP A 22 4.92 10.53 -1.96
CA ASP A 22 5.10 11.76 -2.73
C ASP A 22 4.21 11.67 -3.94
N THR A 23 4.10 10.49 -4.42
CA THR A 23 3.22 10.21 -5.59
C THR A 23 1.77 10.18 -5.11
N LEU A 24 1.58 9.62 -3.95
CA LEU A 24 0.21 9.51 -3.40
C LEU A 24 -0.20 10.83 -2.78
N LEU A 25 0.73 11.60 -2.30
CA LEU A 25 0.31 12.91 -1.72
C LEU A 25 0.13 13.93 -2.82
N GLU A 26 0.70 13.63 -3.94
CA GLU A 26 0.53 14.50 -5.12
C GLU A 26 -0.65 13.97 -5.87
N LEU A 27 -0.92 12.71 -5.64
CA LEU A 27 -2.07 12.08 -6.29
C LEU A 27 -3.34 12.66 -5.69
N GLU A 28 -3.30 13.05 -4.45
CA GLU A 28 -4.50 13.65 -3.81
C GLU A 28 -4.81 14.98 -4.50
N LYS A 29 -3.79 15.73 -4.83
CA LYS A 29 -4.03 17.02 -5.52
C LYS A 29 -4.39 16.72 -6.98
N ASN A 30 -3.95 15.60 -7.42
CA ASN A 30 -4.24 15.14 -8.80
C ASN A 30 -4.56 13.67 -8.74
N PRO A 31 -5.74 13.43 -8.27
CA PRO A 31 -6.23 12.07 -8.07
C PRO A 31 -6.89 11.51 -9.33
N GLU A 32 -6.66 12.12 -10.45
CA GLU A 32 -7.27 11.60 -11.71
C GLU A 32 -6.15 11.42 -12.74
N ASP A 33 -4.96 11.81 -12.38
CA ASP A 33 -3.83 11.66 -13.31
C ASP A 33 -3.33 10.21 -13.29
N MET A 34 -3.09 9.63 -14.43
CA MET A 34 -2.61 8.23 -14.45
C MET A 34 -1.12 8.15 -14.16
N GLU A 35 -0.51 9.25 -13.79
CA GLU A 35 0.95 9.21 -13.48
C GLU A 35 1.14 8.90 -12.00
N LEU A 36 0.44 9.57 -11.14
CA LEU A 36 0.57 9.25 -9.69
C LEU A 36 -0.24 7.99 -9.43
N ILE A 37 -1.19 7.73 -10.29
CA ILE A 37 -2.01 6.52 -10.14
C ILE A 37 -1.22 5.32 -10.67
N ASN A 38 -0.41 5.54 -11.68
CA ASN A 38 0.39 4.42 -12.23
C ASN A 38 1.74 4.34 -11.51
N GLU A 39 2.15 5.43 -10.93
CA GLU A 39 3.43 5.42 -10.19
C GLU A 39 3.22 4.73 -8.86
N ALA A 40 2.01 4.78 -8.39
CA ALA A 40 1.66 4.11 -7.11
C ALA A 40 1.19 2.69 -7.41
N PHE A 41 0.29 2.54 -8.34
CA PHE A 41 -0.20 1.17 -8.69
C PHE A 41 1.00 0.23 -8.84
N ARG A 42 2.09 0.71 -9.39
CA ARG A 42 3.28 -0.16 -9.56
C ARG A 42 4.12 -0.20 -8.26
N ALA A 43 4.36 0.95 -7.68
CA ALA A 43 5.16 0.97 -6.42
C ALA A 43 4.66 -0.09 -5.46
N LEU A 44 3.39 -0.05 -5.14
CA LEU A 44 2.84 -1.07 -4.21
C LEU A 44 2.89 -2.45 -4.86
N HIS A 45 2.70 -2.50 -6.15
CA HIS A 45 2.77 -3.81 -6.85
C HIS A 45 4.21 -4.33 -6.78
N THR A 46 5.15 -3.43 -6.84
CA THR A 46 6.58 -3.84 -6.75
C THR A 46 6.94 -4.02 -5.26
N LEU A 47 6.34 -3.23 -4.41
CA LEU A 47 6.63 -3.34 -2.96
C LEU A 47 5.91 -4.55 -2.36
N LYS A 48 4.71 -4.82 -2.79
CA LYS A 48 3.98 -6.00 -2.25
C LYS A 48 4.59 -7.28 -2.83
N GLY A 49 5.24 -7.19 -3.96
CA GLY A 49 5.86 -8.40 -4.57
C GLY A 49 7.15 -8.75 -3.83
N MET A 50 7.98 -7.78 -3.57
CA MET A 50 9.27 -8.07 -2.85
C MET A 50 9.01 -8.26 -1.35
N ALA A 51 7.83 -7.94 -0.90
CA ALA A 51 7.52 -8.11 0.56
C ALA A 51 6.96 -9.51 0.81
N GLY A 52 6.37 -10.10 -0.20
CA GLY A 52 5.82 -11.47 -0.03
C GLY A 52 6.96 -12.46 -0.22
N THR A 53 7.90 -12.12 -1.07
CA THR A 53 9.06 -13.02 -1.30
C THR A 53 10.03 -12.88 -0.13
N MET A 54 9.85 -11.88 0.67
CA MET A 54 10.75 -11.68 1.84
C MET A 54 10.18 -12.39 3.06
N GLY A 55 9.09 -13.09 2.89
CA GLY A 55 8.48 -13.81 4.03
C GLY A 55 7.47 -12.90 4.72
N PHE A 56 7.40 -11.66 4.32
CA PHE A 56 6.43 -10.72 4.95
C PHE A 56 5.28 -10.45 3.98
N SER A 57 4.71 -11.48 3.42
CA SER A 57 3.57 -11.26 2.46
C SER A 57 2.43 -10.57 3.19
N SER A 58 2.39 -10.70 4.46
CA SER A 58 1.31 -10.05 5.26
C SER A 58 1.41 -8.55 5.03
N MET A 59 2.60 -8.05 4.94
CA MET A 59 2.78 -6.60 4.71
C MET A 59 2.71 -6.32 3.21
N ALA A 60 2.93 -7.32 2.40
CA ALA A 60 2.85 -7.11 0.93
C ALA A 60 1.39 -7.11 0.49
N LYS A 61 0.57 -7.88 1.16
CA LYS A 61 -0.87 -7.90 0.78
C LYS A 61 -1.44 -6.53 1.06
N LEU A 62 -0.91 -5.87 2.05
CA LEU A 62 -1.36 -4.51 2.36
C LEU A 62 -1.07 -3.63 1.16
N CYS A 63 0.12 -3.75 0.64
CA CYS A 63 0.52 -2.93 -0.53
C CYS A 63 -0.18 -3.43 -1.80
N HIS A 64 -0.44 -4.72 -1.88
CA HIS A 64 -1.13 -5.25 -3.09
C HIS A 64 -2.50 -4.61 -3.19
N THR A 65 -3.06 -4.22 -2.07
CA THR A 65 -4.39 -3.57 -2.10
C THR A 65 -4.24 -2.09 -2.46
N LEU A 66 -3.36 -1.38 -1.78
CA LEU A 66 -3.18 0.07 -2.12
C LEU A 66 -3.07 0.17 -3.63
N GLU A 67 -2.39 -0.76 -4.23
CA GLU A 67 -2.22 -0.77 -5.70
C GLU A 67 -3.55 -1.17 -6.35
N ASN A 68 -4.23 -2.14 -5.79
CA ASN A 68 -5.52 -2.54 -6.37
C ASN A 68 -6.45 -1.34 -6.43
N ILE A 69 -6.42 -0.51 -5.43
CA ILE A 69 -7.29 0.70 -5.46
C ILE A 69 -6.80 1.56 -6.60
N LEU A 70 -5.52 1.55 -6.76
CA LEU A 70 -4.91 2.31 -7.88
C LEU A 70 -5.20 1.56 -9.16
N ASP A 71 -5.56 0.32 -9.02
CA ASP A 71 -5.92 -0.48 -10.20
C ASP A 71 -7.34 -0.10 -10.60
N LYS A 72 -8.26 -0.07 -9.65
CA LYS A 72 -9.63 0.36 -10.01
C LYS A 72 -9.55 1.80 -10.48
N ALA A 73 -8.64 2.53 -9.90
CA ALA A 73 -8.44 3.95 -10.30
C ALA A 73 -8.04 3.98 -11.77
N ARG A 74 -7.26 3.02 -12.17
CA ARG A 74 -6.85 2.95 -13.59
C ARG A 74 -7.87 2.09 -14.34
N ASN A 75 -8.73 1.42 -13.60
CA ASN A 75 -9.77 0.58 -14.26
C ASN A 75 -11.10 1.34 -14.26
N SER A 76 -11.12 2.49 -13.65
CA SER A 76 -12.37 3.32 -13.59
C SER A 76 -13.35 2.74 -12.58
N GLU A 77 -12.86 2.20 -11.50
CA GLU A 77 -13.79 1.63 -10.48
C GLU A 77 -13.73 2.48 -9.21
N ILE A 78 -12.56 2.87 -8.81
CA ILE A 78 -12.44 3.73 -7.59
C ILE A 78 -11.60 4.96 -7.90
N LYS A 79 -11.67 5.97 -7.08
CA LYS A 79 -10.86 7.18 -7.35
C LYS A 79 -10.34 7.77 -6.03
N ILE A 80 -9.31 8.55 -6.07
CA ILE A 80 -8.76 9.11 -4.82
C ILE A 80 -9.65 10.23 -4.30
N THR A 81 -10.51 9.88 -3.41
CA THR A 81 -11.42 10.88 -2.80
C THR A 81 -10.72 11.52 -1.59
N SER A 82 -9.44 11.26 -1.44
CA SER A 82 -8.68 11.81 -0.27
C SER A 82 -8.98 10.95 0.97
N ASP A 83 -9.99 10.13 0.88
CA ASP A 83 -10.33 9.23 2.02
C ASP A 83 -9.89 7.83 1.65
N LEU A 84 -10.08 7.44 0.41
CA LEU A 84 -9.62 6.10 0.00
C LEU A 84 -8.11 6.08 0.21
N LEU A 85 -7.50 7.22 0.07
CA LEU A 85 -6.04 7.34 0.29
C LEU A 85 -5.76 7.34 1.79
N ASP A 86 -6.47 8.14 2.52
CA ASP A 86 -6.25 8.21 4.00
C ASP A 86 -6.20 6.79 4.57
N LYS A 87 -6.89 5.88 3.95
CA LYS A 87 -6.87 4.48 4.46
C LYS A 87 -5.74 3.71 3.77
N ILE A 88 -5.67 3.77 2.47
CA ILE A 88 -4.56 3.07 1.78
C ILE A 88 -3.24 3.64 2.33
N PHE A 89 -3.27 4.90 2.65
CA PHE A 89 -2.06 5.56 3.22
C PHE A 89 -1.85 5.04 4.63
N ALA A 90 -2.92 4.73 5.29
CA ALA A 90 -2.82 4.16 6.65
C ALA A 90 -2.28 2.75 6.51
N GLY A 91 -2.52 2.15 5.37
CA GLY A 91 -2.00 0.78 5.12
C GLY A 91 -0.49 0.89 4.94
N VAL A 92 -0.06 1.84 4.16
CA VAL A 92 1.40 2.04 3.98
C VAL A 92 1.99 2.44 5.32
N ASP A 93 1.17 2.98 6.18
CA ASP A 93 1.66 3.38 7.53
C ASP A 93 1.81 2.13 8.38
N MET A 94 1.06 1.11 8.09
CA MET A 94 1.17 -0.15 8.87
C MET A 94 2.45 -0.88 8.46
N ILE A 95 2.69 -1.01 7.18
CA ILE A 95 3.92 -1.67 6.72
C ILE A 95 5.12 -0.90 7.27
N THR A 96 5.00 0.40 7.38
CA THR A 96 6.11 1.20 7.96
C THR A 96 6.28 0.76 9.40
N ARG A 97 5.19 0.54 10.07
CA ARG A 97 5.26 0.07 11.48
C ARG A 97 5.66 -1.41 11.50
N MET A 98 5.25 -2.14 10.50
CA MET A 98 5.63 -3.58 10.42
C MET A 98 7.10 -3.66 10.03
N VAL A 99 7.53 -2.73 9.24
CA VAL A 99 8.95 -2.72 8.81
C VAL A 99 9.81 -2.14 9.93
N ASP A 100 9.29 -1.20 10.68
CA ASP A 100 10.08 -0.64 11.80
C ASP A 100 10.25 -1.71 12.86
N LYS A 101 9.28 -2.58 12.96
CA LYS A 101 9.38 -3.70 13.93
C LYS A 101 10.14 -4.84 13.26
N ILE A 102 10.24 -4.81 11.95
CA ILE A 102 11.00 -5.89 11.24
C ILE A 102 12.48 -5.59 11.42
N VAL A 103 12.88 -4.38 11.13
CA VAL A 103 14.30 -4.01 11.34
C VAL A 103 14.58 -4.16 12.84
N SER A 104 13.56 -4.04 13.63
CA SER A 104 13.72 -4.19 15.11
C SER A 104 13.65 -5.67 15.49
N GLU A 105 12.55 -6.28 15.20
CA GLU A 105 12.38 -7.73 15.54
C GLU A 105 12.55 -8.59 14.28
N GLY A 106 12.09 -8.11 13.17
CA GLY A 106 12.21 -8.88 11.91
C GLY A 106 10.86 -9.55 11.59
N SER A 107 9.79 -8.98 12.06
CA SER A 107 8.45 -9.59 11.79
C SER A 107 7.45 -8.54 11.29
N ASP A 108 6.85 -8.79 10.18
CA ASP A 108 5.84 -7.82 9.67
C ASP A 108 4.51 -8.06 10.39
N ASP A 109 4.52 -8.93 11.38
CA ASP A 109 3.26 -9.21 12.13
C ASP A 109 3.07 -8.18 13.25
N ILE A 110 2.13 -7.29 13.07
CA ILE A 110 1.88 -6.26 14.13
C ILE A 110 0.39 -6.26 14.50
N GLY A 111 -0.27 -7.36 14.32
CA GLY A 111 -1.72 -7.42 14.66
C GLY A 111 -2.53 -6.78 13.52
N GLU A 112 -1.87 -6.33 12.49
CA GLU A 112 -2.60 -5.68 11.36
C GLU A 112 -3.67 -6.62 10.79
N ASN A 113 -4.53 -6.11 9.97
CA ASN A 113 -5.62 -6.94 9.35
C ASN A 113 -5.75 -6.58 7.87
N ILE A 114 -4.95 -7.18 7.03
CA ILE A 114 -5.02 -6.85 5.58
C ILE A 114 -6.31 -7.34 4.94
N ASP A 115 -6.51 -8.63 4.82
CA ASP A 115 -7.76 -9.15 4.19
C ASP A 115 -8.93 -8.27 4.60
N VAL A 116 -8.85 -7.73 5.76
CA VAL A 116 -9.92 -6.83 6.27
C VAL A 116 -9.60 -5.39 5.90
N PHE A 117 -8.44 -4.94 6.30
CA PHE A 117 -8.04 -3.54 6.00
C PHE A 117 -8.10 -3.29 4.49
N SER A 118 -8.10 -4.33 3.72
CA SER A 118 -8.18 -4.16 2.26
C SER A 118 -9.63 -4.17 1.85
N ASP A 119 -10.36 -5.07 2.42
CA ASP A 119 -11.82 -5.14 2.11
C ASP A 119 -12.51 -3.95 2.76
N THR A 120 -12.07 -3.61 3.92
CA THR A 120 -12.66 -2.44 4.61
C THR A 120 -12.46 -1.22 3.72
N ILE A 121 -11.32 -1.14 3.14
CA ILE A 121 -10.99 -0.02 2.24
C ILE A 121 -11.53 -0.29 0.83
N LYS A 122 -11.33 -1.47 0.33
CA LYS A 122 -11.81 -1.80 -1.03
C LYS A 122 -13.33 -1.94 -1.03
N SER A 123 -13.89 -2.35 0.07
CA SER A 123 -15.36 -2.46 0.14
C SER A 123 -15.92 -1.14 0.64
N PHE A 124 -15.04 -0.29 1.12
CA PHE A 124 -15.50 1.04 1.61
C PHE A 124 -16.24 1.75 0.48
N ALA A 125 -16.03 1.29 -0.72
CA ALA A 125 -16.71 1.92 -1.89
C ALA A 125 -16.25 3.37 -2.05
N SER A 126 -16.79 4.27 -1.28
CA SER A 126 -16.37 5.69 -1.39
C SER A 126 -17.02 6.53 -0.29
N SER A 127 -18.33 6.59 -0.27
CA SER A 127 -19.03 7.39 0.78
C SER A 127 -20.53 7.19 0.69
N GLY A 128 -21.06 6.23 1.40
CA GLY A 128 -22.53 5.99 1.36
C GLY A 128 -22.95 5.13 2.55
N LYS A 129 -23.00 5.69 3.72
CA LYS A 129 -23.41 4.90 4.92
C LYS A 129 -22.70 3.54 4.90
N GLU A 130 -23.33 2.53 5.43
CA GLU A 130 -22.69 1.18 5.45
C GLU A 130 -22.60 0.63 4.02
N LYS A 131 -22.77 -0.65 3.86
CA LYS A 131 -22.69 -1.25 2.50
C LYS A 131 -23.81 -2.28 2.29
N LEU A 132 -23.96 -2.78 1.10
CA LEU A 132 -25.03 -3.78 0.84
C LEU A 132 -24.44 -5.06 0.26
N GLU A 133 -25.00 -6.19 0.59
CA GLU A 133 -24.46 -7.48 0.07
C GLU A 133 -25.31 -8.66 0.58
N MET A 1 21.63 -17.09 4.31
CA MET A 1 22.15 -15.75 3.90
C MET A 1 22.67 -14.99 5.12
N MET A 2 23.22 -13.82 4.91
CA MET A 2 23.73 -13.03 6.07
C MET A 2 22.68 -12.00 6.50
N GLU A 3 23.11 -10.82 6.87
CA GLU A 3 22.13 -9.79 7.31
C GLU A 3 22.16 -8.60 6.35
N GLU A 4 23.11 -8.57 5.47
CA GLU A 4 23.19 -7.42 4.55
C GLU A 4 22.15 -7.55 3.43
N TYR A 5 21.56 -8.70 3.31
CA TYR A 5 20.54 -8.90 2.26
C TYR A 5 19.28 -8.12 2.61
N LEU A 6 19.09 -7.88 3.86
CA LEU A 6 17.90 -7.11 4.32
C LEU A 6 18.23 -5.62 4.35
N GLY A 7 19.41 -5.28 4.84
CA GLY A 7 19.79 -3.85 4.89
C GLY A 7 19.49 -3.20 3.55
N VAL A 8 19.77 -3.90 2.47
CA VAL A 8 19.48 -3.32 1.12
C VAL A 8 18.00 -3.42 0.82
N PHE A 9 17.44 -4.57 1.05
CA PHE A 9 15.98 -4.75 0.81
C PHE A 9 15.21 -3.73 1.64
N VAL A 10 15.70 -3.43 2.81
CA VAL A 10 15.01 -2.44 3.69
C VAL A 10 15.27 -1.03 3.17
N ASP A 11 16.48 -0.74 2.77
CA ASP A 11 16.79 0.63 2.26
C ASP A 11 16.00 0.88 0.98
N GLU A 12 15.62 -0.18 0.34
CA GLU A 12 14.83 -0.05 -0.93
C GLU A 12 13.33 -0.04 -0.62
N THR A 13 12.90 -0.86 0.31
CA THR A 13 11.44 -0.89 0.65
C THR A 13 11.02 0.44 1.29
N LYS A 14 11.87 1.00 2.10
CA LYS A 14 11.51 2.30 2.75
C LYS A 14 11.64 3.43 1.74
N GLU A 15 12.69 3.43 0.97
CA GLU A 15 12.85 4.51 -0.05
C GLU A 15 11.74 4.40 -1.09
N TYR A 16 11.04 3.30 -1.07
CA TYR A 16 9.92 3.10 -2.04
C TYR A 16 8.62 3.63 -1.45
N LEU A 17 8.35 3.33 -0.21
CA LEU A 17 7.08 3.83 0.40
C LEU A 17 7.09 5.35 0.36
N GLN A 18 8.24 5.94 0.55
CA GLN A 18 8.32 7.42 0.49
C GLN A 18 8.17 7.85 -0.96
N ASN A 19 8.87 7.17 -1.81
CA ASN A 19 8.74 7.47 -3.25
C ASN A 19 7.31 7.11 -3.65
N LEU A 20 6.72 6.25 -2.87
CA LEU A 20 5.32 5.86 -3.13
C LEU A 20 4.40 6.78 -2.34
N ASN A 21 4.95 7.52 -1.43
CA ASN A 21 4.13 8.48 -0.68
C ASN A 21 4.21 9.77 -1.44
N ASP A 22 5.32 9.97 -2.08
CA ASP A 22 5.48 11.19 -2.87
C ASP A 22 4.54 11.10 -4.05
N THR A 23 4.33 9.90 -4.48
CA THR A 23 3.40 9.64 -5.60
C THR A 23 1.98 9.79 -5.09
N LEU A 24 1.71 9.24 -3.93
CA LEU A 24 0.36 9.34 -3.34
C LEU A 24 0.17 10.74 -2.78
N LEU A 25 1.25 11.38 -2.41
CA LEU A 25 1.11 12.76 -1.88
C LEU A 25 1.03 13.76 -3.00
N GLU A 26 1.42 13.35 -4.16
CA GLU A 26 1.30 14.23 -5.33
C GLU A 26 0.00 13.88 -5.98
N LEU A 27 -0.36 12.64 -5.83
CA LEU A 27 -1.62 12.16 -6.39
C LEU A 27 -2.78 12.78 -5.61
N GLU A 28 -2.57 13.10 -4.37
CA GLU A 28 -3.67 13.73 -3.59
C GLU A 28 -3.86 15.15 -4.04
N LYS A 29 -2.78 15.82 -4.35
CA LYS A 29 -2.89 17.21 -4.85
C LYS A 29 -3.32 17.13 -6.31
N ASN A 30 -3.20 15.96 -6.87
CA ASN A 30 -3.60 15.73 -8.28
C ASN A 30 -3.89 14.25 -8.46
N PRO A 31 -5.05 13.92 -8.00
CA PRO A 31 -5.53 12.53 -8.03
C PRO A 31 -6.23 12.19 -9.36
N GLU A 32 -5.88 12.86 -10.42
CA GLU A 32 -6.55 12.57 -11.72
C GLU A 32 -5.56 12.72 -12.88
N ASP A 33 -4.32 12.99 -12.57
CA ASP A 33 -3.30 13.15 -13.64
C ASP A 33 -3.10 11.82 -14.35
N MET A 34 -3.53 10.76 -13.74
CA MET A 34 -3.38 9.40 -14.33
C MET A 34 -1.89 9.05 -14.45
N GLU A 35 -1.04 9.87 -13.91
CA GLU A 35 0.40 9.56 -13.95
C GLU A 35 0.80 9.17 -12.55
N LEU A 36 0.33 9.89 -11.58
CA LEU A 36 0.62 9.52 -10.18
C LEU A 36 -0.16 8.25 -9.87
N ILE A 37 -1.22 8.01 -10.61
CA ILE A 37 -2.03 6.79 -10.38
C ILE A 37 -1.23 5.57 -10.82
N ASN A 38 -0.47 5.69 -11.88
CA ASN A 38 0.33 4.52 -12.35
C ASN A 38 1.68 4.51 -11.64
N GLU A 39 2.04 5.61 -11.06
CA GLU A 39 3.33 5.67 -10.32
C GLU A 39 3.14 5.03 -8.96
N ALA A 40 1.94 5.03 -8.49
CA ALA A 40 1.61 4.40 -7.19
C ALA A 40 1.24 2.94 -7.39
N PHE A 41 0.34 2.68 -8.31
CA PHE A 41 -0.07 1.27 -8.57
C PHE A 41 1.17 0.42 -8.90
N ARG A 42 2.19 1.02 -9.44
CA ARG A 42 3.42 0.24 -9.77
C ARG A 42 4.33 0.14 -8.53
N ALA A 43 4.55 1.22 -7.85
CA ALA A 43 5.41 1.18 -6.63
C ALA A 43 4.85 0.17 -5.64
N LEU A 44 3.56 0.13 -5.48
CA LEU A 44 2.97 -0.85 -4.53
C LEU A 44 3.06 -2.25 -5.13
N HIS A 45 2.79 -2.39 -6.39
CA HIS A 45 2.90 -3.74 -7.02
C HIS A 45 4.36 -4.18 -6.95
N THR A 46 5.26 -3.27 -7.08
CA THR A 46 6.70 -3.63 -7.00
C THR A 46 7.01 -3.92 -5.52
N LEU A 47 6.42 -3.16 -4.64
CA LEU A 47 6.65 -3.38 -3.18
C LEU A 47 5.87 -4.63 -2.73
N LYS A 48 4.73 -4.87 -3.31
CA LYS A 48 3.93 -6.06 -2.95
C LYS A 48 4.77 -7.32 -3.19
N GLY A 49 5.55 -7.32 -4.23
CA GLY A 49 6.40 -8.51 -4.53
C GLY A 49 7.52 -8.61 -3.50
N MET A 50 8.34 -7.59 -3.40
CA MET A 50 9.46 -7.62 -2.42
C MET A 50 8.92 -7.90 -1.01
N ALA A 51 7.67 -7.64 -0.78
CA ALA A 51 7.09 -7.89 0.57
C ALA A 51 6.52 -9.30 0.67
N GLY A 52 6.33 -9.94 -0.45
CA GLY A 52 5.76 -11.32 -0.42
C GLY A 52 6.89 -12.33 -0.37
N THR A 53 8.00 -11.95 0.22
CA THR A 53 9.15 -12.89 0.31
C THR A 53 10.06 -12.47 1.44
N MET A 54 10.49 -11.26 1.38
CA MET A 54 11.39 -10.72 2.44
C MET A 54 10.66 -9.71 3.29
N GLY A 55 9.44 -9.43 2.93
CA GLY A 55 8.64 -8.45 3.73
C GLY A 55 7.40 -9.18 4.24
N PHE A 56 7.35 -10.46 4.01
CA PHE A 56 6.16 -11.24 4.46
C PHE A 56 4.94 -10.81 3.66
N SER A 57 4.31 -11.72 2.98
CA SER A 57 3.12 -11.36 2.16
C SER A 57 2.06 -10.70 3.03
N SER A 58 2.19 -10.79 4.31
CA SER A 58 1.18 -10.14 5.19
C SER A 58 1.27 -8.64 4.96
N MET A 59 2.46 -8.11 4.93
CA MET A 59 2.63 -6.67 4.68
C MET A 59 2.59 -6.42 3.17
N ALA A 60 2.80 -7.44 2.39
CA ALA A 60 2.77 -7.27 0.91
C ALA A 60 1.30 -7.22 0.47
N LYS A 61 0.46 -7.98 1.11
CA LYS A 61 -0.98 -7.94 0.75
C LYS A 61 -1.48 -6.54 1.03
N LEU A 62 -0.95 -5.98 2.08
CA LEU A 62 -1.31 -4.61 2.45
C LEU A 62 -0.89 -3.67 1.33
N CYS A 63 0.21 -3.98 0.68
CA CYS A 63 0.68 -3.12 -0.44
C CYS A 63 -0.13 -3.45 -1.69
N HIS A 64 -0.62 -4.66 -1.79
CA HIS A 64 -1.45 -5.04 -2.96
C HIS A 64 -2.80 -4.32 -2.86
N THR A 65 -3.20 -4.03 -1.67
CA THR A 65 -4.48 -3.32 -1.44
C THR A 65 -4.41 -1.87 -1.93
N LEU A 66 -3.53 -1.11 -1.37
CA LEU A 66 -3.38 0.32 -1.79
C LEU A 66 -3.20 0.37 -3.30
N GLU A 67 -2.54 -0.61 -3.84
CA GLU A 67 -2.33 -0.66 -5.32
C GLU A 67 -3.66 -0.95 -6.00
N ASN A 68 -4.38 -1.91 -5.50
CA ASN A 68 -5.69 -2.23 -6.11
C ASN A 68 -6.52 -0.97 -6.25
N ILE A 69 -6.47 -0.11 -5.26
CA ILE A 69 -7.25 1.14 -5.34
C ILE A 69 -6.64 2.00 -6.43
N LEU A 70 -5.37 1.90 -6.55
CA LEU A 70 -4.69 2.65 -7.62
C LEU A 70 -4.90 1.90 -8.92
N ASP A 71 -5.39 0.70 -8.82
CA ASP A 71 -5.68 -0.08 -10.02
C ASP A 71 -7.04 0.36 -10.55
N LYS A 72 -7.99 0.54 -9.66
CA LYS A 72 -9.32 1.01 -10.11
C LYS A 72 -9.17 2.44 -10.59
N ALA A 73 -8.34 3.15 -9.91
CA ALA A 73 -8.06 4.56 -10.28
C ALA A 73 -7.60 4.58 -11.73
N ARG A 74 -6.82 3.61 -12.11
CA ARG A 74 -6.36 3.55 -13.52
C ARG A 74 -7.35 2.72 -14.32
N ASN A 75 -8.18 1.96 -13.65
CA ASN A 75 -9.18 1.13 -14.37
C ASN A 75 -10.48 1.91 -14.48
N SER A 76 -10.50 3.12 -13.96
CA SER A 76 -11.73 3.96 -14.03
C SER A 76 -12.78 3.46 -13.04
N GLU A 77 -12.38 2.79 -12.00
CA GLU A 77 -13.39 2.30 -11.02
C GLU A 77 -13.47 3.24 -9.82
N ILE A 78 -12.37 3.83 -9.44
CA ILE A 78 -12.40 4.79 -8.28
C ILE A 78 -11.46 5.97 -8.53
N LYS A 79 -11.38 6.86 -7.59
CA LYS A 79 -10.48 8.03 -7.72
C LYS A 79 -10.07 8.52 -6.33
N ILE A 80 -8.89 9.05 -6.18
CA ILE A 80 -8.46 9.52 -4.83
C ILE A 80 -9.39 10.65 -4.38
N THR A 81 -10.35 10.28 -3.61
CA THR A 81 -11.34 11.26 -3.08
C THR A 81 -10.82 11.88 -1.79
N SER A 82 -9.55 11.69 -1.50
CA SER A 82 -8.96 12.22 -0.22
C SER A 82 -9.36 11.30 0.94
N ASP A 83 -10.30 10.42 0.71
CA ASP A 83 -10.73 9.46 1.76
C ASP A 83 -10.22 8.08 1.38
N LEU A 84 -10.32 7.74 0.12
CA LEU A 84 -9.78 6.42 -0.29
C LEU A 84 -8.31 6.39 0.09
N LEU A 85 -7.73 7.56 0.12
CA LEU A 85 -6.30 7.68 0.53
C LEU A 85 -6.21 7.54 2.05
N ASP A 86 -7.00 8.31 2.76
CA ASP A 86 -6.97 8.23 4.25
C ASP A 86 -7.01 6.77 4.69
N LYS A 87 -7.59 5.91 3.89
CA LYS A 87 -7.66 4.47 4.27
C LYS A 87 -6.43 3.75 3.72
N ILE A 88 -6.14 3.94 2.47
CA ILE A 88 -4.93 3.30 1.90
C ILE A 88 -3.71 3.86 2.60
N PHE A 89 -3.81 5.08 3.05
CA PHE A 89 -2.68 5.71 3.79
C PHE A 89 -2.58 5.04 5.16
N ALA A 90 -3.70 4.69 5.71
CA ALA A 90 -3.69 3.99 7.01
C ALA A 90 -3.08 2.63 6.77
N GLY A 91 -3.31 2.11 5.59
CA GLY A 91 -2.72 0.81 5.22
C GLY A 91 -1.21 1.01 5.13
N VAL A 92 -0.80 2.08 4.48
CA VAL A 92 0.64 2.37 4.37
C VAL A 92 1.18 2.65 5.78
N ASP A 93 0.31 3.01 6.68
CA ASP A 93 0.74 3.28 8.08
C ASP A 93 1.13 1.99 8.74
N MET A 94 0.55 0.90 8.34
CA MET A 94 0.92 -0.42 8.95
C MET A 94 2.27 -0.86 8.41
N ILE A 95 2.44 -0.85 7.11
CA ILE A 95 3.74 -1.26 6.53
C ILE A 95 4.83 -0.38 7.10
N THR A 96 4.53 0.84 7.41
CA THR A 96 5.57 1.73 7.99
C THR A 96 5.81 1.35 9.46
N ARG A 97 4.78 0.90 10.13
CA ARG A 97 4.94 0.52 11.56
C ARG A 97 5.30 -0.97 11.70
N MET A 98 4.82 -1.82 10.85
CA MET A 98 5.18 -3.25 10.98
C MET A 98 6.59 -3.46 10.44
N VAL A 99 7.02 -2.60 9.57
CA VAL A 99 8.39 -2.72 9.04
C VAL A 99 9.36 -2.11 10.06
N ASP A 100 8.96 -1.05 10.72
CA ASP A 100 9.86 -0.44 11.74
C ASP A 100 10.04 -1.45 12.85
N LYS A 101 9.01 -2.18 13.15
CA LYS A 101 9.11 -3.22 14.19
C LYS A 101 9.88 -4.41 13.61
N ILE A 102 9.93 -4.48 12.30
CA ILE A 102 10.68 -5.59 11.62
C ILE A 102 12.16 -5.29 11.76
N VAL A 103 12.55 -4.09 11.44
CA VAL A 103 13.97 -3.71 11.61
C VAL A 103 14.29 -3.75 13.10
N SER A 104 13.28 -3.60 13.90
CA SER A 104 13.46 -3.64 15.38
C SER A 104 13.41 -5.07 15.87
N GLU A 105 12.31 -5.69 15.65
CA GLU A 105 12.12 -7.09 16.09
C GLU A 105 12.23 -8.04 14.88
N GLY A 106 11.62 -7.67 13.78
CA GLY A 106 11.70 -8.54 12.57
C GLY A 106 10.34 -9.20 12.30
N SER A 107 9.27 -8.53 12.62
CA SER A 107 7.91 -9.13 12.38
C SER A 107 6.95 -8.10 11.78
N ASP A 108 6.36 -8.43 10.67
CA ASP A 108 5.40 -7.48 10.07
C ASP A 108 4.04 -7.65 10.74
N ASP A 109 3.99 -8.40 11.81
CA ASP A 109 2.69 -8.60 12.51
C ASP A 109 2.46 -7.51 13.56
N ILE A 110 1.60 -6.59 13.29
CA ILE A 110 1.34 -5.50 14.28
C ILE A 110 -0.16 -5.36 14.54
N GLY A 111 -0.87 -6.45 14.53
CA GLY A 111 -2.35 -6.38 14.77
C GLY A 111 -3.06 -6.03 13.46
N GLU A 112 -2.31 -5.79 12.42
CA GLU A 112 -2.95 -5.44 11.12
C GLU A 112 -4.04 -6.46 10.77
N ASN A 113 -4.67 -6.29 9.64
CA ASN A 113 -5.74 -7.26 9.25
C ASN A 113 -5.99 -7.19 7.74
N ILE A 114 -4.96 -6.94 6.96
CA ILE A 114 -5.11 -6.83 5.46
C ILE A 114 -6.36 -7.56 4.97
N ASP A 115 -6.42 -8.85 5.15
CA ASP A 115 -7.64 -9.59 4.67
C ASP A 115 -8.88 -8.79 4.99
N VAL A 116 -8.94 -8.31 6.19
CA VAL A 116 -10.10 -7.49 6.63
C VAL A 116 -9.83 -6.00 6.40
N PHE A 117 -8.59 -5.62 6.45
CA PHE A 117 -8.24 -4.18 6.24
C PHE A 117 -8.32 -3.87 4.75
N SER A 118 -8.24 -4.87 3.94
CA SER A 118 -8.33 -4.68 2.49
C SER A 118 -9.78 -4.83 2.11
N ASP A 119 -10.41 -5.80 2.69
CA ASP A 119 -11.85 -6.03 2.42
C ASP A 119 -12.63 -4.84 2.93
N THR A 120 -12.08 -4.19 3.92
CA THR A 120 -12.72 -2.98 4.48
C THR A 120 -12.61 -1.89 3.43
N ILE A 121 -11.42 -1.67 2.97
CA ILE A 121 -11.18 -0.66 1.91
C ILE A 121 -11.92 -1.11 0.65
N LYS A 122 -11.90 -2.39 0.38
CA LYS A 122 -12.61 -2.91 -0.82
C LYS A 122 -14.10 -2.74 -0.60
N SER A 123 -14.54 -2.87 0.62
CA SER A 123 -15.97 -2.68 0.92
C SER A 123 -16.22 -1.20 1.24
N PHE A 124 -15.17 -0.46 1.38
CA PHE A 124 -15.32 0.99 1.66
C PHE A 124 -15.74 1.72 0.39
N ALA A 125 -15.83 0.99 -0.69
CA ALA A 125 -16.24 1.61 -1.97
C ALA A 125 -17.13 0.66 -2.79
N SER A 126 -16.83 -0.61 -2.74
CA SER A 126 -17.66 -1.58 -3.51
C SER A 126 -18.81 -2.12 -2.64
N SER A 127 -18.60 -2.20 -1.36
CA SER A 127 -19.69 -2.72 -0.47
C SER A 127 -20.03 -1.69 0.61
N GLY A 128 -19.60 -0.46 0.44
CA GLY A 128 -19.90 0.57 1.45
C GLY A 128 -20.57 1.77 0.78
N LYS A 129 -20.90 1.65 -0.48
CA LYS A 129 -21.55 2.78 -1.20
C LYS A 129 -22.94 3.04 -0.62
N GLU A 130 -23.03 3.88 0.38
CA GLU A 130 -24.36 4.16 0.99
C GLU A 130 -24.46 5.64 1.38
N LYS A 131 -25.45 6.33 0.89
CA LYS A 131 -25.60 7.77 1.23
C LYS A 131 -25.91 7.93 2.72
N LEU A 132 -26.26 9.12 3.14
CA LEU A 132 -26.57 9.33 4.58
C LEU A 132 -25.41 8.87 5.46
N GLU A 133 -25.54 9.02 6.74
CA GLU A 133 -24.44 8.59 7.66
C GLU A 133 -23.09 9.07 7.13
N MET A 1 24.21 -16.59 8.13
CA MET A 1 24.50 -16.42 6.67
C MET A 1 24.42 -14.95 6.27
N MET A 2 24.91 -14.61 5.11
CA MET A 2 24.86 -13.18 4.68
C MET A 2 23.48 -12.59 4.98
N GLU A 3 23.43 -11.43 5.56
CA GLU A 3 22.11 -10.80 5.88
C GLU A 3 22.02 -9.42 5.25
N GLU A 4 23.05 -9.00 4.61
CA GLU A 4 23.01 -7.64 4.01
C GLU A 4 22.03 -7.61 2.84
N TYR A 5 21.48 -8.74 2.48
CA TYR A 5 20.51 -8.76 1.35
C TYR A 5 19.16 -8.24 1.83
N LEU A 6 18.89 -8.39 3.08
CA LEU A 6 17.60 -7.90 3.64
C LEU A 6 17.78 -6.46 4.13
N GLY A 7 18.97 -6.10 4.52
CA GLY A 7 19.21 -4.71 4.99
C GLY A 7 19.03 -3.76 3.80
N VAL A 8 19.38 -4.20 2.63
CA VAL A 8 19.22 -3.32 1.43
C VAL A 8 17.83 -3.50 0.84
N PHE A 9 17.24 -4.62 1.09
CA PHE A 9 15.86 -4.88 0.57
C PHE A 9 14.87 -3.99 1.31
N VAL A 10 15.12 -3.72 2.56
CA VAL A 10 14.20 -2.85 3.34
C VAL A 10 14.56 -1.38 3.10
N ASP A 11 15.82 -1.08 2.99
CA ASP A 11 16.23 0.33 2.74
C ASP A 11 15.62 0.81 1.43
N GLU A 12 15.29 -0.12 0.59
CA GLU A 12 14.65 0.24 -0.71
C GLU A 12 13.13 0.26 -0.52
N THR A 13 12.61 -0.68 0.22
CA THR A 13 11.15 -0.71 0.48
C THR A 13 10.72 0.58 1.16
N LYS A 14 11.58 1.15 1.97
CA LYS A 14 11.23 2.41 2.67
C LYS A 14 11.38 3.60 1.70
N GLU A 15 12.47 3.68 1.00
CA GLU A 15 12.68 4.79 0.05
C GLU A 15 11.59 4.75 -1.02
N TYR A 16 10.92 3.65 -1.12
CA TYR A 16 9.83 3.52 -2.12
C TYR A 16 8.51 3.96 -1.51
N LEU A 17 8.36 3.82 -0.22
CA LEU A 17 7.10 4.26 0.44
C LEU A 17 7.12 5.78 0.43
N GLN A 18 8.29 6.31 0.64
CA GLN A 18 8.48 7.78 0.60
C GLN A 18 8.20 8.22 -0.81
N ASN A 19 8.89 7.60 -1.71
CA ASN A 19 8.71 7.92 -3.13
C ASN A 19 7.27 7.61 -3.50
N LEU A 20 6.68 6.71 -2.78
CA LEU A 20 5.28 6.34 -3.02
C LEU A 20 4.37 7.25 -2.20
N ASN A 21 4.94 8.03 -1.32
CA ASN A 21 4.13 8.98 -0.55
C ASN A 21 4.16 10.26 -1.31
N ASP A 22 5.28 10.52 -1.90
CA ASP A 22 5.39 11.72 -2.70
C ASP A 22 4.41 11.57 -3.84
N THR A 23 4.21 10.35 -4.22
CA THR A 23 3.24 10.02 -5.28
C THR A 23 1.82 10.15 -4.74
N LEU A 24 1.59 9.61 -3.58
CA LEU A 24 0.25 9.68 -2.97
C LEU A 24 0.00 11.10 -2.46
N LEU A 25 1.04 11.76 -2.02
CA LEU A 25 0.83 13.15 -1.52
C LEU A 25 0.77 14.12 -2.69
N GLU A 26 1.27 13.69 -3.80
CA GLU A 26 1.17 14.54 -5.00
C GLU A 26 -0.08 14.09 -5.72
N LEU A 27 -0.47 12.88 -5.45
CA LEU A 27 -1.68 12.34 -6.05
C LEU A 27 -2.89 12.99 -5.39
N GLU A 28 -2.76 13.37 -4.15
CA GLU A 28 -3.89 14.04 -3.45
C GLU A 28 -4.12 15.39 -4.10
N LYS A 29 -3.04 16.07 -4.43
CA LYS A 29 -3.19 17.40 -5.09
C LYS A 29 -3.59 17.16 -6.54
N ASN A 30 -3.30 16.00 -7.02
CA ASN A 30 -3.65 15.62 -8.42
C ASN A 30 -3.97 14.15 -8.43
N PRO A 31 -5.16 13.90 -7.97
CA PRO A 31 -5.66 12.54 -7.85
C PRO A 31 -6.33 12.08 -9.15
N GLU A 32 -6.03 12.71 -10.24
CA GLU A 32 -6.64 12.30 -11.53
C GLU A 32 -5.62 12.43 -12.66
N ASP A 33 -4.41 12.75 -12.33
CA ASP A 33 -3.36 12.88 -13.37
C ASP A 33 -3.09 11.52 -14.02
N MET A 34 -3.54 10.49 -13.37
CA MET A 34 -3.31 9.11 -13.90
C MET A 34 -1.82 8.84 -14.00
N GLU A 35 -1.02 9.70 -13.43
CA GLU A 35 0.44 9.49 -13.47
C GLU A 35 0.86 9.09 -12.06
N LEU A 36 0.31 9.75 -11.08
CA LEU A 36 0.63 9.37 -9.68
C LEU A 36 -0.13 8.09 -9.36
N ILE A 37 -1.19 7.84 -10.09
CA ILE A 37 -1.97 6.60 -9.85
C ILE A 37 -1.24 5.44 -10.50
N ASN A 38 -0.47 5.71 -11.53
CA ASN A 38 0.28 4.61 -12.20
C ASN A 38 1.64 4.43 -11.56
N GLU A 39 2.23 5.50 -11.13
CA GLU A 39 3.55 5.38 -10.46
C GLU A 39 3.33 4.82 -9.06
N ALA A 40 2.12 4.92 -8.60
CA ALA A 40 1.77 4.37 -7.26
C ALA A 40 1.31 2.93 -7.41
N PHE A 41 0.37 2.67 -8.29
CA PHE A 41 -0.08 1.27 -8.49
C PHE A 41 1.15 0.36 -8.65
N ARG A 42 2.15 0.85 -9.31
CA ARG A 42 3.38 0.04 -9.51
C ARG A 42 4.14 -0.12 -8.19
N ALA A 43 4.74 0.94 -7.72
CA ALA A 43 5.51 0.88 -6.43
C ALA A 43 4.83 -0.08 -5.45
N LEU A 44 3.55 0.03 -5.27
CA LEU A 44 2.85 -0.88 -4.32
C LEU A 44 2.90 -2.31 -4.87
N HIS A 45 2.71 -2.46 -6.15
CA HIS A 45 2.77 -3.82 -6.75
C HIS A 45 4.22 -4.31 -6.69
N THR A 46 5.14 -3.39 -6.72
CA THR A 46 6.58 -3.76 -6.63
C THR A 46 6.95 -3.95 -5.15
N LEU A 47 6.42 -3.12 -4.29
CA LEU A 47 6.73 -3.26 -2.85
C LEU A 47 6.06 -4.52 -2.30
N LYS A 48 4.92 -4.87 -2.83
CA LYS A 48 4.22 -6.10 -2.36
C LYS A 48 5.04 -7.33 -2.74
N GLY A 49 5.51 -7.39 -3.96
CA GLY A 49 6.33 -8.56 -4.39
C GLY A 49 7.60 -8.64 -3.55
N MET A 50 8.13 -7.52 -3.15
CA MET A 50 9.37 -7.53 -2.33
C MET A 50 9.04 -7.94 -0.89
N ALA A 51 7.78 -7.88 -0.53
CA ALA A 51 7.38 -8.26 0.85
C ALA A 51 7.03 -9.75 0.90
N GLY A 52 6.89 -10.36 -0.23
CA GLY A 52 6.55 -11.82 -0.25
C GLY A 52 7.85 -12.62 -0.20
N THR A 53 8.88 -12.11 -0.80
CA THR A 53 10.18 -12.82 -0.79
C THR A 53 10.84 -12.68 0.59
N MET A 54 10.31 -11.80 1.39
CA MET A 54 10.88 -11.59 2.75
C MET A 54 10.02 -12.31 3.80
N GLY A 55 9.06 -13.06 3.35
CA GLY A 55 8.19 -13.79 4.31
C GLY A 55 7.15 -12.84 4.90
N PHE A 56 7.20 -11.58 4.51
CA PHE A 56 6.21 -10.61 5.05
C PHE A 56 5.03 -10.48 4.08
N SER A 57 4.40 -11.57 3.75
CA SER A 57 3.24 -11.50 2.82
C SER A 57 2.07 -10.81 3.50
N SER A 58 1.97 -10.95 4.79
CA SER A 58 0.87 -10.30 5.53
C SER A 58 1.01 -8.79 5.32
N MET A 59 2.22 -8.34 5.18
CA MET A 59 2.44 -6.89 4.95
C MET A 59 2.53 -6.66 3.44
N ALA A 60 2.81 -7.69 2.68
CA ALA A 60 2.86 -7.53 1.21
C ALA A 60 1.44 -7.46 0.67
N LYS A 61 0.54 -8.21 1.26
CA LYS A 61 -0.87 -8.14 0.79
C LYS A 61 -1.39 -6.75 1.02
N LEU A 62 -0.93 -6.12 2.06
CA LEU A 62 -1.35 -4.73 2.33
C LEU A 62 -0.96 -3.87 1.15
N CYS A 63 0.25 -4.04 0.70
CA CYS A 63 0.72 -3.26 -0.47
C CYS A 63 -0.13 -3.59 -1.68
N HIS A 64 -0.41 -4.85 -1.87
CA HIS A 64 -1.26 -5.23 -3.02
C HIS A 64 -2.64 -4.59 -2.86
N THR A 65 -3.01 -4.30 -1.65
CA THR A 65 -4.33 -3.68 -1.41
C THR A 65 -4.28 -2.19 -1.80
N LEU A 66 -3.25 -1.49 -1.40
CA LEU A 66 -3.15 -0.04 -1.75
C LEU A 66 -3.17 0.11 -3.27
N GLU A 67 -2.31 -0.61 -3.93
CA GLU A 67 -2.24 -0.54 -5.42
C GLU A 67 -3.57 -0.97 -6.04
N ASN A 68 -4.29 -1.79 -5.35
CA ASN A 68 -5.59 -2.26 -5.89
C ASN A 68 -6.49 -1.05 -6.12
N ILE A 69 -6.52 -0.17 -5.17
CA ILE A 69 -7.34 1.04 -5.33
C ILE A 69 -6.76 1.85 -6.46
N LEU A 70 -5.48 1.92 -6.44
CA LEU A 70 -4.79 2.66 -7.51
C LEU A 70 -5.04 1.92 -8.82
N ASP A 71 -5.49 0.70 -8.72
CA ASP A 71 -5.81 -0.06 -9.96
C ASP A 71 -7.20 0.37 -10.42
N LYS A 72 -8.18 0.28 -9.56
CA LYS A 72 -9.54 0.72 -9.96
C LYS A 72 -9.48 2.21 -10.25
N ALA A 73 -8.57 2.89 -9.60
CA ALA A 73 -8.41 4.33 -9.87
C ALA A 73 -7.89 4.50 -11.29
N ARG A 74 -7.13 3.53 -11.74
CA ARG A 74 -6.60 3.57 -13.12
C ARG A 74 -7.62 2.89 -14.04
N ASN A 75 -8.42 2.01 -13.49
CA ASN A 75 -9.46 1.34 -14.31
C ASN A 75 -10.54 2.36 -14.66
N SER A 76 -10.46 3.53 -14.07
CA SER A 76 -11.46 4.60 -14.34
C SER A 76 -12.77 4.30 -13.60
N GLU A 77 -12.69 3.69 -12.46
CA GLU A 77 -13.93 3.41 -11.71
C GLU A 77 -13.95 4.25 -10.44
N ILE A 78 -12.80 4.47 -9.88
CA ILE A 78 -12.73 5.30 -8.64
C ILE A 78 -11.71 6.43 -8.79
N LYS A 79 -11.64 7.30 -7.81
CA LYS A 79 -10.66 8.41 -7.84
C LYS A 79 -10.29 8.78 -6.40
N ILE A 80 -9.05 9.14 -6.15
CA ILE A 80 -8.67 9.51 -4.76
C ILE A 80 -9.63 10.57 -4.25
N THR A 81 -10.56 10.13 -3.51
CA THR A 81 -11.60 11.05 -2.95
C THR A 81 -11.21 11.49 -1.53
N SER A 82 -9.94 11.43 -1.21
CA SER A 82 -9.49 11.82 0.17
C SER A 82 -9.90 10.73 1.16
N ASP A 83 -10.62 9.75 0.72
CA ASP A 83 -11.03 8.65 1.62
C ASP A 83 -10.41 7.35 1.13
N LEU A 84 -10.52 7.06 -0.14
CA LEU A 84 -9.90 5.83 -0.67
C LEU A 84 -8.39 5.96 -0.50
N LEU A 85 -7.90 7.16 -0.47
CA LEU A 85 -6.43 7.36 -0.30
C LEU A 85 -6.10 7.43 1.19
N ASP A 86 -6.98 7.96 1.99
CA ASP A 86 -6.72 8.03 3.45
C ASP A 86 -6.71 6.63 4.05
N LYS A 87 -7.31 5.69 3.37
CA LYS A 87 -7.32 4.29 3.89
C LYS A 87 -6.08 3.60 3.35
N ILE A 88 -5.79 3.79 2.09
CA ILE A 88 -4.57 3.16 1.52
C ILE A 88 -3.36 3.73 2.24
N PHE A 89 -3.44 4.98 2.65
CA PHE A 89 -2.31 5.60 3.37
C PHE A 89 -2.23 5.02 4.77
N ALA A 90 -3.35 4.67 5.32
CA ALA A 90 -3.36 4.05 6.66
C ALA A 90 -2.75 2.67 6.52
N GLY A 91 -2.97 2.06 5.39
CA GLY A 91 -2.37 0.72 5.13
C GLY A 91 -0.87 0.93 5.02
N VAL A 92 -0.47 1.97 4.34
CA VAL A 92 0.97 2.27 4.21
C VAL A 92 1.51 2.62 5.61
N ASP A 93 0.64 3.06 6.47
CA ASP A 93 1.05 3.39 7.85
C ASP A 93 1.38 2.10 8.59
N MET A 94 0.81 1.01 8.16
CA MET A 94 1.10 -0.29 8.82
C MET A 94 2.45 -0.80 8.33
N ILE A 95 2.63 -0.90 7.03
CA ILE A 95 3.92 -1.37 6.50
C ILE A 95 5.04 -0.48 7.05
N THR A 96 4.78 0.78 7.20
CA THR A 96 5.81 1.69 7.76
C THR A 96 6.04 1.31 9.21
N ARG A 97 5.01 0.88 9.89
CA ARG A 97 5.15 0.47 11.30
C ARG A 97 5.64 -0.99 11.36
N MET A 98 5.24 -1.79 10.42
CA MET A 98 5.70 -3.21 10.40
C MET A 98 7.17 -3.21 9.98
N VAL A 99 7.52 -2.34 9.08
CA VAL A 99 8.93 -2.25 8.63
C VAL A 99 9.79 -1.67 9.74
N ASP A 100 9.26 -0.75 10.52
CA ASP A 100 10.05 -0.18 11.63
C ASP A 100 10.22 -1.22 12.72
N LYS A 101 9.27 -2.11 12.85
CA LYS A 101 9.39 -3.18 13.87
C LYS A 101 10.11 -4.36 13.21
N ILE A 102 9.83 -4.59 11.95
CA ILE A 102 10.50 -5.70 11.24
C ILE A 102 11.99 -5.39 11.26
N VAL A 103 12.30 -4.13 11.25
CA VAL A 103 13.72 -3.71 11.32
C VAL A 103 14.15 -3.80 12.79
N SER A 104 13.23 -3.57 13.68
CA SER A 104 13.54 -3.64 15.13
C SER A 104 13.50 -5.07 15.64
N GLU A 105 12.87 -5.93 14.89
CA GLU A 105 12.77 -7.36 15.31
C GLU A 105 12.62 -8.27 14.09
N GLY A 106 11.92 -7.81 13.08
CA GLY A 106 11.73 -8.66 11.87
C GLY A 106 10.30 -9.20 11.84
N SER A 107 9.40 -8.56 12.53
CA SER A 107 7.98 -9.05 12.55
C SER A 107 7.10 -8.05 11.84
N ASP A 108 6.30 -8.50 10.93
CA ASP A 108 5.38 -7.58 10.21
C ASP A 108 4.01 -7.68 10.86
N ASP A 109 3.95 -8.27 12.04
CA ASP A 109 2.63 -8.40 12.73
C ASP A 109 2.44 -7.28 13.75
N ILE A 110 1.86 -6.18 13.34
CA ILE A 110 1.63 -5.06 14.30
C ILE A 110 0.18 -5.07 14.79
N GLY A 111 -0.48 -6.19 14.68
CA GLY A 111 -1.90 -6.27 15.15
C GLY A 111 -2.83 -5.70 14.09
N GLU A 112 -2.29 -5.18 13.03
CA GLU A 112 -3.17 -4.61 11.95
C GLU A 112 -3.83 -5.73 11.15
N ASN A 113 -4.87 -5.41 10.42
CA ASN A 113 -5.57 -6.46 9.62
C ASN A 113 -5.40 -6.18 8.13
N ILE A 114 -5.36 -7.20 7.32
CA ILE A 114 -5.21 -6.97 5.86
C ILE A 114 -6.47 -7.40 5.12
N ASP A 115 -6.71 -8.67 4.99
CA ASP A 115 -7.95 -9.11 4.30
C ASP A 115 -9.13 -8.33 4.86
N VAL A 116 -8.96 -7.87 6.07
CA VAL A 116 -10.02 -7.07 6.73
C VAL A 116 -9.84 -5.59 6.41
N PHE A 117 -8.68 -5.08 6.67
CA PHE A 117 -8.43 -3.64 6.39
C PHE A 117 -8.47 -3.41 4.87
N SER A 118 -8.31 -4.47 4.11
CA SER A 118 -8.37 -4.32 2.64
C SER A 118 -9.81 -4.52 2.24
N ASP A 119 -10.47 -5.40 2.92
CA ASP A 119 -11.91 -5.64 2.65
C ASP A 119 -12.70 -4.40 3.04
N THR A 120 -12.22 -3.75 4.05
CA THR A 120 -12.87 -2.50 4.50
C THR A 120 -12.73 -1.47 3.38
N ILE A 121 -11.58 -1.43 2.83
CA ILE A 121 -11.30 -0.50 1.71
C ILE A 121 -11.93 -1.06 0.42
N LYS A 122 -11.80 -2.34 0.22
CA LYS A 122 -12.39 -2.97 -0.99
C LYS A 122 -13.90 -2.82 -0.92
N SER A 123 -14.44 -2.90 0.26
CA SER A 123 -15.90 -2.75 0.43
C SER A 123 -16.25 -1.28 0.48
N PHE A 124 -15.26 -0.45 0.58
CA PHE A 124 -15.51 1.02 0.60
C PHE A 124 -15.87 1.49 -0.80
N ALA A 125 -15.85 0.59 -1.74
CA ALA A 125 -16.19 0.96 -3.14
C ALA A 125 -16.40 -0.30 -3.97
N SER A 126 -17.26 -1.18 -3.54
CA SER A 126 -17.51 -2.44 -4.32
C SER A 126 -18.47 -3.35 -3.55
N SER A 127 -18.95 -4.38 -4.19
CA SER A 127 -19.89 -5.32 -3.51
C SER A 127 -19.32 -5.73 -2.14
N GLY A 128 -18.36 -6.60 -2.13
CA GLY A 128 -17.76 -7.04 -0.84
C GLY A 128 -18.75 -7.95 -0.10
N LYS A 129 -18.92 -9.16 -0.57
CA LYS A 129 -19.87 -10.09 0.10
C LYS A 129 -19.89 -11.44 -0.63
N GLU A 130 -18.78 -11.84 -1.18
CA GLU A 130 -18.73 -13.14 -1.91
C GLU A 130 -17.89 -14.15 -1.13
N LYS A 131 -18.17 -15.41 -1.29
CA LYS A 131 -17.38 -16.45 -0.55
C LYS A 131 -16.22 -16.94 -1.42
N LEU A 132 -15.08 -17.17 -0.82
CA LEU A 132 -13.91 -17.65 -1.61
C LEU A 132 -12.70 -17.83 -0.70
N GLU A 133 -11.70 -18.54 -1.13
CA GLU A 133 -10.50 -18.75 -0.28
C GLU A 133 -10.88 -19.44 1.02
N MET A 1 25.64 -14.09 9.68
CA MET A 1 26.03 -14.78 8.41
C MET A 1 25.17 -14.29 7.25
N MET A 2 25.78 -13.69 6.25
CA MET A 2 25.00 -13.21 5.08
C MET A 2 23.79 -12.40 5.55
N GLU A 3 23.90 -11.11 5.65
CA GLU A 3 22.75 -10.27 6.11
C GLU A 3 22.65 -8.99 5.29
N GLU A 4 23.49 -8.82 4.32
CA GLU A 4 23.43 -7.56 3.54
C GLU A 4 22.28 -7.60 2.55
N TYR A 5 21.68 -8.75 2.39
CA TYR A 5 20.54 -8.85 1.43
C TYR A 5 19.31 -8.21 2.05
N LEU A 6 19.30 -8.10 3.34
CA LEU A 6 18.16 -7.47 4.04
C LEU A 6 18.40 -5.97 4.20
N GLY A 7 19.59 -5.61 4.59
CA GLY A 7 19.90 -4.16 4.77
C GLY A 7 19.47 -3.40 3.51
N VAL A 8 19.70 -3.97 2.35
CA VAL A 8 19.30 -3.28 1.09
C VAL A 8 17.85 -3.61 0.74
N PHE A 9 17.39 -4.73 1.18
CA PHE A 9 15.99 -5.13 0.87
C PHE A 9 15.03 -4.13 1.52
N VAL A 10 15.25 -3.81 2.76
CA VAL A 10 14.35 -2.84 3.46
C VAL A 10 14.71 -1.41 3.04
N ASP A 11 15.95 -1.15 2.74
CA ASP A 11 16.34 0.24 2.33
C ASP A 11 15.55 0.63 1.09
N GLU A 12 15.14 -0.33 0.34
CA GLU A 12 14.33 -0.04 -0.88
C GLU A 12 12.86 -0.04 -0.51
N THR A 13 12.48 -0.87 0.41
CA THR A 13 11.06 -0.95 0.84
C THR A 13 10.62 0.42 1.37
N LYS A 14 11.42 1.05 2.18
CA LYS A 14 11.05 2.39 2.73
C LYS A 14 11.24 3.45 1.66
N GLU A 15 12.29 3.36 0.88
CA GLU A 15 12.51 4.38 -0.19
C GLU A 15 11.34 4.35 -1.16
N TYR A 16 10.57 3.32 -1.13
CA TYR A 16 9.40 3.22 -2.03
C TYR A 16 8.17 3.82 -1.36
N LEU A 17 8.06 3.66 -0.06
CA LEU A 17 6.88 4.24 0.64
C LEU A 17 6.95 5.76 0.54
N GLN A 18 8.12 6.32 0.60
CA GLN A 18 8.25 7.79 0.46
C GLN A 18 8.04 8.12 -1.00
N ASN A 19 8.67 7.36 -1.84
CA ASN A 19 8.47 7.57 -3.29
C ASN A 19 7.00 7.31 -3.57
N LEU A 20 6.40 6.52 -2.72
CA LEU A 20 4.96 6.22 -2.88
C LEU A 20 4.14 7.22 -2.07
N ASN A 21 4.79 7.98 -1.24
CA ASN A 21 4.06 9.00 -0.48
C ASN A 21 4.14 10.26 -1.27
N ASP A 22 5.22 10.41 -1.96
CA ASP A 22 5.38 11.60 -2.80
C ASP A 22 4.45 11.45 -3.98
N THR A 23 4.23 10.24 -4.35
CA THR A 23 3.30 9.93 -5.47
C THR A 23 1.89 9.99 -4.94
N LEU A 24 1.71 9.49 -3.74
CA LEU A 24 0.37 9.50 -3.12
C LEU A 24 0.08 10.92 -2.63
N LEU A 25 1.10 11.63 -2.27
CA LEU A 25 0.86 13.03 -1.78
C LEU A 25 0.64 13.95 -2.94
N GLU A 26 1.04 13.53 -4.08
CA GLU A 26 0.79 14.32 -5.29
C GLU A 26 -0.51 13.82 -5.85
N LEU A 27 -0.83 12.61 -5.48
CA LEU A 27 -2.07 11.99 -5.94
C LEU A 27 -3.26 12.65 -5.25
N GLU A 28 -3.10 13.06 -4.01
CA GLU A 28 -4.24 13.73 -3.33
C GLU A 28 -4.48 15.06 -4.02
N LYS A 29 -3.41 15.73 -4.39
CA LYS A 29 -3.58 17.03 -5.09
C LYS A 29 -3.93 16.74 -6.55
N ASN A 30 -3.64 15.55 -6.96
CA ASN A 30 -3.95 15.12 -8.35
C ASN A 30 -4.25 13.63 -8.32
N PRO A 31 -5.43 13.37 -7.87
CA PRO A 31 -5.90 11.98 -7.71
C PRO A 31 -6.55 11.45 -8.99
N GLU A 32 -6.31 12.06 -10.11
CA GLU A 32 -6.92 11.57 -11.37
C GLU A 32 -6.00 11.81 -12.56
N ASP A 33 -4.77 12.19 -12.30
CA ASP A 33 -3.83 12.44 -13.43
C ASP A 33 -3.47 11.11 -14.11
N MET A 34 -3.82 10.03 -13.49
CA MET A 34 -3.51 8.68 -14.05
C MET A 34 -2.00 8.49 -14.15
N GLU A 35 -1.25 9.40 -13.59
CA GLU A 35 0.22 9.25 -13.61
C GLU A 35 0.65 8.90 -12.20
N LEU A 36 0.02 9.51 -11.23
CA LEU A 36 0.34 9.16 -9.82
C LEU A 36 -0.35 7.84 -9.50
N ILE A 37 -1.35 7.49 -10.27
CA ILE A 37 -2.05 6.20 -10.05
C ILE A 37 -1.20 5.07 -10.61
N ASN A 38 -0.47 5.33 -11.66
CA ASN A 38 0.39 4.27 -12.25
C ASN A 38 1.77 4.31 -11.62
N GLU A 39 2.15 5.43 -11.10
CA GLU A 39 3.47 5.54 -10.45
C GLU A 39 3.38 4.94 -9.05
N ALA A 40 2.19 4.92 -8.53
CA ALA A 40 1.97 4.33 -7.18
C ALA A 40 1.63 2.85 -7.34
N PHE A 41 0.73 2.52 -8.23
CA PHE A 41 0.39 1.08 -8.44
C PHE A 41 1.68 0.31 -8.75
N ARG A 42 2.60 0.95 -9.41
CA ARG A 42 3.89 0.27 -9.75
C ARG A 42 4.73 0.11 -8.49
N ALA A 43 5.23 1.19 -7.95
CA ALA A 43 6.05 1.10 -6.71
C ALA A 43 5.42 0.12 -5.72
N LEU A 44 4.12 0.00 -5.73
CA LEU A 44 3.47 -0.93 -4.78
C LEU A 44 3.60 -2.36 -5.29
N HIS A 45 3.07 -2.64 -6.45
CA HIS A 45 3.21 -4.02 -6.99
C HIS A 45 4.68 -4.40 -6.94
N THR A 46 5.54 -3.42 -6.96
CA THR A 46 6.99 -3.68 -6.92
C THR A 46 7.44 -3.99 -5.48
N LEU A 47 7.11 -3.14 -4.54
CA LEU A 47 7.52 -3.39 -3.13
C LEU A 47 6.53 -4.38 -2.48
N LYS A 48 5.36 -4.51 -3.03
CA LYS A 48 4.37 -5.47 -2.50
C LYS A 48 4.91 -6.89 -2.74
N GLY A 49 5.48 -7.12 -3.88
CA GLY A 49 6.03 -8.47 -4.18
C GLY A 49 7.37 -8.62 -3.44
N MET A 50 8.20 -7.63 -3.51
CA MET A 50 9.51 -7.70 -2.80
C MET A 50 9.29 -8.24 -1.39
N ALA A 51 8.17 -7.92 -0.80
CA ALA A 51 7.87 -8.41 0.57
C ALA A 51 7.24 -9.80 0.48
N GLY A 52 6.66 -10.11 -0.63
CA GLY A 52 6.03 -11.45 -0.80
C GLY A 52 7.10 -12.51 -1.02
N THR A 53 8.11 -12.56 -0.20
CA THR A 53 9.17 -13.59 -0.36
C THR A 53 10.30 -13.34 0.63
N MET A 54 10.64 -12.13 0.82
CA MET A 54 11.72 -11.77 1.79
C MET A 54 11.18 -10.83 2.84
N GLY A 55 9.96 -10.42 2.66
CA GLY A 55 9.34 -9.49 3.65
C GLY A 55 7.99 -10.07 4.05
N PHE A 56 7.72 -11.28 3.61
CA PHE A 56 6.42 -11.93 3.92
C PHE A 56 5.32 -11.31 3.06
N SER A 57 4.63 -12.09 2.28
CA SER A 57 3.56 -11.53 1.43
C SER A 57 2.44 -10.94 2.28
N SER A 58 2.48 -11.19 3.55
CA SER A 58 1.44 -10.63 4.46
C SER A 58 1.56 -9.13 4.42
N MET A 59 2.75 -8.63 4.58
CA MET A 59 2.96 -7.18 4.52
C MET A 59 2.68 -6.74 3.08
N ALA A 60 2.88 -7.62 2.14
CA ALA A 60 2.60 -7.28 0.72
C ALA A 60 1.09 -7.18 0.52
N LYS A 61 0.34 -8.02 1.19
CA LYS A 61 -1.14 -7.94 1.04
C LYS A 61 -1.58 -6.57 1.49
N LEU A 62 -0.79 -5.94 2.28
CA LEU A 62 -1.12 -4.58 2.75
C LEU A 62 -0.77 -3.59 1.64
N CYS A 63 0.29 -3.86 0.91
CA CYS A 63 0.67 -2.96 -0.20
C CYS A 63 -0.16 -3.30 -1.44
N HIS A 64 -0.46 -4.55 -1.65
CA HIS A 64 -1.28 -4.92 -2.83
C HIS A 64 -2.66 -4.28 -2.69
N THR A 65 -3.08 -4.10 -1.47
CA THR A 65 -4.40 -3.46 -1.23
C THR A 65 -4.34 -1.98 -1.65
N LEU A 66 -3.35 -1.25 -1.20
CA LEU A 66 -3.25 0.17 -1.60
C LEU A 66 -3.21 0.25 -3.13
N GLU A 67 -2.36 -0.54 -3.72
CA GLU A 67 -2.23 -0.57 -5.21
C GLU A 67 -3.53 -1.01 -5.86
N ASN A 68 -4.34 -1.73 -5.15
CA ASN A 68 -5.62 -2.17 -5.76
C ASN A 68 -6.46 -0.95 -6.10
N ILE A 69 -6.47 0.00 -5.20
CA ILE A 69 -7.24 1.24 -5.47
C ILE A 69 -6.57 1.98 -6.59
N LEU A 70 -5.30 1.86 -6.62
CA LEU A 70 -4.53 2.51 -7.70
C LEU A 70 -4.73 1.71 -8.97
N ASP A 71 -5.21 0.52 -8.84
CA ASP A 71 -5.47 -0.29 -10.05
C ASP A 71 -6.86 0.04 -10.57
N LYS A 72 -7.81 0.15 -9.69
CA LYS A 72 -9.18 0.54 -10.15
C LYS A 72 -9.13 2.02 -10.46
N ALA A 73 -8.27 2.72 -9.76
CA ALA A 73 -8.09 4.16 -10.02
C ALA A 73 -7.57 4.32 -11.45
N ARG A 74 -6.81 3.35 -11.88
CA ARG A 74 -6.25 3.39 -13.26
C ARG A 74 -7.26 2.75 -14.22
N ASN A 75 -8.11 1.92 -13.70
CA ASN A 75 -9.14 1.27 -14.56
C ASN A 75 -10.43 2.10 -14.55
N SER A 76 -10.42 3.20 -13.85
CA SER A 76 -11.62 4.07 -13.79
C SER A 76 -12.72 3.42 -12.92
N GLU A 77 -12.33 2.65 -11.93
CA GLU A 77 -13.37 2.02 -11.07
C GLU A 77 -13.51 2.82 -9.78
N ILE A 78 -12.45 3.45 -9.39
CA ILE A 78 -12.48 4.25 -8.15
C ILE A 78 -11.66 5.52 -8.31
N LYS A 79 -11.52 6.28 -7.27
CA LYS A 79 -10.72 7.53 -7.36
C LYS A 79 -10.37 7.99 -5.94
N ILE A 80 -9.26 8.64 -5.78
CA ILE A 80 -8.87 9.08 -4.40
C ILE A 80 -9.81 10.17 -3.90
N THR A 81 -10.82 9.74 -3.22
CA THR A 81 -11.82 10.70 -2.66
C THR A 81 -11.36 11.16 -1.28
N SER A 82 -10.08 11.32 -1.08
CA SER A 82 -9.58 11.73 0.26
C SER A 82 -9.71 10.56 1.24
N ASP A 83 -10.89 9.99 1.33
CA ASP A 83 -11.10 8.84 2.25
C ASP A 83 -10.46 7.57 1.68
N LEU A 84 -10.66 7.29 0.42
CA LEU A 84 -10.05 6.07 -0.16
C LEU A 84 -8.54 6.19 -0.03
N LEU A 85 -8.05 7.39 -0.06
CA LEU A 85 -6.59 7.60 0.08
C LEU A 85 -6.21 7.58 1.56
N ASP A 86 -7.09 8.08 2.40
CA ASP A 86 -6.80 8.10 3.87
C ASP A 86 -6.75 6.67 4.40
N LYS A 87 -7.37 5.77 3.69
CA LYS A 87 -7.34 4.35 4.15
C LYS A 87 -6.12 3.68 3.57
N ILE A 88 -5.85 3.94 2.32
CA ILE A 88 -4.64 3.36 1.70
C ILE A 88 -3.42 3.96 2.39
N PHE A 89 -3.56 5.17 2.88
CA PHE A 89 -2.43 5.82 3.59
C PHE A 89 -2.30 5.19 4.97
N ALA A 90 -3.40 4.74 5.49
CA ALA A 90 -3.39 4.06 6.80
C ALA A 90 -2.76 2.69 6.59
N GLY A 91 -2.94 2.16 5.41
CA GLY A 91 -2.32 0.85 5.09
C GLY A 91 -0.82 1.06 4.96
N VAL A 92 -0.44 2.17 4.36
CA VAL A 92 1.01 2.48 4.22
C VAL A 92 1.56 2.81 5.61
N ASP A 93 0.70 3.23 6.50
CA ASP A 93 1.15 3.56 7.88
C ASP A 93 1.39 2.26 8.64
N MET A 94 0.70 1.22 8.27
CA MET A 94 0.91 -0.09 8.95
C MET A 94 2.23 -0.69 8.48
N ILE A 95 2.46 -0.71 7.20
CA ILE A 95 3.74 -1.25 6.69
C ILE A 95 4.89 -0.45 7.28
N THR A 96 4.68 0.83 7.48
CA THR A 96 5.75 1.66 8.09
C THR A 96 5.95 1.16 9.52
N ARG A 97 4.87 0.82 10.17
CA ARG A 97 4.97 0.30 11.55
C ARG A 97 5.53 -1.13 11.49
N MET A 98 5.15 -1.87 10.49
CA MET A 98 5.68 -3.25 10.35
C MET A 98 7.17 -3.15 10.02
N VAL A 99 7.52 -2.20 9.21
CA VAL A 99 8.95 -2.00 8.86
C VAL A 99 9.72 -1.53 10.09
N ASP A 100 9.09 -0.76 10.94
CA ASP A 100 9.79 -0.29 12.17
C ASP A 100 9.97 -1.46 13.12
N LYS A 101 9.06 -2.39 13.11
CA LYS A 101 9.20 -3.58 13.98
C LYS A 101 10.01 -4.63 13.22
N ILE A 102 9.79 -4.70 11.93
CA ILE A 102 10.56 -5.66 11.10
C ILE A 102 12.02 -5.25 11.20
N VAL A 103 12.23 -3.97 11.20
CA VAL A 103 13.62 -3.44 11.32
C VAL A 103 14.13 -3.75 12.73
N SER A 104 13.25 -3.73 13.69
CA SER A 104 13.66 -4.03 15.09
C SER A 104 13.76 -5.54 15.32
N GLU A 105 12.83 -6.26 14.79
CA GLU A 105 12.83 -7.75 14.97
C GLU A 105 12.76 -8.45 13.62
N GLY A 106 12.05 -7.90 12.67
CA GLY A 106 11.95 -8.55 11.33
C GLY A 106 10.56 -9.17 11.17
N SER A 107 9.59 -8.71 11.93
CA SER A 107 8.22 -9.27 11.80
C SER A 107 7.28 -8.23 11.21
N ASP A 108 6.54 -8.59 10.20
CA ASP A 108 5.60 -7.63 9.60
C ASP A 108 4.22 -7.88 10.21
N ASP A 109 4.17 -8.64 11.27
CA ASP A 109 2.85 -8.94 11.91
C ASP A 109 2.55 -7.94 13.04
N ILE A 110 1.80 -6.92 12.75
CA ILE A 110 1.46 -5.92 13.80
C ILE A 110 -0.02 -6.01 14.17
N GLY A 111 -0.60 -7.17 14.01
CA GLY A 111 -2.04 -7.34 14.36
C GLY A 111 -2.92 -6.74 13.26
N GLU A 112 -2.32 -6.24 12.21
CA GLU A 112 -3.15 -5.65 11.11
C GLU A 112 -4.12 -6.70 10.55
N ASN A 113 -5.22 -6.27 10.00
CA ASN A 113 -6.21 -7.23 9.43
C ASN A 113 -6.29 -7.06 7.92
N ILE A 114 -5.53 -7.83 7.19
CA ILE A 114 -5.55 -7.70 5.70
C ILE A 114 -6.92 -8.05 5.12
N ASP A 115 -7.32 -9.29 5.20
CA ASP A 115 -8.65 -9.68 4.65
C ASP A 115 -9.67 -8.61 5.02
N VAL A 116 -9.42 -7.93 6.10
CA VAL A 116 -10.34 -6.86 6.54
C VAL A 116 -9.91 -5.52 5.95
N PHE A 117 -8.69 -5.15 6.17
CA PHE A 117 -8.20 -3.83 5.63
C PHE A 117 -8.38 -3.79 4.13
N SER A 118 -8.51 -4.93 3.50
CA SER A 118 -8.70 -4.95 2.04
C SER A 118 -10.18 -4.93 1.74
N ASP A 119 -10.93 -5.63 2.53
CA ASP A 119 -12.40 -5.66 2.35
C ASP A 119 -12.99 -4.37 2.88
N THR A 120 -12.36 -3.85 3.88
CA THR A 120 -12.82 -2.56 4.46
C THR A 120 -12.64 -1.48 3.42
N ILE A 121 -11.49 -1.48 2.81
CA ILE A 121 -11.19 -0.49 1.75
C ILE A 121 -12.02 -0.83 0.52
N LYS A 122 -12.14 -2.09 0.21
CA LYS A 122 -12.95 -2.50 -0.96
C LYS A 122 -14.41 -2.19 -0.66
N SER A 123 -14.79 -2.32 0.58
CA SER A 123 -16.19 -2.01 0.97
C SER A 123 -16.32 -0.51 1.20
N PHE A 124 -15.21 0.16 1.27
CA PHE A 124 -15.23 1.63 1.49
C PHE A 124 -15.64 2.33 0.19
N ALA A 125 -15.86 1.58 -0.84
CA ALA A 125 -16.26 2.17 -2.15
C ALA A 125 -17.56 1.55 -2.63
N SER A 126 -18.43 1.17 -1.73
CA SER A 126 -19.72 0.55 -2.15
C SER A 126 -20.62 1.63 -2.77
N SER A 127 -20.75 1.62 -4.07
CA SER A 127 -21.62 2.64 -4.74
C SER A 127 -21.15 4.05 -4.38
N GLY A 128 -20.19 4.57 -5.09
CA GLY A 128 -19.69 5.94 -4.79
C GLY A 128 -19.19 5.99 -3.34
N LYS A 129 -19.49 7.04 -2.63
CA LYS A 129 -19.03 7.15 -1.22
C LYS A 129 -20.10 6.63 -0.27
N GLU A 130 -19.79 6.53 0.99
CA GLU A 130 -20.81 6.04 1.97
C GLU A 130 -20.98 7.04 3.11
N LYS A 131 -22.18 7.17 3.63
CA LYS A 131 -22.40 8.14 4.73
C LYS A 131 -23.85 8.04 5.23
N LEU A 132 -24.04 8.06 6.52
CA LEU A 132 -25.42 7.99 7.06
C LEU A 132 -25.43 8.32 8.56
N GLU A 133 -25.04 9.52 8.90
CA GLU A 133 -25.03 9.91 10.34
C GLU A 133 -26.45 9.94 10.91
N MET A 1 27.83 -11.22 2.83
CA MET A 1 26.67 -12.13 2.96
C MET A 1 26.11 -12.07 4.38
N MET A 2 26.29 -10.98 5.06
CA MET A 2 25.77 -10.87 6.46
C MET A 2 24.31 -10.43 6.44
N GLU A 3 23.84 -9.86 7.51
CA GLU A 3 22.41 -9.41 7.56
C GLU A 3 22.22 -8.14 6.76
N GLU A 4 23.28 -7.59 6.27
CA GLU A 4 23.14 -6.33 5.50
C GLU A 4 22.35 -6.57 4.21
N TYR A 5 22.14 -7.80 3.88
CA TYR A 5 21.37 -8.12 2.65
C TYR A 5 19.91 -7.67 2.83
N LEU A 6 19.48 -7.67 4.05
CA LEU A 6 18.09 -7.24 4.36
C LEU A 6 18.06 -5.73 4.58
N GLY A 7 18.98 -5.23 5.36
CA GLY A 7 19.01 -3.75 5.61
C GLY A 7 18.85 -3.05 4.26
N VAL A 8 19.28 -3.68 3.20
CA VAL A 8 19.15 -3.06 1.86
C VAL A 8 17.72 -3.23 1.37
N PHE A 9 17.27 -4.44 1.26
CA PHE A 9 15.87 -4.68 0.82
C PHE A 9 14.93 -3.81 1.66
N VAL A 10 15.16 -3.75 2.94
CA VAL A 10 14.30 -2.91 3.82
C VAL A 10 14.61 -1.44 3.59
N ASP A 11 15.86 -1.10 3.40
CA ASP A 11 16.22 0.33 3.16
C ASP A 11 15.60 0.80 1.85
N GLU A 12 15.21 -0.13 1.03
CA GLU A 12 14.57 0.24 -0.26
C GLU A 12 13.06 0.38 -0.05
N THR A 13 12.47 -0.58 0.63
CA THR A 13 11.01 -0.51 0.89
C THR A 13 10.66 0.83 1.54
N LYS A 14 11.52 1.33 2.39
CA LYS A 14 11.25 2.62 3.05
C LYS A 14 11.50 3.77 2.07
N GLU A 15 12.58 3.70 1.33
CA GLU A 15 12.86 4.79 0.35
C GLU A 15 11.83 4.73 -0.77
N TYR A 16 11.15 3.65 -0.88
CA TYR A 16 10.11 3.50 -1.94
C TYR A 16 8.77 4.00 -1.41
N LEU A 17 8.47 3.73 -0.17
CA LEU A 17 7.18 4.21 0.39
C LEU A 17 7.16 5.72 0.31
N GLN A 18 8.27 6.33 0.59
CA GLN A 18 8.35 7.81 0.49
C GLN A 18 8.22 8.18 -0.97
N ASN A 19 8.97 7.52 -1.78
CA ASN A 19 8.87 7.76 -3.23
C ASN A 19 7.45 7.42 -3.64
N LEU A 20 6.83 6.58 -2.86
CA LEU A 20 5.43 6.19 -3.14
C LEU A 20 4.49 7.13 -2.40
N ASN A 21 5.03 7.88 -1.48
CA ASN A 21 4.20 8.86 -0.76
C ASN A 21 4.32 10.14 -1.51
N ASP A 22 5.45 10.32 -2.12
CA ASP A 22 5.66 11.53 -2.92
C ASP A 22 4.72 11.44 -4.12
N THR A 23 4.52 10.24 -4.55
CA THR A 23 3.60 9.98 -5.67
C THR A 23 2.17 10.09 -5.16
N LEU A 24 1.94 9.57 -3.98
CA LEU A 24 0.60 9.64 -3.38
C LEU A 24 0.35 11.06 -2.90
N LEU A 25 1.42 11.76 -2.61
CA LEU A 25 1.25 13.17 -2.13
C LEU A 25 1.05 14.09 -3.32
N GLU A 26 1.42 13.64 -4.46
CA GLU A 26 1.18 14.44 -5.67
C GLU A 26 -0.13 13.95 -6.23
N LEU A 27 -0.44 12.75 -5.88
CA LEU A 27 -1.71 12.17 -6.34
C LEU A 27 -2.86 12.79 -5.56
N GLU A 28 -2.59 13.29 -4.39
CA GLU A 28 -3.66 13.92 -3.60
C GLU A 28 -3.95 15.29 -4.21
N LYS A 29 -2.93 16.00 -4.59
CA LYS A 29 -3.16 17.31 -5.26
C LYS A 29 -3.71 17.01 -6.63
N ASN A 30 -3.53 15.80 -7.05
CA ASN A 30 -4.05 15.37 -8.38
C ASN A 30 -4.45 13.91 -8.26
N PRO A 31 -5.57 13.75 -7.64
CA PRO A 31 -6.11 12.41 -7.37
C PRO A 31 -6.94 11.90 -8.55
N GLU A 32 -6.67 12.40 -9.73
CA GLU A 32 -7.42 11.92 -10.93
C GLU A 32 -6.44 11.79 -12.09
N ASP A 33 -5.17 11.90 -11.80
CA ASP A 33 -4.15 11.77 -12.87
C ASP A 33 -3.69 10.32 -12.96
N MET A 34 -3.79 9.73 -14.13
CA MET A 34 -3.37 8.31 -14.26
C MET A 34 -1.86 8.18 -14.08
N GLU A 35 -1.16 9.27 -13.96
CA GLU A 35 0.31 9.19 -13.76
C GLU A 35 0.59 8.86 -12.29
N LEU A 36 0.14 9.70 -11.39
CA LEU A 36 0.36 9.40 -9.96
C LEU A 36 -0.44 8.15 -9.60
N ILE A 37 -1.47 7.86 -10.37
CA ILE A 37 -2.27 6.65 -10.10
C ILE A 37 -1.53 5.43 -10.66
N ASN A 38 -0.76 5.64 -11.69
CA ASN A 38 0.00 4.49 -12.26
C ASN A 38 1.36 4.42 -11.59
N GLU A 39 1.85 5.52 -11.15
CA GLU A 39 3.15 5.53 -10.44
C GLU A 39 2.94 4.99 -9.04
N ALA A 40 1.71 5.01 -8.60
CA ALA A 40 1.38 4.48 -7.25
C ALA A 40 1.02 3.00 -7.38
N PHE A 41 0.12 2.66 -8.26
CA PHE A 41 -0.25 1.23 -8.42
C PHE A 41 1.03 0.40 -8.62
N ARG A 42 2.05 1.01 -9.16
CA ARG A 42 3.33 0.27 -9.38
C ARG A 42 4.11 0.16 -8.06
N ALA A 43 4.51 1.27 -7.50
CA ALA A 43 5.27 1.23 -6.21
C ALA A 43 4.67 0.19 -5.28
N LEU A 44 3.37 0.23 -5.09
CA LEU A 44 2.74 -0.78 -4.19
C LEU A 44 2.85 -2.16 -4.82
N HIS A 45 2.68 -2.24 -6.11
CA HIS A 45 2.82 -3.56 -6.79
C HIS A 45 4.28 -4.00 -6.71
N THR A 46 5.18 -3.04 -6.71
CA THR A 46 6.62 -3.37 -6.62
C THR A 46 6.97 -3.62 -5.14
N LEU A 47 6.42 -2.84 -4.25
CA LEU A 47 6.72 -3.04 -2.80
C LEU A 47 5.94 -4.25 -2.29
N LYS A 48 4.74 -4.44 -2.78
CA LYS A 48 3.93 -5.62 -2.32
C LYS A 48 4.65 -6.92 -2.70
N GLY A 49 5.29 -6.94 -3.84
CA GLY A 49 6.02 -8.17 -4.26
C GLY A 49 7.25 -8.36 -3.36
N MET A 50 8.00 -7.32 -3.14
CA MET A 50 9.19 -7.44 -2.26
C MET A 50 8.79 -7.89 -0.85
N ALA A 51 7.63 -7.51 -0.41
CA ALA A 51 7.18 -7.92 0.95
C ALA A 51 6.44 -9.26 0.88
N GLY A 52 6.24 -9.77 -0.31
CA GLY A 52 5.53 -11.07 -0.43
C GLY A 52 6.53 -12.23 -0.31
N THR A 53 7.55 -12.06 0.47
CA THR A 53 8.55 -13.14 0.65
C THR A 53 9.68 -12.64 1.55
N MET A 54 9.97 -11.39 1.42
CA MET A 54 11.03 -10.77 2.26
C MET A 54 10.39 -9.84 3.27
N GLY A 55 9.15 -9.54 3.07
CA GLY A 55 8.41 -8.65 4.00
C GLY A 55 7.15 -9.40 4.45
N PHE A 56 7.02 -10.63 4.02
CA PHE A 56 5.83 -11.44 4.39
C PHE A 56 4.60 -10.90 3.67
N SER A 57 3.94 -11.73 2.91
CA SER A 57 2.74 -11.26 2.17
C SER A 57 1.69 -10.72 3.13
N SER A 58 1.85 -10.99 4.39
CA SER A 58 0.87 -10.45 5.37
C SER A 58 0.89 -8.94 5.26
N MET A 59 2.05 -8.38 5.08
CA MET A 59 2.16 -6.91 4.95
C MET A 59 2.23 -6.56 3.46
N ALA A 60 2.63 -7.50 2.65
CA ALA A 60 2.70 -7.24 1.18
C ALA A 60 1.32 -7.40 0.57
N LYS A 61 0.50 -8.24 1.12
CA LYS A 61 -0.87 -8.39 0.58
C LYS A 61 -1.65 -7.15 0.97
N LEU A 62 -1.19 -6.47 1.98
CA LEU A 62 -1.85 -5.22 2.42
C LEU A 62 -1.50 -4.13 1.40
N CYS A 63 -0.31 -4.17 0.87
CA CYS A 63 0.10 -3.15 -0.14
C CYS A 63 -0.61 -3.44 -1.46
N HIS A 64 -0.78 -4.68 -1.81
CA HIS A 64 -1.48 -5.00 -3.09
C HIS A 64 -2.88 -4.41 -3.04
N THR A 65 -3.51 -4.50 -1.90
CA THR A 65 -4.88 -3.93 -1.77
C THR A 65 -4.83 -2.43 -2.09
N LEU A 66 -3.92 -1.71 -1.49
CA LEU A 66 -3.80 -0.26 -1.78
C LEU A 66 -3.68 -0.09 -3.28
N GLU A 67 -2.79 -0.84 -3.88
CA GLU A 67 -2.60 -0.76 -5.36
C GLU A 67 -3.87 -1.23 -6.06
N ASN A 68 -4.65 -2.05 -5.41
CA ASN A 68 -5.91 -2.51 -6.03
C ASN A 68 -6.80 -1.31 -6.23
N ILE A 69 -6.86 -0.47 -5.24
CA ILE A 69 -7.69 0.74 -5.36
C ILE A 69 -7.08 1.59 -6.46
N LEU A 70 -5.81 1.64 -6.45
CA LEU A 70 -5.09 2.40 -7.49
C LEU A 70 -5.35 1.71 -8.83
N ASP A 71 -5.77 0.49 -8.77
CA ASP A 71 -6.09 -0.23 -10.03
C ASP A 71 -7.47 0.22 -10.48
N LYS A 72 -8.45 0.13 -9.62
CA LYS A 72 -9.80 0.60 -10.00
C LYS A 72 -9.73 2.11 -10.22
N ALA A 73 -8.78 2.73 -9.59
CA ALA A 73 -8.58 4.19 -9.79
C ALA A 73 -8.15 4.43 -11.23
N ARG A 74 -7.29 3.59 -11.74
CA ARG A 74 -6.82 3.75 -13.14
C ARG A 74 -7.78 3.01 -14.07
N ASN A 75 -8.55 2.09 -13.54
CA ASN A 75 -9.52 1.35 -14.38
C ASN A 75 -10.78 2.19 -14.58
N SER A 76 -10.78 3.39 -14.09
CA SER A 76 -11.98 4.29 -14.25
C SER A 76 -13.11 3.85 -13.33
N GLU A 77 -12.82 3.20 -12.23
CA GLU A 77 -13.90 2.78 -11.32
C GLU A 77 -13.92 3.70 -10.11
N ILE A 78 -12.80 4.26 -9.79
CA ILE A 78 -12.74 5.15 -8.59
C ILE A 78 -11.66 6.22 -8.74
N LYS A 79 -11.50 7.03 -7.73
CA LYS A 79 -10.47 8.09 -7.75
C LYS A 79 -10.05 8.43 -6.32
N ILE A 80 -8.91 9.02 -6.12
CA ILE A 80 -8.49 9.34 -4.73
C ILE A 80 -9.30 10.51 -4.20
N THR A 81 -10.29 10.17 -3.45
CA THR A 81 -11.18 11.21 -2.86
C THR A 81 -10.56 11.72 -1.54
N SER A 82 -9.26 11.75 -1.46
CA SER A 82 -8.61 12.22 -0.19
C SER A 82 -8.77 11.15 0.89
N ASP A 83 -9.97 10.69 1.11
CA ASP A 83 -10.22 9.65 2.15
C ASP A 83 -9.88 8.25 1.62
N LEU A 84 -10.18 7.96 0.38
CA LEU A 84 -9.86 6.61 -0.14
C LEU A 84 -8.35 6.43 -0.13
N LEU A 85 -7.64 7.51 -0.23
CA LEU A 85 -6.16 7.43 -0.21
C LEU A 85 -5.69 7.56 1.25
N ASP A 86 -6.38 8.32 2.03
CA ASP A 86 -5.99 8.48 3.47
C ASP A 86 -6.12 7.13 4.18
N LYS A 87 -6.93 6.27 3.66
CA LYS A 87 -7.08 4.92 4.27
C LYS A 87 -6.00 4.02 3.70
N ILE A 88 -5.88 4.01 2.39
CA ILE A 88 -4.81 3.20 1.78
C ILE A 88 -3.47 3.71 2.30
N PHE A 89 -3.41 5.00 2.56
CA PHE A 89 -2.16 5.60 3.10
C PHE A 89 -1.98 5.13 4.53
N ALA A 90 -3.06 4.84 5.18
CA ALA A 90 -3.00 4.32 6.57
C ALA A 90 -2.54 2.88 6.49
N GLY A 91 -2.95 2.20 5.45
CA GLY A 91 -2.52 0.79 5.26
C GLY A 91 -1.02 0.83 4.99
N VAL A 92 -0.60 1.79 4.21
CA VAL A 92 0.86 1.92 3.92
C VAL A 92 1.56 2.38 5.20
N ASP A 93 0.82 2.99 6.09
CA ASP A 93 1.41 3.45 7.37
C ASP A 93 1.60 2.25 8.28
N MET A 94 0.85 1.21 8.07
CA MET A 94 1.01 -0.01 8.90
C MET A 94 2.22 -0.79 8.40
N ILE A 95 2.34 -0.97 7.11
CA ILE A 95 3.50 -1.71 6.59
C ILE A 95 4.77 -0.97 6.99
N THR A 96 4.74 0.33 7.01
CA THR A 96 5.94 1.10 7.43
C THR A 96 6.21 0.75 8.90
N ARG A 97 5.16 0.63 9.67
CA ARG A 97 5.34 0.27 11.10
C ARG A 97 5.61 -1.23 11.20
N MET A 98 5.04 -2.01 10.30
CA MET A 98 5.28 -3.47 10.32
C MET A 98 6.71 -3.73 9.86
N VAL A 99 7.20 -2.90 8.98
CA VAL A 99 8.58 -3.07 8.49
C VAL A 99 9.57 -2.51 9.52
N ASP A 100 9.19 -1.45 10.20
CA ASP A 100 10.10 -0.88 11.23
C ASP A 100 10.24 -1.92 12.34
N LYS A 101 9.17 -2.63 12.60
CA LYS A 101 9.23 -3.68 13.64
C LYS A 101 9.95 -4.89 13.03
N ILE A 102 9.94 -4.97 11.73
CA ILE A 102 10.65 -6.09 11.03
C ILE A 102 12.14 -5.85 11.18
N VAL A 103 12.56 -4.64 10.91
CA VAL A 103 13.99 -4.31 11.08
C VAL A 103 14.33 -4.51 12.55
N SER A 104 13.36 -4.31 13.41
CA SER A 104 13.58 -4.49 14.86
C SER A 104 13.48 -5.97 15.23
N GLU A 105 12.37 -6.56 14.94
CA GLU A 105 12.17 -8.01 15.26
C GLU A 105 12.17 -8.84 13.98
N GLY A 106 11.55 -8.33 12.95
CA GLY A 106 11.51 -9.07 11.66
C GLY A 106 10.09 -9.60 11.43
N SER A 107 9.10 -8.96 12.00
CA SER A 107 7.69 -9.43 11.82
C SER A 107 6.82 -8.35 11.18
N ASP A 108 6.21 -8.67 10.09
CA ASP A 108 5.33 -7.67 9.42
C ASP A 108 3.94 -7.75 10.04
N ASP A 109 3.79 -8.56 11.06
CA ASP A 109 2.45 -8.68 11.71
C ASP A 109 2.40 -7.85 12.99
N ILE A 110 1.85 -6.66 12.92
CA ILE A 110 1.77 -5.81 14.14
C ILE A 110 0.37 -5.90 14.75
N GLY A 111 -0.29 -7.02 14.57
CA GLY A 111 -1.66 -7.18 15.15
C GLY A 111 -2.70 -6.54 14.23
N GLU A 112 -2.28 -5.82 13.23
CA GLU A 112 -3.26 -5.19 12.31
C GLU A 112 -3.91 -6.24 11.40
N ASN A 113 -5.06 -5.93 10.85
CA ASN A 113 -5.74 -6.91 9.96
C ASN A 113 -5.38 -6.63 8.50
N ILE A 114 -5.28 -7.66 7.70
CA ILE A 114 -4.93 -7.45 6.26
C ILE A 114 -6.09 -7.83 5.35
N ASP A 115 -6.30 -9.10 5.11
CA ASP A 115 -7.43 -9.50 4.25
C ASP A 115 -8.66 -8.70 4.65
N VAL A 116 -8.68 -8.28 5.88
CA VAL A 116 -9.80 -7.47 6.40
C VAL A 116 -9.56 -6.00 6.15
N PHE A 117 -8.44 -5.51 6.57
CA PHE A 117 -8.15 -4.07 6.37
C PHE A 117 -7.96 -3.79 4.88
N SER A 118 -7.63 -4.79 4.10
CA SER A 118 -7.45 -4.59 2.66
C SER A 118 -8.77 -4.85 1.96
N ASP A 119 -9.62 -5.60 2.58
CA ASP A 119 -10.95 -5.90 1.98
C ASP A 119 -11.97 -4.88 2.45
N THR A 120 -11.83 -4.46 3.65
CA THR A 120 -12.76 -3.45 4.21
C THR A 120 -12.54 -2.15 3.48
N ILE A 121 -11.32 -1.79 3.31
CA ILE A 121 -10.98 -0.54 2.61
C ILE A 121 -11.28 -0.66 1.12
N LYS A 122 -11.07 -1.81 0.56
CA LYS A 122 -11.35 -1.98 -0.87
C LYS A 122 -12.85 -2.15 -1.04
N SER A 123 -13.48 -2.71 -0.04
CA SER A 123 -14.95 -2.85 -0.08
C SER A 123 -15.56 -1.53 0.36
N PHE A 124 -14.72 -0.63 0.81
CA PHE A 124 -15.24 0.70 1.24
C PHE A 124 -15.73 1.46 0.01
N ALA A 125 -15.51 0.91 -1.15
CA ALA A 125 -15.96 1.57 -2.41
C ALA A 125 -16.93 0.67 -3.16
N SER A 126 -16.85 -0.62 -2.95
CA SER A 126 -17.77 -1.56 -3.65
C SER A 126 -18.03 -2.78 -2.77
N SER A 127 -18.42 -3.88 -3.37
CA SER A 127 -18.69 -5.10 -2.55
C SER A 127 -19.32 -6.20 -3.43
N GLY A 128 -20.30 -5.86 -4.22
CA GLY A 128 -20.94 -6.88 -5.08
C GLY A 128 -22.31 -7.25 -4.49
N LYS A 129 -22.33 -7.67 -3.25
CA LYS A 129 -23.62 -8.04 -2.61
C LYS A 129 -24.26 -6.80 -1.97
N GLU A 130 -25.54 -6.86 -1.68
CA GLU A 130 -26.21 -5.69 -1.04
C GLU A 130 -26.05 -5.74 0.47
N LYS A 131 -25.80 -4.61 1.09
CA LYS A 131 -25.65 -4.59 2.57
C LYS A 131 -25.99 -3.20 3.11
N LEU A 132 -27.18 -2.74 2.88
CA LEU A 132 -27.57 -1.39 3.38
C LEU A 132 -26.46 -0.38 3.09
N GLU A 133 -26.38 0.11 1.88
CA GLU A 133 -25.32 1.09 1.53
C GLU A 133 -23.95 0.58 2.01
N MET A 1 25.60 -14.49 8.70
CA MET A 1 24.93 -15.46 7.77
C MET A 1 24.27 -14.72 6.62
N MET A 2 24.97 -13.80 6.01
CA MET A 2 24.37 -13.04 4.87
C MET A 2 23.04 -12.40 5.29
N GLU A 3 23.09 -11.41 6.12
CA GLU A 3 21.82 -10.74 6.56
C GLU A 3 21.73 -9.34 5.98
N GLU A 4 22.80 -8.88 5.44
CA GLU A 4 22.79 -7.50 4.89
C GLU A 4 21.93 -7.45 3.63
N TYR A 5 21.46 -8.57 3.17
CA TYR A 5 20.61 -8.60 1.95
C TYR A 5 19.20 -8.15 2.31
N LEU A 6 18.81 -8.37 3.52
CA LEU A 6 17.45 -7.94 3.97
C LEU A 6 17.54 -6.52 4.52
N GLY A 7 18.68 -6.13 5.02
CA GLY A 7 18.84 -4.76 5.56
C GLY A 7 18.66 -3.76 4.42
N VAL A 8 19.20 -4.06 3.27
CA VAL A 8 19.06 -3.13 2.10
C VAL A 8 17.70 -3.32 1.44
N PHE A 9 17.19 -4.51 1.51
CA PHE A 9 15.86 -4.78 0.91
C PHE A 9 14.80 -3.91 1.60
N VAL A 10 14.98 -3.67 2.87
CA VAL A 10 14.01 -2.81 3.60
C VAL A 10 14.28 -1.34 3.27
N ASP A 11 15.51 -0.92 3.35
CA ASP A 11 15.85 0.49 3.02
C ASP A 11 15.27 0.83 1.65
N GLU A 12 15.05 -0.18 0.86
CA GLU A 12 14.46 0.05 -0.50
C GLU A 12 12.96 0.27 -0.35
N THR A 13 12.33 -0.49 0.49
CA THR A 13 10.86 -0.34 0.69
C THR A 13 10.57 1.00 1.39
N LYS A 14 11.37 1.37 2.34
CA LYS A 14 11.16 2.67 3.03
C LYS A 14 11.32 3.80 2.03
N GLU A 15 12.31 3.69 1.17
CA GLU A 15 12.52 4.75 0.16
C GLU A 15 11.47 4.63 -0.94
N TYR A 16 10.75 3.54 -0.95
CA TYR A 16 9.68 3.33 -1.96
C TYR A 16 8.36 3.84 -1.41
N LEU A 17 8.07 3.58 -0.16
CA LEU A 17 6.81 4.08 0.43
C LEU A 17 6.83 5.61 0.36
N GLN A 18 7.97 6.18 0.58
CA GLN A 18 8.09 7.66 0.49
C GLN A 18 7.94 8.05 -0.96
N ASN A 19 8.66 7.39 -1.80
CA ASN A 19 8.52 7.65 -3.24
C ASN A 19 7.08 7.33 -3.61
N LEU A 20 6.47 6.49 -2.84
CA LEU A 20 5.07 6.12 -3.07
C LEU A 20 4.16 7.05 -2.28
N ASN A 21 4.71 7.81 -1.39
CA ASN A 21 3.90 8.78 -0.63
C ASN A 21 4.00 10.07 -1.39
N ASP A 22 5.11 10.25 -2.01
CA ASP A 22 5.28 11.47 -2.81
C ASP A 22 4.35 11.36 -4.00
N THR A 23 4.15 10.16 -4.42
CA THR A 23 3.23 9.88 -5.53
C THR A 23 1.80 9.95 -5.01
N LEU A 24 1.59 9.38 -3.85
CA LEU A 24 0.23 9.42 -3.24
C LEU A 24 -0.03 10.83 -2.75
N LEU A 25 1.02 11.54 -2.43
CA LEU A 25 0.83 12.94 -1.95
C LEU A 25 0.77 13.88 -3.14
N GLU A 26 1.22 13.40 -4.26
CA GLU A 26 1.14 14.20 -5.49
C GLU A 26 -0.15 13.77 -6.15
N LEU A 27 -0.50 12.55 -5.88
CA LEU A 27 -1.76 12.01 -6.41
C LEU A 27 -2.94 12.70 -5.73
N GLU A 28 -2.76 13.03 -4.48
CA GLU A 28 -3.85 13.73 -3.75
C GLU A 28 -4.03 15.12 -4.35
N LYS A 29 -2.96 15.75 -4.70
CA LYS A 29 -3.06 17.10 -5.33
C LYS A 29 -3.49 16.94 -6.78
N ASN A 30 -3.24 15.78 -7.30
CA ASN A 30 -3.62 15.46 -8.70
C ASN A 30 -3.97 14.00 -8.77
N PRO A 31 -5.13 13.73 -8.29
CA PRO A 31 -5.65 12.36 -8.22
C PRO A 31 -6.35 11.95 -9.52
N GLU A 32 -6.01 12.58 -10.61
CA GLU A 32 -6.67 12.21 -11.90
C GLU A 32 -5.67 12.35 -13.05
N ASP A 33 -4.43 12.60 -12.75
CA ASP A 33 -3.41 12.74 -13.82
C ASP A 33 -3.17 11.38 -14.48
N MET A 34 -3.62 10.34 -13.85
CA MET A 34 -3.43 8.96 -14.40
C MET A 34 -1.96 8.56 -14.37
N GLU A 35 -1.11 9.43 -13.91
CA GLU A 35 0.32 9.05 -13.83
C GLU A 35 0.62 8.74 -12.38
N LEU A 36 0.01 9.48 -11.49
CA LEU A 36 0.20 9.19 -10.05
C LEU A 36 -0.63 7.96 -9.71
N ILE A 37 -1.68 7.74 -10.47
CA ILE A 37 -2.53 6.54 -10.24
C ILE A 37 -1.76 5.31 -10.71
N ASN A 38 -0.99 5.46 -11.76
CA ASN A 38 -0.20 4.30 -12.26
C ASN A 38 1.17 4.28 -11.59
N GLU A 39 1.69 5.42 -11.30
CA GLU A 39 3.02 5.48 -10.63
C GLU A 39 2.89 4.80 -9.27
N ALA A 40 1.70 4.75 -8.78
CA ALA A 40 1.44 4.08 -7.48
C ALA A 40 1.11 2.60 -7.72
N PHE A 41 0.05 2.34 -8.43
CA PHE A 41 -0.31 0.91 -8.71
C PHE A 41 0.94 0.11 -9.09
N ARG A 42 1.90 0.74 -9.71
CA ARG A 42 3.14 0.02 -10.10
C ARG A 42 4.11 -0.06 -8.91
N ALA A 43 4.29 1.02 -8.21
CA ALA A 43 5.22 0.99 -7.03
C ALA A 43 4.68 0.01 -5.99
N LEU A 44 3.43 0.10 -5.66
CA LEU A 44 2.85 -0.83 -4.67
C LEU A 44 2.92 -2.25 -5.24
N HIS A 45 2.72 -2.40 -6.52
CA HIS A 45 2.80 -3.75 -7.14
C HIS A 45 4.23 -4.25 -7.00
N THR A 46 5.17 -3.36 -7.05
CA THR A 46 6.60 -3.77 -6.89
C THR A 46 6.91 -3.84 -5.40
N LEU A 47 6.35 -2.94 -4.64
CA LEU A 47 6.59 -2.95 -3.17
C LEU A 47 5.92 -4.17 -2.56
N LYS A 48 4.75 -4.51 -3.04
CA LYS A 48 4.04 -5.70 -2.51
C LYS A 48 4.82 -6.97 -2.88
N GLY A 49 5.43 -6.99 -4.03
CA GLY A 49 6.20 -8.20 -4.44
C GLY A 49 7.45 -8.33 -3.57
N MET A 50 8.31 -7.35 -3.59
CA MET A 50 9.55 -7.43 -2.77
C MET A 50 9.23 -7.99 -1.38
N ALA A 51 8.08 -7.67 -0.85
CA ALA A 51 7.72 -8.16 0.51
C ALA A 51 7.00 -9.51 0.41
N GLY A 52 6.63 -9.91 -0.77
CA GLY A 52 5.93 -11.21 -0.93
C GLY A 52 6.96 -12.34 -1.01
N THR A 53 7.99 -12.29 -0.19
CA THR A 53 9.03 -13.36 -0.21
C THR A 53 10.22 -12.92 0.62
N MET A 54 10.42 -11.65 0.69
CA MET A 54 11.56 -11.11 1.48
C MET A 54 11.03 -10.17 2.55
N GLY A 55 9.78 -9.85 2.48
CA GLY A 55 9.18 -8.94 3.49
C GLY A 55 7.89 -9.58 3.97
N PHE A 56 7.65 -10.80 3.60
CA PHE A 56 6.41 -11.49 4.03
C PHE A 56 5.21 -10.90 3.29
N SER A 57 4.43 -11.72 2.65
CA SER A 57 3.25 -11.19 1.90
C SER A 57 2.27 -10.51 2.86
N SER A 58 2.49 -10.63 4.13
CA SER A 58 1.59 -9.97 5.10
C SER A 58 1.69 -8.47 4.88
N MET A 59 2.89 -7.98 4.76
CA MET A 59 3.08 -6.54 4.51
C MET A 59 2.76 -6.25 3.04
N ALA A 60 2.94 -7.24 2.18
CA ALA A 60 2.65 -7.02 0.74
C ALA A 60 1.14 -6.90 0.52
N LYS A 61 0.36 -7.60 1.29
CA LYS A 61 -1.12 -7.49 1.12
C LYS A 61 -1.53 -6.06 1.40
N LEU A 62 -0.82 -5.44 2.30
CA LEU A 62 -1.13 -4.03 2.63
C LEU A 62 -0.88 -3.18 1.39
N CYS A 63 0.18 -3.46 0.70
CA CYS A 63 0.50 -2.68 -0.53
C CYS A 63 -0.33 -3.20 -1.70
N HIS A 64 -0.60 -4.48 -1.71
CA HIS A 64 -1.41 -5.07 -2.81
C HIS A 64 -2.76 -4.35 -2.89
N THR A 65 -3.24 -3.85 -1.80
CA THR A 65 -4.55 -3.14 -1.84
C THR A 65 -4.37 -1.69 -2.28
N LEU A 66 -3.45 -0.97 -1.67
CA LEU A 66 -3.27 0.45 -2.09
C LEU A 66 -3.20 0.48 -3.62
N GLU A 67 -2.53 -0.49 -4.18
CA GLU A 67 -2.41 -0.58 -5.66
C GLU A 67 -3.75 -1.02 -6.24
N ASN A 68 -4.36 -2.02 -5.65
CA ASN A 68 -5.67 -2.49 -6.15
C ASN A 68 -6.65 -1.32 -6.19
N ILE A 69 -6.56 -0.45 -5.23
CA ILE A 69 -7.49 0.71 -5.24
C ILE A 69 -7.04 1.61 -6.36
N LEU A 70 -5.77 1.72 -6.45
CA LEU A 70 -5.15 2.52 -7.51
C LEU A 70 -5.37 1.78 -8.82
N ASP A 71 -5.81 0.56 -8.72
CA ASP A 71 -6.10 -0.21 -9.95
C ASP A 71 -7.51 0.15 -10.41
N LYS A 72 -8.47 0.13 -9.53
CA LYS A 72 -9.83 0.53 -9.96
C LYS A 72 -9.81 2.02 -10.25
N ALA A 73 -8.83 2.71 -9.72
CA ALA A 73 -8.70 4.16 -10.00
C ALA A 73 -8.35 4.33 -11.48
N ARG A 74 -7.50 3.49 -11.98
CA ARG A 74 -7.12 3.58 -13.42
C ARG A 74 -8.09 2.75 -14.25
N ASN A 75 -8.81 1.86 -13.60
CA ASN A 75 -9.79 1.01 -14.34
C ASN A 75 -11.10 1.78 -14.49
N SER A 76 -11.15 3.00 -14.02
CA SER A 76 -12.39 3.82 -14.12
C SER A 76 -13.44 3.36 -13.12
N GLU A 77 -13.04 2.88 -11.98
CA GLU A 77 -14.05 2.44 -10.97
C GLU A 77 -14.00 3.35 -9.76
N ILE A 78 -12.86 3.91 -9.49
CA ILE A 78 -12.73 4.83 -8.32
C ILE A 78 -11.74 5.95 -8.59
N LYS A 79 -11.54 6.79 -7.61
CA LYS A 79 -10.58 7.92 -7.75
C LYS A 79 -10.15 8.37 -6.36
N ILE A 80 -9.00 8.98 -6.23
CA ILE A 80 -8.56 9.40 -4.88
C ILE A 80 -9.50 10.45 -4.32
N THR A 81 -10.37 10.02 -3.49
CA THR A 81 -11.34 10.95 -2.83
C THR A 81 -10.67 11.61 -1.63
N SER A 82 -9.38 11.40 -1.48
CA SER A 82 -8.65 11.96 -0.31
C SER A 82 -8.94 11.11 0.93
N ASP A 83 -9.88 10.20 0.80
CA ASP A 83 -10.23 9.30 1.93
C ASP A 83 -9.79 7.89 1.57
N LEU A 84 -9.93 7.52 0.32
CA LEU A 84 -9.47 6.17 -0.09
C LEU A 84 -7.97 6.11 0.17
N LEU A 85 -7.35 7.25 0.16
CA LEU A 85 -5.90 7.32 0.43
C LEU A 85 -5.65 7.33 1.94
N ASP A 86 -6.33 8.19 2.65
CA ASP A 86 -6.14 8.24 4.13
C ASP A 86 -6.11 6.83 4.71
N LYS A 87 -6.83 5.93 4.12
CA LYS A 87 -6.83 4.53 4.62
C LYS A 87 -5.69 3.78 3.94
N ILE A 88 -5.60 3.89 2.65
CA ILE A 88 -4.49 3.23 1.92
C ILE A 88 -3.18 3.74 2.49
N PHE A 89 -3.20 4.94 3.02
CA PHE A 89 -1.98 5.52 3.64
C PHE A 89 -1.85 4.98 5.05
N ALA A 90 -2.96 4.67 5.64
CA ALA A 90 -2.95 4.10 7.00
C ALA A 90 -2.40 2.68 6.88
N GLY A 91 -2.55 2.11 5.72
CA GLY A 91 -2.01 0.74 5.49
C GLY A 91 -0.49 0.86 5.42
N VAL A 92 -0.01 1.81 4.66
CA VAL A 92 1.45 2.02 4.58
C VAL A 92 1.96 2.40 5.98
N ASP A 93 1.08 2.94 6.78
CA ASP A 93 1.44 3.32 8.16
C ASP A 93 1.65 2.06 8.99
N MET A 94 0.79 1.09 8.81
CA MET A 94 0.95 -0.19 9.54
C MET A 94 2.11 -0.92 8.91
N ILE A 95 2.30 -0.71 7.64
CA ILE A 95 3.43 -1.33 6.92
C ILE A 95 4.73 -0.79 7.49
N THR A 96 4.75 0.46 7.88
CA THR A 96 5.98 1.06 8.46
C THR A 96 6.16 0.55 9.90
N ARG A 97 5.10 0.50 10.66
CA ARG A 97 5.23 0.00 12.05
C ARG A 97 5.68 -1.45 12.06
N MET A 98 5.09 -2.26 11.22
CA MET A 98 5.52 -3.69 11.16
C MET A 98 6.93 -3.76 10.58
N VAL A 99 7.29 -2.76 9.81
CA VAL A 99 8.64 -2.73 9.21
C VAL A 99 9.63 -2.12 10.21
N ASP A 100 9.23 -1.08 10.91
CA ASP A 100 10.15 -0.48 11.91
C ASP A 100 10.41 -1.51 12.99
N LYS A 101 9.43 -2.31 13.26
CA LYS A 101 9.59 -3.39 14.26
C LYS A 101 10.34 -4.55 13.60
N ILE A 102 10.31 -4.60 12.30
CA ILE A 102 11.03 -5.68 11.57
C ILE A 102 12.52 -5.36 11.64
N VAL A 103 12.87 -4.16 11.31
CA VAL A 103 14.30 -3.77 11.40
C VAL A 103 14.70 -3.90 12.87
N SER A 104 13.74 -3.73 13.74
CA SER A 104 14.01 -3.85 15.20
C SER A 104 14.01 -5.31 15.61
N GLU A 105 12.92 -5.97 15.41
CA GLU A 105 12.82 -7.41 15.77
C GLU A 105 12.91 -8.28 14.52
N GLY A 106 12.26 -7.86 13.47
CA GLY A 106 12.28 -8.65 12.21
C GLY A 106 10.92 -9.32 12.00
N SER A 107 9.88 -8.77 12.59
CA SER A 107 8.52 -9.37 12.42
C SER A 107 7.53 -8.35 11.89
N ASP A 108 6.86 -8.67 10.83
CA ASP A 108 5.87 -7.71 10.28
C ASP A 108 4.55 -7.87 11.04
N ASP A 109 4.56 -8.64 12.09
CA ASP A 109 3.29 -8.82 12.86
C ASP A 109 3.14 -7.70 13.90
N ILE A 110 2.10 -6.91 13.76
CA ILE A 110 1.89 -5.80 14.74
C ILE A 110 0.40 -5.70 15.09
N GLY A 111 -0.34 -6.75 14.89
CA GLY A 111 -1.79 -6.72 15.21
C GLY A 111 -2.54 -5.95 14.12
N GLU A 112 -1.84 -5.50 13.11
CA GLU A 112 -2.51 -4.73 12.02
C GLU A 112 -3.50 -5.62 11.26
N ASN A 113 -4.01 -5.15 10.15
CA ASN A 113 -4.97 -5.95 9.36
C ASN A 113 -4.83 -5.64 7.86
N ILE A 114 -5.05 -6.61 7.02
CA ILE A 114 -4.92 -6.37 5.55
C ILE A 114 -6.05 -7.08 4.81
N ASP A 115 -6.02 -8.39 4.78
CA ASP A 115 -7.11 -9.13 4.07
C ASP A 115 -8.45 -8.48 4.40
N VAL A 116 -8.61 -8.14 5.64
CA VAL A 116 -9.87 -7.46 6.06
C VAL A 116 -9.71 -5.94 6.03
N PHE A 117 -8.56 -5.48 6.39
CA PHE A 117 -8.32 -4.00 6.37
C PHE A 117 -8.39 -3.50 4.93
N SER A 118 -7.94 -4.28 4.01
CA SER A 118 -7.99 -3.87 2.59
C SER A 118 -9.36 -4.20 2.03
N ASP A 119 -9.87 -5.34 2.36
CA ASP A 119 -11.22 -5.72 1.84
C ASP A 119 -12.25 -4.76 2.40
N THR A 120 -11.87 -4.03 3.40
CA THR A 120 -12.80 -3.03 3.98
C THR A 120 -12.64 -1.74 3.18
N ILE A 121 -11.43 -1.42 2.94
CA ILE A 121 -11.09 -0.19 2.17
C ILE A 121 -11.28 -0.42 0.67
N LYS A 122 -11.02 -1.61 0.19
CA LYS A 122 -11.17 -1.84 -1.26
C LYS A 122 -12.65 -2.08 -1.54
N SER A 123 -13.34 -2.58 -0.57
CA SER A 123 -14.80 -2.76 -0.73
C SER A 123 -15.47 -1.45 -0.37
N PHE A 124 -14.70 -0.53 0.14
CA PHE A 124 -15.26 0.80 0.52
C PHE A 124 -15.64 1.57 -0.74
N ALA A 125 -15.35 1.03 -1.88
CA ALA A 125 -15.68 1.72 -3.16
C ALA A 125 -17.19 1.95 -3.25
N SER A 126 -17.96 1.02 -2.77
CA SER A 126 -19.44 1.17 -2.82
C SER A 126 -20.11 0.11 -1.93
N SER A 127 -19.51 -0.21 -0.82
CA SER A 127 -20.10 -1.22 0.09
C SER A 127 -19.48 -1.12 1.49
N GLY A 128 -20.10 -1.72 2.47
CA GLY A 128 -19.55 -1.65 3.85
C GLY A 128 -20.68 -1.34 4.83
N LYS A 129 -20.38 -0.62 5.88
CA LYS A 129 -21.44 -0.27 6.88
C LYS A 129 -21.93 1.15 6.66
N GLU A 130 -21.50 1.77 5.60
CA GLU A 130 -21.95 3.17 5.33
C GLU A 130 -22.83 3.20 4.07
N LYS A 131 -24.00 3.75 4.18
CA LYS A 131 -24.91 3.81 3.00
C LYS A 131 -24.92 5.22 2.40
N LEU A 132 -23.80 5.88 2.41
CA LEU A 132 -23.74 7.26 1.85
C LEU A 132 -24.96 8.06 2.31
N GLU A 133 -24.98 8.50 3.54
CA GLU A 133 -26.14 9.28 4.04
C GLU A 133 -26.05 10.72 3.55
N MET A 1 27.36 -14.22 7.26
CA MET A 1 27.32 -13.10 6.27
C MET A 1 26.13 -13.27 5.34
N MET A 2 24.96 -13.51 5.89
CA MET A 2 23.75 -13.68 5.05
C MET A 2 22.59 -12.83 5.59
N GLU A 3 22.90 -11.73 6.22
CA GLU A 3 21.83 -10.86 6.77
C GLU A 3 21.72 -9.58 5.96
N GLU A 4 22.56 -9.41 5.01
CA GLU A 4 22.52 -8.16 4.22
C GLU A 4 21.35 -8.20 3.23
N TYR A 5 20.69 -9.33 3.14
CA TYR A 5 19.54 -9.44 2.20
C TYR A 5 18.35 -8.65 2.75
N LEU A 6 18.21 -8.65 4.03
CA LEU A 6 17.09 -7.91 4.67
C LEU A 6 17.53 -6.47 4.96
N GLY A 7 18.81 -6.27 5.13
CA GLY A 7 19.32 -4.89 5.41
C GLY A 7 18.95 -3.96 4.26
N VAL A 8 19.11 -4.42 3.04
CA VAL A 8 18.76 -3.54 1.88
C VAL A 8 17.28 -3.68 1.54
N PHE A 9 16.73 -4.81 1.80
CA PHE A 9 15.29 -5.04 1.53
C PHE A 9 14.46 -3.93 2.19
N VAL A 10 14.88 -3.48 3.34
CA VAL A 10 14.12 -2.41 4.04
C VAL A 10 14.64 -1.03 3.61
N ASP A 11 15.93 -0.84 3.59
CA ASP A 11 16.48 0.47 3.17
C ASP A 11 15.90 0.87 1.82
N GLU A 12 15.57 -0.10 1.04
CA GLU A 12 14.98 0.17 -0.30
C GLU A 12 13.45 0.25 -0.17
N THR A 13 12.89 -0.60 0.65
CA THR A 13 11.41 -0.57 0.84
C THR A 13 11.00 0.76 1.48
N LYS A 14 11.91 1.39 2.19
CA LYS A 14 11.59 2.70 2.83
C LYS A 14 11.77 3.82 1.81
N GLU A 15 12.87 3.84 1.11
CA GLU A 15 13.08 4.92 0.10
C GLU A 15 12.03 4.79 -1.00
N TYR A 16 11.35 3.68 -1.02
CA TYR A 16 10.30 3.46 -2.05
C TYR A 16 8.94 3.93 -1.53
N LEU A 17 8.60 3.58 -0.32
CA LEU A 17 7.28 4.03 0.23
C LEU A 17 7.22 5.55 0.22
N GLN A 18 8.34 6.19 0.42
CA GLN A 18 8.35 7.67 0.38
C GLN A 18 8.26 8.08 -1.08
N ASN A 19 9.01 7.42 -1.90
CA ASN A 19 8.93 7.70 -3.35
C ASN A 19 7.53 7.33 -3.80
N LEU A 20 6.92 6.47 -3.04
CA LEU A 20 5.54 6.06 -3.35
C LEU A 20 4.57 6.98 -2.61
N ASN A 21 5.08 7.75 -1.70
CA ASN A 21 4.21 8.70 -0.99
C ASN A 21 4.32 9.98 -1.76
N ASP A 22 5.40 10.16 -2.42
CA ASP A 22 5.57 11.37 -3.22
C ASP A 22 4.64 11.26 -4.41
N THR A 23 4.49 10.07 -4.84
CA THR A 23 3.57 9.77 -5.97
C THR A 23 2.14 9.78 -5.48
N LEU A 24 1.91 9.22 -4.32
CA LEU A 24 0.54 9.16 -3.79
C LEU A 24 0.21 10.47 -3.07
N LEU A 25 1.19 11.13 -2.53
CA LEU A 25 0.86 12.43 -1.86
C LEU A 25 0.69 13.50 -2.91
N GLU A 26 1.20 13.26 -4.07
CA GLU A 26 1.02 14.20 -5.19
C GLU A 26 -0.25 13.75 -5.89
N LEU A 27 -0.52 12.49 -5.75
CA LEU A 27 -1.74 11.92 -6.33
C LEU A 27 -2.95 12.57 -5.67
N GLU A 28 -2.82 12.91 -4.42
CA GLU A 28 -3.95 13.57 -3.71
C GLU A 28 -4.24 14.91 -4.37
N LYS A 29 -3.20 15.61 -4.76
CA LYS A 29 -3.41 16.91 -5.44
C LYS A 29 -3.67 16.64 -6.91
N ASN A 30 -3.30 15.49 -7.35
CA ASN A 30 -3.54 15.09 -8.76
C ASN A 30 -3.94 13.63 -8.78
N PRO A 31 -5.15 13.44 -8.37
CA PRO A 31 -5.72 12.09 -8.27
C PRO A 31 -6.43 11.71 -9.57
N GLU A 32 -6.22 12.44 -10.61
CA GLU A 32 -6.89 12.12 -11.91
C GLU A 32 -5.89 12.29 -13.05
N ASP A 33 -4.67 12.62 -12.74
CA ASP A 33 -3.66 12.78 -13.80
C ASP A 33 -3.34 11.43 -14.44
N MET A 34 -3.75 10.39 -13.80
CA MET A 34 -3.49 9.01 -14.32
C MET A 34 -1.98 8.75 -14.33
N GLU A 35 -1.22 9.65 -13.78
CA GLU A 35 0.24 9.43 -13.71
C GLU A 35 0.57 9.10 -12.26
N LEU A 36 -0.02 9.82 -11.35
CA LEU A 36 0.21 9.51 -9.92
C LEU A 36 -0.61 8.27 -9.58
N ILE A 37 -1.61 7.98 -10.39
CA ILE A 37 -2.43 6.76 -10.13
C ILE A 37 -1.67 5.55 -10.67
N ASN A 38 -0.94 5.74 -11.74
CA ASN A 38 -0.16 4.62 -12.31
C ASN A 38 1.23 4.59 -11.69
N GLU A 39 1.73 5.72 -11.31
CA GLU A 39 3.06 5.76 -10.66
C GLU A 39 2.94 5.19 -9.27
N ALA A 40 1.76 5.21 -8.74
CA ALA A 40 1.51 4.66 -7.39
C ALA A 40 1.24 3.16 -7.51
N PHE A 41 0.31 2.77 -8.35
CA PHE A 41 0.02 1.32 -8.52
C PHE A 41 1.33 0.55 -8.81
N ARG A 42 2.19 1.10 -9.63
CA ARG A 42 3.47 0.40 -9.96
C ARG A 42 4.35 0.31 -8.71
N ALA A 43 4.53 1.41 -8.01
CA ALA A 43 5.39 1.37 -6.79
C ALA A 43 4.86 0.31 -5.83
N LEU A 44 3.59 0.33 -5.54
CA LEU A 44 3.02 -0.70 -4.63
C LEU A 44 3.14 -2.07 -5.29
N HIS A 45 2.95 -2.13 -6.57
CA HIS A 45 3.08 -3.43 -7.28
C HIS A 45 4.52 -3.91 -7.17
N THR A 46 5.44 -2.98 -7.22
CA THR A 46 6.86 -3.36 -7.09
C THR A 46 7.19 -3.57 -5.61
N LEU A 47 6.65 -2.74 -4.76
CA LEU A 47 6.90 -2.88 -3.30
C LEU A 47 6.15 -4.12 -2.78
N LYS A 48 4.96 -4.35 -3.28
CA LYS A 48 4.19 -5.53 -2.83
C LYS A 48 4.93 -6.81 -3.23
N GLY A 49 5.62 -6.78 -4.34
CA GLY A 49 6.38 -7.98 -4.78
C GLY A 49 7.55 -8.22 -3.84
N MET A 50 8.32 -7.20 -3.57
CA MET A 50 9.49 -7.36 -2.65
C MET A 50 9.01 -7.91 -1.30
N ALA A 51 7.77 -7.74 -0.99
CA ALA A 51 7.25 -8.24 0.32
C ALA A 51 6.75 -9.68 0.16
N GLY A 52 6.48 -10.09 -1.05
CA GLY A 52 6.00 -11.48 -1.27
C GLY A 52 7.22 -12.38 -1.50
N THR A 53 8.28 -11.83 -2.00
CA THR A 53 9.50 -12.63 -2.25
C THR A 53 10.32 -12.74 -0.95
N MET A 54 9.94 -11.99 0.03
CA MET A 54 10.67 -12.04 1.33
C MET A 54 9.85 -12.82 2.36
N GLY A 55 8.78 -13.43 1.94
CA GLY A 55 7.95 -14.21 2.89
C GLY A 55 7.05 -13.26 3.69
N PHE A 56 7.17 -11.98 3.47
CA PHE A 56 6.33 -11.01 4.22
C PHE A 56 5.09 -10.65 3.39
N SER A 57 4.37 -11.63 2.93
CA SER A 57 3.15 -11.33 2.13
C SER A 57 2.13 -10.60 2.98
N SER A 58 2.22 -10.78 4.26
CA SER A 58 1.27 -10.09 5.18
C SER A 58 1.45 -8.59 5.00
N MET A 59 2.66 -8.19 4.75
CA MET A 59 2.94 -6.75 4.53
C MET A 59 2.82 -6.45 3.03
N ALA A 60 2.99 -7.47 2.22
CA ALA A 60 2.87 -7.25 0.75
C ALA A 60 1.40 -7.09 0.39
N LYS A 61 0.52 -7.77 1.06
CA LYS A 61 -0.92 -7.62 0.76
C LYS A 61 -1.28 -6.16 0.97
N LEU A 62 -0.64 -5.54 1.91
CA LEU A 62 -0.90 -4.10 2.16
C LEU A 62 -0.47 -3.32 0.93
N CYS A 63 0.63 -3.71 0.35
CA CYS A 63 1.11 -3.02 -0.86
C CYS A 63 0.17 -3.33 -2.03
N HIS A 64 -0.40 -4.51 -2.02
CA HIS A 64 -1.35 -4.89 -3.10
C HIS A 64 -2.70 -4.25 -2.83
N THR A 65 -2.92 -3.85 -1.60
CA THR A 65 -4.20 -3.22 -1.22
C THR A 65 -4.24 -1.76 -1.70
N LEU A 66 -3.25 -0.98 -1.35
CA LEU A 66 -3.23 0.45 -1.81
C LEU A 66 -3.16 0.47 -3.34
N GLU A 67 -2.46 -0.47 -3.91
CA GLU A 67 -2.34 -0.51 -5.39
C GLU A 67 -3.69 -0.81 -5.99
N ASN A 68 -4.40 -1.75 -5.46
CA ASN A 68 -5.71 -2.05 -6.03
C ASN A 68 -6.51 -0.75 -6.11
N ILE A 69 -6.56 0.00 -5.05
CA ILE A 69 -7.32 1.29 -5.10
C ILE A 69 -6.78 2.12 -6.24
N LEU A 70 -5.58 1.86 -6.62
CA LEU A 70 -4.97 2.59 -7.74
C LEU A 70 -5.34 1.87 -9.01
N ASP A 71 -5.61 0.60 -8.87
CA ASP A 71 -6.05 -0.18 -10.02
C ASP A 71 -7.55 0.07 -10.20
N LYS A 72 -8.26 0.27 -9.11
CA LYS A 72 -9.69 0.54 -9.27
C LYS A 72 -9.80 1.89 -9.97
N ALA A 73 -8.93 2.78 -9.58
CA ALA A 73 -8.89 4.13 -10.19
C ALA A 73 -8.56 3.99 -11.67
N ARG A 74 -7.71 3.06 -12.01
CA ARG A 74 -7.34 2.90 -13.44
C ARG A 74 -8.38 2.00 -14.13
N ASN A 75 -9.24 1.38 -13.37
CA ASN A 75 -10.27 0.50 -13.99
C ASN A 75 -11.59 1.27 -14.13
N SER A 76 -11.57 2.55 -13.91
CA SER A 76 -12.81 3.35 -14.02
C SER A 76 -13.77 2.96 -12.90
N GLU A 77 -13.24 2.48 -11.80
CA GLU A 77 -14.11 2.08 -10.67
C GLU A 77 -14.13 3.14 -9.60
N ILE A 78 -12.98 3.55 -9.16
CA ILE A 78 -12.91 4.61 -8.09
C ILE A 78 -11.83 5.63 -8.40
N LYS A 79 -11.39 6.32 -7.39
CA LYS A 79 -10.32 7.34 -7.56
C LYS A 79 -9.96 7.89 -6.18
N ILE A 80 -8.94 8.69 -6.08
CA ILE A 80 -8.54 9.21 -4.76
C ILE A 80 -9.58 10.21 -4.25
N THR A 81 -10.46 9.73 -3.44
CA THR A 81 -11.50 10.61 -2.84
C THR A 81 -10.99 11.19 -1.53
N SER A 82 -9.73 11.04 -1.26
CA SER A 82 -9.15 11.54 0.03
C SER A 82 -9.57 10.58 1.16
N ASP A 83 -10.38 9.62 0.84
CA ASP A 83 -10.83 8.62 1.85
C ASP A 83 -10.25 7.28 1.45
N LEU A 84 -10.27 6.97 0.18
CA LEU A 84 -9.67 5.70 -0.27
C LEU A 84 -8.20 5.77 0.07
N LEU A 85 -7.66 6.97 0.04
CA LEU A 85 -6.25 7.17 0.41
C LEU A 85 -6.13 7.02 1.92
N ASP A 86 -6.99 7.69 2.64
CA ASP A 86 -6.96 7.60 4.12
C ASP A 86 -6.77 6.14 4.55
N LYS A 87 -7.47 5.23 3.92
CA LYS A 87 -7.29 3.80 4.28
C LYS A 87 -6.02 3.28 3.62
N ILE A 88 -5.74 3.78 2.45
CA ILE A 88 -4.50 3.37 1.75
C ILE A 88 -3.30 3.82 2.58
N PHE A 89 -3.33 5.05 3.01
CA PHE A 89 -2.21 5.58 3.84
C PHE A 89 -2.18 4.85 5.18
N ALA A 90 -3.31 4.37 5.59
CA ALA A 90 -3.38 3.60 6.86
C ALA A 90 -2.70 2.27 6.61
N GLY A 91 -2.81 1.79 5.40
CA GLY A 91 -2.14 0.51 5.03
C GLY A 91 -0.64 0.77 5.01
N VAL A 92 -0.24 1.90 4.47
CA VAL A 92 1.21 2.24 4.43
C VAL A 92 1.66 2.59 5.85
N ASP A 93 0.72 2.89 6.71
CA ASP A 93 1.05 3.23 8.11
C ASP A 93 1.35 1.96 8.89
N MET A 94 0.82 0.85 8.47
CA MET A 94 1.09 -0.43 9.18
C MET A 94 2.43 -1.01 8.73
N ILE A 95 2.62 -1.17 7.45
CA ILE A 95 3.90 -1.72 6.97
C ILE A 95 5.04 -0.84 7.49
N THR A 96 4.82 0.44 7.56
CA THR A 96 5.86 1.34 8.10
C THR A 96 6.08 0.97 9.56
N ARG A 97 5.02 0.68 10.25
CA ARG A 97 5.16 0.27 11.68
C ARG A 97 5.70 -1.15 11.73
N MET A 98 5.29 -2.00 10.83
CA MET A 98 5.81 -3.38 10.80
C MET A 98 7.30 -3.32 10.46
N VAL A 99 7.65 -2.44 9.57
CA VAL A 99 9.06 -2.29 9.17
C VAL A 99 9.87 -1.76 10.36
N ASP A 100 9.29 -0.90 11.15
CA ASP A 100 10.03 -0.36 12.33
C ASP A 100 10.26 -1.48 13.34
N LYS A 101 9.34 -2.41 13.42
CA LYS A 101 9.51 -3.53 14.35
C LYS A 101 10.24 -4.66 13.60
N ILE A 102 9.95 -4.80 12.34
CA ILE A 102 10.62 -5.84 11.52
C ILE A 102 12.08 -5.47 11.44
N VAL A 103 12.34 -4.20 11.34
CA VAL A 103 13.74 -3.73 11.29
C VAL A 103 14.37 -3.94 12.66
N SER A 104 13.58 -3.81 13.70
CA SER A 104 14.10 -3.99 15.08
C SER A 104 14.21 -5.47 15.41
N GLU A 105 13.30 -6.25 14.93
CA GLU A 105 13.32 -7.72 15.21
C GLU A 105 13.09 -8.51 13.92
N GLY A 106 12.23 -8.03 13.06
CA GLY A 106 11.95 -8.76 11.80
C GLY A 106 10.55 -9.37 11.85
N SER A 107 9.67 -8.81 12.65
CA SER A 107 8.29 -9.37 12.73
C SER A 107 7.29 -8.37 12.19
N ASP A 108 6.42 -8.79 11.33
CA ASP A 108 5.40 -7.88 10.78
C ASP A 108 4.12 -8.04 11.62
N ASP A 109 4.22 -8.74 12.71
CA ASP A 109 3.02 -8.95 13.57
C ASP A 109 2.69 -7.69 14.39
N ILE A 110 1.99 -6.76 13.79
CA ILE A 110 1.64 -5.52 14.54
C ILE A 110 0.12 -5.47 14.79
N GLY A 111 -0.50 -6.62 14.93
CA GLY A 111 -1.97 -6.62 15.17
C GLY A 111 -2.69 -6.06 13.94
N GLU A 112 -2.00 -5.99 12.83
CA GLU A 112 -2.63 -5.44 11.59
C GLU A 112 -3.88 -6.25 11.20
N ASN A 113 -4.50 -5.88 10.12
CA ASN A 113 -5.72 -6.61 9.65
C ASN A 113 -5.87 -6.44 8.14
N ILE A 114 -5.22 -7.28 7.38
CA ILE A 114 -5.31 -7.17 5.90
C ILE A 114 -6.70 -7.58 5.40
N ASP A 115 -7.06 -8.83 5.56
CA ASP A 115 -8.40 -9.28 5.10
C ASP A 115 -9.44 -8.22 5.49
N VAL A 116 -9.16 -7.51 6.54
CA VAL A 116 -10.09 -6.46 7.01
C VAL A 116 -9.73 -5.12 6.38
N PHE A 117 -8.50 -4.73 6.51
CA PHE A 117 -8.06 -3.41 5.93
C PHE A 117 -8.32 -3.40 4.42
N SER A 118 -8.36 -4.56 3.81
CA SER A 118 -8.61 -4.61 2.37
C SER A 118 -10.09 -4.73 2.14
N ASP A 119 -10.73 -5.53 2.95
CA ASP A 119 -12.20 -5.69 2.82
C ASP A 119 -12.88 -4.40 3.26
N THR A 120 -12.17 -3.63 4.03
CA THR A 120 -12.71 -2.33 4.49
C THR A 120 -12.61 -1.35 3.33
N ILE A 121 -11.51 -1.43 2.65
CA ILE A 121 -11.26 -0.56 1.47
C ILE A 121 -11.97 -1.14 0.24
N LYS A 122 -11.95 -2.44 0.08
CA LYS A 122 -12.63 -3.06 -1.07
C LYS A 122 -14.12 -2.82 -0.95
N SER A 123 -14.61 -2.82 0.25
CA SER A 123 -16.05 -2.56 0.47
C SER A 123 -16.31 -1.07 0.40
N PHE A 124 -15.27 -0.31 0.56
CA PHE A 124 -15.42 1.18 0.50
C PHE A 124 -15.44 1.62 -0.96
N ALA A 125 -15.38 0.70 -1.86
CA ALA A 125 -15.40 1.03 -3.30
C ALA A 125 -16.76 1.60 -3.70
N SER A 126 -17.75 0.75 -3.81
CA SER A 126 -19.10 1.23 -4.19
C SER A 126 -20.19 0.41 -3.49
N SER A 127 -20.17 0.37 -2.18
CA SER A 127 -21.19 -0.42 -1.45
C SER A 127 -21.30 -1.83 -2.03
N GLY A 128 -20.18 -2.47 -2.24
CA GLY A 128 -20.22 -3.86 -2.80
C GLY A 128 -20.98 -3.85 -4.13
N LYS A 129 -20.35 -3.39 -5.18
CA LYS A 129 -21.03 -3.36 -6.50
C LYS A 129 -22.27 -2.46 -6.45
N GLU A 130 -23.22 -2.70 -7.31
CA GLU A 130 -24.46 -1.85 -7.31
C GLU A 130 -25.66 -2.68 -6.85
N LYS A 131 -26.22 -2.34 -5.73
CA LYS A 131 -27.40 -3.10 -5.23
C LYS A 131 -27.14 -4.60 -5.32
N LEU A 132 -26.66 -5.20 -4.26
CA LEU A 132 -26.40 -6.67 -4.29
C LEU A 132 -27.17 -7.37 -3.18
N GLU A 133 -28.46 -7.14 -3.11
CA GLU A 133 -29.28 -7.78 -2.04
C GLU A 133 -29.72 -9.18 -2.49
N MET A 1 23.34 -15.87 10.34
CA MET A 1 22.79 -15.46 9.01
C MET A 1 23.06 -13.98 8.75
N MET A 2 23.46 -13.63 7.56
CA MET A 2 23.74 -12.20 7.26
C MET A 2 22.45 -11.39 7.29
N GLU A 3 22.40 -10.36 8.10
CA GLU A 3 21.17 -9.53 8.20
C GLU A 3 21.27 -8.32 7.29
N GLU A 4 22.41 -8.12 6.70
CA GLU A 4 22.56 -6.93 5.83
C GLU A 4 21.85 -7.14 4.49
N TYR A 5 21.38 -8.33 4.27
CA TYR A 5 20.66 -8.62 3.00
C TYR A 5 19.33 -7.89 2.99
N LEU A 6 18.68 -7.89 4.11
CA LEU A 6 17.37 -7.19 4.22
C LEU A 6 17.60 -5.71 4.53
N GLY A 7 18.73 -5.38 5.11
CA GLY A 7 19.03 -3.97 5.43
C GLY A 7 18.94 -3.13 4.15
N VAL A 8 19.56 -3.58 3.09
CA VAL A 8 19.52 -2.81 1.83
C VAL A 8 18.21 -3.09 1.08
N PHE A 9 17.72 -4.28 1.22
CA PHE A 9 16.43 -4.62 0.55
C PHE A 9 15.33 -3.74 1.11
N VAL A 10 15.27 -3.62 2.42
CA VAL A 10 14.23 -2.76 3.04
C VAL A 10 14.63 -1.30 2.86
N ASP A 11 15.89 -1.00 2.91
CA ASP A 11 16.33 0.41 2.72
C ASP A 11 15.79 0.93 1.39
N GLU A 12 15.50 0.02 0.51
CA GLU A 12 14.93 0.40 -0.81
C GLU A 12 13.43 0.48 -0.67
N THR A 13 12.88 -0.31 0.23
CA THR A 13 11.41 -0.30 0.45
C THR A 13 11.01 1.03 1.11
N LYS A 14 11.81 1.53 2.01
CA LYS A 14 11.48 2.82 2.67
C LYS A 14 11.70 3.98 1.70
N GLU A 15 12.75 3.92 0.93
CA GLU A 15 13.01 5.00 -0.06
C GLU A 15 11.91 5.01 -1.10
N TYR A 16 11.24 3.91 -1.23
CA TYR A 16 10.14 3.81 -2.22
C TYR A 16 8.82 4.25 -1.59
N LEU A 17 8.59 3.93 -0.34
CA LEU A 17 7.33 4.37 0.31
C LEU A 17 7.24 5.88 0.23
N GLN A 18 8.34 6.54 0.44
CA GLN A 18 8.35 8.02 0.34
C GLN A 18 8.10 8.38 -1.11
N ASN A 19 8.81 7.73 -1.97
CA ASN A 19 8.60 7.95 -3.41
C ASN A 19 7.15 7.57 -3.71
N LEU A 20 6.61 6.74 -2.89
CA LEU A 20 5.19 6.32 -3.04
C LEU A 20 4.30 7.25 -2.22
N ASN A 21 4.90 8.03 -1.37
CA ASN A 21 4.12 9.00 -0.58
C ASN A 21 4.13 10.28 -1.36
N ASP A 22 5.17 10.45 -2.11
CA ASP A 22 5.28 11.65 -2.95
C ASP A 22 4.30 11.50 -4.09
N THR A 23 4.11 10.29 -4.47
CA THR A 23 3.15 9.97 -5.55
C THR A 23 1.75 9.97 -4.97
N LEU A 24 1.62 9.47 -3.77
CA LEU A 24 0.30 9.40 -3.11
C LEU A 24 -0.03 10.76 -2.51
N LEU A 25 0.96 11.53 -2.15
CA LEU A 25 0.63 12.86 -1.58
C LEU A 25 0.45 13.86 -2.70
N GLU A 26 0.91 13.50 -3.86
CA GLU A 26 0.70 14.36 -5.03
C GLU A 26 -0.56 13.86 -5.68
N LEU A 27 -0.77 12.59 -5.53
CA LEU A 27 -1.97 11.97 -6.08
C LEU A 27 -3.19 12.58 -5.41
N GLU A 28 -3.04 13.04 -4.20
CA GLU A 28 -4.20 13.66 -3.52
C GLU A 28 -4.52 14.96 -4.22
N LYS A 29 -3.51 15.70 -4.59
CA LYS A 29 -3.75 16.97 -5.33
C LYS A 29 -4.06 16.58 -6.77
N ASN A 30 -3.74 15.37 -7.10
CA ASN A 30 -4.02 14.87 -8.47
C ASN A 30 -4.40 13.41 -8.37
N PRO A 31 -5.59 13.23 -7.91
CA PRO A 31 -6.14 11.89 -7.68
C PRO A 31 -6.81 11.35 -8.95
N GLU A 32 -6.60 12.00 -10.06
CA GLU A 32 -7.21 11.52 -11.33
C GLU A 32 -6.12 11.37 -12.37
N ASP A 33 -4.93 11.81 -12.04
CA ASP A 33 -3.81 11.69 -12.98
C ASP A 33 -3.33 10.24 -13.02
N MET A 34 -3.27 9.66 -14.20
CA MET A 34 -2.82 8.24 -14.29
C MET A 34 -1.33 8.11 -14.02
N GLU A 35 -0.65 9.20 -13.76
CA GLU A 35 0.80 9.10 -13.47
C GLU A 35 1.00 8.84 -11.98
N LEU A 36 0.33 9.58 -11.15
CA LEU A 36 0.45 9.32 -9.69
C LEU A 36 -0.34 8.07 -9.38
N ILE A 37 -1.29 7.76 -10.21
CA ILE A 37 -2.10 6.54 -9.99
C ILE A 37 -1.27 5.32 -10.41
N ASN A 38 -0.45 5.48 -11.43
CA ASN A 38 0.39 4.34 -11.86
C ASN A 38 1.73 4.37 -11.13
N GLU A 39 2.12 5.52 -10.69
CA GLU A 39 3.40 5.62 -9.93
C GLU A 39 3.19 4.98 -8.56
N ALA A 40 1.97 4.99 -8.13
CA ALA A 40 1.63 4.38 -6.82
C ALA A 40 1.34 2.90 -7.02
N PHE A 41 0.41 2.55 -7.88
CA PHE A 41 0.13 1.11 -8.11
C PHE A 41 1.44 0.35 -8.30
N ARG A 42 2.40 0.96 -8.96
CA ARG A 42 3.70 0.28 -9.18
C ARG A 42 4.43 0.09 -7.85
N ALA A 43 4.89 1.17 -7.26
CA ALA A 43 5.60 1.05 -5.95
C ALA A 43 4.91 0.03 -5.06
N LEU A 44 3.62 0.12 -4.91
CA LEU A 44 2.89 -0.85 -4.05
C LEU A 44 2.92 -2.24 -4.67
N HIS A 45 2.87 -2.31 -5.97
CA HIS A 45 2.92 -3.65 -6.64
C HIS A 45 4.35 -4.18 -6.53
N THR A 46 5.30 -3.29 -6.56
CA THR A 46 6.72 -3.71 -6.43
C THR A 46 7.05 -3.96 -4.96
N LEU A 47 6.40 -3.24 -4.08
CA LEU A 47 6.65 -3.43 -2.63
C LEU A 47 5.90 -4.67 -2.12
N LYS A 48 4.68 -4.86 -2.56
CA LYS A 48 3.91 -6.05 -2.11
C LYS A 48 4.52 -7.30 -2.77
N GLY A 49 5.27 -7.11 -3.82
CA GLY A 49 5.91 -8.27 -4.51
C GLY A 49 7.11 -8.73 -3.69
N MET A 50 7.96 -7.81 -3.30
CA MET A 50 9.15 -8.20 -2.49
C MET A 50 8.73 -8.45 -1.04
N ALA A 51 7.53 -8.08 -0.68
CA ALA A 51 7.06 -8.31 0.71
C ALA A 51 6.37 -9.67 0.80
N GLY A 52 5.97 -10.21 -0.32
CA GLY A 52 5.30 -11.54 -0.29
C GLY A 52 6.37 -12.64 -0.31
N THR A 53 7.37 -12.50 0.52
CA THR A 53 8.45 -13.53 0.57
C THR A 53 9.59 -13.03 1.45
N MET A 54 9.91 -11.80 1.30
CA MET A 54 10.99 -11.19 2.12
C MET A 54 10.38 -10.21 3.11
N GLY A 55 9.13 -9.90 2.89
CA GLY A 55 8.42 -8.96 3.79
C GLY A 55 7.15 -9.65 4.27
N PHE A 56 7.04 -10.93 3.99
CA PHE A 56 5.83 -11.69 4.41
C PHE A 56 4.62 -11.21 3.60
N SER A 57 4.00 -12.09 2.86
CA SER A 57 2.83 -11.68 2.04
C SER A 57 1.70 -11.17 2.93
N SER A 58 1.81 -11.41 4.20
CA SER A 58 0.75 -10.91 5.11
C SER A 58 0.79 -9.39 5.10
N MET A 59 1.96 -8.85 4.94
CA MET A 59 2.11 -7.37 4.87
C MET A 59 2.19 -6.95 3.40
N ALA A 60 2.54 -7.87 2.55
CA ALA A 60 2.62 -7.52 1.10
C ALA A 60 1.21 -7.44 0.54
N LYS A 61 0.31 -8.26 1.02
CA LYS A 61 -1.09 -8.18 0.53
C LYS A 61 -1.65 -6.82 0.89
N LEU A 62 -1.18 -6.28 1.98
CA LEU A 62 -1.63 -4.93 2.40
C LEU A 62 -1.21 -3.93 1.33
N CYS A 63 -0.03 -4.10 0.81
CA CYS A 63 0.45 -3.17 -0.24
C CYS A 63 -0.30 -3.46 -1.55
N HIS A 64 -0.54 -4.72 -1.84
CA HIS A 64 -1.27 -5.06 -3.09
C HIS A 64 -2.64 -4.38 -3.07
N THR A 65 -3.21 -4.17 -1.91
CA THR A 65 -4.53 -3.50 -1.84
C THR A 65 -4.36 -2.02 -2.19
N LEU A 66 -3.57 -1.30 -1.44
CA LEU A 66 -3.35 0.15 -1.76
C LEU A 66 -3.18 0.28 -3.26
N GLU A 67 -2.50 -0.67 -3.84
CA GLU A 67 -2.30 -0.67 -5.30
C GLU A 67 -3.61 -1.07 -5.98
N ASN A 68 -4.24 -2.09 -5.46
CA ASN A 68 -5.53 -2.53 -6.05
C ASN A 68 -6.46 -1.33 -6.15
N ILE A 69 -6.48 -0.51 -5.13
CA ILE A 69 -7.36 0.69 -5.19
C ILE A 69 -6.86 1.53 -6.34
N LEU A 70 -5.58 1.58 -6.44
CA LEU A 70 -4.94 2.33 -7.55
C LEU A 70 -5.22 1.57 -8.84
N ASP A 71 -5.55 0.32 -8.70
CA ASP A 71 -5.91 -0.49 -9.89
C ASP A 71 -7.32 -0.10 -10.28
N LYS A 72 -8.24 -0.06 -9.34
CA LYS A 72 -9.61 0.36 -9.70
C LYS A 72 -9.55 1.78 -10.21
N ALA A 73 -8.64 2.53 -9.66
CA ALA A 73 -8.46 3.94 -10.11
C ALA A 73 -8.10 3.89 -11.59
N ARG A 74 -7.33 2.90 -11.95
CA ARG A 74 -6.95 2.73 -13.37
C ARG A 74 -8.05 1.94 -14.08
N ASN A 75 -8.87 1.27 -13.32
CA ASN A 75 -9.99 0.48 -13.92
C ASN A 75 -11.28 1.30 -13.88
N SER A 76 -11.23 2.49 -13.33
CA SER A 76 -12.44 3.34 -13.25
C SER A 76 -13.41 2.80 -12.20
N GLU A 77 -12.91 2.22 -11.14
CA GLU A 77 -13.81 1.67 -10.10
C GLU A 77 -13.72 2.52 -8.83
N ILE A 78 -12.54 2.94 -8.50
CA ILE A 78 -12.36 3.80 -7.30
C ILE A 78 -11.54 5.04 -7.65
N LYS A 79 -11.58 6.04 -6.81
CA LYS A 79 -10.79 7.27 -7.08
C LYS A 79 -10.38 7.89 -5.74
N ILE A 80 -9.24 8.52 -5.67
CA ILE A 80 -8.80 9.12 -4.38
C ILE A 80 -9.74 10.26 -3.99
N THR A 81 -10.69 9.95 -3.18
CA THR A 81 -11.66 10.98 -2.71
C THR A 81 -11.11 11.65 -1.45
N SER A 82 -9.83 11.51 -1.21
CA SER A 82 -9.20 12.10 0.02
C SER A 82 -9.46 11.19 1.23
N ASP A 83 -10.41 10.30 1.12
CA ASP A 83 -10.72 9.37 2.23
C ASP A 83 -10.28 7.96 1.85
N LEU A 84 -10.58 7.54 0.65
CA LEU A 84 -10.14 6.18 0.22
C LEU A 84 -8.62 6.16 0.17
N LEU A 85 -8.03 7.29 -0.07
CA LEU A 85 -6.55 7.35 -0.11
C LEU A 85 -6.03 7.53 1.32
N ASP A 86 -6.73 8.29 2.12
CA ASP A 86 -6.28 8.48 3.53
C ASP A 86 -6.28 7.14 4.25
N LYS A 87 -7.09 6.21 3.81
CA LYS A 87 -7.11 4.87 4.45
C LYS A 87 -6.04 4.02 3.79
N ILE A 88 -5.93 4.07 2.49
CA ILE A 88 -4.86 3.30 1.82
C ILE A 88 -3.53 3.81 2.36
N PHE A 89 -3.44 5.10 2.58
CA PHE A 89 -2.19 5.69 3.14
C PHE A 89 -2.04 5.21 4.57
N ALA A 90 -3.13 4.95 5.20
CA ALA A 90 -3.09 4.41 6.58
C ALA A 90 -2.55 3.00 6.49
N GLY A 91 -2.85 2.36 5.40
CA GLY A 91 -2.34 0.99 5.17
C GLY A 91 -0.83 1.12 4.96
N VAL A 92 -0.43 2.09 4.18
CA VAL A 92 1.02 2.31 3.96
C VAL A 92 1.64 2.62 5.32
N ASP A 93 0.84 3.13 6.22
CA ASP A 93 1.34 3.45 7.58
C ASP A 93 1.49 2.16 8.38
N MET A 94 0.70 1.17 8.07
CA MET A 94 0.81 -0.12 8.80
C MET A 94 2.04 -0.88 8.30
N ILE A 95 2.20 -0.98 7.01
CA ILE A 95 3.38 -1.67 6.46
C ILE A 95 4.63 -0.91 6.92
N THR A 96 4.52 0.38 7.08
CA THR A 96 5.69 1.16 7.56
C THR A 96 5.97 0.73 9.00
N ARG A 97 4.93 0.48 9.75
CA ARG A 97 5.12 0.01 11.15
C ARG A 97 5.57 -1.45 11.12
N MET A 98 5.14 -2.20 10.14
CA MET A 98 5.56 -3.61 10.04
C MET A 98 7.03 -3.64 9.66
N VAL A 99 7.40 -2.81 8.73
CA VAL A 99 8.82 -2.74 8.31
C VAL A 99 9.65 -2.16 9.46
N ASP A 100 9.07 -1.28 10.23
CA ASP A 100 9.83 -0.69 11.37
C ASP A 100 10.01 -1.74 12.46
N LYS A 101 9.06 -2.63 12.59
CA LYS A 101 9.20 -3.69 13.61
C LYS A 101 9.88 -4.88 12.94
N ILE A 102 9.62 -5.07 11.68
CA ILE A 102 10.28 -6.18 10.94
C ILE A 102 11.77 -5.87 10.87
N VAL A 103 12.07 -4.63 10.68
CA VAL A 103 13.50 -4.21 10.63
C VAL A 103 14.08 -4.32 12.03
N SER A 104 13.25 -4.13 13.02
CA SER A 104 13.72 -4.22 14.43
C SER A 104 13.72 -5.66 14.90
N GLU A 105 12.75 -6.41 14.48
CA GLU A 105 12.66 -7.84 14.91
C GLU A 105 12.50 -8.75 13.69
N GLY A 106 11.77 -8.31 12.71
CA GLY A 106 11.56 -9.16 11.50
C GLY A 106 10.14 -9.70 11.49
N SER A 107 9.23 -9.07 12.20
CA SER A 107 7.83 -9.56 12.23
C SER A 107 6.90 -8.52 11.63
N ASP A 108 6.05 -8.94 10.73
CA ASP A 108 5.09 -7.97 10.13
C ASP A 108 3.77 -8.08 10.88
N ASP A 109 3.78 -8.73 12.01
CA ASP A 109 2.52 -8.91 12.79
C ASP A 109 2.23 -7.65 13.63
N ILE A 110 1.59 -6.67 13.05
CA ILE A 110 1.27 -5.44 13.82
C ILE A 110 -0.25 -5.37 14.07
N GLY A 111 -0.91 -6.49 14.04
CA GLY A 111 -2.39 -6.49 14.28
C GLY A 111 -3.05 -5.47 13.35
N GLU A 112 -2.40 -5.14 12.26
CA GLU A 112 -2.98 -4.15 11.32
C GLU A 112 -4.12 -4.77 10.50
N ASN A 113 -4.16 -6.07 10.37
CA ASN A 113 -5.24 -6.70 9.58
C ASN A 113 -5.14 -6.25 8.12
N ILE A 114 -5.33 -7.14 7.19
CA ILE A 114 -5.23 -6.74 5.76
C ILE A 114 -6.41 -7.31 4.98
N ASP A 115 -6.49 -8.62 4.84
CA ASP A 115 -7.62 -9.21 4.08
C ASP A 115 -8.90 -8.47 4.47
N VAL A 116 -9.00 -8.13 5.71
CA VAL A 116 -10.18 -7.39 6.20
C VAL A 116 -9.93 -5.89 6.14
N PHE A 117 -8.78 -5.47 6.58
CA PHE A 117 -8.45 -4.03 6.57
C PHE A 117 -8.43 -3.52 5.13
N SER A 118 -8.03 -4.37 4.21
CA SER A 118 -8.00 -3.95 2.80
C SER A 118 -9.37 -4.17 2.20
N ASP A 119 -9.99 -5.26 2.52
CA ASP A 119 -11.35 -5.53 1.99
C ASP A 119 -12.32 -4.51 2.59
N THR A 120 -11.88 -3.85 3.60
CA THR A 120 -12.72 -2.79 4.22
C THR A 120 -12.47 -1.51 3.46
N ILE A 121 -11.23 -1.31 3.15
CA ILE A 121 -10.79 -0.10 2.40
C ILE A 121 -11.07 -0.29 0.90
N LYS A 122 -10.83 -1.45 0.39
CA LYS A 122 -11.06 -1.66 -1.06
C LYS A 122 -12.55 -1.82 -1.31
N SER A 123 -13.25 -2.30 -0.34
CA SER A 123 -14.73 -2.42 -0.49
C SER A 123 -15.33 -1.11 -0.03
N PHE A 124 -14.52 -0.24 0.52
CA PHE A 124 -15.04 1.07 0.96
C PHE A 124 -15.42 1.90 -0.27
N ALA A 125 -15.12 1.39 -1.43
CA ALA A 125 -15.45 2.13 -2.67
C ALA A 125 -16.01 1.17 -3.72
N SER A 126 -17.31 1.08 -3.83
CA SER A 126 -17.92 0.15 -4.82
C SER A 126 -19.33 0.62 -5.18
N SER A 127 -19.51 1.15 -6.36
CA SER A 127 -20.86 1.62 -6.77
C SER A 127 -21.34 0.85 -8.01
N GLY A 128 -22.62 0.63 -8.12
CA GLY A 128 -23.15 -0.11 -9.30
C GLY A 128 -23.19 0.83 -10.51
N LYS A 129 -24.25 1.58 -10.66
CA LYS A 129 -24.36 2.52 -11.80
C LYS A 129 -25.41 3.59 -11.52
N GLU A 130 -25.70 4.42 -12.48
CA GLU A 130 -26.72 5.49 -12.27
C GLU A 130 -28.01 4.88 -11.72
N LYS A 131 -28.21 4.95 -10.43
CA LYS A 131 -29.45 4.38 -9.83
C LYS A 131 -30.53 5.46 -9.73
N LEU A 132 -31.78 5.08 -9.82
CA LEU A 132 -32.87 6.09 -9.74
C LEU A 132 -33.41 6.18 -8.31
N GLU A 133 -32.75 6.94 -7.47
CA GLU A 133 -33.22 7.08 -6.06
C GLU A 133 -33.10 8.53 -5.61
N MET A 1 28.37 -14.39 4.67
CA MET A 1 27.40 -13.42 5.28
C MET A 1 26.51 -12.81 4.18
N MET A 2 25.38 -13.41 3.92
CA MET A 2 24.48 -12.87 2.86
C MET A 2 23.24 -12.23 3.49
N GLU A 3 23.32 -11.88 4.75
CA GLU A 3 22.14 -11.25 5.41
C GLU A 3 22.05 -9.77 5.04
N GLU A 4 23.11 -9.24 4.52
CA GLU A 4 23.10 -7.81 4.15
C GLU A 4 22.20 -7.58 2.94
N TYR A 5 21.70 -8.64 2.37
CA TYR A 5 20.79 -8.48 1.20
C TYR A 5 19.40 -8.11 1.68
N LEU A 6 19.10 -8.46 2.89
CA LEU A 6 17.77 -8.13 3.46
C LEU A 6 17.83 -6.77 4.15
N GLY A 7 18.99 -6.40 4.65
CA GLY A 7 19.12 -5.08 5.31
C GLY A 7 18.98 -3.98 4.26
N VAL A 8 19.45 -4.23 3.07
CA VAL A 8 19.33 -3.19 2.00
C VAL A 8 17.99 -3.34 1.28
N PHE A 9 17.44 -4.51 1.32
CA PHE A 9 16.12 -4.72 0.66
C PHE A 9 15.07 -3.89 1.38
N VAL A 10 15.17 -3.80 2.68
CA VAL A 10 14.19 -2.99 3.46
C VAL A 10 14.52 -1.51 3.30
N ASP A 11 15.76 -1.14 3.45
CA ASP A 11 16.14 0.29 3.29
C ASP A 11 15.53 0.81 1.99
N GLU A 12 15.29 -0.08 1.08
CA GLU A 12 14.69 0.31 -0.22
C GLU A 12 13.17 0.42 -0.03
N THR A 13 12.62 -0.45 0.77
CA THR A 13 11.15 -0.42 1.02
C THR A 13 10.78 0.88 1.75
N LYS A 14 11.66 1.38 2.58
CA LYS A 14 11.35 2.65 3.30
C LYS A 14 11.42 3.80 2.32
N GLU A 15 12.50 3.90 1.60
CA GLU A 15 12.62 5.01 0.61
C GLU A 15 11.54 4.83 -0.47
N TYR A 16 10.90 3.69 -0.48
CA TYR A 16 9.84 3.43 -1.49
C TYR A 16 8.48 3.87 -0.93
N LEU A 17 8.31 3.82 0.36
CA LEU A 17 7.00 4.26 0.94
C LEU A 17 7.01 5.78 0.92
N GLN A 18 8.17 6.34 1.10
CA GLN A 18 8.31 7.81 1.04
C GLN A 18 8.16 8.20 -0.41
N ASN A 19 8.88 7.52 -1.23
CA ASN A 19 8.82 7.79 -2.68
C ASN A 19 7.41 7.48 -3.16
N LEU A 20 6.77 6.59 -2.47
CA LEU A 20 5.37 6.23 -2.83
C LEU A 20 4.42 7.14 -2.05
N ASN A 21 4.95 7.93 -1.17
CA ASN A 21 4.10 8.88 -0.42
C ASN A 21 4.16 10.16 -1.18
N ASP A 22 5.29 10.43 -1.74
CA ASP A 22 5.44 11.65 -2.53
C ASP A 22 4.58 11.50 -3.76
N THR A 23 4.47 10.30 -4.21
CA THR A 23 3.61 9.99 -5.38
C THR A 23 2.16 10.06 -4.93
N LEU A 24 1.86 9.50 -3.80
CA LEU A 24 0.47 9.52 -3.29
C LEU A 24 0.17 10.93 -2.79
N LEU A 25 1.17 11.64 -2.37
CA LEU A 25 0.92 13.03 -1.88
C LEU A 25 0.77 13.98 -3.05
N GLU A 26 1.22 13.57 -4.18
CA GLU A 26 1.05 14.39 -5.39
C GLU A 26 -0.21 13.90 -6.04
N LEU A 27 -0.53 12.68 -5.75
CA LEU A 27 -1.73 12.07 -6.31
C LEU A 27 -2.96 12.69 -5.64
N GLU A 28 -2.86 13.02 -4.38
CA GLU A 28 -4.03 13.65 -3.70
C GLU A 28 -4.22 15.06 -4.25
N LYS A 29 -3.15 15.74 -4.53
CA LYS A 29 -3.27 17.10 -5.09
C LYS A 29 -3.62 16.95 -6.57
N ASN A 30 -3.43 15.76 -7.06
CA ASN A 30 -3.74 15.48 -8.48
C ASN A 30 -4.14 14.02 -8.61
N PRO A 31 -5.34 13.79 -8.19
CA PRO A 31 -5.91 12.43 -8.20
C PRO A 31 -6.56 12.11 -9.54
N GLU A 32 -6.17 12.78 -10.59
CA GLU A 32 -6.78 12.50 -11.92
C GLU A 32 -5.71 12.58 -13.01
N ASP A 33 -4.48 12.75 -12.63
CA ASP A 33 -3.39 12.83 -13.63
C ASP A 33 -3.19 11.47 -14.29
N MET A 34 -3.62 10.45 -13.61
CA MET A 34 -3.47 9.07 -14.14
C MET A 34 -1.99 8.69 -14.22
N GLU A 35 -1.13 9.55 -13.76
CA GLU A 35 0.31 9.22 -13.76
C GLU A 35 0.69 8.85 -12.34
N LEU A 36 0.18 9.59 -11.39
CA LEU A 36 0.46 9.24 -9.98
C LEU A 36 -0.34 7.99 -9.64
N ILE A 37 -1.43 7.78 -10.35
CA ILE A 37 -2.26 6.58 -10.11
C ILE A 37 -1.51 5.35 -10.62
N ASN A 38 -0.77 5.50 -11.70
CA ASN A 38 -0.01 4.34 -12.23
C ASN A 38 1.37 4.32 -11.60
N GLU A 39 1.83 5.46 -11.17
CA GLU A 39 3.14 5.53 -10.50
C GLU A 39 3.00 4.95 -9.10
N ALA A 40 1.80 4.94 -8.62
CA ALA A 40 1.51 4.38 -7.27
C ALA A 40 1.18 2.89 -7.42
N PHE A 41 0.19 2.57 -8.22
CA PHE A 41 -0.16 1.14 -8.41
C PHE A 41 1.14 0.33 -8.63
N ARG A 42 2.15 0.95 -9.19
CA ARG A 42 3.43 0.24 -9.44
C ARG A 42 4.22 0.13 -8.13
N ALA A 43 4.68 1.24 -7.61
CA ALA A 43 5.45 1.21 -6.33
C ALA A 43 4.84 0.19 -5.38
N LEU A 44 3.54 0.15 -5.30
CA LEU A 44 2.90 -0.84 -4.40
C LEU A 44 3.06 -2.23 -4.99
N HIS A 45 2.76 -2.39 -6.25
CA HIS A 45 2.93 -3.73 -6.88
C HIS A 45 4.39 -4.13 -6.79
N THR A 46 5.27 -3.16 -6.90
CA THR A 46 6.71 -3.47 -6.78
C THR A 46 6.99 -3.84 -5.33
N LEU A 47 6.44 -3.09 -4.42
CA LEU A 47 6.63 -3.40 -2.98
C LEU A 47 5.85 -4.67 -2.62
N LYS A 48 4.84 -4.99 -3.38
CA LYS A 48 4.04 -6.21 -3.13
C LYS A 48 4.87 -7.46 -3.45
N GLY A 49 5.68 -7.38 -4.47
CA GLY A 49 6.52 -8.56 -4.85
C GLY A 49 7.64 -8.74 -3.82
N MET A 50 8.56 -7.82 -3.77
CA MET A 50 9.68 -7.94 -2.79
C MET A 50 9.15 -8.25 -1.40
N ALA A 51 7.89 -7.95 -1.14
CA ALA A 51 7.32 -8.23 0.20
C ALA A 51 6.88 -9.69 0.28
N GLY A 52 6.63 -10.28 -0.85
CA GLY A 52 6.20 -11.70 -0.87
C GLY A 52 7.45 -12.58 -0.92
N THR A 53 8.56 -12.00 -1.30
CA THR A 53 9.83 -12.76 -1.36
C THR A 53 10.62 -12.57 -0.08
N MET A 54 10.23 -11.63 0.72
CA MET A 54 10.93 -11.38 2.01
C MET A 54 10.18 -12.06 3.15
N GLY A 55 9.18 -12.83 2.82
CA GLY A 55 8.40 -13.52 3.88
C GLY A 55 7.44 -12.53 4.53
N PHE A 56 7.38 -11.33 4.03
CA PHE A 56 6.46 -10.32 4.61
C PHE A 56 5.21 -10.19 3.75
N SER A 57 4.50 -11.27 3.54
CA SER A 57 3.27 -11.20 2.70
C SER A 57 2.20 -10.40 3.42
N SER A 58 2.31 -10.30 4.71
CA SER A 58 1.33 -9.51 5.48
C SER A 58 1.44 -8.06 5.04
N MET A 59 2.63 -7.64 4.73
CA MET A 59 2.83 -6.25 4.26
C MET A 59 2.70 -6.22 2.74
N ALA A 60 2.88 -7.35 2.11
CA ALA A 60 2.76 -7.37 0.63
C ALA A 60 1.28 -7.41 0.25
N LYS A 61 0.48 -8.06 1.03
CA LYS A 61 -0.97 -8.08 0.72
C LYS A 61 -1.47 -6.65 0.80
N LEU A 62 -0.94 -5.93 1.74
CA LEU A 62 -1.31 -4.51 1.88
C LEU A 62 -0.86 -3.77 0.63
N CYS A 63 0.30 -4.12 0.12
CA CYS A 63 0.79 -3.46 -1.11
C CYS A 63 -0.15 -3.80 -2.26
N HIS A 64 -0.69 -4.99 -2.25
CA HIS A 64 -1.64 -5.39 -3.31
C HIS A 64 -2.99 -4.75 -3.03
N THR A 65 -3.22 -4.42 -1.79
CA THR A 65 -4.50 -3.79 -1.40
C THR A 65 -4.48 -2.30 -1.79
N LEU A 66 -3.53 -1.56 -1.28
CA LEU A 66 -3.46 -0.12 -1.65
C LEU A 66 -3.46 -0.02 -3.17
N GLU A 67 -2.65 -0.82 -3.80
CA GLU A 67 -2.58 -0.82 -5.29
C GLU A 67 -3.89 -1.31 -5.89
N ASN A 68 -4.67 -2.05 -5.16
CA ASN A 68 -5.96 -2.53 -5.70
C ASN A 68 -6.85 -1.34 -5.94
N ILE A 69 -6.86 -0.44 -5.01
CA ILE A 69 -7.70 0.77 -5.18
C ILE A 69 -7.12 1.53 -6.34
N LEU A 70 -5.85 1.62 -6.34
CA LEU A 70 -5.17 2.30 -7.47
C LEU A 70 -5.48 1.54 -8.73
N ASP A 71 -5.93 0.32 -8.58
CA ASP A 71 -6.32 -0.47 -9.78
C ASP A 71 -7.70 0.01 -10.21
N LYS A 72 -8.67 -0.04 -9.33
CA LYS A 72 -10.01 0.46 -9.72
C LYS A 72 -9.89 1.91 -10.12
N ALA A 73 -8.95 2.60 -9.55
CA ALA A 73 -8.72 4.02 -9.95
C ALA A 73 -8.29 4.01 -11.41
N ARG A 74 -7.61 2.97 -11.81
CA ARG A 74 -7.16 2.84 -13.22
C ARG A 74 -8.25 2.14 -14.04
N ASN A 75 -9.09 1.41 -13.38
CA ASN A 75 -10.20 0.71 -14.11
C ASN A 75 -11.40 1.65 -14.26
N SER A 76 -11.26 2.87 -13.80
CA SER A 76 -12.37 3.86 -13.92
C SER A 76 -13.48 3.55 -12.91
N GLU A 77 -13.17 2.93 -11.81
CA GLU A 77 -14.24 2.62 -10.82
C GLU A 77 -14.17 3.64 -9.68
N ILE A 78 -13.00 4.15 -9.44
CA ILE A 78 -12.84 5.13 -8.33
C ILE A 78 -11.75 6.16 -8.65
N LYS A 79 -11.26 6.81 -7.62
CA LYS A 79 -10.19 7.83 -7.81
C LYS A 79 -9.63 8.22 -6.45
N ILE A 80 -8.74 9.17 -6.43
CA ILE A 80 -8.16 9.60 -5.14
C ILE A 80 -8.87 10.86 -4.67
N THR A 81 -9.87 10.65 -3.92
CA THR A 81 -10.68 11.78 -3.39
C THR A 81 -10.08 12.28 -2.07
N SER A 82 -8.84 11.96 -1.82
CA SER A 82 -8.18 12.37 -0.54
C SER A 82 -8.67 11.47 0.59
N ASP A 83 -9.68 10.67 0.33
CA ASP A 83 -10.19 9.73 1.36
C ASP A 83 -9.74 8.33 1.02
N LEU A 84 -9.82 7.95 -0.24
CA LEU A 84 -9.32 6.60 -0.61
C LEU A 84 -7.87 6.53 -0.18
N LEU A 85 -7.22 7.65 -0.21
CA LEU A 85 -5.80 7.71 0.23
C LEU A 85 -5.75 7.65 1.74
N ASP A 86 -6.55 8.45 2.38
CA ASP A 86 -6.55 8.46 3.87
C ASP A 86 -6.61 7.01 4.38
N LYS A 87 -7.22 6.14 3.64
CA LYS A 87 -7.30 4.72 4.08
C LYS A 87 -6.09 3.95 3.56
N ILE A 88 -5.84 4.01 2.29
CA ILE A 88 -4.65 3.30 1.74
C ILE A 88 -3.41 3.86 2.44
N PHE A 89 -3.44 5.13 2.72
CA PHE A 89 -2.31 5.79 3.42
C PHE A 89 -2.23 5.28 4.85
N ALA A 90 -3.36 4.97 5.40
CA ALA A 90 -3.40 4.42 6.77
C ALA A 90 -2.85 3.01 6.70
N GLY A 91 -3.07 2.38 5.58
CA GLY A 91 -2.52 1.01 5.38
C GLY A 91 -1.01 1.14 5.19
N VAL A 92 -0.60 2.14 4.45
CA VAL A 92 0.85 2.37 4.25
C VAL A 92 1.45 2.75 5.60
N ASP A 93 0.64 3.33 6.45
CA ASP A 93 1.12 3.71 7.80
C ASP A 93 1.51 2.44 8.55
N MET A 94 0.76 1.39 8.35
CA MET A 94 1.09 0.11 9.00
C MET A 94 2.26 -0.53 8.27
N ILE A 95 2.21 -0.54 6.96
CA ILE A 95 3.32 -1.12 6.17
C ILE A 95 4.64 -0.55 6.70
N THR A 96 4.67 0.72 6.98
CA THR A 96 5.91 1.35 7.51
C THR A 96 6.09 0.96 8.97
N ARG A 97 5.02 0.93 9.72
CA ARG A 97 5.13 0.56 11.16
C ARG A 97 5.42 -0.94 11.30
N MET A 98 4.96 -1.73 10.36
CA MET A 98 5.24 -3.19 10.44
C MET A 98 6.69 -3.42 10.04
N VAL A 99 7.18 -2.60 9.17
CA VAL A 99 8.60 -2.73 8.73
C VAL A 99 9.50 -2.04 9.74
N ASP A 100 9.06 -0.95 10.31
CA ASP A 100 9.90 -0.24 11.33
C ASP A 100 10.02 -1.16 12.54
N LYS A 101 8.97 -1.89 12.81
CA LYS A 101 9.01 -2.84 13.94
C LYS A 101 9.78 -4.09 13.47
N ILE A 102 9.89 -4.24 12.18
CA ILE A 102 10.64 -5.41 11.63
C ILE A 102 12.12 -5.13 11.82
N VAL A 103 12.56 -3.98 11.39
CA VAL A 103 13.98 -3.62 11.59
C VAL A 103 14.24 -3.59 13.09
N SER A 104 13.21 -3.33 13.85
CA SER A 104 13.35 -3.30 15.33
C SER A 104 13.21 -4.70 15.91
N GLU A 105 12.10 -5.31 15.67
CA GLU A 105 11.86 -6.69 16.19
C GLU A 105 12.04 -7.71 15.07
N GLY A 106 11.60 -7.38 13.88
CA GLY A 106 11.73 -8.34 12.75
C GLY A 106 10.37 -8.98 12.46
N SER A 107 9.30 -8.32 12.82
CA SER A 107 7.94 -8.90 12.57
C SER A 107 7.05 -7.91 11.84
N ASP A 108 6.52 -8.30 10.72
CA ASP A 108 5.62 -7.40 9.97
C ASP A 108 4.21 -7.51 10.54
N ASP A 109 4.06 -8.23 11.62
CA ASP A 109 2.71 -8.39 12.23
C ASP A 109 2.52 -7.44 13.40
N ILE A 110 1.84 -6.34 13.17
CA ILE A 110 1.62 -5.37 14.29
C ILE A 110 0.17 -5.46 14.78
N GLY A 111 -0.48 -6.57 14.53
CA GLY A 111 -1.89 -6.73 14.99
C GLY A 111 -2.84 -6.15 13.95
N GLU A 112 -2.32 -5.46 12.96
CA GLU A 112 -3.21 -4.87 11.92
C GLU A 112 -4.00 -5.97 11.21
N ASN A 113 -4.91 -5.58 10.34
CA ASN A 113 -5.72 -6.60 9.60
C ASN A 113 -5.45 -6.50 8.10
N ILE A 114 -5.44 -7.60 7.42
CA ILE A 114 -5.18 -7.56 5.95
C ILE A 114 -6.44 -7.94 5.18
N ASP A 115 -6.76 -9.20 5.11
CA ASP A 115 -7.99 -9.60 4.39
C ASP A 115 -9.12 -8.68 4.80
N VAL A 116 -9.00 -8.13 5.97
CA VAL A 116 -10.03 -7.20 6.48
C VAL A 116 -9.71 -5.76 6.07
N PHE A 117 -8.53 -5.33 6.34
CA PHE A 117 -8.15 -3.94 5.95
C PHE A 117 -7.99 -3.87 4.44
N SER A 118 -7.87 -4.98 3.81
CA SER A 118 -7.73 -5.02 2.34
C SER A 118 -9.10 -5.12 1.73
N ASP A 119 -10.00 -5.73 2.43
CA ASP A 119 -11.39 -5.87 1.93
C ASP A 119 -12.24 -4.75 2.47
N THR A 120 -11.95 -4.33 3.67
CA THR A 120 -12.71 -3.21 4.27
C THR A 120 -12.44 -1.97 3.46
N ILE A 121 -11.20 -1.64 3.35
CA ILE A 121 -10.79 -0.46 2.59
C ILE A 121 -11.22 -0.56 1.13
N LYS A 122 -11.08 -1.73 0.54
CA LYS A 122 -11.47 -1.85 -0.87
C LYS A 122 -12.98 -1.93 -0.95
N SER A 123 -13.61 -2.41 0.08
CA SER A 123 -15.08 -2.45 0.09
C SER A 123 -15.58 -1.12 0.64
N PHE A 124 -14.66 -0.31 1.12
CA PHE A 124 -15.05 1.01 1.65
C PHE A 124 -15.43 1.93 0.48
N ALA A 125 -15.28 1.43 -0.71
CA ALA A 125 -15.62 2.26 -1.91
C ALA A 125 -16.98 1.84 -2.45
N SER A 126 -17.21 0.57 -2.61
CA SER A 126 -18.53 0.11 -3.14
C SER A 126 -19.67 0.80 -2.39
N SER A 127 -20.88 0.59 -2.82
CA SER A 127 -22.04 1.23 -2.13
C SER A 127 -23.35 0.66 -2.66
N GLY A 128 -24.44 0.91 -1.99
CA GLY A 128 -25.75 0.39 -2.46
C GLY A 128 -26.00 -0.99 -1.85
N LYS A 129 -25.04 -1.87 -1.95
CA LYS A 129 -25.23 -3.23 -1.36
C LYS A 129 -26.56 -3.84 -1.84
N GLU A 130 -26.55 -4.50 -2.96
CA GLU A 130 -27.81 -5.11 -3.48
C GLU A 130 -28.21 -6.30 -2.60
N LYS A 131 -29.47 -6.62 -2.56
CA LYS A 131 -29.92 -7.77 -1.72
C LYS A 131 -31.28 -8.28 -2.21
N LEU A 132 -31.87 -9.21 -1.49
CA LEU A 132 -33.19 -9.74 -1.91
C LEU A 132 -34.29 -8.69 -1.71
N GLU A 133 -34.67 -8.02 -2.77
CA GLU A 133 -35.72 -6.97 -2.64
C GLU A 133 -37.06 -7.51 -3.15
N MET A 1 17.87 -14.83 5.93
CA MET A 1 17.47 -13.43 6.22
C MET A 1 18.40 -12.82 7.28
N MET A 2 19.65 -12.63 6.94
CA MET A 2 20.60 -12.04 7.92
C MET A 2 21.85 -11.51 7.22
N GLU A 3 21.68 -10.63 6.27
CA GLU A 3 22.87 -10.07 5.56
C GLU A 3 22.55 -8.74 4.91
N GLU A 4 23.08 -8.51 3.74
CA GLU A 4 22.79 -7.25 3.04
C GLU A 4 21.58 -7.39 2.13
N TYR A 5 21.39 -8.54 1.59
CA TYR A 5 20.22 -8.75 0.69
C TYR A 5 18.99 -8.11 1.29
N LEU A 6 18.80 -8.30 2.55
CA LEU A 6 17.63 -7.70 3.25
C LEU A 6 18.01 -6.30 3.76
N GLY A 7 19.25 -6.10 4.12
CA GLY A 7 19.68 -4.77 4.62
C GLY A 7 19.39 -3.71 3.56
N VAL A 8 19.71 -3.99 2.32
CA VAL A 8 19.45 -2.99 1.25
C VAL A 8 18.01 -3.08 0.77
N PHE A 9 17.43 -4.23 0.86
CA PHE A 9 16.02 -4.39 0.42
C PHE A 9 15.12 -3.46 1.24
N VAL A 10 15.50 -3.22 2.47
CA VAL A 10 14.68 -2.31 3.33
C VAL A 10 15.01 -0.86 2.99
N ASP A 11 16.27 -0.50 2.99
CA ASP A 11 16.64 0.89 2.64
C ASP A 11 15.91 1.30 1.37
N GLU A 12 15.59 0.34 0.56
CA GLU A 12 14.88 0.62 -0.72
C GLU A 12 13.37 0.59 -0.48
N THR A 13 12.91 -0.27 0.39
CA THR A 13 11.45 -0.34 0.65
C THR A 13 10.99 0.96 1.33
N LYS A 14 11.74 1.46 2.28
CA LYS A 14 11.35 2.73 2.95
C LYS A 14 11.44 3.87 1.94
N GLU A 15 12.55 3.97 1.26
CA GLU A 15 12.69 5.05 0.25
C GLU A 15 11.58 4.90 -0.78
N TYR A 16 11.00 3.74 -0.83
CA TYR A 16 9.89 3.50 -1.79
C TYR A 16 8.57 3.88 -1.14
N LEU A 17 8.54 3.95 0.16
CA LEU A 17 7.29 4.36 0.87
C LEU A 17 7.27 5.86 0.87
N GLN A 18 8.43 6.44 0.93
CA GLN A 18 8.55 7.92 0.89
C GLN A 18 8.27 8.33 -0.53
N ASN A 19 8.88 7.62 -1.43
CA ASN A 19 8.67 7.90 -2.86
C ASN A 19 7.23 7.56 -3.19
N LEU A 20 6.68 6.66 -2.44
CA LEU A 20 5.26 6.28 -2.64
C LEU A 20 4.38 7.17 -1.77
N ASN A 21 4.99 7.99 -0.95
CA ASN A 21 4.21 8.90 -0.11
C ASN A 21 4.10 10.19 -0.88
N ASP A 22 5.13 10.49 -1.58
CA ASP A 22 5.13 11.71 -2.38
C ASP A 22 4.20 11.49 -3.56
N THR A 23 4.14 10.27 -3.98
CA THR A 23 3.23 9.89 -5.08
C THR A 23 1.81 9.81 -4.55
N LEU A 24 1.67 9.24 -3.38
CA LEU A 24 0.33 9.11 -2.77
C LEU A 24 -0.08 10.44 -2.17
N LEU A 25 0.87 11.23 -1.76
CA LEU A 25 0.50 12.55 -1.17
C LEU A 25 0.27 13.57 -2.27
N GLU A 26 0.70 13.25 -3.44
CA GLU A 26 0.44 14.14 -4.59
C GLU A 26 -0.82 13.61 -5.22
N LEU A 27 -0.99 12.33 -5.09
CA LEU A 27 -2.19 11.68 -5.63
C LEU A 27 -3.41 12.16 -4.84
N GLU A 28 -3.24 12.42 -3.57
CA GLU A 28 -4.38 12.89 -2.76
C GLU A 28 -4.76 14.29 -3.20
N LYS A 29 -3.79 15.09 -3.53
CA LYS A 29 -4.09 16.46 -4.00
C LYS A 29 -4.58 16.38 -5.44
N ASN A 30 -4.25 15.29 -6.08
CA ASN A 30 -4.69 15.06 -7.48
C ASN A 30 -4.77 13.58 -7.72
N PRO A 31 -5.83 13.04 -7.23
CA PRO A 31 -6.08 11.61 -7.30
C PRO A 31 -6.77 11.23 -8.62
N GLU A 32 -6.54 11.99 -9.66
CA GLU A 32 -7.19 11.67 -10.97
C GLU A 32 -6.22 12.01 -12.11
N ASP A 33 -5.01 12.36 -11.80
CA ASP A 33 -4.03 12.70 -12.87
C ASP A 33 -3.63 11.43 -13.62
N MET A 34 -3.93 10.30 -13.05
CA MET A 34 -3.59 8.99 -13.68
C MET A 34 -2.08 8.83 -13.75
N GLU A 35 -1.35 9.75 -13.19
CA GLU A 35 0.13 9.62 -13.18
C GLU A 35 0.52 9.22 -11.77
N LEU A 36 -0.09 9.86 -10.81
CA LEU A 36 0.19 9.51 -9.39
C LEU A 36 -0.49 8.18 -9.11
N ILE A 37 -1.48 7.84 -9.91
CA ILE A 37 -2.18 6.54 -9.70
C ILE A 37 -1.33 5.41 -10.27
N ASN A 38 -0.54 5.70 -11.28
CA ASN A 38 0.33 4.64 -11.86
C ASN A 38 1.67 4.64 -11.15
N GLU A 39 2.02 5.75 -10.56
CA GLU A 39 3.30 5.82 -9.82
C GLU A 39 3.14 5.12 -8.48
N ALA A 40 1.92 5.04 -8.04
CA ALA A 40 1.61 4.34 -6.77
C ALA A 40 1.34 2.87 -7.08
N PHE A 41 0.48 2.60 -8.02
CA PHE A 41 0.21 1.18 -8.38
C PHE A 41 1.55 0.50 -8.66
N ARG A 42 2.54 1.29 -8.99
CA ARG A 42 3.90 0.74 -9.27
C ARG A 42 4.64 0.51 -7.96
N ALA A 43 4.93 1.55 -7.24
CA ALA A 43 5.65 1.42 -5.94
C ALA A 43 4.90 0.47 -5.00
N LEU A 44 3.62 0.31 -5.18
CA LEU A 44 2.88 -0.62 -4.29
C LEU A 44 3.00 -2.05 -4.81
N HIS A 45 2.83 -2.25 -6.09
CA HIS A 45 2.97 -3.61 -6.65
C HIS A 45 4.42 -4.04 -6.51
N THR A 46 5.32 -3.09 -6.61
CA THR A 46 6.76 -3.41 -6.45
C THR A 46 7.02 -3.75 -4.99
N LEU A 47 6.41 -3.02 -4.09
CA LEU A 47 6.59 -3.31 -2.64
C LEU A 47 5.83 -4.60 -2.29
N LYS A 48 4.65 -4.75 -2.83
CA LYS A 48 3.87 -5.99 -2.57
C LYS A 48 4.75 -7.22 -2.77
N GLY A 49 5.56 -7.20 -3.80
CA GLY A 49 6.45 -8.37 -4.07
C GLY A 49 7.55 -8.42 -3.01
N MET A 50 8.36 -7.40 -2.92
CA MET A 50 9.46 -7.40 -1.92
C MET A 50 8.92 -7.79 -0.54
N ALA A 51 7.67 -7.54 -0.27
CA ALA A 51 7.09 -7.90 1.05
C ALA A 51 6.52 -9.31 1.02
N GLY A 52 6.36 -9.87 -0.15
CA GLY A 52 5.80 -11.25 -0.24
C GLY A 52 6.91 -12.28 -0.12
N THR A 53 7.86 -12.04 0.75
CA THR A 53 8.97 -13.02 0.94
C THR A 53 10.05 -12.39 1.82
N MET A 54 10.15 -11.11 1.74
CA MET A 54 11.16 -10.36 2.56
C MET A 54 10.44 -9.48 3.56
N GLY A 55 9.16 -9.32 3.36
CA GLY A 55 8.35 -8.50 4.27
C GLY A 55 7.12 -9.31 4.65
N PHE A 56 7.11 -10.56 4.29
CA PHE A 56 5.95 -11.43 4.60
C PHE A 56 4.72 -10.94 3.83
N SER A 57 4.11 -11.82 3.08
CA SER A 57 2.92 -11.41 2.28
C SER A 57 1.82 -10.88 3.20
N SER A 58 1.93 -11.13 4.46
CA SER A 58 0.91 -10.62 5.40
C SER A 58 0.87 -9.11 5.31
N MET A 59 2.01 -8.51 5.11
CA MET A 59 2.07 -7.04 4.97
C MET A 59 2.06 -6.69 3.48
N ALA A 60 2.38 -7.64 2.65
CA ALA A 60 2.39 -7.38 1.19
C ALA A 60 0.98 -7.53 0.62
N LYS A 61 0.16 -8.35 1.22
CA LYS A 61 -1.22 -8.48 0.72
C LYS A 61 -1.85 -7.10 0.79
N LEU A 62 -1.55 -6.40 1.85
CA LEU A 62 -2.06 -5.04 1.99
C LEU A 62 -1.46 -4.20 0.87
N CYS A 63 -0.20 -4.42 0.57
CA CYS A 63 0.45 -3.68 -0.53
C CYS A 63 -0.30 -3.97 -1.82
N HIS A 64 -0.86 -5.14 -1.92
CA HIS A 64 -1.64 -5.48 -3.14
C HIS A 64 -3.03 -4.87 -3.01
N THR A 65 -3.49 -4.72 -1.80
CA THR A 65 -4.84 -4.13 -1.57
C THR A 65 -4.82 -2.63 -1.94
N LEU A 66 -3.89 -1.88 -1.40
CA LEU A 66 -3.84 -0.42 -1.75
C LEU A 66 -3.65 -0.29 -3.26
N GLU A 67 -2.75 -1.06 -3.82
CA GLU A 67 -2.50 -1.01 -5.28
C GLU A 67 -3.74 -1.46 -6.06
N ASN A 68 -4.57 -2.25 -5.45
CA ASN A 68 -5.79 -2.70 -6.16
C ASN A 68 -6.65 -1.48 -6.47
N ILE A 69 -6.78 -0.61 -5.52
CA ILE A 69 -7.59 0.61 -5.74
C ILE A 69 -6.90 1.43 -6.80
N LEU A 70 -5.62 1.39 -6.76
CA LEU A 70 -4.83 2.12 -7.78
C LEU A 70 -4.90 1.34 -9.08
N ASP A 71 -5.33 0.10 -8.98
CA ASP A 71 -5.48 -0.71 -10.20
C ASP A 71 -6.82 -0.36 -10.83
N LYS A 72 -7.88 -0.37 -10.05
CA LYS A 72 -9.18 0.02 -10.61
C LYS A 72 -9.08 1.49 -10.99
N ALA A 73 -8.39 2.22 -10.19
CA ALA A 73 -8.18 3.67 -10.47
C ALA A 73 -7.54 3.77 -11.85
N ARG A 74 -6.71 2.83 -12.17
CA ARG A 74 -6.07 2.83 -13.51
C ARG A 74 -6.96 2.02 -14.46
N ASN A 75 -7.83 1.21 -13.92
CA ASN A 75 -8.73 0.40 -14.78
C ASN A 75 -10.04 1.16 -15.03
N SER A 76 -10.17 2.33 -14.44
CA SER A 76 -11.39 3.16 -14.63
C SER A 76 -12.56 2.64 -13.79
N GLU A 77 -12.31 1.86 -12.77
CA GLU A 77 -13.45 1.39 -11.94
C GLU A 77 -13.60 2.29 -10.71
N ILE A 78 -12.52 2.60 -10.08
CA ILE A 78 -12.59 3.49 -8.89
C ILE A 78 -11.50 4.57 -8.98
N LYS A 79 -11.10 5.10 -7.86
CA LYS A 79 -10.03 6.12 -7.84
C LYS A 79 -9.53 6.30 -6.42
N ILE A 80 -8.92 7.41 -6.14
CA ILE A 80 -8.43 7.64 -4.77
C ILE A 80 -8.87 9.02 -4.32
N THR A 81 -10.11 9.17 -4.01
CA THR A 81 -10.64 10.49 -3.57
C THR A 81 -9.97 10.97 -2.28
N SER A 82 -8.66 10.99 -2.23
CA SER A 82 -7.98 11.43 -0.98
C SER A 82 -8.32 10.45 0.13
N ASP A 83 -9.57 10.35 0.48
CA ASP A 83 -10.00 9.39 1.51
C ASP A 83 -9.54 8.00 1.09
N LEU A 84 -9.83 7.62 -0.12
CA LEU A 84 -9.37 6.29 -0.58
C LEU A 84 -7.88 6.26 -0.35
N LEU A 85 -7.21 7.25 -0.86
CA LEU A 85 -5.75 7.32 -0.60
C LEU A 85 -5.53 7.19 0.89
N ASP A 86 -6.27 7.96 1.62
CA ASP A 86 -6.15 7.93 3.10
C ASP A 86 -6.17 6.50 3.60
N LYS A 87 -6.94 5.65 2.97
CA LYS A 87 -7.00 4.24 3.41
C LYS A 87 -5.78 3.51 2.85
N ILE A 88 -5.49 3.71 1.61
CA ILE A 88 -4.29 3.05 1.01
C ILE A 88 -3.04 3.61 1.69
N PHE A 89 -3.13 4.84 2.13
CA PHE A 89 -1.98 5.47 2.83
C PHE A 89 -1.91 4.95 4.26
N ALA A 90 -3.03 4.49 4.75
CA ALA A 90 -3.06 3.90 6.11
C ALA A 90 -2.47 2.51 6.02
N GLY A 91 -2.72 1.83 4.93
CA GLY A 91 -2.15 0.49 4.74
C GLY A 91 -0.65 0.65 4.55
N VAL A 92 -0.25 1.65 3.82
CA VAL A 92 1.19 1.90 3.62
C VAL A 92 1.78 2.41 4.94
N ASP A 93 0.94 2.84 5.83
CA ASP A 93 1.42 3.33 7.15
C ASP A 93 1.68 2.15 8.09
N MET A 94 0.91 1.09 7.96
CA MET A 94 1.15 -0.09 8.85
C MET A 94 2.37 -0.86 8.35
N ILE A 95 2.59 -0.92 7.07
CA ILE A 95 3.79 -1.64 6.56
C ILE A 95 5.02 -0.85 6.96
N THR A 96 4.92 0.46 6.98
CA THR A 96 6.08 1.28 7.41
C THR A 96 6.36 0.96 8.86
N ARG A 97 5.31 0.80 9.63
CA ARG A 97 5.50 0.45 11.06
C ARG A 97 5.89 -1.02 11.16
N MET A 98 5.40 -1.84 10.26
CA MET A 98 5.77 -3.28 10.27
C MET A 98 7.22 -3.39 9.86
N VAL A 99 7.62 -2.59 8.90
CA VAL A 99 9.03 -2.62 8.43
C VAL A 99 9.94 -2.05 9.53
N ASP A 100 9.47 -1.09 10.27
CA ASP A 100 10.30 -0.52 11.36
C ASP A 100 10.46 -1.55 12.47
N LYS A 101 9.47 -2.37 12.65
CA LYS A 101 9.57 -3.42 13.68
C LYS A 101 10.16 -4.66 13.02
N ILE A 102 9.79 -4.93 11.80
CA ILE A 102 10.36 -6.10 11.10
C ILE A 102 11.86 -5.89 11.03
N VAL A 103 12.24 -4.65 10.98
CA VAL A 103 13.68 -4.32 10.95
C VAL A 103 14.20 -4.36 12.38
N SER A 104 13.33 -4.09 13.32
CA SER A 104 13.72 -4.11 14.76
C SER A 104 13.64 -5.53 15.31
N GLU A 105 12.86 -6.36 14.69
CA GLU A 105 12.71 -7.77 15.16
C GLU A 105 12.43 -8.70 13.98
N GLY A 106 11.75 -8.24 12.97
CA GLY A 106 11.46 -9.13 11.80
C GLY A 106 10.00 -9.61 11.87
N SER A 107 9.15 -8.88 12.53
CA SER A 107 7.73 -9.31 12.62
C SER A 107 6.83 -8.24 12.05
N ASP A 108 5.95 -8.60 11.16
CA ASP A 108 5.02 -7.60 10.58
C ASP A 108 3.72 -7.63 11.40
N ASP A 109 3.76 -8.27 12.54
CA ASP A 109 2.54 -8.35 13.38
C ASP A 109 2.33 -7.07 14.20
N ILE A 110 1.82 -6.04 13.59
CA ILE A 110 1.59 -4.77 14.35
C ILE A 110 0.10 -4.61 14.65
N GLY A 111 -0.58 -5.70 14.88
CA GLY A 111 -2.04 -5.60 15.17
C GLY A 111 -2.76 -5.03 13.95
N GLU A 112 -2.11 -5.04 12.82
CA GLU A 112 -2.73 -4.49 11.58
C GLU A 112 -4.06 -5.20 11.29
N ASN A 113 -4.52 -5.12 10.07
CA ASN A 113 -5.81 -5.77 9.70
C ASN A 113 -5.97 -5.76 8.18
N ILE A 114 -5.20 -6.55 7.49
CA ILE A 114 -5.30 -6.57 6.00
C ILE A 114 -6.69 -7.01 5.54
N ASP A 115 -7.06 -8.24 5.79
CA ASP A 115 -8.42 -8.69 5.37
C ASP A 115 -9.44 -7.62 5.73
N VAL A 116 -9.13 -6.85 6.71
CA VAL A 116 -10.06 -5.77 7.15
C VAL A 116 -9.76 -4.46 6.41
N PHE A 117 -8.55 -4.03 6.47
CA PHE A 117 -8.18 -2.75 5.79
C PHE A 117 -8.40 -2.89 4.28
N SER A 118 -8.45 -4.10 3.80
CA SER A 118 -8.69 -4.31 2.37
C SER A 118 -10.18 -4.42 2.15
N ASP A 119 -10.83 -5.10 3.04
CA ASP A 119 -12.30 -5.26 2.95
C ASP A 119 -12.96 -3.94 3.33
N THR A 120 -12.31 -3.22 4.17
CA THR A 120 -12.82 -1.89 4.59
C THR A 120 -12.75 -0.97 3.38
N ILE A 121 -11.66 -1.07 2.69
CA ILE A 121 -11.44 -0.25 1.47
C ILE A 121 -12.21 -0.86 0.30
N LYS A 122 -12.22 -2.16 0.19
CA LYS A 122 -12.96 -2.81 -0.91
C LYS A 122 -14.44 -2.51 -0.75
N SER A 123 -14.89 -2.43 0.46
CA SER A 123 -16.32 -2.11 0.71
C SER A 123 -16.51 -0.60 0.61
N PHE A 124 -15.44 0.13 0.66
CA PHE A 124 -15.52 1.61 0.56
C PHE A 124 -15.70 2.01 -0.91
N ALA A 125 -15.79 1.04 -1.77
CA ALA A 125 -15.97 1.34 -3.22
C ALA A 125 -16.93 0.34 -3.85
N SER A 126 -17.91 -0.10 -3.11
CA SER A 126 -18.89 -1.08 -3.66
C SER A 126 -19.94 -0.35 -4.51
N SER A 127 -19.75 0.92 -4.74
CA SER A 127 -20.74 1.69 -5.55
C SER A 127 -20.38 1.59 -7.04
N GLY A 128 -21.22 0.99 -7.83
CA GLY A 128 -20.94 0.88 -9.28
C GLY A 128 -20.96 2.26 -9.92
N LYS A 129 -21.62 2.41 -11.03
CA LYS A 129 -21.69 3.73 -11.70
C LYS A 129 -22.94 3.83 -12.56
N GLU A 130 -23.17 4.95 -13.18
CA GLU A 130 -24.38 5.11 -14.04
C GLU A 130 -24.00 5.66 -15.42
N LYS A 131 -24.96 5.82 -16.29
CA LYS A 131 -24.65 6.36 -17.65
C LYS A 131 -25.94 6.81 -18.33
N LEU A 132 -25.83 7.64 -19.33
CA LEU A 132 -27.05 8.13 -20.04
C LEU A 132 -27.19 7.42 -21.38
N GLU A 133 -26.73 6.21 -21.48
CA GLU A 133 -26.83 5.46 -22.76
C GLU A 133 -27.23 4.01 -22.50
N MET A 1 26.33 -16.66 7.22
CA MET A 1 25.43 -16.51 6.03
C MET A 1 25.44 -15.06 5.53
N MET A 2 24.51 -14.71 4.69
CA MET A 2 24.46 -13.31 4.17
C MET A 2 23.25 -12.58 4.74
N GLU A 3 23.47 -11.51 5.45
CA GLU A 3 22.33 -10.75 6.03
C GLU A 3 22.20 -9.39 5.35
N GLU A 4 23.15 -9.03 4.57
CA GLU A 4 23.08 -7.71 3.90
C GLU A 4 22.01 -7.72 2.81
N TYR A 5 21.41 -8.84 2.57
CA TYR A 5 20.35 -8.93 1.53
C TYR A 5 19.07 -8.29 2.06
N LEU A 6 18.84 -8.44 3.32
CA LEU A 6 17.62 -7.84 3.94
C LEU A 6 17.92 -6.41 4.39
N GLY A 7 19.16 -6.11 4.66
CA GLY A 7 19.52 -4.73 5.10
C GLY A 7 19.26 -3.77 3.94
N VAL A 8 19.52 -4.19 2.73
CA VAL A 8 19.28 -3.29 1.57
C VAL A 8 17.84 -3.46 1.07
N PHE A 9 17.25 -4.58 1.35
CA PHE A 9 15.86 -4.81 0.92
C PHE A 9 14.92 -3.92 1.72
N VAL A 10 15.29 -3.60 2.93
CA VAL A 10 14.43 -2.72 3.77
C VAL A 10 14.74 -1.25 3.47
N ASP A 11 15.99 -0.92 3.28
CA ASP A 11 16.34 0.50 2.98
C ASP A 11 15.73 0.89 1.64
N GLU A 12 15.37 -0.09 0.87
CA GLU A 12 14.74 0.18 -0.46
C GLU A 12 13.22 0.27 -0.31
N THR A 13 12.65 -0.59 0.50
CA THR A 13 11.17 -0.55 0.69
C THR A 13 10.78 0.76 1.38
N LYS A 14 11.69 1.35 2.10
CA LYS A 14 11.38 2.64 2.78
C LYS A 14 11.54 3.80 1.80
N GLU A 15 12.62 3.82 1.07
CA GLU A 15 12.82 4.91 0.07
C GLU A 15 11.74 4.83 -0.99
N TYR A 16 11.04 3.73 -1.03
CA TYR A 16 9.95 3.56 -2.03
C TYR A 16 8.63 4.06 -1.45
N LEU A 17 8.35 3.73 -0.22
CA LEU A 17 7.07 4.22 0.38
C LEU A 17 7.05 5.73 0.34
N GLN A 18 8.18 6.33 0.57
CA GLN A 18 8.27 7.81 0.50
C GLN A 18 8.09 8.22 -0.93
N ASN A 19 8.83 7.60 -1.79
CA ASN A 19 8.69 7.89 -3.23
C ASN A 19 7.26 7.55 -3.61
N LEU A 20 6.68 6.66 -2.85
CA LEU A 20 5.27 6.26 -3.10
C LEU A 20 4.33 7.15 -2.28
N ASN A 21 4.88 7.89 -1.35
CA ASN A 21 4.03 8.80 -0.57
C ASN A 21 4.06 10.11 -1.28
N ASP A 22 5.17 10.38 -1.87
CA ASP A 22 5.30 11.63 -2.62
C ASP A 22 4.44 11.50 -3.86
N THR A 23 4.32 10.30 -4.31
CA THR A 23 3.46 10.00 -5.49
C THR A 23 2.01 10.05 -5.06
N LEU A 24 1.73 9.49 -3.91
CA LEU A 24 0.34 9.49 -3.40
C LEU A 24 0.04 10.87 -2.84
N LEU A 25 1.05 11.56 -2.36
CA LEU A 25 0.82 12.91 -1.81
C LEU A 25 0.67 13.91 -2.94
N GLU A 26 1.11 13.53 -4.09
CA GLU A 26 0.94 14.40 -5.27
C GLU A 26 -0.34 13.96 -5.91
N LEU A 27 -0.66 12.72 -5.67
CA LEU A 27 -1.90 12.14 -6.20
C LEU A 27 -3.08 12.76 -5.46
N GLU A 28 -2.88 13.15 -4.23
CA GLU A 28 -3.97 13.80 -3.46
C GLU A 28 -4.26 15.15 -4.10
N LYS A 29 -3.23 15.86 -4.47
CA LYS A 29 -3.43 17.19 -5.11
C LYS A 29 -3.88 16.98 -6.55
N ASN A 30 -3.59 15.83 -7.06
CA ASN A 30 -3.99 15.47 -8.45
C ASN A 30 -4.21 13.98 -8.52
N PRO A 31 -5.33 13.60 -8.01
CA PRO A 31 -5.72 12.19 -7.93
C PRO A 31 -6.40 11.74 -9.22
N GLU A 32 -6.21 12.46 -10.29
CA GLU A 32 -6.86 12.07 -11.57
C GLU A 32 -5.86 12.26 -12.73
N ASP A 33 -4.66 12.65 -12.42
CA ASP A 33 -3.65 12.86 -13.50
C ASP A 33 -3.35 11.54 -14.19
N MET A 34 -3.73 10.46 -13.57
CA MET A 34 -3.48 9.12 -14.16
C MET A 34 -1.99 8.83 -14.21
N GLU A 35 -1.19 9.72 -13.70
CA GLU A 35 0.26 9.47 -13.68
C GLU A 35 0.64 9.09 -12.26
N LEU A 36 0.07 9.77 -11.31
CA LEU A 36 0.34 9.41 -9.90
C LEU A 36 -0.46 8.15 -9.58
N ILE A 37 -1.48 7.89 -10.36
CA ILE A 37 -2.28 6.67 -10.14
C ILE A 37 -1.51 5.46 -10.67
N ASN A 38 -0.77 5.64 -11.73
CA ASN A 38 0.03 4.50 -12.28
C ASN A 38 1.40 4.47 -11.63
N GLU A 39 1.83 5.59 -11.13
CA GLU A 39 3.15 5.63 -10.45
C GLU A 39 3.03 5.02 -9.07
N ALA A 40 1.84 5.03 -8.55
CA ALA A 40 1.59 4.43 -7.22
C ALA A 40 1.21 2.96 -7.39
N PHE A 41 0.30 2.66 -8.29
CA PHE A 41 -0.08 1.24 -8.51
C PHE A 41 1.18 0.40 -8.72
N ARG A 42 2.18 0.97 -9.33
CA ARG A 42 3.45 0.22 -9.55
C ARG A 42 4.24 0.12 -8.26
N ALA A 43 4.69 1.23 -7.73
CA ALA A 43 5.46 1.20 -6.45
C ALA A 43 4.83 0.21 -5.49
N LEU A 44 3.55 0.35 -5.22
CA LEU A 44 2.88 -0.59 -4.28
C LEU A 44 2.87 -1.99 -4.89
N HIS A 45 2.79 -2.08 -6.19
CA HIS A 45 2.81 -3.41 -6.85
C HIS A 45 4.23 -3.96 -6.81
N THR A 46 5.19 -3.07 -6.83
CA THR A 46 6.61 -3.50 -6.76
C THR A 46 6.99 -3.70 -5.29
N LEU A 47 6.46 -2.89 -4.42
CA LEU A 47 6.77 -3.06 -2.97
C LEU A 47 6.09 -4.30 -2.44
N LYS A 48 4.92 -4.60 -2.94
CA LYS A 48 4.19 -5.82 -2.49
C LYS A 48 4.98 -7.07 -2.92
N GLY A 49 5.47 -7.07 -4.14
CA GLY A 49 6.25 -8.24 -4.62
C GLY A 49 7.50 -8.42 -3.75
N MET A 50 8.00 -7.35 -3.20
CA MET A 50 9.22 -7.44 -2.34
C MET A 50 8.83 -7.94 -0.94
N ALA A 51 7.58 -7.82 -0.60
CA ALA A 51 7.13 -8.29 0.75
C ALA A 51 6.71 -9.75 0.69
N GLY A 52 6.58 -10.28 -0.50
CA GLY A 52 6.18 -11.70 -0.64
C GLY A 52 7.44 -12.54 -0.68
N THR A 53 8.47 -12.03 -1.29
CA THR A 53 9.76 -12.78 -1.36
C THR A 53 10.52 -12.61 -0.04
N MET A 54 10.08 -11.70 0.77
CA MET A 54 10.75 -11.48 2.08
C MET A 54 10.16 -12.40 3.15
N GLY A 55 9.26 -13.25 2.74
CA GLY A 55 8.64 -14.19 3.72
C GLY A 55 7.55 -13.46 4.51
N PHE A 56 7.29 -12.22 4.18
CA PHE A 56 6.24 -11.47 4.92
C PHE A 56 5.13 -11.04 3.96
N SER A 57 4.50 -11.98 3.31
CA SER A 57 3.41 -11.62 2.36
C SER A 57 2.26 -10.97 3.11
N SER A 58 2.24 -11.12 4.40
CA SER A 58 1.16 -10.47 5.20
C SER A 58 1.27 -8.97 5.03
N MET A 59 2.47 -8.48 4.97
CA MET A 59 2.68 -7.02 4.77
C MET A 59 2.63 -6.74 3.27
N ALA A 60 2.83 -7.74 2.47
CA ALA A 60 2.78 -7.54 1.00
C ALA A 60 1.32 -7.52 0.55
N LYS A 61 0.48 -8.30 1.16
CA LYS A 61 -0.95 -8.28 0.76
C LYS A 61 -1.51 -6.93 1.13
N LEU A 62 -0.92 -6.30 2.11
CA LEU A 62 -1.37 -4.96 2.51
C LEU A 62 -0.97 -3.96 1.44
N CYS A 63 0.15 -4.17 0.80
CA CYS A 63 0.60 -3.24 -0.27
C CYS A 63 -0.22 -3.48 -1.54
N HIS A 64 -0.50 -4.72 -1.87
CA HIS A 64 -1.30 -4.99 -3.08
C HIS A 64 -2.68 -4.38 -2.90
N THR A 65 -3.13 -4.28 -1.68
CA THR A 65 -4.46 -3.68 -1.43
C THR A 65 -4.40 -2.18 -1.77
N LEU A 66 -3.34 -1.52 -1.39
CA LEU A 66 -3.22 -0.07 -1.72
C LEU A 66 -3.21 0.08 -3.24
N GLU A 67 -2.36 -0.65 -3.90
CA GLU A 67 -2.29 -0.58 -5.39
C GLU A 67 -3.60 -1.04 -6.00
N ASN A 68 -4.39 -1.76 -5.27
CA ASN A 68 -5.68 -2.22 -5.85
C ASN A 68 -6.55 -1.01 -6.11
N ILE A 69 -6.61 -0.12 -5.17
CA ILE A 69 -7.43 1.10 -5.37
C ILE A 69 -6.82 1.92 -6.46
N LEU A 70 -5.53 1.87 -6.52
CA LEU A 70 -4.83 2.58 -7.60
C LEU A 70 -5.00 1.78 -8.89
N ASP A 71 -5.49 0.58 -8.75
CA ASP A 71 -5.73 -0.24 -9.95
C ASP A 71 -7.07 0.17 -10.55
N LYS A 72 -8.10 0.19 -9.75
CA LYS A 72 -9.39 0.63 -10.30
C LYS A 72 -9.28 2.10 -10.70
N ALA A 73 -8.48 2.82 -9.97
CA ALA A 73 -8.27 4.24 -10.30
C ALA A 73 -7.74 4.32 -11.73
N ARG A 74 -6.93 3.36 -12.11
CA ARG A 74 -6.42 3.34 -13.50
C ARG A 74 -7.37 2.50 -14.35
N ASN A 75 -8.13 1.65 -13.71
CA ASN A 75 -9.12 0.82 -14.45
C ASN A 75 -10.40 1.63 -14.68
N SER A 76 -10.47 2.80 -14.09
CA SER A 76 -11.66 3.68 -14.25
C SER A 76 -12.81 3.24 -13.36
N GLU A 77 -12.55 2.57 -12.26
CA GLU A 77 -13.71 2.17 -11.40
C GLU A 77 -13.72 3.03 -10.13
N ILE A 78 -12.63 3.67 -9.83
CA ILE A 78 -12.61 4.55 -8.61
C ILE A 78 -11.51 5.60 -8.73
N LYS A 79 -11.20 6.26 -7.63
CA LYS A 79 -10.15 7.29 -7.64
C LYS A 79 -9.86 7.75 -6.22
N ILE A 80 -8.86 8.56 -6.02
CA ILE A 80 -8.55 9.02 -4.63
C ILE A 80 -9.54 10.08 -4.19
N THR A 81 -10.53 9.65 -3.48
CA THR A 81 -11.57 10.59 -2.97
C THR A 81 -11.13 11.19 -1.64
N SER A 82 -9.85 11.13 -1.34
CA SER A 82 -9.34 11.66 -0.04
C SER A 82 -9.69 10.69 1.09
N ASP A 83 -10.48 9.69 0.80
CA ASP A 83 -10.85 8.68 1.82
C ASP A 83 -10.28 7.34 1.40
N LEU A 84 -10.44 6.99 0.16
CA LEU A 84 -9.88 5.70 -0.33
C LEU A 84 -8.36 5.79 -0.24
N LEU A 85 -7.85 6.99 -0.36
CA LEU A 85 -6.37 7.17 -0.27
C LEU A 85 -5.97 7.25 1.22
N ASP A 86 -6.79 7.87 2.03
CA ASP A 86 -6.47 7.97 3.48
C ASP A 86 -6.45 6.58 4.11
N LYS A 87 -7.15 5.65 3.53
CA LYS A 87 -7.14 4.26 4.08
C LYS A 87 -5.96 3.54 3.48
N ILE A 88 -5.72 3.76 2.22
CA ILE A 88 -4.56 3.11 1.57
C ILE A 88 -3.29 3.68 2.20
N PHE A 89 -3.33 4.94 2.56
CA PHE A 89 -2.14 5.56 3.21
C PHE A 89 -2.03 5.03 4.64
N ALA A 90 -3.13 4.62 5.18
CA ALA A 90 -3.13 4.05 6.55
C ALA A 90 -2.55 2.65 6.46
N GLY A 91 -2.73 2.02 5.32
CA GLY A 91 -2.17 0.67 5.11
C GLY A 91 -0.65 0.82 5.02
N VAL A 92 -0.20 1.77 4.25
CA VAL A 92 1.26 2.02 4.13
C VAL A 92 1.78 2.45 5.50
N ASP A 93 0.92 2.99 6.32
CA ASP A 93 1.34 3.43 7.68
C ASP A 93 1.58 2.19 8.54
N MET A 94 0.74 1.20 8.41
CA MET A 94 0.95 -0.05 9.19
C MET A 94 2.09 -0.81 8.54
N ILE A 95 2.26 -0.62 7.26
CA ILE A 95 3.35 -1.28 6.52
C ILE A 95 4.68 -0.71 7.04
N THR A 96 4.71 0.56 7.30
CA THR A 96 5.96 1.18 7.83
C THR A 96 6.15 0.73 9.28
N ARG A 97 5.08 0.68 10.04
CA ARG A 97 5.18 0.22 11.45
C ARG A 97 5.67 -1.23 11.47
N MET A 98 5.25 -2.01 10.51
CA MET A 98 5.71 -3.42 10.45
C MET A 98 7.19 -3.41 10.10
N VAL A 99 7.57 -2.52 9.23
CA VAL A 99 9.01 -2.42 8.83
C VAL A 99 9.82 -1.87 10.00
N ASP A 100 9.22 -1.02 10.80
CA ASP A 100 9.95 -0.45 11.97
C ASP A 100 10.16 -1.56 13.00
N LYS A 101 9.23 -2.46 13.10
CA LYS A 101 9.39 -3.58 14.06
C LYS A 101 10.14 -4.71 13.34
N ILE A 102 9.85 -4.88 12.08
CA ILE A 102 10.55 -5.93 11.31
C ILE A 102 12.03 -5.57 11.33
N VAL A 103 12.29 -4.31 11.30
CA VAL A 103 13.70 -3.84 11.35
C VAL A 103 14.18 -3.95 12.80
N SER A 104 13.27 -3.83 13.72
CA SER A 104 13.65 -3.92 15.16
C SER A 104 13.68 -5.37 15.61
N GLU A 105 13.00 -6.23 14.90
CA GLU A 105 12.97 -7.67 15.27
C GLU A 105 12.83 -8.53 14.01
N GLY A 106 12.08 -8.08 13.04
CA GLY A 106 11.92 -8.88 11.79
C GLY A 106 10.49 -9.45 11.73
N SER A 107 9.58 -8.86 12.46
CA SER A 107 8.18 -9.37 12.43
C SER A 107 7.26 -8.33 11.79
N ASP A 108 6.48 -8.74 10.84
CA ASP A 108 5.53 -7.80 10.20
C ASP A 108 4.17 -7.93 10.87
N ASP A 109 4.14 -8.62 11.99
CA ASP A 109 2.84 -8.82 12.70
C ASP A 109 2.58 -7.68 13.68
N ILE A 110 1.95 -6.63 13.24
CA ILE A 110 1.65 -5.49 14.15
C ILE A 110 0.17 -5.49 14.51
N GLY A 111 -0.43 -6.64 14.61
CA GLY A 111 -1.88 -6.70 14.95
C GLY A 111 -2.69 -6.14 13.78
N GLU A 112 -2.06 -5.95 12.65
CA GLU A 112 -2.79 -5.39 11.47
C GLU A 112 -3.98 -6.28 11.10
N ASN A 113 -4.48 -6.14 9.89
CA ASN A 113 -5.64 -6.97 9.47
C ASN A 113 -5.86 -6.81 7.96
N ILE A 114 -4.86 -7.13 7.18
CA ILE A 114 -5.00 -6.97 5.70
C ILE A 114 -6.36 -7.46 5.21
N ASP A 115 -6.62 -8.74 5.29
CA ASP A 115 -7.94 -9.25 4.82
C ASP A 115 -9.04 -8.31 5.28
N VAL A 116 -8.82 -7.67 6.36
CA VAL A 116 -9.83 -6.71 6.90
C VAL A 116 -9.56 -5.30 6.39
N PHE A 117 -8.36 -4.86 6.53
CA PHE A 117 -8.00 -3.49 6.06
C PHE A 117 -8.24 -3.39 4.56
N SER A 118 -8.28 -4.51 3.89
CA SER A 118 -8.53 -4.50 2.44
C SER A 118 -10.03 -4.62 2.21
N ASP A 119 -10.64 -5.50 2.92
CA ASP A 119 -12.12 -5.67 2.79
C ASP A 119 -12.82 -4.42 3.28
N THR A 120 -12.14 -3.69 4.11
CA THR A 120 -12.71 -2.43 4.63
C THR A 120 -12.63 -1.38 3.52
N ILE A 121 -11.49 -1.36 2.89
CA ILE A 121 -11.26 -0.40 1.78
C ILE A 121 -11.91 -0.93 0.49
N LYS A 122 -11.91 -2.23 0.30
CA LYS A 122 -12.54 -2.80 -0.92
C LYS A 122 -14.04 -2.55 -0.86
N SER A 123 -14.60 -2.60 0.31
CA SER A 123 -16.05 -2.34 0.46
C SER A 123 -16.27 -0.84 0.59
N PHE A 124 -15.22 -0.11 0.80
CA PHE A 124 -15.34 1.37 0.93
C PHE A 124 -15.56 1.99 -0.44
N ALA A 125 -15.57 1.18 -1.46
CA ALA A 125 -15.79 1.71 -2.83
C ALA A 125 -16.09 0.57 -3.80
N SER A 126 -17.10 -0.22 -3.51
CA SER A 126 -17.44 -1.35 -4.42
C SER A 126 -18.56 -2.19 -3.81
N SER A 127 -18.67 -3.43 -4.21
CA SER A 127 -19.74 -4.30 -3.65
C SER A 127 -21.11 -3.83 -4.14
N GLY A 128 -21.13 -2.87 -5.03
CA GLY A 128 -22.45 -2.37 -5.55
C GLY A 128 -22.65 -0.92 -5.12
N LYS A 129 -21.94 -0.48 -4.12
CA LYS A 129 -22.10 0.93 -3.65
C LYS A 129 -23.56 1.21 -3.26
N GLU A 130 -24.35 0.18 -3.10
CA GLU A 130 -25.77 0.39 -2.71
C GLU A 130 -25.86 0.85 -1.26
N LYS A 131 -26.88 0.44 -0.57
CA LYS A 131 -27.02 0.86 0.86
C LYS A 131 -27.08 2.39 0.96
N LEU A 132 -26.08 3.00 1.52
CA LEU A 132 -26.09 4.49 1.67
C LEU A 132 -26.25 5.19 0.31
N GLU A 133 -27.43 5.19 -0.24
CA GLU A 133 -27.63 5.86 -1.56
C GLU A 133 -29.12 5.92 -1.89
#